data_7Z0T
#
_entry.id   7Z0T
#
_cell.length_a   1.00
_cell.length_b   1.00
_cell.length_c   1.00
_cell.angle_alpha   90.00
_cell.angle_beta   90.00
_cell.angle_gamma   90.00
#
_symmetry.space_group_name_H-M   'P 1'
#
loop_
_entity.id
_entity.type
_entity.pdbx_description
1 polymer 'Formate hydrogenlyase subunit 3'
2 polymer 'Formate hydrogenlyase subunit 5'
3 polymer 'Formate hydrogenlyase subunit 2'
4 polymer 'Formate hydrogenlyase subunit 7'
5 polymer 'Formate hydrogenlyase subunit 6'
6 polymer 'Formate hydrogenlyase subunit 4'
7 polymer 'Formate dehydrogenase H'
8 non-polymer 'NICKEL (II) ION'
9 non-polymer 'CARBONMONOXIDE-(DICYANO) IRON'
10 non-polymer 'IRON/SULFUR CLUSTER'
11 non-polymer 'FE (III) ION'
12 non-polymer '2-AMINO-5,6-DIMERCAPTO-7-METHYL-3,7,8A,9-TETRAHYDRO-8-OXA-1,3,9,10-TETRAAZA-ANTHRACEN-4-ONE GUANOSINE DINUCLEOTIDE'
13 non-polymer 'MOLYBDENUM(VI) ION'
#
loop_
_entity_poly.entity_id
_entity_poly.type
_entity_poly.pdbx_seq_one_letter_code
_entity_poly.pdbx_strand_id
1 'polypeptide(L)'
;MSAISLINSGVAWFVAAAVLAFLFSFQKALSGWIAGIGGAVGSLYTAAAGFTVLTGAVGVSGALSLVSYDVQISPLNAIW
LITLGLCGLFVSLYNIDWHRHAQVKCNGLQINMLMAAAVCAVIASNLGMFVVMAEIMALCAVFLTSNSKEGKLWFALGRL
GTLLLAIACWLLWQRYGTLDLRLLDMRMQQLPLGSDIWLLGVIGFGLLAGIIPLHGWVPQAHANASAPAAALFSTVVMKI
GLLGILTLSLLGGNAPLWWGIALLVLGMITAFVGGLYALVEHNIQRLLAYHTLENIGIILLGLGAGVTGIALEQPALIAL
GLVGGLYHLLNHSLFKSVLFLGAGSVWFRTGHRDIEKLGGIGKKMPVISIAMLVGLMAMAALPPLNGFAGEWVIYQSFFK
LSNSGAFVARLLGPLLAVGLAITGALAVMCMAKVYGVTFLGAPRTKEAENATCAPLLMSVSVVALAICCVIGGVAAPWLL
PMLSAAVPLPLEPANTTVSQPMITLLLIACPLLPFIIMAICKGDRLPSRSRGAAWVCGYDHEKSMVITAHGFAMPVKQAF
APVLKLRKWLNPVSLVPGWQCEGSALLFRRMALVELAVLVVIIVSRGA
;
C
2 'polypeptide(L)'
;MSEEKLGQHYLAALNEAFPGVVLDHAWQTKDQLTVTVKVNYLPEVVEFLYYKQGGWLSVLFGNDERKLNGHYAVYYVLSM
EKGHHHHHHHHHHGSTKCWITVRVEVDANKPEYPSVTPRVPAAVWGEREVRDMYGLIPVGLPDERRLVLPDDWPDELYPL
RKDSMDYRQRPAPTTDAETYEFINELGDKKNNVVPIGPLHVTSDEPGHFRLFVDGENIIDADYRLFYVHRGMEKLAETRM
GYNEVTFLSDRVCGICGFAHSTAYTTSVENAMGIQVPERAQMIRAILLEVERLHSHLLNLGLACHFTGFDSGFMQFFRVR
ETSMKMAEILTGARKTYGLNLIGGIRRDLLKDDMIQTRQLAQQMRREVQELVDVLLSTPNMEQRTVGIGRLDPEIARDFS
NVGPMVRASGHARDTRADHPFVGYGLLPMEVHSEQGCDVISRLKVRINEVYTALNMIDYGLDNLPGGPLMVEGFTYIPHR
FALGFAEAPRGDDIHWSMTGDNQKLYRWRCRAATYANWPTLRYMLRGNTVSDAPLIIGSLDPCYSCTDRMTVVDVRKKKS
KVVPYKELERYSIERKNSPLK
;
E
3 'polypeptide(L)'
;MNRFVIADSTLCIGCHTCEAACSETHRQHGLQSMPRLRVMLNEKESAPQLCHHCEDAPCAVVCPVNAITRVDGAVQLNES
LCVSCKLCGIACPFGAIEFSGSRPLDIPANANTPKAPPAPPAPARVSTLLDWVPGIRAIAVKCDLCSFDEQGPACVRMCP
TKALHLVDNTDIARVSKRKRELTFNTDFGDLTLFQQAQSGEAK
;
B
4 'polypeptide(L)'
;MSNLLGPRDANGIPVPMTVDESIASMKASLLKKIKRSAYVYRVDCGGCNGCEIEIFATLSPLFDAERFGIKVVPSPRHAD
ILLFTGAVTRAMRSPALRAWQSAPDPKICISYGACGNSGGIFHDLYCVWGGTDKIVPVDVYIPGCPPTPAATLYGFAMAL
GLLEQKIHARGPGELDEQPAEILHGDMVQPLRVKVDREARRLAGYRYGRQIADDYLTQLGQGEEQVARWLEAENDPRLNE
IVSHLNHVVEEARIR
;
G
5 'polypeptide(L)'
;MFTFIKKVIKTGTATSSYPLEPIAVDKNFRGKPEQNPQQCIGCAACVNACPSNALTVETDLATGELAWEFNLGHCIFCGR
CEEVCPTAAIKLSQEYELAVWKKEDFLQQSRFALCNCRVCNRPFAVQKEIDYAIALLKHNGDSRAENHRESFETCPECKR
QKCLVPSDRIELTRHMKEAI
;
F
6 'polypeptide(L)'
;MSVLYPLIQALVLFAVAPLLSGITRVARARLHNRRGPGVLQEYRDIIKLLGRQSVGPDASGWVFRLTPYVMVGVMLTIAT
ALPVVTVGSPLPQLGDLITLLYLFAIARFFFAISGLDTGSPFTAIGASREAMLGVLVEPMLLLGLWVAAQVAGSTNISNI
TDTVYHWPLSQSIPLVLALCACAFATFIEMGKLPFDLAEAEQELQEGPLSEYSGSGFGVMKWGISLKQLVVLQMFVGVFI
PWGQMETFTAGGLLLALVIAIVKLVVGVLVIALFENSMARLRLDITPRITWAGFGFAFLAFVSLLAA
;
D
7 'polypeptide(L)'
;MKKVVTVCPYCASGCKINLVVDNGKIVRAEAAQGKTNQGTLCLKGYYGWDFINDTQILTPRLKTPMIRRQRGGKLEPVSW
DEALNYVAERLSAIKEKYGPDAIQTTGSSRGTGNETNYVMQKFARAVIGTNNVDCCARVUHGPSVAGLHQSVGNGAMSNA
INEIDNTDLVFVFGYNPADSHPIVANHVINAKRNGAKIIVCDPRKIETARIADMHIALKNGSNIALLNAMGHVIIEENLY
DKAFVASRTEGFEEYRKIVEGYTPESVEDITGVSASEIRQAARMYAQAKSAAILWGMGVTQFYQGVETVRSLTSLAMLTG
NLGKPHAGVNPVRGQNNVQGACDMGALPDTYPGYQYVKDPANREKFAKAWGVESLPAHTGYRISELPHRAAHGEVRAAYI
MGEDPLQTDAELSAVRKAFEDLELVIVQDIFMTKTASAADVILPSTSWGEHEGVFTAADRGFQRFFKAVEPKWDLKTDWQ
IISEIATRMGYPMHYNNTQEIWDELRHLCPDFYGATYEKMGELGFIQWPCRDTSDADQGTSYLFKEKFDTPNGLAQFFTC
DWVAPIDKLTDEYPMVLSTVREVGHYSCRSMTGNCAALAALADEPGYAQINTEDAKRLGIEDEALVWVHSRKGKIITRAQ
VSDRPNKGAIYMTYQWWIGACNELVTENLSPITKTPEYKYCAVRVEPIADQRAAEQYVIDEYNKLKTRLREAALA
;
A
#
# COMPACT_ATOMS: atom_id res chain seq x y z
N SER A 2 -74.32 -1.07 43.27
CA SER A 2 -74.38 -2.40 42.69
C SER A 2 -72.99 -2.93 42.36
N ALA A 3 -71.98 -2.38 43.05
CA ALA A 3 -70.61 -2.82 42.82
C ALA A 3 -70.37 -4.21 43.37
N ILE A 4 -71.14 -4.63 44.38
CA ILE A 4 -71.03 -5.98 44.91
C ILE A 4 -71.44 -7.01 43.85
N SER A 5 -72.55 -6.75 43.15
CA SER A 5 -72.99 -7.64 42.08
C SER A 5 -72.01 -7.62 40.92
N LEU A 6 -71.43 -6.45 40.63
CA LEU A 6 -70.45 -6.34 39.55
C LEU A 6 -69.20 -7.16 39.86
N ILE A 7 -68.69 -7.06 41.08
CA ILE A 7 -67.49 -7.82 41.43
C ILE A 7 -67.82 -9.31 41.56
N ASN A 8 -69.06 -9.65 41.93
CA ASN A 8 -69.49 -11.05 41.97
C ASN A 8 -69.48 -11.66 40.57
N SER A 9 -70.07 -10.95 39.60
CA SER A 9 -70.06 -11.42 38.23
C SER A 9 -68.66 -11.45 37.64
N GLY A 10 -67.80 -10.50 38.03
CA GLY A 10 -66.42 -10.51 37.55
C GLY A 10 -65.63 -11.71 38.05
N VAL A 11 -65.76 -12.02 39.35
CA VAL A 11 -65.08 -13.19 39.91
C VAL A 11 -65.66 -14.47 39.31
N ALA A 12 -66.98 -14.50 39.08
CA ALA A 12 -67.60 -15.65 38.43
C ALA A 12 -67.06 -15.85 37.02
N TRP A 13 -66.88 -14.76 36.27
CA TRP A 13 -66.36 -14.92 34.92
C TRP A 13 -64.88 -15.30 34.93
N PHE A 14 -64.11 -14.82 35.90
CA PHE A 14 -62.72 -15.25 36.04
C PHE A 14 -62.61 -16.74 36.30
N VAL A 15 -63.39 -17.26 37.25
CA VAL A 15 -63.30 -18.68 37.57
C VAL A 15 -63.89 -19.52 36.43
N ALA A 16 -64.90 -19.01 35.72
CA ALA A 16 -65.44 -19.72 34.57
C ALA A 16 -64.43 -19.78 33.43
N ALA A 17 -63.70 -18.68 33.20
CA ALA A 17 -62.65 -18.67 32.19
C ALA A 17 -61.53 -19.62 32.55
N ALA A 18 -61.16 -19.69 33.83
CA ALA A 18 -60.12 -20.62 34.27
C ALA A 18 -60.55 -22.07 34.03
N VAL A 19 -61.76 -22.43 34.46
CA VAL A 19 -62.19 -23.83 34.34
C VAL A 19 -62.43 -24.20 32.88
N LEU A 20 -62.88 -23.25 32.06
CA LEU A 20 -63.10 -23.55 30.65
C LEU A 20 -61.79 -23.63 29.87
N ALA A 21 -60.79 -22.83 30.24
CA ALA A 21 -59.48 -22.95 29.62
C ALA A 21 -58.80 -24.24 30.02
N PHE A 22 -59.00 -24.68 31.26
CA PHE A 22 -58.43 -25.97 31.67
C PHE A 22 -59.17 -27.14 31.03
N LEU A 23 -60.49 -27.01 30.84
CA LEU A 23 -61.26 -28.11 30.27
C LEU A 23 -60.97 -28.30 28.78
N PHE A 24 -60.73 -27.20 28.06
CA PHE A 24 -60.46 -27.23 26.63
C PHE A 24 -58.97 -27.07 26.33
N SER A 25 -58.11 -27.67 27.15
CA SER A 25 -56.67 -27.51 27.03
C SER A 25 -56.03 -28.43 26.00
N PHE A 26 -56.82 -29.25 25.31
CA PHE A 26 -56.25 -30.16 24.31
C PHE A 26 -55.77 -29.43 23.07
N GLN A 27 -56.18 -28.19 22.86
CA GLN A 27 -55.66 -27.34 21.79
C GLN A 27 -55.32 -25.97 22.38
N LYS A 28 -54.45 -25.25 21.67
CA LYS A 28 -53.95 -23.98 22.18
C LYS A 28 -54.81 -22.79 21.79
N ALA A 29 -55.28 -22.75 20.53
CA ALA A 29 -55.94 -21.55 20.02
C ALA A 29 -57.29 -21.31 20.68
N LEU A 30 -58.13 -22.35 20.77
CA LEU A 30 -59.46 -22.18 21.35
C LEU A 30 -59.38 -21.94 22.85
N SER A 31 -58.46 -22.63 23.54
CA SER A 31 -58.27 -22.41 24.97
C SER A 31 -57.79 -20.98 25.24
N GLY A 32 -56.85 -20.49 24.44
CA GLY A 32 -56.41 -19.12 24.58
C GLY A 32 -57.50 -18.11 24.30
N TRP A 33 -58.32 -18.39 23.28
CA TRP A 33 -59.45 -17.50 22.97
C TRP A 33 -60.45 -17.44 24.12
N ILE A 34 -60.81 -18.59 24.67
CA ILE A 34 -61.79 -18.64 25.75
C ILE A 34 -61.24 -17.95 27.00
N ALA A 35 -59.98 -18.24 27.34
CA ALA A 35 -59.37 -17.63 28.52
C ALA A 35 -59.25 -16.12 28.38
N GLY A 36 -58.85 -15.64 27.20
CA GLY A 36 -58.72 -14.20 27.00
C GLY A 36 -60.04 -13.47 27.02
N ILE A 37 -61.08 -14.03 26.38
CA ILE A 37 -62.39 -13.39 26.39
C ILE A 37 -62.96 -13.35 27.80
N GLY A 38 -62.85 -14.46 28.53
CA GLY A 38 -63.36 -14.48 29.89
C GLY A 38 -62.61 -13.54 30.82
N GLY A 39 -61.27 -13.49 30.68
CA GLY A 39 -60.51 -12.55 31.48
C GLY A 39 -60.82 -11.10 31.14
N ALA A 40 -61.06 -10.82 29.85
CA ALA A 40 -61.39 -9.47 29.44
C ALA A 40 -62.72 -9.01 30.03
N VAL A 41 -63.75 -9.86 29.95
CA VAL A 41 -65.06 -9.43 30.46
C VAL A 41 -65.05 -9.38 31.99
N GLY A 42 -64.34 -10.31 32.65
CA GLY A 42 -64.23 -10.25 34.09
C GLY A 42 -63.47 -9.03 34.57
N SER A 43 -62.42 -8.65 33.85
CA SER A 43 -61.69 -7.44 34.18
C SER A 43 -62.51 -6.18 33.90
N LEU A 44 -63.38 -6.23 32.88
CA LEU A 44 -64.29 -5.12 32.63
C LEU A 44 -65.26 -4.95 33.80
N TYR A 45 -65.80 -6.05 34.31
CA TYR A 45 -66.67 -5.97 35.49
C TYR A 45 -65.92 -5.49 36.72
N THR A 46 -64.67 -5.95 36.90
CA THR A 46 -63.86 -5.52 38.04
C THR A 46 -63.58 -4.02 37.99
N ALA A 47 -63.19 -3.51 36.80
CA ALA A 47 -62.92 -2.09 36.65
C ALA A 47 -64.20 -1.26 36.78
N ALA A 48 -65.33 -1.79 36.33
CA ALA A 48 -66.61 -1.11 36.51
C ALA A 48 -66.97 -0.98 37.98
N ALA A 49 -66.76 -2.05 38.75
CA ALA A 49 -67.02 -1.99 40.19
C ALA A 49 -66.07 -1.01 40.88
N GLY A 50 -64.80 -1.01 40.48
CA GLY A 50 -63.85 -0.07 41.07
C GLY A 50 -64.19 1.38 40.76
N PHE A 51 -64.58 1.66 39.51
CA PHE A 51 -64.98 3.02 39.14
C PHE A 51 -66.27 3.43 39.84
N THR A 52 -67.21 2.49 40.01
CA THR A 52 -68.45 2.79 40.74
C THR A 52 -68.16 3.14 42.19
N VAL A 53 -67.26 2.40 42.84
CA VAL A 53 -66.92 2.67 44.23
C VAL A 53 -66.16 4.00 44.34
N LEU A 54 -65.26 4.27 43.40
CA LEU A 54 -64.51 5.53 43.45
C LEU A 54 -65.39 6.74 43.17
N THR A 55 -66.40 6.59 42.31
CA THR A 55 -67.32 7.70 42.07
C THR A 55 -68.31 7.87 43.21
N GLY A 56 -68.72 6.78 43.86
CA GLY A 56 -69.58 6.90 45.03
C GLY A 56 -68.88 7.54 46.20
N ALA A 57 -67.59 7.23 46.38
CA ALA A 57 -66.72 7.79 47.43
C ALA A 57 -67.26 7.53 48.83
N VAL A 58 -67.94 6.40 49.02
CA VAL A 58 -68.50 6.04 50.32
C VAL A 58 -67.93 4.72 50.79
N GLY A 59 -68.12 3.68 49.99
CA GLY A 59 -67.67 2.35 50.38
C GLY A 59 -68.87 1.44 50.54
N VAL A 60 -68.81 0.27 49.91
CA VAL A 60 -69.92 -0.66 49.88
C VAL A 60 -69.45 -2.00 50.43
N SER A 61 -70.39 -2.75 51.00
CA SER A 61 -70.12 -4.07 51.56
C SER A 61 -71.29 -5.00 51.26
N GLY A 62 -71.00 -6.29 51.25
CA GLY A 62 -72.02 -7.28 50.94
C GLY A 62 -71.54 -8.71 51.15
N ALA A 63 -71.86 -9.59 50.20
CA ALA A 63 -71.45 -10.99 50.29
C ALA A 63 -71.39 -11.57 48.89
N LEU A 64 -70.23 -12.08 48.49
CA LEU A 64 -70.09 -12.80 47.23
C LEU A 64 -70.78 -14.15 47.36
N SER A 65 -71.86 -14.34 46.59
CA SER A 65 -72.68 -15.54 46.76
C SER A 65 -72.24 -16.68 45.85
N LEU A 66 -70.93 -16.94 45.82
CA LEU A 66 -70.40 -18.18 45.26
C LEU A 66 -69.29 -18.80 46.08
N VAL A 67 -68.60 -18.04 46.94
CA VAL A 67 -67.70 -18.57 47.95
C VAL A 67 -68.35 -18.52 49.35
N SER A 68 -69.42 -17.73 49.51
CA SER A 68 -69.87 -17.17 50.79
C SER A 68 -68.74 -16.33 51.40
N TYR A 69 -68.40 -15.27 50.66
CA TYR A 69 -67.22 -14.45 50.89
C TYR A 69 -67.67 -13.09 51.41
N ASP A 70 -67.17 -12.71 52.58
CA ASP A 70 -67.45 -11.37 53.10
C ASP A 70 -66.58 -10.32 52.41
N VAL A 71 -67.21 -9.24 51.97
CA VAL A 71 -66.58 -8.27 51.09
C VAL A 71 -66.84 -6.86 51.63
N GLN A 72 -65.80 -6.04 51.64
CA GLN A 72 -65.92 -4.60 51.79
C GLN A 72 -65.06 -3.95 50.70
N ILE A 73 -65.63 -2.96 50.03
CA ILE A 73 -64.86 -2.23 49.03
C ILE A 73 -64.72 -0.78 49.47
N SER A 74 -63.65 -0.49 50.20
CA SER A 74 -63.32 0.87 50.53
C SER A 74 -62.89 1.62 49.27
N PRO A 75 -63.07 2.94 49.24
CA PRO A 75 -62.55 3.71 48.09
C PRO A 75 -61.04 3.65 47.94
N LEU A 76 -60.31 3.32 49.01
CA LEU A 76 -58.87 3.08 48.88
C LEU A 76 -58.58 1.86 48.03
N ASN A 77 -59.36 0.78 48.21
CA ASN A 77 -59.19 -0.43 47.42
C ASN A 77 -59.76 -0.31 46.02
N ALA A 78 -60.57 0.72 45.75
CA ALA A 78 -61.14 0.91 44.43
C ALA A 78 -60.08 1.19 43.39
N ILE A 79 -58.99 1.85 43.77
CA ILE A 79 -57.89 2.11 42.85
C ILE A 79 -57.18 0.80 42.50
N TRP A 80 -57.02 -0.09 43.48
CA TRP A 80 -56.49 -1.42 43.20
C TRP A 80 -57.40 -2.20 42.26
N LEU A 81 -58.72 -2.12 42.48
CA LEU A 81 -59.65 -2.79 41.58
C LEU A 81 -59.58 -2.20 40.17
N ILE A 82 -59.44 -0.89 40.06
CA ILE A 82 -59.38 -0.23 38.75
C ILE A 82 -58.12 -0.65 38.00
N THR A 83 -56.98 -0.64 38.67
CA THR A 83 -55.74 -0.99 37.98
C THR A 83 -55.70 -2.49 37.66
N LEU A 84 -56.27 -3.33 38.53
CA LEU A 84 -56.38 -4.75 38.22
C LEU A 84 -57.29 -4.99 37.02
N GLY A 85 -58.39 -4.25 36.93
CA GLY A 85 -59.28 -4.39 35.78
C GLY A 85 -58.62 -3.98 34.47
N LEU A 86 -57.94 -2.82 34.49
CA LEU A 86 -57.28 -2.35 33.28
C LEU A 86 -56.18 -3.31 32.83
N CYS A 87 -55.31 -3.71 33.76
CA CYS A 87 -54.20 -4.61 33.42
C CYS A 87 -54.72 -5.97 32.98
N GLY A 88 -55.73 -6.52 33.68
CA GLY A 88 -56.26 -7.82 33.31
C GLY A 88 -56.93 -7.82 31.96
N LEU A 89 -57.69 -6.76 31.64
CA LEU A 89 -58.36 -6.66 30.35
C LEU A 89 -57.34 -6.60 29.22
N PHE A 90 -56.32 -5.75 29.35
CA PHE A 90 -55.37 -5.63 28.26
C PHE A 90 -54.41 -6.81 28.16
N VAL A 91 -54.04 -7.44 29.29
CA VAL A 91 -53.23 -8.65 29.21
C VAL A 91 -54.04 -9.83 28.64
N SER A 92 -55.34 -9.90 28.92
CA SER A 92 -56.16 -10.96 28.31
C SER A 92 -56.30 -10.77 26.80
N LEU A 93 -56.52 -9.52 26.38
CA LEU A 93 -56.57 -9.25 24.94
C LEU A 93 -55.22 -9.50 24.27
N TYR A 94 -54.13 -9.29 25.01
CA TYR A 94 -52.81 -9.69 24.53
C TYR A 94 -52.66 -11.20 24.45
N ASN A 95 -53.22 -11.91 25.45
CA ASN A 95 -53.09 -13.37 25.52
C ASN A 95 -53.82 -14.05 24.38
N ILE A 96 -54.88 -13.40 23.87
CA ILE A 96 -55.61 -13.90 22.69
C ILE A 96 -54.65 -14.18 21.54
N ASP A 97 -53.79 -13.22 21.23
CA ASP A 97 -52.79 -13.40 20.18
C ASP A 97 -51.51 -14.06 20.68
N TRP A 98 -51.28 -14.07 21.99
CA TRP A 98 -50.09 -14.72 22.52
C TRP A 98 -50.20 -16.24 22.45
N HIS A 99 -51.42 -16.78 22.52
CA HIS A 99 -51.59 -18.23 22.52
C HIS A 99 -51.69 -18.83 21.13
N ARG A 100 -51.06 -18.21 20.13
CA ARG A 100 -50.96 -18.77 18.79
C ARG A 100 -49.54 -19.18 18.43
N HIS A 101 -48.65 -19.28 19.41
CA HIS A 101 -47.24 -19.56 19.16
C HIS A 101 -46.98 -21.04 19.40
N ALA A 102 -45.99 -21.58 18.71
CA ALA A 102 -45.66 -23.00 18.82
C ALA A 102 -44.71 -23.21 19.99
N GLN A 103 -44.22 -22.15 20.63
CA GLN A 103 -43.36 -22.26 21.79
C GLN A 103 -43.99 -22.00 23.18
N VAL A 104 -45.06 -21.22 23.22
CA VAL A 104 -45.75 -20.92 24.47
C VAL A 104 -46.67 -22.02 24.99
N LYS A 105 -47.13 -21.86 26.23
CA LYS A 105 -48.01 -22.83 26.87
C LYS A 105 -49.36 -22.19 27.18
N CYS A 106 -50.37 -23.05 27.35
CA CYS A 106 -51.71 -22.60 27.73
C CYS A 106 -51.69 -22.22 29.20
N ASN A 107 -51.54 -20.93 29.48
CA ASN A 107 -51.43 -20.42 30.84
C ASN A 107 -52.73 -19.82 31.36
N GLY A 108 -53.83 -19.94 30.59
CA GLY A 108 -55.04 -19.20 30.91
C GLY A 108 -55.68 -19.57 32.24
N LEU A 109 -55.58 -20.84 32.64
CA LEU A 109 -56.10 -21.27 33.93
C LEU A 109 -55.39 -20.56 35.07
N GLN A 110 -54.05 -20.53 35.03
CA GLN A 110 -53.29 -19.88 36.09
C GLN A 110 -53.46 -18.37 36.05
N ILE A 111 -53.57 -17.78 34.86
CA ILE A 111 -53.81 -16.34 34.72
C ILE A 111 -55.13 -15.95 35.36
N ASN A 112 -56.19 -16.68 35.01
CA ASN A 112 -57.52 -16.33 35.51
C ASN A 112 -57.65 -16.62 37.00
N MET A 113 -57.04 -17.71 37.48
CA MET A 113 -57.06 -18.00 38.91
C MET A 113 -56.28 -16.95 39.69
N LEU A 114 -55.16 -16.48 39.13
CA LEU A 114 -54.39 -15.42 39.78
C LEU A 114 -55.20 -14.14 39.86
N MET A 115 -55.88 -13.76 38.79
CA MET A 115 -56.66 -12.52 38.80
C MET A 115 -57.85 -12.63 39.75
N ALA A 116 -58.51 -13.79 39.79
CA ALA A 116 -59.62 -13.98 40.73
C ALA A 116 -59.14 -13.93 42.18
N ALA A 117 -58.02 -14.57 42.48
CA ALA A 117 -57.46 -14.52 43.83
C ALA A 117 -57.04 -13.11 44.20
N ALA A 118 -56.46 -12.38 43.25
CA ALA A 118 -56.04 -11.00 43.51
C ALA A 118 -57.24 -10.09 43.78
N VAL A 119 -58.31 -10.24 42.99
CA VAL A 119 -59.51 -9.44 43.21
C VAL A 119 -60.14 -9.77 44.56
N CYS A 120 -60.22 -11.06 44.90
CA CYS A 120 -60.77 -11.47 46.20
C CYS A 120 -59.87 -11.01 47.35
N ALA A 121 -58.57 -10.85 47.11
CA ALA A 121 -57.68 -10.31 48.14
C ALA A 121 -57.88 -8.81 48.31
N VAL A 122 -58.08 -8.08 47.20
CA VAL A 122 -58.35 -6.64 47.29
C VAL A 122 -59.65 -6.39 48.04
N ILE A 123 -60.70 -7.16 47.72
CA ILE A 123 -62.02 -6.88 48.26
C ILE A 123 -62.25 -7.61 49.57
N ALA A 124 -61.18 -8.20 50.13
CA ALA A 124 -61.29 -8.93 51.38
C ALA A 124 -61.49 -7.99 52.56
N SER A 125 -62.24 -8.47 53.56
CA SER A 125 -62.43 -7.76 54.82
C SER A 125 -61.70 -8.41 55.98
N ASN A 126 -61.65 -9.74 56.04
CA ASN A 126 -60.82 -10.43 57.01
C ASN A 126 -59.37 -10.38 56.59
N LEU A 127 -58.47 -10.20 57.55
CA LEU A 127 -57.04 -10.25 57.26
C LEU A 127 -56.57 -11.67 57.02
N GLY A 128 -57.18 -12.65 57.70
CA GLY A 128 -56.86 -14.03 57.41
C GLY A 128 -57.27 -14.43 56.01
N MET A 129 -58.46 -13.99 55.58
CA MET A 129 -58.90 -14.24 54.21
C MET A 129 -58.04 -13.47 53.20
N PHE A 130 -57.57 -12.28 53.59
CA PHE A 130 -56.60 -11.55 52.79
C PHE A 130 -55.34 -12.38 52.57
N VAL A 131 -54.80 -12.97 53.63
CA VAL A 131 -53.59 -13.79 53.54
C VAL A 131 -53.86 -15.01 52.68
N VAL A 132 -55.01 -15.66 52.88
CA VAL A 132 -55.36 -16.88 52.14
C VAL A 132 -55.46 -16.60 50.64
N MET A 133 -56.16 -15.53 50.26
CA MET A 133 -56.33 -15.24 48.84
C MET A 133 -55.04 -14.70 48.22
N ALA A 134 -54.26 -13.92 48.98
CA ALA A 134 -52.96 -13.46 48.49
C ALA A 134 -52.12 -14.73 48.38
N GLU A 135 -52.33 -15.70 49.27
CA GLU A 135 -51.56 -16.93 49.11
C GLU A 135 -51.93 -17.89 47.93
N ILE A 136 -53.23 -18.02 47.67
CA ILE A 136 -53.66 -18.54 46.37
C ILE A 136 -53.11 -17.88 45.10
N MET A 137 -53.12 -16.54 45.08
CA MET A 137 -52.50 -15.79 44.00
C MET A 137 -51.01 -16.08 43.88
N ALA A 138 -50.30 -16.16 45.02
CA ALA A 138 -48.85 -16.37 44.98
C ALA A 138 -48.48 -17.76 44.47
N LEU A 139 -49.20 -18.80 44.91
CA LEU A 139 -48.94 -20.14 44.38
C LEU A 139 -49.32 -20.26 42.91
N CYS A 140 -50.41 -19.59 42.48
CA CYS A 140 -50.72 -19.58 41.05
C CYS A 140 -49.64 -18.88 40.25
N ALA A 141 -49.06 -17.82 40.82
CA ALA A 141 -47.95 -17.12 40.19
C ALA A 141 -46.70 -17.99 40.13
N VAL A 142 -46.47 -18.79 41.17
CA VAL A 142 -45.34 -19.72 41.17
C VAL A 142 -45.52 -20.78 40.09
N PHE A 143 -46.74 -21.31 39.95
CA PHE A 143 -47.04 -22.20 38.82
C PHE A 143 -46.93 -21.50 37.48
N LEU A 144 -47.07 -20.18 37.44
CA LEU A 144 -47.06 -19.43 36.20
C LEU A 144 -45.65 -19.17 35.68
N THR A 145 -44.61 -19.58 36.42
CA THR A 145 -43.24 -19.41 35.96
C THR A 145 -42.91 -20.44 34.87
N SER A 146 -41.70 -20.32 34.33
CA SER A 146 -41.30 -21.17 33.21
C SER A 146 -41.00 -22.60 33.64
N ASN A 147 -40.02 -22.78 34.51
CA ASN A 147 -39.57 -24.09 34.95
C ASN A 147 -39.48 -24.11 36.47
N SER A 148 -38.99 -25.24 37.00
CA SER A 148 -38.88 -25.42 38.44
C SER A 148 -37.64 -24.78 39.04
N LYS A 149 -36.67 -24.39 38.22
CA LYS A 149 -35.47 -23.73 38.75
C LYS A 149 -35.79 -22.32 39.22
N GLU A 150 -36.58 -21.58 38.43
CA GLU A 150 -36.85 -20.19 38.74
C GLU A 150 -37.85 -20.03 39.89
N GLY A 151 -38.73 -21.01 40.08
CA GLY A 151 -39.72 -20.94 41.13
C GLY A 151 -39.34 -21.66 42.40
N LYS A 152 -38.05 -21.61 42.75
CA LYS A 152 -37.54 -22.24 43.96
C LYS A 152 -37.25 -21.22 45.05
N LEU A 153 -36.44 -20.19 44.74
CA LEU A 153 -36.20 -19.11 45.70
C LEU A 153 -37.49 -18.34 45.98
N TRP A 154 -38.32 -18.16 44.96
CA TRP A 154 -39.62 -17.53 45.17
C TRP A 154 -40.52 -18.38 46.03
N PHE A 155 -40.49 -19.70 45.86
CA PHE A 155 -41.28 -20.56 46.74
C PHE A 155 -40.79 -20.47 48.19
N ALA A 156 -39.47 -20.46 48.39
CA ALA A 156 -38.93 -20.36 49.75
C ALA A 156 -39.31 -19.04 50.41
N LEU A 157 -39.16 -17.93 49.68
CA LEU A 157 -39.52 -16.62 50.24
C LEU A 157 -41.03 -16.48 50.42
N GLY A 158 -41.81 -17.08 49.53
CA GLY A 158 -43.27 -17.01 49.68
C GLY A 158 -43.77 -17.77 50.88
N ARG A 159 -43.18 -18.94 51.17
CA ARG A 159 -43.61 -19.65 52.36
C ARG A 159 -43.02 -19.06 53.64
N LEU A 160 -41.88 -18.37 53.55
CA LEU A 160 -41.41 -17.58 54.68
C LEU A 160 -42.40 -16.44 54.98
N GLY A 161 -42.88 -15.77 53.93
CA GLY A 161 -43.91 -14.77 54.12
C GLY A 161 -45.26 -15.10 54.71
N THR A 162 -45.82 -16.27 54.37
CA THR A 162 -47.03 -16.75 55.06
C THR A 162 -46.86 -17.33 56.50
N LEU A 163 -45.64 -17.79 56.74
CA LEU A 163 -45.25 -18.21 58.09
C LEU A 163 -45.34 -16.90 58.86
N LEU A 164 -44.71 -15.83 58.34
CA LEU A 164 -44.73 -14.55 59.03
C LEU A 164 -46.13 -13.95 59.11
N LEU A 165 -46.87 -13.98 58.01
CA LEU A 165 -48.23 -13.43 58.01
C LEU A 165 -49.19 -14.29 58.83
N ALA A 166 -49.00 -15.61 58.84
CA ALA A 166 -49.83 -16.46 59.69
C ALA A 166 -49.57 -16.21 61.17
N ILE A 167 -48.29 -16.01 61.54
CA ILE A 167 -47.97 -15.69 62.93
C ILE A 167 -48.55 -14.33 63.31
N ALA A 168 -48.47 -13.34 62.41
CA ALA A 168 -49.04 -12.02 62.70
C ALA A 168 -50.56 -12.08 62.82
N CYS A 169 -51.21 -12.88 61.97
CA CYS A 169 -52.67 -13.02 62.04
C CYS A 169 -53.09 -13.74 63.31
N TRP A 170 -52.32 -14.75 63.74
CA TRP A 170 -52.60 -15.42 65.00
C TRP A 170 -52.43 -14.48 66.18
N LEU A 171 -51.39 -13.63 66.14
CA LEU A 171 -51.19 -12.64 67.19
C LEU A 171 -52.35 -11.65 67.24
N LEU A 172 -52.83 -11.21 66.07
CA LEU A 172 -53.96 -10.29 66.02
C LEU A 172 -55.24 -10.94 66.55
N TRP A 173 -55.45 -12.22 66.22
CA TRP A 173 -56.64 -12.92 66.70
C TRP A 173 -56.56 -13.15 68.21
N GLN A 174 -55.36 -13.38 68.75
CA GLN A 174 -55.21 -13.55 70.19
C GLN A 174 -55.42 -12.21 70.91
N ARG A 175 -54.87 -11.12 70.37
CA ARG A 175 -54.94 -9.84 71.07
C ARG A 175 -56.32 -9.19 70.96
N TYR A 176 -57.00 -9.35 69.82
CA TYR A 176 -58.22 -8.60 69.56
C TYR A 176 -59.47 -9.46 69.47
N GLY A 177 -59.30 -10.72 69.19
CA GLY A 177 -60.46 -11.60 69.13
C GLY A 177 -61.20 -11.39 67.84
N THR A 178 -60.62 -10.58 66.98
CA THR A 178 -61.24 -10.33 65.66
C THR A 178 -60.17 -10.28 64.58
N LEU A 179 -60.47 -10.79 63.39
CA LEU A 179 -59.52 -10.64 62.27
C LEU A 179 -60.03 -9.59 61.26
N ASP A 180 -61.22 -8.99 61.44
CA ASP A 180 -61.84 -8.08 60.44
C ASP A 180 -61.02 -6.82 60.35
N LEU A 181 -61.34 -5.95 59.41
CA LEU A 181 -60.47 -4.80 59.27
C LEU A 181 -61.14 -3.57 59.88
N ARG A 182 -62.43 -3.34 59.64
CA ARG A 182 -63.16 -2.24 60.28
C ARG A 182 -63.23 -2.42 61.79
N LEU A 183 -63.35 -3.67 62.25
CA LEU A 183 -63.36 -3.94 63.69
C LEU A 183 -61.99 -3.66 64.30
N LEU A 184 -60.92 -4.03 63.60
CA LEU A 184 -59.58 -3.65 64.06
C LEU A 184 -59.34 -2.14 64.09
N ASP A 185 -59.88 -1.42 63.10
CA ASP A 185 -59.74 0.04 63.08
C ASP A 185 -60.49 0.71 64.22
N MET A 186 -61.69 0.22 64.54
CA MET A 186 -62.44 0.80 65.64
C MET A 186 -61.91 0.30 66.99
N ARG A 187 -61.19 -0.83 67.00
CA ARG A 187 -60.59 -1.33 68.23
C ARG A 187 -59.19 -0.79 68.47
N MET A 188 -58.56 -0.18 67.46
CA MET A 188 -57.21 0.35 67.61
C MET A 188 -57.21 1.79 68.15
N GLN A 189 -58.34 2.20 68.68
CA GLN A 189 -58.33 3.50 69.37
C GLN A 189 -57.90 3.04 70.78
N GLN A 190 -58.55 2.00 71.31
CA GLN A 190 -58.16 1.45 72.63
C GLN A 190 -56.71 0.90 72.74
N LEU A 191 -56.34 -0.11 71.96
CA LEU A 191 -54.92 -0.56 71.96
C LEU A 191 -54.25 -0.34 70.62
N PRO A 192 -53.01 0.16 70.59
CA PRO A 192 -52.35 0.51 69.34
C PRO A 192 -51.83 -0.75 68.66
N LEU A 193 -51.28 -0.65 67.44
CA LEU A 193 -50.94 -1.90 66.71
C LEU A 193 -49.84 -2.72 67.38
N GLY A 194 -48.75 -2.11 67.82
CA GLY A 194 -47.68 -2.94 68.36
C GLY A 194 -46.60 -3.21 67.34
N SER A 195 -45.40 -2.75 67.58
CA SER A 195 -44.29 -2.88 66.63
C SER A 195 -44.08 -4.34 66.24
N ASP A 196 -44.35 -5.27 67.16
CA ASP A 196 -44.08 -6.69 66.91
C ASP A 196 -45.01 -7.25 65.85
N ILE A 197 -46.24 -6.79 65.78
CA ILE A 197 -47.17 -7.23 64.74
C ILE A 197 -46.91 -6.48 63.43
N TRP A 198 -46.68 -5.17 63.51
CA TRP A 198 -46.56 -4.34 62.32
C TRP A 198 -45.30 -4.67 61.54
N LEU A 199 -44.16 -4.78 62.23
CA LEU A 199 -42.90 -5.09 61.54
C LEU A 199 -42.94 -6.48 60.91
N LEU A 200 -43.53 -7.44 61.62
CA LEU A 200 -43.68 -8.79 61.08
C LEU A 200 -44.56 -8.80 59.84
N GLY A 201 -45.69 -8.06 59.90
CA GLY A 201 -46.56 -7.98 58.73
C GLY A 201 -45.92 -7.25 57.56
N VAL A 202 -45.12 -6.23 57.85
CA VAL A 202 -44.45 -5.47 56.79
C VAL A 202 -43.38 -6.32 56.12
N ILE A 203 -42.62 -7.10 56.91
CA ILE A 203 -41.63 -8.00 56.31
C ILE A 203 -42.32 -9.10 55.50
N GLY A 204 -43.40 -9.67 56.04
CA GLY A 204 -44.13 -10.70 55.33
C GLY A 204 -44.79 -10.22 54.05
N PHE A 205 -45.22 -8.95 54.02
CA PHE A 205 -45.82 -8.41 52.81
C PHE A 205 -44.76 -7.93 51.82
N GLY A 206 -43.62 -7.46 52.30
CA GLY A 206 -42.52 -7.09 51.43
C GLY A 206 -41.83 -8.28 50.81
N LEU A 207 -41.94 -9.46 51.44
CA LEU A 207 -41.54 -10.68 50.76
C LEU A 207 -42.44 -10.95 49.55
N LEU A 208 -43.70 -10.51 49.61
CA LEU A 208 -44.61 -10.56 48.48
C LEU A 208 -44.51 -9.33 47.60
N ALA A 209 -44.32 -8.15 48.19
CA ALA A 209 -44.25 -6.90 47.43
C ALA A 209 -42.88 -6.62 46.84
N GLY A 210 -41.90 -7.48 47.07
CA GLY A 210 -40.58 -7.36 46.47
C GLY A 210 -39.77 -6.18 46.98
N ILE A 211 -39.46 -6.17 48.27
CA ILE A 211 -38.83 -5.03 48.92
C ILE A 211 -37.38 -5.37 49.22
N ILE A 212 -36.46 -4.57 48.68
CA ILE A 212 -35.02 -4.75 48.90
C ILE A 212 -34.71 -4.58 50.37
N PRO A 213 -33.89 -5.46 50.99
CA PRO A 213 -33.10 -6.58 50.48
C PRO A 213 -33.79 -7.95 50.38
N LEU A 214 -35.11 -8.02 50.42
CA LEU A 214 -35.85 -9.28 50.26
C LEU A 214 -36.34 -9.45 48.83
N HIS A 215 -35.55 -8.99 47.87
CA HIS A 215 -35.95 -8.91 46.47
C HIS A 215 -35.34 -10.02 45.60
N GLY A 216 -34.75 -11.03 46.22
CA GLY A 216 -34.00 -12.04 45.47
C GLY A 216 -34.84 -12.88 44.53
N TRP A 217 -36.15 -12.96 44.78
CA TRP A 217 -37.02 -13.75 43.93
C TRP A 217 -37.47 -13.03 42.67
N VAL A 218 -37.46 -11.69 42.67
CA VAL A 218 -38.06 -10.90 41.60
C VAL A 218 -37.38 -11.07 40.24
N PRO A 219 -36.06 -10.89 40.08
CA PRO A 219 -35.51 -11.04 38.72
C PRO A 219 -35.42 -12.49 38.28
N GLN A 220 -35.26 -13.43 39.21
CA GLN A 220 -35.28 -14.84 38.86
C GLN A 220 -36.66 -15.26 38.38
N ALA A 221 -37.72 -14.74 39.01
CA ALA A 221 -39.07 -15.00 38.54
C ALA A 221 -39.34 -14.32 37.21
N HIS A 222 -38.77 -13.13 36.99
CA HIS A 222 -38.94 -12.42 35.73
C HIS A 222 -37.86 -12.72 34.71
N ALA A 223 -37.12 -13.82 34.87
CA ALA A 223 -36.05 -14.14 33.93
C ALA A 223 -36.61 -14.58 32.58
N ASN A 224 -37.37 -15.69 32.55
CA ASN A 224 -37.82 -16.28 31.30
C ASN A 224 -39.30 -16.61 31.34
N ALA A 225 -40.09 -15.90 32.15
CA ALA A 225 -41.52 -16.08 32.13
C ALA A 225 -42.12 -15.39 30.91
N SER A 226 -43.33 -15.79 30.56
CA SER A 226 -44.02 -15.18 29.43
C SER A 226 -44.46 -13.77 29.79
N ALA A 227 -44.60 -12.93 28.75
CA ALA A 227 -45.03 -11.55 28.97
C ALA A 227 -46.44 -11.41 29.57
N PRO A 228 -47.47 -12.17 29.16
CA PRO A 228 -48.73 -12.11 29.93
C PRO A 228 -48.56 -12.54 31.38
N ALA A 229 -47.64 -13.44 31.67
CA ALA A 229 -47.35 -13.79 33.05
C ALA A 229 -46.66 -12.64 33.77
N ALA A 230 -45.58 -12.11 33.17
CA ALA A 230 -44.72 -11.15 33.86
C ALA A 230 -45.38 -9.79 34.03
N ALA A 231 -46.22 -9.39 33.08
CA ALA A 231 -46.91 -8.11 33.20
C ALA A 231 -47.82 -8.07 34.41
N LEU A 232 -48.69 -9.07 34.55
CA LEU A 232 -49.54 -9.10 35.72
C LEU A 232 -48.80 -9.55 36.98
N PHE A 233 -47.65 -10.21 36.85
CA PHE A 233 -46.74 -10.35 38.00
C PHE A 233 -46.38 -9.00 38.57
N SER A 234 -45.72 -8.17 37.75
CA SER A 234 -45.22 -6.89 38.21
C SER A 234 -46.32 -5.90 38.56
N THR A 235 -47.51 -6.06 37.98
CA THR A 235 -48.59 -5.12 38.26
C THR A 235 -49.66 -5.65 39.20
N VAL A 236 -49.51 -6.88 39.72
CA VAL A 236 -50.50 -7.45 40.63
C VAL A 236 -49.84 -7.93 41.91
N VAL A 237 -48.81 -8.77 41.78
CA VAL A 237 -48.17 -9.38 42.93
C VAL A 237 -47.49 -8.33 43.80
N MET A 238 -46.92 -7.30 43.16
CA MET A 238 -46.31 -6.21 43.91
C MET A 238 -47.38 -5.38 44.62
N LYS A 239 -48.49 -5.12 43.92
CA LYS A 239 -49.48 -4.18 44.42
C LYS A 239 -50.32 -4.79 45.53
N ILE A 240 -50.46 -6.13 45.55
CA ILE A 240 -51.15 -6.78 46.65
C ILE A 240 -50.36 -6.66 47.95
N GLY A 241 -49.04 -6.85 47.89
CA GLY A 241 -48.22 -6.65 49.06
C GLY A 241 -48.18 -5.20 49.51
N LEU A 242 -48.18 -4.27 48.54
CA LEU A 242 -48.28 -2.85 48.89
C LEU A 242 -49.62 -2.52 49.54
N LEU A 243 -50.70 -3.15 49.07
CA LEU A 243 -52.01 -2.97 49.67
C LEU A 243 -52.05 -3.52 51.09
N GLY A 244 -51.40 -4.66 51.32
CA GLY A 244 -51.31 -5.20 52.67
C GLY A 244 -50.51 -4.31 53.60
N ILE A 245 -49.41 -3.74 53.09
CA ILE A 245 -48.61 -2.80 53.88
C ILE A 245 -49.43 -1.56 54.22
N LEU A 246 -50.18 -1.04 53.24
CA LEU A 246 -50.97 0.17 53.46
C LEU A 246 -52.14 -0.09 54.42
N THR A 247 -52.75 -1.28 54.34
CA THR A 247 -53.86 -1.58 55.23
C THR A 247 -53.40 -2.02 56.61
N LEU A 248 -52.12 -2.36 56.78
CA LEU A 248 -51.58 -2.53 58.12
C LEU A 248 -51.11 -1.22 58.72
N SER A 249 -50.60 -0.31 57.89
CA SER A 249 -50.11 0.97 58.40
C SER A 249 -51.24 1.92 58.75
N LEU A 250 -52.35 1.87 58.01
CA LEU A 250 -53.50 2.74 58.25
C LEU A 250 -54.58 2.05 59.08
N LEU A 251 -54.20 1.01 59.84
CA LEU A 251 -55.19 0.25 60.64
C LEU A 251 -55.72 1.12 61.77
N GLY A 252 -55.14 2.29 61.97
CA GLY A 252 -55.76 3.19 62.97
C GLY A 252 -55.33 4.58 62.67
N GLY A 253 -55.96 5.58 63.25
CA GLY A 253 -55.41 6.93 63.07
C GLY A 253 -54.04 6.95 63.71
N ASN A 254 -53.86 6.10 64.72
CA ASN A 254 -52.58 6.01 65.46
C ASN A 254 -51.53 5.44 64.53
N ALA A 255 -50.31 5.92 64.63
CA ALA A 255 -49.21 5.37 63.83
C ALA A 255 -47.91 6.01 64.28
N PRO A 256 -47.06 5.32 65.08
CA PRO A 256 -45.84 5.92 65.63
C PRO A 256 -44.94 6.45 64.53
N LEU A 257 -44.09 7.40 64.91
CA LEU A 257 -43.27 8.12 63.94
C LEU A 257 -42.23 7.23 63.28
N TRP A 258 -41.77 6.19 63.98
CA TRP A 258 -40.74 5.32 63.42
C TRP A 258 -41.27 4.42 62.31
N TRP A 259 -42.58 4.19 62.25
CA TRP A 259 -43.17 3.44 61.14
C TRP A 259 -42.94 4.17 59.82
N GLY A 260 -43.26 5.47 59.79
CA GLY A 260 -43.10 6.23 58.56
C GLY A 260 -41.66 6.39 58.14
N ILE A 261 -40.77 6.61 59.12
CA ILE A 261 -39.34 6.74 58.81
C ILE A 261 -38.79 5.41 58.30
N ALA A 262 -39.23 4.29 58.91
CA ALA A 262 -38.79 2.98 58.46
C ALA A 262 -39.27 2.69 57.04
N LEU A 263 -40.53 3.03 56.74
CA LEU A 263 -41.04 2.84 55.38
C LEU A 263 -40.34 3.75 54.39
N LEU A 264 -40.02 4.98 54.79
CA LEU A 264 -39.28 5.90 53.92
C LEU A 264 -37.91 5.36 53.58
N VAL A 265 -37.16 4.90 54.60
CA VAL A 265 -35.83 4.37 54.36
C VAL A 265 -35.89 3.07 53.55
N LEU A 266 -36.88 2.22 53.84
CA LEU A 266 -37.00 0.94 53.14
C LEU A 266 -37.32 1.14 51.66
N GLY A 267 -38.34 1.95 51.36
CA GLY A 267 -38.65 2.26 49.98
C GLY A 267 -37.55 3.06 49.31
N MET A 268 -36.78 3.83 50.09
CA MET A 268 -35.69 4.61 49.53
C MET A 268 -34.56 3.71 49.04
N ILE A 269 -34.12 2.78 49.90
CA ILE A 269 -33.05 1.87 49.48
C ILE A 269 -33.57 0.92 48.41
N THR A 270 -34.87 0.59 48.42
CA THR A 270 -35.44 -0.20 47.35
C THR A 270 -35.36 0.53 46.01
N ALA A 271 -35.74 1.81 45.99
CA ALA A 271 -35.71 2.58 44.76
C ALA A 271 -34.29 2.75 44.24
N PHE A 272 -33.36 3.13 45.13
CA PHE A 272 -31.97 3.33 44.72
C PHE A 272 -31.32 2.04 44.22
N VAL A 273 -31.45 0.96 44.97
CA VAL A 273 -30.77 -0.28 44.61
C VAL A 273 -31.38 -0.90 43.37
N GLY A 274 -32.71 -0.83 43.23
CA GLY A 274 -33.34 -1.35 42.02
C GLY A 274 -32.97 -0.55 40.78
N GLY A 275 -33.00 0.79 40.88
CA GLY A 275 -32.63 1.62 39.75
C GLY A 275 -31.17 1.48 39.37
N LEU A 276 -30.29 1.26 40.35
CA LEU A 276 -28.88 1.05 40.02
C LEU A 276 -28.64 -0.33 39.43
N TYR A 277 -29.30 -1.36 39.96
CA TYR A 277 -29.05 -2.73 39.51
C TYR A 277 -29.72 -3.02 38.18
N ALA A 278 -30.71 -2.21 37.78
CA ALA A 278 -31.29 -2.38 36.46
C ALA A 278 -30.32 -1.98 35.35
N LEU A 279 -29.40 -1.06 35.64
CA LEU A 279 -28.49 -0.56 34.62
C LEU A 279 -27.50 -1.62 34.16
N VAL A 280 -27.12 -2.55 35.02
CA VAL A 280 -26.02 -3.45 34.76
C VAL A 280 -26.50 -4.81 34.23
N GLU A 281 -27.71 -4.87 33.67
CA GLU A 281 -28.25 -6.10 33.13
C GLU A 281 -28.58 -5.95 31.65
N HIS A 282 -28.40 -7.04 30.91
CA HIS A 282 -28.61 -7.08 29.47
C HIS A 282 -29.78 -7.96 29.06
N ASN A 283 -30.61 -8.37 30.00
CA ASN A 283 -31.88 -9.05 29.71
C ASN A 283 -33.01 -8.07 29.97
N ILE A 284 -33.89 -7.91 28.99
CA ILE A 284 -34.91 -6.87 29.07
C ILE A 284 -35.95 -7.21 30.14
N GLN A 285 -36.37 -8.47 30.21
CA GLN A 285 -37.40 -8.87 31.15
C GLN A 285 -36.89 -9.00 32.57
N ARG A 286 -35.56 -9.08 32.75
CA ARG A 286 -34.96 -8.97 34.08
C ARG A 286 -34.63 -7.53 34.44
N LEU A 287 -34.35 -6.68 33.46
CA LEU A 287 -34.21 -5.25 33.71
C LEU A 287 -35.52 -4.64 34.18
N LEU A 288 -36.63 -5.05 33.56
CA LEU A 288 -37.95 -4.58 33.98
C LEU A 288 -38.30 -5.04 35.38
N ALA A 289 -37.71 -6.14 35.86
CA ALA A 289 -37.94 -6.56 37.25
C ALA A 289 -37.29 -5.59 38.24
N TYR A 290 -36.05 -5.17 37.97
CA TYR A 290 -35.43 -4.21 38.86
C TYR A 290 -36.05 -2.82 38.74
N HIS A 291 -36.61 -2.51 37.56
CA HIS A 291 -37.37 -1.26 37.45
C HIS A 291 -38.72 -1.34 38.16
N THR A 292 -39.32 -2.53 38.20
CA THR A 292 -40.44 -2.79 39.11
C THR A 292 -40.04 -2.49 40.54
N LEU A 293 -38.85 -2.97 40.94
CA LEU A 293 -38.38 -2.74 42.30
C LEU A 293 -38.22 -1.26 42.60
N GLU A 294 -37.64 -0.50 41.66
CA GLU A 294 -37.42 0.92 41.95
C GLU A 294 -38.71 1.73 41.94
N ASN A 295 -39.67 1.39 41.07
CA ASN A 295 -40.94 2.12 41.13
C ASN A 295 -41.78 1.72 42.33
N ILE A 296 -41.70 0.46 42.77
CA ILE A 296 -42.32 0.07 44.03
C ILE A 296 -41.67 0.82 45.19
N GLY A 297 -40.36 1.07 45.09
CA GLY A 297 -39.71 1.92 46.08
C GLY A 297 -40.22 3.35 46.06
N ILE A 298 -40.53 3.88 44.88
CA ILE A 298 -41.08 5.23 44.79
C ILE A 298 -42.49 5.28 45.38
N ILE A 299 -43.33 4.29 45.08
CA ILE A 299 -44.67 4.21 45.66
C ILE A 299 -44.58 4.06 47.17
N LEU A 300 -43.60 3.28 47.65
CA LEU A 300 -43.41 3.13 49.09
C LEU A 300 -42.87 4.41 49.71
N LEU A 301 -42.12 5.21 48.95
CA LEU A 301 -41.73 6.53 49.44
C LEU A 301 -42.94 7.42 49.65
N GLY A 302 -43.88 7.40 48.70
CA GLY A 302 -45.12 8.15 48.89
C GLY A 302 -45.93 7.66 50.07
N LEU A 303 -46.05 6.33 50.22
CA LEU A 303 -46.81 5.77 51.34
C LEU A 303 -46.12 6.03 52.66
N GLY A 304 -44.78 6.00 52.70
CA GLY A 304 -44.06 6.34 53.91
C GLY A 304 -44.19 7.80 54.28
N ALA A 305 -44.26 8.69 53.28
CA ALA A 305 -44.56 10.08 53.55
C ALA A 305 -45.96 10.23 54.14
N GLY A 306 -46.93 9.46 53.64
CA GLY A 306 -48.26 9.48 54.21
C GLY A 306 -48.31 8.96 55.64
N VAL A 307 -47.57 7.90 55.93
CA VAL A 307 -47.54 7.35 57.28
C VAL A 307 -46.83 8.30 58.24
N THR A 308 -45.77 8.97 57.77
CA THR A 308 -45.10 9.98 58.58
C THR A 308 -46.04 11.15 58.85
N GLY A 309 -46.86 11.53 57.86
CA GLY A 309 -47.82 12.59 58.06
C GLY A 309 -48.91 12.23 59.06
N ILE A 310 -49.42 11.00 59.00
CA ILE A 310 -50.44 10.59 59.95
C ILE A 310 -49.84 10.38 61.33
N ALA A 311 -48.52 10.16 61.41
CA ALA A 311 -47.84 10.17 62.69
C ALA A 311 -47.71 11.58 63.25
N LEU A 312 -47.36 12.55 62.40
CA LEU A 312 -47.13 13.93 62.83
C LEU A 312 -48.40 14.76 62.89
N GLU A 313 -49.55 14.19 62.54
CA GLU A 313 -50.85 14.88 62.50
C GLU A 313 -50.80 16.10 61.57
N GLN A 314 -50.32 15.85 60.34
CA GLN A 314 -50.25 16.86 59.30
C GLN A 314 -51.12 16.41 58.13
N PRO A 315 -52.36 16.90 58.03
CA PRO A 315 -53.27 16.40 56.97
C PRO A 315 -52.80 16.64 55.55
N ALA A 316 -52.10 17.75 55.30
CA ALA A 316 -51.56 18.00 53.97
C ALA A 316 -50.52 16.96 53.60
N LEU A 317 -49.69 16.56 54.56
CA LEU A 317 -48.69 15.52 54.32
C LEU A 317 -49.36 14.17 54.02
N ILE A 318 -50.42 13.84 54.76
CA ILE A 318 -51.15 12.60 54.51
C ILE A 318 -51.76 12.60 53.12
N ALA A 319 -52.43 13.70 52.76
CA ALA A 319 -53.07 13.80 51.46
C ALA A 319 -52.07 13.70 50.33
N LEU A 320 -50.97 14.46 50.43
CA LEU A 320 -49.95 14.43 49.37
C LEU A 320 -49.31 13.06 49.25
N GLY A 321 -48.93 12.44 50.38
CA GLY A 321 -48.26 11.15 50.33
C GLY A 321 -49.15 10.06 49.76
N LEU A 322 -50.39 9.96 50.25
CA LEU A 322 -51.27 8.90 49.75
C LEU A 322 -51.69 8.96 48.29
N VAL A 323 -52.11 10.13 47.79
CA VAL A 323 -52.50 10.23 46.38
C VAL A 323 -51.31 10.17 45.40
N GLY A 324 -50.14 10.68 45.86
CA GLY A 324 -48.93 10.55 45.07
C GLY A 324 -48.61 9.07 44.97
N GLY A 325 -48.63 8.36 46.10
CA GLY A 325 -48.31 6.94 46.08
C GLY A 325 -49.30 6.12 45.26
N LEU A 326 -50.60 6.37 45.45
CA LEU A 326 -51.58 5.57 44.73
C LEU A 326 -51.69 5.96 43.25
N TYR A 327 -51.52 7.25 42.92
CA TYR A 327 -51.48 7.63 41.51
C TYR A 327 -50.27 7.03 40.81
N HIS A 328 -49.11 7.06 41.46
CA HIS A 328 -47.94 6.43 40.86
C HIS A 328 -48.10 4.91 40.79
N LEU A 329 -48.85 4.32 41.72
CA LEU A 329 -49.16 2.90 41.65
C LEU A 329 -49.95 2.56 40.38
N LEU A 330 -51.04 3.30 40.13
CA LEU A 330 -51.86 3.06 38.95
C LEU A 330 -51.08 3.32 37.66
N ASN A 331 -50.34 4.43 37.62
CA ASN A 331 -49.58 4.79 36.42
C ASN A 331 -48.45 3.79 36.17
N HIS A 332 -47.78 3.33 37.23
CA HIS A 332 -46.72 2.35 37.08
C HIS A 332 -47.26 1.02 36.57
N SER A 333 -48.43 0.60 37.07
CA SER A 333 -49.02 -0.62 36.54
C SER A 333 -49.34 -0.48 35.06
N LEU A 334 -49.84 0.70 34.65
CA LEU A 334 -50.15 0.94 33.24
C LEU A 334 -48.90 0.84 32.36
N PHE A 335 -47.86 1.66 32.65
CA PHE A 335 -46.74 1.63 31.72
C PHE A 335 -45.85 0.40 31.90
N LYS A 336 -45.91 -0.28 33.05
CA LYS A 336 -45.23 -1.56 33.17
C LYS A 336 -45.90 -2.63 32.34
N SER A 337 -47.24 -2.62 32.29
CA SER A 337 -47.94 -3.51 31.37
C SER A 337 -47.56 -3.20 29.94
N VAL A 338 -47.41 -1.91 29.61
CA VAL A 338 -46.94 -1.50 28.28
C VAL A 338 -45.60 -2.13 27.97
N LEU A 339 -44.64 -1.98 28.90
CA LEU A 339 -43.27 -2.42 28.65
C LEU A 339 -43.18 -3.94 28.54
N PHE A 340 -43.83 -4.66 29.47
CA PHE A 340 -43.77 -6.12 29.43
C PHE A 340 -44.44 -6.69 28.20
N LEU A 341 -45.61 -6.16 27.82
CA LEU A 341 -46.31 -6.69 26.65
C LEU A 341 -45.56 -6.37 25.36
N GLY A 342 -44.95 -5.17 25.28
CA GLY A 342 -44.17 -4.86 24.10
C GLY A 342 -42.89 -5.67 23.96
N ALA A 343 -42.19 -5.90 25.08
CA ALA A 343 -41.01 -6.75 25.05
C ALA A 343 -41.39 -8.19 24.70
N GLY A 344 -42.54 -8.65 25.18
CA GLY A 344 -43.04 -9.95 24.77
C GLY A 344 -43.41 -10.03 23.32
N SER A 345 -43.93 -8.94 22.75
CA SER A 345 -44.20 -8.91 21.30
C SER A 345 -42.89 -8.97 20.50
N VAL A 346 -41.85 -8.28 21.00
CA VAL A 346 -40.54 -8.35 20.35
C VAL A 346 -40.00 -9.77 20.39
N TRP A 347 -40.12 -10.44 21.53
CA TRP A 347 -39.73 -11.85 21.62
C TRP A 347 -40.61 -12.75 20.77
N PHE A 348 -41.90 -12.40 20.64
CA PHE A 348 -42.82 -13.19 19.83
C PHE A 348 -42.45 -13.14 18.36
N ARG A 349 -42.04 -11.97 17.88
CA ARG A 349 -41.66 -11.85 16.49
C ARG A 349 -40.21 -12.23 16.21
N THR A 350 -39.35 -12.23 17.22
CA THR A 350 -37.95 -12.57 17.03
C THR A 350 -37.55 -13.88 17.71
N GLY A 351 -37.76 -14.00 19.02
CA GLY A 351 -37.33 -15.17 19.76
C GLY A 351 -36.21 -14.91 20.75
N HIS A 352 -35.72 -13.68 20.82
CA HIS A 352 -34.60 -13.33 21.69
C HIS A 352 -35.05 -12.38 22.79
N ARG A 353 -34.50 -12.56 23.99
CA ARG A 353 -34.75 -11.65 25.10
C ARG A 353 -33.53 -10.86 25.51
N ASP A 354 -32.37 -11.12 24.93
CA ASP A 354 -31.15 -10.40 25.28
C ASP A 354 -31.04 -9.21 24.35
N ILE A 355 -30.95 -8.01 24.93
CA ILE A 355 -30.88 -6.78 24.14
C ILE A 355 -29.54 -6.57 23.44
N GLU A 356 -28.54 -7.39 23.77
CA GLU A 356 -27.28 -7.35 23.03
C GLU A 356 -27.45 -7.89 21.62
N LYS A 357 -28.33 -8.91 21.50
CA LYS A 357 -28.66 -9.67 20.28
C LYS A 357 -30.10 -9.40 19.85
N LEU A 358 -30.55 -8.15 19.85
CA LEU A 358 -31.88 -7.63 19.59
C LEU A 358 -31.97 -6.22 19.02
N GLY A 359 -31.05 -5.85 18.15
CA GLY A 359 -31.04 -4.51 17.59
C GLY A 359 -31.95 -4.36 16.39
N GLY A 360 -32.21 -3.10 16.04
CA GLY A 360 -32.92 -2.76 14.82
C GLY A 360 -34.37 -3.20 14.76
N ILE A 361 -35.07 -3.17 15.88
CA ILE A 361 -36.48 -3.57 15.92
C ILE A 361 -37.40 -2.38 15.66
N GLY A 362 -36.89 -1.15 15.73
CA GLY A 362 -37.73 0.02 15.52
C GLY A 362 -38.24 0.19 14.11
N LYS A 363 -37.54 -0.38 13.12
CA LYS A 363 -38.00 -0.32 11.75
C LYS A 363 -38.84 -1.53 11.35
N LYS A 364 -38.61 -2.69 11.99
CA LYS A 364 -39.42 -3.86 11.68
C LYS A 364 -40.86 -3.80 12.18
N MET A 365 -41.02 -3.32 13.43
CA MET A 365 -42.33 -3.12 14.11
C MET A 365 -42.38 -1.66 14.56
N PRO A 366 -42.84 -0.63 13.79
CA PRO A 366 -42.70 0.76 14.24
C PRO A 366 -43.79 1.10 15.24
N VAL A 367 -44.95 0.44 15.16
CA VAL A 367 -46.03 0.68 16.10
C VAL A 367 -45.61 0.27 17.52
N ILE A 368 -45.01 -0.92 17.63
CA ILE A 368 -44.48 -1.39 18.90
C ILE A 368 -43.35 -0.48 19.37
N SER A 369 -42.52 0.01 18.44
CA SER A 369 -41.41 0.88 18.81
C SER A 369 -41.92 2.21 19.40
N ILE A 370 -42.96 2.77 18.81
CA ILE A 370 -43.57 3.99 19.35
C ILE A 370 -44.19 3.72 20.71
N ALA A 371 -44.82 2.55 20.86
CA ALA A 371 -45.44 2.19 22.14
C ALA A 371 -44.40 2.04 23.25
N MET A 372 -43.27 1.37 22.97
CA MET A 372 -42.20 1.32 23.97
C MET A 372 -41.53 2.66 24.19
N LEU A 373 -41.47 3.54 23.18
CA LEU A 373 -40.96 4.87 23.45
C LEU A 373 -41.85 5.61 24.46
N VAL A 374 -43.16 5.49 24.28
CA VAL A 374 -44.11 6.08 25.23
C VAL A 374 -43.94 5.45 26.61
N GLY A 375 -43.78 4.12 26.66
CA GLY A 375 -43.62 3.46 27.95
C GLY A 375 -42.32 3.80 28.66
N LEU A 376 -41.22 3.90 27.91
CA LEU A 376 -39.94 4.25 28.52
C LEU A 376 -39.93 5.69 28.99
N MET A 377 -40.50 6.61 28.20
CA MET A 377 -40.63 7.99 28.65
C MET A 377 -41.65 8.15 29.76
N ALA A 378 -42.53 7.16 29.95
CA ALA A 378 -43.46 7.20 31.07
C ALA A 378 -42.84 6.65 32.34
N MET A 379 -41.95 5.66 32.22
CA MET A 379 -41.39 5.03 33.41
C MET A 379 -40.26 5.86 34.00
N ALA A 380 -39.24 6.16 33.19
CA ALA A 380 -38.35 7.26 33.53
C ALA A 380 -39.18 8.53 33.49
N ALA A 381 -39.34 9.16 34.65
CA ALA A 381 -40.40 10.15 34.86
C ALA A 381 -40.16 11.38 34.01
N LEU A 382 -40.86 11.48 32.89
CA LEU A 382 -40.71 12.59 31.97
C LEU A 382 -42.08 13.25 31.79
N PRO A 383 -42.18 14.57 31.90
CA PRO A 383 -43.45 15.23 31.62
C PRO A 383 -43.76 15.18 30.13
N PRO A 384 -45.04 15.20 29.75
CA PRO A 384 -46.23 15.26 30.59
C PRO A 384 -46.82 13.88 30.90
N LEU A 385 -46.02 12.82 30.79
CA LEU A 385 -46.55 11.47 30.91
C LEU A 385 -46.88 11.13 32.37
N ASN A 386 -47.49 9.96 32.55
CA ASN A 386 -48.12 9.64 33.82
C ASN A 386 -47.13 9.27 34.92
N GLY A 387 -45.88 8.98 34.58
CA GLY A 387 -44.91 8.72 35.62
C GLY A 387 -44.32 9.96 36.27
N PHE A 388 -44.59 11.13 35.71
CA PHE A 388 -44.07 12.39 36.25
C PHE A 388 -44.99 13.01 37.29
N ALA A 389 -46.30 12.83 37.14
CA ALA A 389 -47.25 13.46 38.05
C ALA A 389 -47.16 12.88 39.46
N GLY A 390 -47.12 11.55 39.56
CA GLY A 390 -47.00 10.91 40.86
C GLY A 390 -45.68 11.25 41.55
N GLU A 391 -44.59 11.31 40.78
CA GLU A 391 -43.32 11.76 41.33
C GLU A 391 -43.36 13.21 41.75
N TRP A 392 -44.14 14.04 41.05
CA TRP A 392 -44.29 15.44 41.45
C TRP A 392 -45.03 15.56 42.78
N VAL A 393 -46.11 14.79 42.96
CA VAL A 393 -46.83 14.82 44.22
C VAL A 393 -45.98 14.24 45.35
N ILE A 394 -45.16 13.23 45.05
CA ILE A 394 -44.26 12.66 46.05
C ILE A 394 -43.18 13.67 46.44
N TYR A 395 -42.70 14.45 45.48
CA TYR A 395 -41.74 15.52 45.78
C TYR A 395 -42.39 16.62 46.61
N GLN A 396 -43.66 16.92 46.34
CA GLN A 396 -44.39 17.89 47.17
C GLN A 396 -44.53 17.38 48.60
N SER A 397 -44.80 16.08 48.77
CA SER A 397 -44.85 15.50 50.10
C SER A 397 -43.49 15.53 50.78
N PHE A 398 -42.41 15.35 49.99
CA PHE A 398 -41.07 15.46 50.54
C PHE A 398 -40.78 16.89 51.02
N PHE A 399 -41.25 17.88 50.28
CA PHE A 399 -41.07 19.27 50.70
C PHE A 399 -41.91 19.58 51.95
N LYS A 400 -43.09 19.00 52.05
CA LYS A 400 -43.88 19.14 53.29
C LYS A 400 -43.18 18.46 54.45
N LEU A 401 -42.48 17.35 54.20
CA LEU A 401 -41.66 16.73 55.23
C LEU A 401 -40.50 17.63 55.63
N SER A 402 -39.91 18.33 54.67
CA SER A 402 -38.74 19.17 54.93
C SER A 402 -39.07 20.40 55.76
N ASN A 403 -40.35 20.78 55.89
CA ASN A 403 -40.74 21.94 56.66
C ASN A 403 -41.47 21.60 57.96
N SER A 404 -41.81 20.33 58.18
CA SER A 404 -42.46 19.94 59.42
C SER A 404 -41.48 19.99 60.58
N GLY A 405 -42.02 20.16 61.79
CA GLY A 405 -41.16 20.27 62.95
C GLY A 405 -40.83 18.92 63.56
N ALA A 406 -39.68 18.37 63.14
CA ALA A 406 -39.15 17.10 63.62
C ALA A 406 -37.72 16.95 63.12
N PHE A 407 -36.79 16.59 64.00
CA PHE A 407 -35.42 16.39 63.54
C PHE A 407 -35.29 15.12 62.71
N VAL A 408 -36.12 14.12 62.96
CA VAL A 408 -36.08 12.89 62.17
C VAL A 408 -36.70 13.10 60.80
N ALA A 409 -37.51 14.15 60.62
CA ALA A 409 -38.13 14.45 59.34
C ALA A 409 -37.40 15.53 58.55
N ARG A 410 -36.82 16.53 59.24
CA ARG A 410 -36.08 17.57 58.54
C ARG A 410 -34.75 17.05 58.00
N LEU A 411 -34.10 16.16 58.76
CA LEU A 411 -32.88 15.51 58.27
C LEU A 411 -33.17 14.59 57.11
N LEU A 412 -34.34 13.96 57.09
CA LEU A 412 -34.71 13.02 56.05
C LEU A 412 -35.43 13.68 54.88
N GLY A 413 -35.71 14.98 54.96
CA GLY A 413 -36.46 15.66 53.94
C GLY A 413 -35.73 15.81 52.62
N PRO A 414 -34.69 16.66 52.59
CA PRO A 414 -33.96 16.89 51.33
C PRO A 414 -33.13 15.70 50.87
N LEU A 415 -32.75 14.79 51.77
CA LEU A 415 -31.98 13.61 51.36
C LEU A 415 -32.80 12.71 50.46
N LEU A 416 -34.10 12.57 50.75
CA LEU A 416 -34.98 11.81 49.87
C LEU A 416 -35.09 12.47 48.49
N ALA A 417 -35.11 13.81 48.46
CA ALA A 417 -35.15 14.52 47.18
C ALA A 417 -33.87 14.28 46.38
N VAL A 418 -32.70 14.34 47.05
CA VAL A 418 -31.42 14.12 46.37
C VAL A 418 -31.35 12.71 45.79
N GLY A 419 -31.72 11.72 46.61
CA GLY A 419 -31.67 10.35 46.12
C GLY A 419 -32.73 10.02 45.10
N LEU A 420 -33.89 10.69 45.16
CA LEU A 420 -34.88 10.50 44.12
C LEU A 420 -34.44 11.14 42.81
N ALA A 421 -33.66 12.21 42.88
CA ALA A 421 -33.02 12.74 41.68
C ALA A 421 -31.99 11.76 41.12
N ILE A 422 -31.22 11.12 42.00
CA ILE A 422 -30.35 10.00 41.60
C ILE A 422 -31.15 8.93 40.86
N THR A 423 -32.27 8.51 41.45
CA THR A 423 -33.06 7.42 40.88
C THR A 423 -33.69 7.81 39.55
N GLY A 424 -34.18 9.05 39.44
CA GLY A 424 -34.73 9.51 38.18
C GLY A 424 -33.69 9.60 37.08
N ALA A 425 -32.50 10.10 37.41
CA ALA A 425 -31.43 10.19 36.41
C ALA A 425 -30.95 8.81 35.98
N LEU A 426 -30.85 7.87 36.93
CA LEU A 426 -30.46 6.51 36.59
C LEU A 426 -31.52 5.82 35.74
N ALA A 427 -32.80 6.08 36.01
CA ALA A 427 -33.87 5.52 35.19
C ALA A 427 -33.87 6.11 33.78
N VAL A 428 -33.60 7.41 33.66
CA VAL A 428 -33.48 8.05 32.36
C VAL A 428 -32.34 7.42 31.57
N MET A 429 -31.20 7.18 32.24
CA MET A 429 -30.09 6.49 31.59
C MET A 429 -30.44 5.07 31.17
N CYS A 430 -31.13 4.33 32.05
CA CYS A 430 -31.43 2.94 31.76
C CYS A 430 -32.38 2.81 30.58
N MET A 431 -33.36 3.71 30.49
CA MET A 431 -34.28 3.62 29.36
C MET A 431 -33.69 4.21 28.09
N ALA A 432 -32.75 5.16 28.21
CA ALA A 432 -31.98 5.58 27.05
C ALA A 432 -31.18 4.41 26.48
N LYS A 433 -30.53 3.64 27.37
CA LYS A 433 -29.80 2.45 26.95
C LYS A 433 -30.72 1.41 26.32
N VAL A 434 -31.87 1.17 26.95
CA VAL A 434 -32.80 0.14 26.47
C VAL A 434 -33.34 0.50 25.10
N TYR A 435 -33.74 1.76 24.89
CA TYR A 435 -34.23 2.13 23.57
C TYR A 435 -33.11 2.21 22.54
N GLY A 436 -31.89 2.56 22.97
CA GLY A 436 -30.80 2.66 22.02
C GLY A 436 -30.33 1.31 21.49
N VAL A 437 -30.25 0.30 22.36
CA VAL A 437 -29.65 -0.97 21.95
C VAL A 437 -30.68 -1.98 21.47
N THR A 438 -31.97 -1.63 21.48
CA THR A 438 -33.00 -2.56 21.05
C THR A 438 -33.75 -2.07 19.82
N PHE A 439 -34.26 -0.83 19.84
CA PHE A 439 -35.11 -0.34 18.77
C PHE A 439 -34.38 0.62 17.84
N LEU A 440 -33.07 0.80 18.00
CA LEU A 440 -32.29 1.73 17.20
C LEU A 440 -31.01 1.06 16.73
N GLY A 441 -30.47 1.58 15.63
CA GLY A 441 -29.24 1.06 15.07
C GLY A 441 -29.48 -0.15 14.17
N ALA A 442 -28.38 -0.68 13.66
CA ALA A 442 -28.45 -1.85 12.81
C ALA A 442 -28.69 -3.11 13.66
N PRO A 443 -29.45 -4.07 13.14
CA PRO A 443 -29.64 -5.33 13.86
C PRO A 443 -28.34 -6.12 13.96
N ARG A 444 -28.21 -6.85 15.06
CA ARG A 444 -26.98 -7.60 15.36
C ARG A 444 -27.17 -9.10 15.26
N THR A 445 -28.31 -9.56 14.76
CA THR A 445 -28.57 -10.98 14.54
C THR A 445 -29.43 -11.12 13.30
N LYS A 446 -29.19 -12.19 12.53
CA LYS A 446 -30.02 -12.48 11.37
C LYS A 446 -31.47 -12.77 11.75
N GLU A 447 -31.72 -13.16 13.00
CA GLU A 447 -33.07 -13.44 13.46
C GLU A 447 -33.86 -12.14 13.67
N ALA A 448 -33.18 -10.99 13.69
CA ALA A 448 -33.85 -9.72 13.98
C ALA A 448 -34.55 -9.15 12.75
N GLU A 449 -33.89 -9.14 11.58
CA GLU A 449 -34.52 -8.56 10.39
C GLU A 449 -35.63 -9.44 9.84
N ASN A 450 -35.64 -10.72 10.19
CA ASN A 450 -36.71 -11.61 9.78
C ASN A 450 -38.00 -11.38 10.56
N ALA A 451 -37.95 -10.59 11.62
CA ALA A 451 -39.15 -10.32 12.42
C ALA A 451 -40.07 -9.39 11.67
N THR A 452 -41.28 -9.87 11.37
CA THR A 452 -42.29 -9.06 10.70
C THR A 452 -43.01 -8.20 11.73
N CYS A 453 -44.10 -7.55 11.32
CA CYS A 453 -44.84 -6.67 12.21
C CYS A 453 -45.58 -7.47 13.28
N ALA A 454 -45.99 -6.78 14.33
CA ALA A 454 -46.69 -7.39 15.44
C ALA A 454 -48.08 -7.86 15.01
N PRO A 455 -48.66 -8.83 15.73
CA PRO A 455 -50.03 -9.25 15.42
C PRO A 455 -51.08 -8.19 15.66
N LEU A 456 -52.34 -8.52 15.35
CA LEU A 456 -53.41 -7.54 15.43
C LEU A 456 -53.74 -7.19 16.88
N LEU A 457 -54.18 -8.17 17.67
CA LEU A 457 -54.67 -7.88 19.00
C LEU A 457 -53.54 -7.55 19.97
N MET A 458 -52.32 -8.05 19.72
CA MET A 458 -51.16 -7.63 20.50
C MET A 458 -50.93 -6.13 20.35
N SER A 459 -50.90 -5.67 19.09
CA SER A 459 -50.71 -4.24 18.84
C SER A 459 -51.87 -3.42 19.38
N VAL A 460 -53.10 -3.95 19.27
CA VAL A 460 -54.26 -3.25 19.79
C VAL A 460 -54.16 -3.07 21.30
N SER A 461 -53.76 -4.14 22.01
CA SER A 461 -53.63 -4.08 23.47
C SER A 461 -52.53 -3.11 23.89
N VAL A 462 -51.37 -3.18 23.24
CA VAL A 462 -50.25 -2.32 23.64
C VAL A 462 -50.53 -0.86 23.30
N VAL A 463 -51.15 -0.60 22.16
CA VAL A 463 -51.50 0.78 21.80
C VAL A 463 -52.60 1.32 22.70
N ALA A 464 -53.57 0.49 23.08
CA ALA A 464 -54.60 0.93 24.02
C ALA A 464 -54.00 1.24 25.39
N LEU A 465 -53.05 0.42 25.84
CA LEU A 465 -52.36 0.70 27.10
C LEU A 465 -51.54 1.98 27.02
N ALA A 466 -50.88 2.23 25.88
CA ALA A 466 -50.12 3.47 25.72
C ALA A 466 -51.05 4.68 25.64
N ILE A 467 -52.22 4.50 25.03
CA ILE A 467 -53.23 5.56 24.99
C ILE A 467 -53.71 5.88 26.39
N CYS A 468 -53.95 4.85 27.21
CA CYS A 468 -54.33 5.06 28.60
C CYS A 468 -53.21 5.74 29.38
N CYS A 469 -51.96 5.41 29.08
CA CYS A 469 -50.83 6.06 29.74
C CYS A 469 -50.76 7.55 29.39
N VAL A 470 -50.96 7.89 28.12
CA VAL A 470 -50.95 9.29 27.69
C VAL A 470 -52.14 10.03 28.29
N ILE A 471 -53.29 9.37 28.37
CA ILE A 471 -54.49 9.98 28.94
C ILE A 471 -54.28 10.26 30.43
N GLY A 472 -53.72 9.29 31.16
CA GLY A 472 -53.41 9.50 32.56
C GLY A 472 -52.27 10.46 32.80
N GLY A 473 -51.47 10.73 31.77
CA GLY A 473 -50.43 11.72 31.87
C GLY A 473 -50.94 13.14 31.75
N VAL A 474 -51.60 13.45 30.63
CA VAL A 474 -52.02 14.82 30.36
C VAL A 474 -53.19 15.22 31.26
N ALA A 475 -54.07 14.29 31.63
CA ALA A 475 -55.25 14.59 32.44
C ALA A 475 -55.01 14.34 33.93
N ALA A 476 -53.77 14.48 34.39
CA ALA A 476 -53.49 14.41 35.82
C ALA A 476 -54.23 15.45 36.67
N PRO A 477 -54.35 16.74 36.30
CA PRO A 477 -55.14 17.65 37.14
C PRO A 477 -56.63 17.34 37.21
N TRP A 478 -57.16 16.51 36.32
CA TRP A 478 -58.55 16.09 36.39
C TRP A 478 -58.75 14.72 37.01
N LEU A 479 -57.68 13.93 37.14
CA LEU A 479 -57.77 12.62 37.77
C LEU A 479 -57.27 12.59 39.20
N LEU A 480 -56.40 13.52 39.59
CA LEU A 480 -55.96 13.62 40.98
C LEU A 480 -57.08 13.98 41.96
N PRO A 481 -57.98 14.95 41.67
CA PRO A 481 -59.14 15.12 42.57
C PRO A 481 -60.09 13.93 42.58
N MET A 482 -60.09 13.09 41.53
CA MET A 482 -60.85 11.85 41.60
C MET A 482 -60.25 10.90 42.63
N LEU A 483 -58.93 10.86 42.74
CA LEU A 483 -58.30 10.07 43.78
C LEU A 483 -58.35 10.75 45.14
N SER A 484 -58.66 12.05 45.17
CA SER A 484 -58.95 12.72 46.42
C SER A 484 -60.26 12.26 47.05
N ALA A 485 -61.12 11.57 46.29
CA ALA A 485 -62.32 10.98 46.88
C ALA A 485 -61.97 9.76 47.73
N ALA A 486 -60.86 9.08 47.49
CA ALA A 486 -60.48 7.94 48.36
C ALA A 486 -59.69 8.41 49.57
N VAL A 487 -58.46 8.90 49.44
CA VAL A 487 -57.77 9.58 50.57
C VAL A 487 -58.54 10.89 50.72
N PRO A 488 -59.49 11.06 51.66
CA PRO A 488 -60.43 12.21 51.64
C PRO A 488 -60.22 13.57 52.29
N LEU A 489 -59.32 14.40 51.74
CA LEU A 489 -59.01 15.71 52.36
C LEU A 489 -58.24 16.62 51.37
N PRO A 490 -58.09 17.95 51.61
CA PRO A 490 -57.45 18.85 50.65
C PRO A 490 -55.98 18.64 50.23
N LEU A 491 -55.69 18.80 48.94
CA LEU A 491 -54.32 18.57 48.38
C LEU A 491 -53.64 19.92 48.40
N GLU A 492 -52.47 19.97 49.02
CA GLU A 492 -51.88 21.30 49.26
C GLU A 492 -50.43 21.36 48.81
N PRO A 493 -50.18 21.46 47.50
CA PRO A 493 -48.83 21.54 47.02
C PRO A 493 -48.32 22.84 47.63
N ALA A 494 -47.02 23.02 47.77
CA ALA A 494 -46.55 24.23 48.47
C ALA A 494 -46.66 25.49 47.60
N ASN A 495 -47.88 25.98 47.34
CA ASN A 495 -48.14 27.24 46.58
C ASN A 495 -47.87 27.07 45.09
N THR A 496 -47.79 25.82 44.65
CA THR A 496 -47.38 25.62 43.26
C THR A 496 -48.30 24.60 42.60
N THR A 497 -48.74 24.82 41.37
CA THR A 497 -49.36 23.68 40.68
C THR A 497 -48.45 23.34 39.53
N VAL A 498 -48.60 22.18 38.90
CA VAL A 498 -47.93 21.92 37.60
C VAL A 498 -49.14 21.62 36.75
N SER A 499 -49.08 21.92 35.48
CA SER A 499 -50.18 21.74 34.53
C SER A 499 -49.65 20.97 33.33
N GLN A 500 -49.93 19.66 33.31
CA GLN A 500 -49.53 18.82 32.19
C GLN A 500 -50.08 19.24 30.81
N PRO A 501 -51.34 19.71 30.66
CA PRO A 501 -51.76 20.15 29.31
C PRO A 501 -50.94 21.29 28.70
N MET A 502 -50.48 22.26 29.50
CA MET A 502 -49.67 23.32 28.91
C MET A 502 -48.27 22.83 28.55
N ILE A 503 -47.73 21.87 29.29
CA ILE A 503 -46.47 21.25 28.88
C ILE A 503 -46.68 20.42 27.60
N THR A 504 -47.83 19.76 27.49
CA THR A 504 -48.15 18.98 26.29
C THR A 504 -48.26 19.88 25.08
N LEU A 505 -48.95 21.02 25.22
CA LEU A 505 -49.05 21.99 24.14
C LEU A 505 -47.71 22.63 23.82
N LEU A 506 -46.88 22.81 24.85
CA LEU A 506 -45.58 23.45 24.69
C LEU A 506 -44.47 22.47 24.34
N LEU A 507 -44.79 21.20 24.10
CA LEU A 507 -43.82 20.22 23.61
C LEU A 507 -44.11 19.76 22.19
N ILE A 508 -45.20 20.23 21.58
CA ILE A 508 -45.52 19.88 20.20
C ILE A 508 -45.45 21.16 19.35
N ALA A 509 -45.71 22.30 19.97
CA ALA A 509 -45.69 23.58 19.26
C ALA A 509 -44.32 24.23 19.23
N CYS A 510 -43.54 24.11 20.31
CA CYS A 510 -42.17 24.59 20.31
C CYS A 510 -41.26 23.92 19.29
N PRO A 511 -41.26 22.59 19.08
CA PRO A 511 -40.39 22.04 18.01
C PRO A 511 -40.84 22.39 16.60
N LEU A 512 -42.01 23.02 16.43
CA LEU A 512 -42.41 23.48 15.10
C LEU A 512 -41.65 24.73 14.69
N LEU A 513 -41.20 25.54 15.66
CA LEU A 513 -40.47 26.76 15.32
C LEU A 513 -39.12 26.50 14.63
N PRO A 514 -38.24 25.60 15.11
CA PRO A 514 -37.06 25.28 14.30
C PRO A 514 -37.39 24.63 12.97
N PHE A 515 -38.50 23.89 12.90
CA PHE A 515 -38.94 23.34 11.62
C PHE A 515 -39.34 24.44 10.65
N ILE A 516 -40.04 25.46 11.14
CA ILE A 516 -40.39 26.61 10.30
C ILE A 516 -39.14 27.37 9.89
N ILE A 517 -38.18 27.51 10.81
CA ILE A 517 -36.96 28.26 10.52
C ILE A 517 -36.12 27.53 9.46
N MET A 518 -36.00 26.20 9.57
CA MET A 518 -35.25 25.47 8.56
C MET A 518 -36.03 25.41 7.25
N ALA A 519 -37.36 25.49 7.29
CA ALA A 519 -38.12 25.57 6.05
C ALA A 519 -37.97 26.92 5.38
N ILE A 520 -37.67 27.96 6.16
CA ILE A 520 -37.46 29.30 5.61
C ILE A 520 -36.01 29.49 5.17
N CYS A 521 -35.06 29.09 6.00
CA CYS A 521 -33.65 29.37 5.74
C CYS A 521 -33.01 28.39 4.77
N LYS A 522 -33.72 27.37 4.30
CA LYS A 522 -33.17 26.48 3.30
C LYS A 522 -33.26 27.12 1.92
N GLY A 523 -32.22 26.92 1.12
CA GLY A 523 -32.21 27.38 -0.25
C GLY A 523 -32.24 26.22 -1.23
N ASP A 524 -31.07 25.87 -1.74
CA ASP A 524 -30.92 24.73 -2.64
C ASP A 524 -30.69 23.42 -1.86
N ARG A 525 -31.56 23.14 -0.89
CA ARG A 525 -31.34 22.01 -0.01
C ARG A 525 -31.85 20.73 -0.68
N LEU A 526 -30.95 19.78 -0.89
CA LEU A 526 -31.32 18.49 -1.43
C LEU A 526 -32.13 17.71 -0.41
N PRO A 527 -32.96 16.75 -0.85
CA PRO A 527 -33.67 15.90 0.11
C PRO A 527 -32.71 15.08 0.96
N SER A 528 -33.10 14.86 2.20
CA SER A 528 -32.25 14.14 3.15
C SER A 528 -32.12 12.67 2.76
N ARG A 529 -30.89 12.16 2.79
CA ARG A 529 -30.60 10.79 2.40
C ARG A 529 -30.07 10.00 3.59
N SER A 530 -30.45 8.73 3.65
CA SER A 530 -29.99 7.80 4.67
C SER A 530 -29.49 6.56 3.93
N ARG A 531 -28.23 6.61 3.49
CA ARG A 531 -27.69 5.59 2.60
C ARG A 531 -26.51 4.84 3.21
N GLY A 532 -25.49 5.55 3.69
CA GLY A 532 -24.23 4.93 4.06
C GLY A 532 -24.25 4.33 5.45
N ALA A 533 -23.06 4.06 5.96
CA ALA A 533 -22.85 3.57 7.31
C ALA A 533 -22.28 4.69 8.18
N ALA A 534 -22.14 4.40 9.46
CA ALA A 534 -21.66 5.39 10.41
C ALA A 534 -20.19 5.72 10.17
N TRP A 535 -19.82 6.97 10.44
CA TRP A 535 -18.44 7.39 10.27
C TRP A 535 -17.61 6.84 11.42
N VAL A 536 -16.67 5.95 11.09
CA VAL A 536 -15.82 5.30 12.08
C VAL A 536 -14.36 5.58 11.74
N CYS A 537 -14.10 6.81 11.27
CA CYS A 537 -12.76 7.35 11.04
C CYS A 537 -12.02 6.60 9.94
N GLY A 538 -12.63 6.57 8.76
CA GLY A 538 -11.98 6.05 7.55
C GLY A 538 -12.05 4.56 7.29
N TYR A 539 -11.83 3.75 8.32
CA TYR A 539 -11.92 2.30 8.22
C TYR A 539 -13.39 1.91 8.04
N ASP A 540 -13.63 0.70 7.54
CA ASP A 540 -15.03 0.33 7.36
C ASP A 540 -15.65 -0.14 8.67
N HIS A 541 -16.97 -0.15 8.70
CA HIS A 541 -17.75 -0.44 9.90
C HIS A 541 -17.95 -1.93 10.12
N GLU A 542 -17.75 -2.36 11.37
CA GLU A 542 -17.96 -3.73 11.81
C GLU A 542 -18.87 -3.94 12.99
N LYS A 543 -19.32 -5.19 13.19
CA LYS A 543 -20.38 -5.47 14.15
C LYS A 543 -19.75 -5.40 15.53
N SER A 544 -18.43 -5.54 15.64
CA SER A 544 -17.76 -5.51 16.93
C SER A 544 -17.43 -4.10 17.40
N MET A 545 -17.80 -3.08 16.62
CA MET A 545 -17.38 -1.72 16.90
C MET A 545 -18.52 -0.86 17.47
N VAL A 546 -19.78 -1.29 17.30
CA VAL A 546 -20.90 -0.57 17.89
C VAL A 546 -20.86 -0.71 19.42
N ILE A 547 -21.22 0.37 20.10
CA ILE A 547 -21.32 0.35 21.56
C ILE A 547 -22.74 -0.04 21.94
N THR A 548 -22.85 -1.01 22.83
CA THR A 548 -24.12 -1.60 23.23
C THR A 548 -24.26 -1.51 24.75
N ALA A 549 -25.24 -2.25 25.28
CA ALA A 549 -25.55 -2.21 26.71
C ALA A 549 -24.38 -2.64 27.58
N HIS A 550 -23.44 -3.44 27.04
CA HIS A 550 -22.25 -3.81 27.79
C HIS A 550 -21.34 -2.61 28.00
N GLY A 551 -21.13 -1.81 26.95
CA GLY A 551 -20.26 -0.65 27.02
C GLY A 551 -20.94 0.65 27.40
N PHE A 552 -22.27 0.69 27.37
CA PHE A 552 -22.98 1.88 27.78
C PHE A 552 -23.14 2.00 29.29
N ALA A 553 -23.11 0.88 30.01
CA ALA A 553 -23.29 0.85 31.45
C ALA A 553 -21.99 0.64 32.20
N MET A 554 -20.88 1.10 31.62
CA MET A 554 -19.58 1.04 32.29
C MET A 554 -19.26 2.16 33.29
N PRO A 555 -19.55 3.45 33.03
CA PRO A 555 -19.24 4.44 34.08
C PRO A 555 -20.12 4.35 35.31
N VAL A 556 -21.32 3.79 35.22
CA VAL A 556 -22.08 3.51 36.44
C VAL A 556 -21.45 2.35 37.20
N LYS A 557 -20.79 1.43 36.50
CA LYS A 557 -20.02 0.40 37.20
C LYS A 557 -18.74 1.07 37.67
N GLN A 558 -18.30 2.14 37.00
CA GLN A 558 -17.12 2.88 37.41
C GLN A 558 -17.29 3.70 38.70
N ALA A 559 -18.37 4.49 38.76
CA ALA A 559 -18.66 5.32 39.92
C ALA A 559 -19.48 4.71 41.06
N PHE A 560 -20.43 3.84 40.76
CA PHE A 560 -21.24 3.17 41.76
C PHE A 560 -20.72 1.76 42.04
N ALA A 561 -19.41 1.57 42.00
CA ALA A 561 -18.81 0.27 42.29
C ALA A 561 -19.07 -0.28 43.70
N PRO A 562 -19.02 0.49 44.81
CA PRO A 562 -19.25 -0.13 46.13
C PRO A 562 -20.62 -0.77 46.30
N VAL A 563 -21.69 -0.22 45.71
CA VAL A 563 -23.00 -0.83 45.83
C VAL A 563 -23.06 -2.13 45.02
N LEU A 564 -22.49 -2.13 43.81
CA LEU A 564 -22.48 -3.33 42.99
C LEU A 564 -21.58 -4.42 43.57
N LYS A 565 -20.58 -4.05 44.37
CA LYS A 565 -19.83 -5.06 45.11
C LYS A 565 -20.55 -5.47 46.40
N LEU A 566 -21.37 -4.58 46.96
CA LEU A 566 -22.26 -4.93 48.06
C LEU A 566 -23.33 -5.93 47.63
N ARG A 567 -23.62 -5.99 46.32
CA ARG A 567 -24.49 -7.04 45.80
C ARG A 567 -23.92 -8.43 46.07
N LYS A 568 -22.60 -8.60 45.89
CA LYS A 568 -21.98 -9.90 46.08
C LYS A 568 -21.79 -10.25 47.54
N TRP A 569 -21.65 -9.25 48.41
CA TRP A 569 -21.31 -9.52 49.81
C TRP A 569 -22.50 -10.09 50.57
N LEU A 570 -23.61 -9.35 50.62
CA LEU A 570 -24.78 -9.77 51.39
C LEU A 570 -25.62 -10.77 50.60
N ASN A 571 -25.04 -11.94 50.37
CA ASN A 571 -25.66 -13.02 49.62
C ASN A 571 -25.56 -14.31 50.42
N PRO A 572 -26.44 -14.52 51.39
CA PRO A 572 -26.38 -15.74 52.22
C PRO A 572 -27.05 -16.93 51.54
N VAL A 573 -26.48 -17.36 50.42
CA VAL A 573 -27.05 -18.44 49.63
C VAL A 573 -26.34 -19.75 49.98
N SER A 574 -25.06 -19.66 50.36
CA SER A 574 -24.30 -20.84 50.73
C SER A 574 -24.53 -21.27 52.17
N LEU A 575 -25.19 -20.44 52.98
CA LEU A 575 -25.42 -20.78 54.38
C LEU A 575 -26.59 -21.73 54.57
N VAL A 576 -27.49 -21.81 53.60
CA VAL A 576 -28.64 -22.73 53.70
C VAL A 576 -28.15 -24.14 53.40
N PRO A 577 -28.40 -25.11 54.30
CA PRO A 577 -27.86 -26.47 54.11
C PRO A 577 -28.46 -27.22 52.92
N GLY A 578 -29.78 -27.24 52.81
CA GLY A 578 -30.43 -28.03 51.79
C GLY A 578 -30.69 -27.29 50.50
N TRP A 579 -30.02 -26.17 50.30
CA TRP A 579 -30.24 -25.37 49.10
C TRP A 579 -29.60 -25.99 47.86
N GLN A 580 -28.51 -26.74 48.03
CA GLN A 580 -27.79 -27.33 46.91
C GLN A 580 -28.25 -28.73 46.57
N CYS A 581 -29.42 -29.14 47.03
CA CYS A 581 -29.95 -30.45 46.71
C CYS A 581 -30.28 -30.80 45.26
N GLU A 582 -30.07 -32.07 44.91
CA GLU A 582 -30.42 -32.52 43.55
C GLU A 582 -31.88 -32.17 43.07
N GLY A 583 -32.82 -32.73 43.83
CA GLY A 583 -34.22 -32.44 43.63
C GLY A 583 -34.98 -31.42 44.45
N SER A 584 -34.27 -30.41 44.96
CA SER A 584 -34.92 -29.38 45.78
C SER A 584 -35.87 -28.52 44.95
N ALA A 585 -35.50 -28.25 43.69
CA ALA A 585 -36.38 -27.48 42.82
C ALA A 585 -37.65 -28.25 42.49
N LEU A 586 -37.53 -29.56 42.25
CA LEU A 586 -38.71 -30.37 41.98
C LEU A 586 -39.52 -30.65 43.24
N LEU A 587 -38.86 -30.71 44.40
CA LEU A 587 -39.57 -30.93 45.65
C LEU A 587 -40.46 -29.74 46.00
N PHE A 588 -39.97 -28.52 45.76
CA PHE A 588 -40.76 -27.33 46.05
C PHE A 588 -42.01 -27.26 45.17
N ARG A 589 -41.88 -27.63 43.90
CA ARG A 589 -43.05 -27.70 43.03
C ARG A 589 -43.92 -28.91 43.33
N ARG A 590 -43.37 -29.93 43.99
CA ARG A 590 -44.19 -31.10 44.34
C ARG A 590 -45.12 -30.79 45.50
N MET A 591 -44.61 -30.11 46.54
CA MET A 591 -45.46 -29.67 47.63
C MET A 591 -46.31 -28.47 47.26
N ALA A 592 -45.97 -27.80 46.16
CA ALA A 592 -46.80 -26.71 45.64
C ALA A 592 -48.14 -27.24 45.12
N LEU A 593 -48.12 -28.38 44.44
CA LEU A 593 -49.37 -29.03 44.05
C LEU A 593 -50.16 -29.48 45.27
N VAL A 594 -49.47 -29.96 46.30
CA VAL A 594 -50.14 -30.39 47.52
C VAL A 594 -50.77 -29.20 48.24
N GLU A 595 -50.05 -28.08 48.31
CA GLU A 595 -50.48 -26.96 49.15
C GLU A 595 -51.68 -26.23 48.54
N LEU A 596 -51.66 -26.02 47.22
CA LEU A 596 -52.77 -25.34 46.56
C LEU A 596 -54.03 -26.19 46.56
N ALA A 597 -53.86 -27.52 46.45
CA ALA A 597 -55.02 -28.41 46.44
C ALA A 597 -55.69 -28.51 47.81
N VAL A 598 -54.92 -28.36 48.89
CA VAL A 598 -55.49 -28.52 50.22
C VAL A 598 -56.00 -27.19 50.78
N LEU A 599 -55.52 -26.06 50.28
CA LEU A 599 -55.97 -24.77 50.78
C LEU A 599 -57.14 -24.20 50.00
N VAL A 600 -57.30 -24.58 48.73
CA VAL A 600 -58.47 -24.15 47.96
C VAL A 600 -59.74 -24.83 48.49
N VAL A 601 -59.66 -26.13 48.77
CA VAL A 601 -60.86 -26.90 49.10
C VAL A 601 -61.42 -26.53 50.47
N ILE A 602 -60.57 -26.09 51.40
CA ILE A 602 -61.07 -25.72 52.72
C ILE A 602 -61.78 -24.37 52.67
N ILE A 603 -61.44 -23.51 51.73
CA ILE A 603 -62.19 -22.27 51.53
C ILE A 603 -63.55 -22.58 50.91
N VAL A 604 -63.58 -23.45 49.91
CA VAL A 604 -64.82 -23.84 49.26
C VAL A 604 -65.58 -24.82 50.15
N LYS B 5 41.86 -1.91 13.26
CA LYS B 5 40.58 -2.20 12.64
C LYS B 5 39.54 -2.57 13.68
N LEU B 6 38.39 -1.90 13.66
CA LEU B 6 37.34 -2.14 14.63
C LEU B 6 36.54 -3.37 14.26
N GLY B 7 36.20 -4.18 15.27
CA GLY B 7 35.41 -5.38 15.06
C GLY B 7 36.18 -6.68 15.01
N GLN B 8 37.49 -6.65 15.27
CA GLN B 8 38.28 -7.88 15.24
C GLN B 8 37.92 -8.80 16.40
N HIS B 9 37.67 -8.23 17.58
CA HIS B 9 37.38 -9.03 18.77
C HIS B 9 36.05 -9.77 18.64
N TYR B 10 35.03 -9.10 18.09
CA TYR B 10 33.74 -9.75 17.91
C TYR B 10 33.83 -10.85 16.86
N LEU B 11 34.62 -10.64 15.81
CA LEU B 11 34.83 -11.68 14.80
C LEU B 11 35.57 -12.88 15.40
N ALA B 12 36.55 -12.62 16.26
CA ALA B 12 37.25 -13.71 16.94
C ALA B 12 36.33 -14.48 17.88
N ALA B 13 35.44 -13.76 18.59
CA ALA B 13 34.48 -14.41 19.46
C ALA B 13 33.49 -15.24 18.66
N LEU B 14 33.06 -14.75 17.50
CA LEU B 14 32.17 -15.52 16.64
C LEU B 14 32.87 -16.75 16.08
N ASN B 15 34.16 -16.62 15.77
CA ASN B 15 34.91 -17.75 15.25
C ASN B 15 35.16 -18.81 16.32
N GLU B 16 35.41 -18.39 17.56
CA GLU B 16 35.61 -19.37 18.61
C GLU B 16 34.30 -19.99 19.09
N ALA B 17 33.19 -19.25 19.03
CA ALA B 17 31.89 -19.83 19.36
C ALA B 17 31.35 -20.68 18.22
N PHE B 18 31.66 -20.31 16.99
CA PHE B 18 31.23 -21.05 15.80
C PHE B 18 32.43 -21.22 14.88
N PRO B 19 32.99 -22.42 14.78
CA PRO B 19 34.33 -22.56 14.15
C PRO B 19 34.35 -22.34 12.65
N GLY B 20 33.43 -22.94 11.91
CA GLY B 20 33.48 -22.86 10.47
C GLY B 20 32.22 -22.31 9.82
N VAL B 21 31.63 -21.30 10.43
CA VAL B 21 30.37 -20.73 9.97
C VAL B 21 30.60 -19.47 9.16
N VAL B 22 31.58 -18.65 9.53
CA VAL B 22 31.87 -17.41 8.82
C VAL B 22 32.51 -17.75 7.49
N LEU B 23 31.70 -17.77 6.42
CA LEU B 23 32.20 -18.16 5.11
C LEU B 23 33.07 -17.06 4.50
N ASP B 24 32.68 -15.80 4.69
CA ASP B 24 33.45 -14.67 4.18
C ASP B 24 33.20 -13.46 5.06
N HIS B 25 34.21 -12.62 5.18
CA HIS B 25 34.09 -11.38 5.94
C HIS B 25 34.91 -10.30 5.28
N ALA B 26 34.41 -9.07 5.35
CA ALA B 26 35.07 -7.92 4.74
C ALA B 26 34.72 -6.67 5.52
N TRP B 27 35.54 -5.64 5.33
CA TRP B 27 35.36 -4.36 6.01
C TRP B 27 34.90 -3.32 4.99
N GLN B 28 33.79 -2.66 5.30
CA GLN B 28 33.33 -1.55 4.47
C GLN B 28 34.12 -0.29 4.79
N THR B 29 34.10 0.13 6.06
CA THR B 29 34.98 1.17 6.57
C THR B 29 35.72 0.62 7.77
N LYS B 30 36.39 1.49 8.52
CA LYS B 30 37.12 1.04 9.71
C LYS B 30 36.17 0.47 10.77
N ASP B 31 35.04 1.15 10.99
CA ASP B 31 34.09 0.73 12.01
C ASP B 31 32.94 -0.11 11.45
N GLN B 32 32.96 -0.42 10.16
CA GLN B 32 31.90 -1.19 9.53
C GLN B 32 32.43 -2.57 9.13
N LEU B 33 31.65 -3.60 9.45
CA LEU B 33 32.05 -4.99 9.22
C LEU B 33 30.86 -5.77 8.73
N THR B 34 31.11 -6.71 7.83
CA THR B 34 30.10 -7.66 7.38
C THR B 34 30.68 -9.07 7.40
N VAL B 35 29.82 -10.03 7.71
CA VAL B 35 30.20 -11.45 7.71
C VAL B 35 29.14 -12.23 6.96
N THR B 36 29.60 -13.20 6.16
CA THR B 36 28.71 -14.12 5.48
C THR B 36 28.74 -15.45 6.23
N VAL B 37 27.60 -15.84 6.78
CA VAL B 37 27.50 -17.05 7.57
C VAL B 37 26.65 -18.06 6.82
N LYS B 38 26.62 -19.29 7.35
CA LYS B 38 25.80 -20.34 6.76
C LYS B 38 24.32 -20.04 6.97
N VAL B 39 23.50 -20.48 6.02
CA VAL B 39 22.07 -20.17 6.05
C VAL B 39 21.39 -20.90 7.19
N ASN B 40 21.67 -22.20 7.33
CA ASN B 40 21.02 -23.00 8.37
C ASN B 40 21.51 -22.68 9.77
N TYR B 41 22.64 -21.99 9.90
CA TYR B 41 23.18 -21.59 11.18
C TYR B 41 22.98 -20.11 11.47
N LEU B 42 22.12 -19.44 10.68
CA LEU B 42 21.91 -18.00 10.86
C LEU B 42 21.32 -17.59 12.20
N PRO B 43 20.22 -18.18 12.72
CA PRO B 43 19.64 -17.64 13.96
C PRO B 43 20.55 -17.72 15.18
N GLU B 44 21.48 -18.66 15.21
CA GLU B 44 22.38 -18.77 16.35
C GLU B 44 23.40 -17.63 16.37
N VAL B 45 23.87 -17.22 15.19
CA VAL B 45 24.91 -16.19 15.09
C VAL B 45 24.36 -14.84 15.53
N VAL B 46 23.19 -14.47 15.00
CA VAL B 46 22.60 -13.18 15.33
C VAL B 46 22.13 -13.14 16.78
N GLU B 47 21.60 -14.26 17.30
CA GLU B 47 21.22 -14.32 18.71
C GLU B 47 22.44 -14.21 19.61
N PHE B 48 23.55 -14.84 19.21
CA PHE B 48 24.80 -14.73 19.96
C PHE B 48 25.30 -13.29 20.00
N LEU B 49 25.37 -12.65 18.84
CA LEU B 49 25.83 -11.27 18.76
C LEU B 49 24.85 -10.28 19.41
N TYR B 50 23.58 -10.66 19.53
CA TYR B 50 22.58 -9.81 20.15
C TYR B 50 22.64 -9.90 21.67
N TYR B 51 22.47 -11.11 22.21
CA TYR B 51 22.36 -11.28 23.65
C TYR B 51 23.73 -11.36 24.32
N LYS B 52 24.62 -12.19 23.78
CA LYS B 52 25.89 -12.43 24.46
C LYS B 52 26.86 -11.27 24.28
N GLN B 53 26.88 -10.65 23.10
CA GLN B 53 27.83 -9.59 22.80
C GLN B 53 27.24 -8.20 22.96
N GLY B 54 25.98 -8.09 23.37
CA GLY B 54 25.35 -6.80 23.56
C GLY B 54 25.14 -5.99 22.29
N GLY B 55 24.67 -6.63 21.23
CA GLY B 55 24.41 -5.96 19.98
C GLY B 55 22.93 -5.68 19.82
N TRP B 56 22.62 -4.59 19.12
CA TRP B 56 21.24 -4.17 18.88
C TRP B 56 20.89 -4.40 17.42
N LEU B 57 19.77 -5.06 17.17
CA LEU B 57 19.32 -5.36 15.81
C LEU B 57 18.81 -4.07 15.19
N SER B 58 19.69 -3.40 14.43
CA SER B 58 19.33 -2.11 13.85
C SER B 58 18.34 -2.28 12.71
N VAL B 59 18.75 -2.95 11.64
CA VAL B 59 17.92 -3.13 10.46
C VAL B 59 18.25 -4.48 9.83
N LEU B 60 17.24 -5.15 9.30
CA LEU B 60 17.44 -6.36 8.52
C LEU B 60 16.58 -6.27 7.28
N PHE B 61 17.12 -6.72 6.15
CA PHE B 61 16.49 -6.47 4.86
C PHE B 61 16.96 -7.51 3.86
N GLY B 62 16.15 -7.70 2.82
CA GLY B 62 16.51 -8.58 1.73
C GLY B 62 17.22 -7.85 0.60
N ASN B 63 17.67 -8.64 -0.37
CA ASN B 63 18.31 -8.10 -1.56
C ASN B 63 18.09 -9.07 -2.71
N ASP B 64 18.22 -8.55 -3.93
CA ASP B 64 18.02 -9.33 -5.14
C ASP B 64 19.34 -9.38 -5.89
N GLU B 65 20.17 -10.37 -5.55
CA GLU B 65 21.47 -10.57 -6.16
C GLU B 65 21.52 -11.82 -7.03
N ARG B 66 20.40 -12.14 -7.70
CA ARG B 66 20.33 -13.35 -8.49
C ARG B 66 21.15 -13.28 -9.77
N LYS B 67 21.51 -12.08 -10.23
CA LYS B 67 22.41 -11.92 -11.37
C LYS B 67 23.82 -11.52 -10.93
N LEU B 68 24.07 -11.44 -9.63
CA LEU B 68 25.41 -11.19 -9.10
C LEU B 68 26.05 -12.46 -8.56
N ASN B 69 25.30 -13.25 -7.80
CA ASN B 69 25.80 -14.53 -7.28
C ASN B 69 24.76 -15.64 -7.36
N GLY B 70 23.61 -15.40 -7.97
CA GLY B 70 22.59 -16.42 -8.11
C GLY B 70 21.77 -16.68 -6.86
N HIS B 71 21.94 -15.88 -5.81
CA HIS B 71 21.26 -16.10 -4.55
C HIS B 71 20.68 -14.80 -4.04
N TYR B 72 19.60 -14.91 -3.26
CA TYR B 72 19.12 -13.79 -2.48
C TYR B 72 20.07 -13.49 -1.34
N ALA B 73 20.03 -12.24 -0.86
CA ALA B 73 20.87 -11.81 0.25
C ALA B 73 19.99 -11.15 1.30
N VAL B 74 19.96 -11.74 2.50
CA VAL B 74 19.30 -11.14 3.65
C VAL B 74 20.37 -10.67 4.62
N TYR B 75 20.39 -9.37 4.89
CA TYR B 75 21.39 -8.78 5.76
C TYR B 75 20.80 -8.61 7.16
N TYR B 76 21.67 -8.62 8.17
CA TYR B 76 21.26 -8.47 9.56
C TYR B 76 22.25 -7.50 10.22
N VAL B 77 21.90 -6.23 10.25
CA VAL B 77 22.79 -5.20 10.78
C VAL B 77 22.68 -5.19 12.29
N LEU B 78 23.81 -5.36 12.97
CA LEU B 78 23.90 -5.35 14.42
C LEU B 78 24.86 -4.25 14.85
N SER B 79 24.46 -3.49 15.88
CA SER B 79 25.27 -2.40 16.39
C SER B 79 25.94 -2.84 17.69
N MET B 80 27.26 -2.95 17.67
CA MET B 80 28.02 -3.32 18.87
C MET B 80 28.16 -2.09 19.75
N GLU B 81 27.64 -2.19 20.98
CA GLU B 81 27.57 -1.03 21.88
C GLU B 81 28.12 -1.31 23.26
N LYS B 82 29.03 -2.27 23.41
CA LYS B 82 29.72 -2.48 24.69
C LYS B 82 31.09 -1.83 24.67
N THR B 96 36.26 -1.02 19.60
CA THR B 96 35.26 -0.68 20.59
C THR B 96 33.84 -0.90 20.06
N LYS B 97 33.21 0.17 19.60
CA LYS B 97 31.85 0.11 19.08
C LYS B 97 31.90 0.14 17.56
N CYS B 98 31.28 -0.86 16.92
CA CYS B 98 31.36 -1.04 15.49
C CYS B 98 30.03 -1.56 14.97
N TRP B 99 29.96 -1.74 13.65
CA TRP B 99 28.78 -2.29 12.97
C TRP B 99 29.13 -3.66 12.42
N ILE B 100 28.28 -4.65 12.71
CA ILE B 100 28.42 -5.99 12.17
C ILE B 100 27.15 -6.33 11.40
N THR B 101 27.31 -6.68 10.13
CA THR B 101 26.21 -7.13 9.29
C THR B 101 26.34 -8.62 9.05
N VAL B 102 25.26 -9.35 9.27
CA VAL B 102 25.22 -10.80 9.07
C VAL B 102 24.50 -11.07 7.76
N ARG B 103 25.23 -11.62 6.80
CA ARG B 103 24.72 -11.85 5.45
C ARG B 103 24.55 -13.34 5.21
N VAL B 104 23.42 -13.71 4.62
CA VAL B 104 23.13 -15.10 4.26
C VAL B 104 22.75 -15.13 2.78
N GLU B 105 22.92 -16.31 2.18
CA GLU B 105 22.69 -16.52 0.75
C GLU B 105 21.51 -17.47 0.59
N VAL B 106 20.31 -16.88 0.54
CA VAL B 106 19.10 -17.67 0.38
C VAL B 106 19.03 -18.23 -1.04
N ASP B 107 18.62 -19.49 -1.16
CA ASP B 107 18.58 -20.17 -2.45
C ASP B 107 17.51 -19.55 -3.35
N ALA B 108 17.74 -19.66 -4.66
CA ALA B 108 16.95 -18.89 -5.63
C ALA B 108 15.57 -19.50 -5.85
N ASN B 109 15.52 -20.74 -6.36
CA ASN B 109 14.23 -21.32 -6.73
C ASN B 109 13.40 -21.78 -5.54
N LYS B 110 14.03 -21.95 -4.37
CA LYS B 110 13.32 -22.26 -3.13
C LYS B 110 13.77 -21.23 -2.10
N PRO B 111 13.17 -20.04 -2.09
CA PRO B 111 13.60 -19.02 -1.13
C PRO B 111 13.08 -19.29 0.27
N GLU B 112 13.94 -19.84 1.13
CA GLU B 112 13.60 -20.16 2.51
C GLU B 112 14.87 -20.07 3.34
N TYR B 113 14.81 -19.32 4.43
CA TYR B 113 15.92 -19.23 5.38
C TYR B 113 15.35 -19.27 6.79
N PRO B 114 16.12 -19.78 7.76
CA PRO B 114 15.60 -19.86 9.13
C PRO B 114 15.38 -18.48 9.75
N SER B 115 14.31 -18.36 10.52
CA SER B 115 13.88 -17.08 11.08
C SER B 115 14.57 -16.78 12.40
N VAL B 116 14.55 -15.50 12.75
CA VAL B 116 15.20 -15.01 13.96
C VAL B 116 14.18 -14.57 15.02
N THR B 117 12.95 -14.25 14.62
CA THR B 117 11.91 -13.79 15.55
C THR B 117 11.65 -14.69 16.76
N PRO B 118 11.66 -16.02 16.67
CA PRO B 118 11.60 -16.83 17.91
C PRO B 118 12.77 -16.63 18.85
N ARG B 119 13.90 -16.12 18.37
CA ARG B 119 15.07 -15.87 19.23
C ARG B 119 15.24 -14.40 19.58
N VAL B 120 15.22 -13.51 18.58
CA VAL B 120 15.35 -12.08 18.78
C VAL B 120 14.01 -11.44 18.45
N PRO B 121 13.32 -10.83 19.42
CA PRO B 121 12.01 -10.23 19.13
C PRO B 121 12.07 -9.00 18.23
N ALA B 122 13.23 -8.37 18.07
CA ALA B 122 13.36 -7.21 17.19
C ALA B 122 13.28 -7.59 15.71
N ALA B 123 13.27 -8.88 15.38
CA ALA B 123 13.18 -9.35 14.01
C ALA B 123 11.76 -9.70 13.58
N VAL B 124 10.77 -8.95 14.07
CA VAL B 124 9.39 -9.32 13.83
C VAL B 124 8.79 -8.62 12.62
N TRP B 125 9.22 -7.39 12.30
CA TRP B 125 8.67 -6.70 11.14
C TRP B 125 9.61 -6.67 9.95
N GLY B 126 10.93 -6.71 10.16
CA GLY B 126 11.83 -6.84 9.05
C GLY B 126 11.64 -8.16 8.32
N GLU B 127 11.35 -9.23 9.06
CA GLU B 127 11.05 -10.52 8.46
C GLU B 127 9.63 -10.62 7.95
N ARG B 128 8.76 -9.68 8.31
CA ARG B 128 7.45 -9.56 7.68
C ARG B 128 7.52 -8.71 6.41
N GLU B 129 8.44 -7.75 6.37
CA GLU B 129 8.62 -6.94 5.16
C GLU B 129 9.27 -7.75 4.05
N VAL B 130 10.20 -8.64 4.39
CA VAL B 130 10.89 -9.42 3.39
C VAL B 130 9.98 -10.49 2.81
N ARG B 131 8.91 -10.86 3.52
CA ARG B 131 7.91 -11.76 2.95
C ARG B 131 7.10 -11.08 1.85
N ASP B 132 6.97 -9.76 1.92
CA ASP B 132 6.16 -8.99 0.98
C ASP B 132 6.97 -8.39 -0.16
N MET B 133 8.12 -7.79 0.13
CA MET B 133 8.90 -7.12 -0.90
C MET B 133 9.62 -8.10 -1.80
N TYR B 134 10.18 -9.17 -1.22
CA TYR B 134 10.99 -10.12 -1.98
C TYR B 134 10.38 -11.52 -2.06
N GLY B 135 9.37 -11.82 -1.25
CA GLY B 135 8.75 -13.13 -1.30
C GLY B 135 9.53 -14.23 -0.60
N LEU B 136 10.60 -13.89 0.10
CA LEU B 136 11.36 -14.89 0.83
C LEU B 136 10.57 -15.34 2.05
N ILE B 137 10.76 -16.59 2.44
CA ILE B 137 9.94 -17.20 3.49
C ILE B 137 10.80 -17.54 4.69
N PRO B 138 10.80 -16.71 5.74
CA PRO B 138 11.43 -17.12 7.00
C PRO B 138 10.58 -18.18 7.69
N VAL B 139 11.09 -19.40 7.72
CA VAL B 139 10.38 -20.52 8.34
C VAL B 139 10.45 -20.39 9.86
N GLY B 140 9.32 -20.59 10.51
CA GLY B 140 9.22 -20.42 11.95
C GLY B 140 8.79 -19.05 12.41
N LEU B 141 8.48 -18.15 11.51
CA LEU B 141 8.00 -16.82 11.87
C LEU B 141 6.56 -16.91 12.36
N PRO B 142 6.26 -16.50 13.60
CA PRO B 142 4.86 -16.61 14.06
C PRO B 142 3.93 -15.60 13.43
N ASP B 143 4.36 -14.34 13.29
CA ASP B 143 3.52 -13.29 12.70
C ASP B 143 3.70 -13.35 11.18
N GLU B 144 2.74 -13.99 10.50
CA GLU B 144 2.81 -14.17 9.07
C GLU B 144 1.91 -13.21 8.30
N ARG B 145 1.31 -12.23 8.98
CA ARG B 145 0.38 -11.32 8.33
C ARG B 145 1.13 -10.34 7.44
N ARG B 146 0.40 -9.81 6.45
CA ARG B 146 0.94 -8.79 5.56
C ARG B 146 1.19 -7.50 6.33
N LEU B 147 2.33 -6.86 6.07
CA LEU B 147 2.75 -5.70 6.84
C LEU B 147 2.76 -4.42 6.02
N VAL B 148 3.49 -4.38 4.92
CA VAL B 148 3.72 -3.15 4.17
C VAL B 148 2.76 -3.02 2.99
N LEU B 149 2.57 -4.10 2.24
CA LEU B 149 1.67 -4.06 1.10
C LEU B 149 0.23 -3.90 1.55
N PRO B 150 -0.59 -3.19 0.76
CA PRO B 150 -1.99 -3.01 1.13
C PRO B 150 -2.79 -4.30 0.99
N ASP B 151 -4.03 -4.25 1.49
CA ASP B 151 -4.88 -5.43 1.51
C ASP B 151 -5.40 -5.83 0.14
N ASP B 152 -5.42 -4.90 -0.82
CA ASP B 152 -5.89 -5.21 -2.17
C ASP B 152 -4.77 -5.67 -3.09
N TRP B 153 -3.54 -5.79 -2.58
CA TRP B 153 -2.43 -6.25 -3.41
C TRP B 153 -2.58 -7.73 -3.72
N PRO B 154 -2.37 -8.04 -5.04
CA PRO B 154 -2.43 -9.39 -5.53
C PRO B 154 -1.33 -10.19 -4.85
N ASP B 155 -1.53 -11.46 -4.72
CA ASP B 155 -0.56 -12.16 -3.88
C ASP B 155 0.87 -12.17 -4.39
N GLU B 156 1.18 -12.88 -5.46
CA GLU B 156 2.59 -13.15 -5.81
C GLU B 156 3.32 -12.01 -6.48
N LEU B 157 2.75 -10.85 -6.54
CA LEU B 157 3.58 -9.80 -7.14
C LEU B 157 4.45 -9.29 -6.00
N TYR B 158 5.75 -9.60 -6.01
CA TYR B 158 6.70 -9.16 -4.98
C TYR B 158 7.36 -7.90 -5.53
N PRO B 159 7.09 -6.65 -5.07
CA PRO B 159 7.58 -5.45 -5.76
C PRO B 159 9.09 -5.35 -5.89
N LEU B 160 9.84 -5.58 -4.81
CA LEU B 160 11.27 -5.32 -4.83
C LEU B 160 12.09 -6.37 -5.56
N ARG B 161 11.48 -7.46 -6.03
CA ARG B 161 12.17 -8.33 -6.98
C ARG B 161 12.40 -7.56 -8.27
N LYS B 162 13.61 -7.68 -8.82
CA LYS B 162 14.02 -6.84 -9.93
C LYS B 162 13.42 -7.26 -11.27
N ASP B 163 12.65 -8.33 -11.26
CA ASP B 163 12.06 -8.88 -12.50
C ASP B 163 10.59 -9.25 -12.30
N SER B 164 10.00 -9.01 -11.13
CA SER B 164 8.57 -9.29 -10.85
C SER B 164 7.63 -8.40 -11.64
N MET B 165 7.94 -7.12 -11.75
CA MET B 165 7.01 -6.17 -12.39
C MET B 165 7.73 -4.89 -12.75
N ASP B 166 7.13 -4.06 -13.58
CA ASP B 166 7.70 -2.71 -13.83
C ASP B 166 7.31 -1.82 -12.66
N TYR B 167 8.11 -0.82 -12.33
CA TYR B 167 7.76 0.11 -11.24
C TYR B 167 6.46 0.82 -11.55
N ARG B 168 6.11 1.00 -12.81
CA ARG B 168 4.96 1.79 -13.23
C ARG B 168 3.67 0.97 -13.30
N GLN B 169 3.75 -0.35 -13.12
CA GLN B 169 2.58 -1.20 -13.24
C GLN B 169 1.71 -1.09 -11.99
N ARG B 170 0.40 -1.06 -12.19
CA ARG B 170 -0.56 -0.94 -11.10
C ARG B 170 -1.61 -2.04 -11.22
N PRO B 171 -1.60 -3.03 -10.32
CA PRO B 171 -2.60 -4.09 -10.40
C PRO B 171 -3.98 -3.58 -10.00
N ALA B 172 -4.99 -4.30 -10.47
CA ALA B 172 -6.35 -3.99 -10.07
C ALA B 172 -6.56 -4.35 -8.60
N PRO B 173 -7.25 -3.51 -7.83
CA PRO B 173 -7.49 -3.83 -6.42
C PRO B 173 -8.46 -5.00 -6.29
N THR B 174 -8.06 -6.00 -5.49
CA THR B 174 -8.89 -7.18 -5.33
C THR B 174 -10.14 -6.88 -4.51
N THR B 175 -10.00 -6.12 -3.43
CA THR B 175 -11.10 -5.78 -2.55
C THR B 175 -11.10 -4.28 -2.27
N ASP B 176 -12.30 -3.75 -2.02
CA ASP B 176 -12.44 -2.38 -1.54
C ASP B 176 -12.42 -2.30 -0.02
N ALA B 177 -12.86 -3.36 0.66
CA ALA B 177 -12.85 -3.41 2.11
C ALA B 177 -11.53 -3.96 2.62
N GLU B 178 -11.15 -3.53 3.81
CA GLU B 178 -9.92 -4.00 4.43
C GLU B 178 -10.09 -5.42 4.94
N THR B 179 -9.15 -6.29 4.59
CA THR B 179 -9.17 -7.69 4.99
C THR B 179 -8.14 -8.02 6.05
N TYR B 180 -7.56 -7.02 6.70
CA TYR B 180 -6.56 -7.24 7.72
C TYR B 180 -7.16 -7.89 8.95
N GLU B 181 -6.40 -8.77 9.59
CA GLU B 181 -6.82 -9.47 10.79
C GLU B 181 -6.08 -8.89 11.99
N PHE B 182 -6.84 -8.49 13.01
CA PHE B 182 -6.29 -7.95 14.23
C PHE B 182 -6.37 -8.99 15.33
N ILE B 183 -5.27 -9.20 16.04
CA ILE B 183 -5.23 -10.20 17.11
C ILE B 183 -5.62 -9.55 18.43
N ASN B 184 -6.25 -10.35 19.28
CA ASN B 184 -6.64 -9.93 20.63
C ASN B 184 -5.96 -10.89 21.60
N GLU B 185 -4.81 -10.47 22.14
CA GLU B 185 -4.03 -11.34 23.00
C GLU B 185 -4.69 -11.53 24.37
N LEU B 186 -5.17 -10.44 24.96
CA LEU B 186 -5.73 -10.48 26.30
C LEU B 186 -7.24 -10.34 26.36
N GLY B 187 -7.87 -9.86 25.30
CA GLY B 187 -9.31 -9.67 25.27
C GLY B 187 -10.04 -10.92 24.81
N ASP B 188 -11.30 -10.74 24.46
CA ASP B 188 -12.15 -11.82 23.98
C ASP B 188 -13.15 -11.25 22.98
N LYS B 189 -14.21 -12.01 22.71
CA LYS B 189 -15.22 -11.63 21.73
C LYS B 189 -16.25 -10.66 22.28
N LYS B 190 -16.12 -10.22 23.52
CA LYS B 190 -17.02 -9.24 24.12
C LYS B 190 -16.46 -7.83 24.15
N ASN B 191 -15.16 -7.67 23.87
CA ASN B 191 -14.54 -6.35 23.92
C ASN B 191 -14.93 -5.51 22.70
N ASN B 192 -15.06 -4.22 22.92
CA ASN B 192 -15.31 -3.25 21.87
C ASN B 192 -14.00 -2.65 21.40
N VAL B 193 -14.04 -1.97 20.25
CA VAL B 193 -12.86 -1.40 19.63
C VAL B 193 -13.07 0.10 19.43
N VAL B 194 -11.99 0.86 19.62
CA VAL B 194 -12.00 2.30 19.41
C VAL B 194 -10.96 2.65 18.36
N PRO B 195 -11.41 3.02 17.14
CA PRO B 195 -10.50 3.27 16.08
C PRO B 195 -9.85 4.60 16.41
N ILE B 196 -8.69 4.89 15.85
CA ILE B 196 -7.94 6.14 16.11
C ILE B 196 -7.20 6.33 14.81
N GLY B 197 -7.82 5.91 13.72
CA GLY B 197 -7.29 6.01 12.38
C GLY B 197 -8.11 5.27 11.34
N PRO B 198 -7.74 5.45 10.05
CA PRO B 198 -6.64 6.28 9.57
C PRO B 198 -6.95 7.77 9.46
N LEU B 199 -8.23 8.14 9.43
CA LEU B 199 -8.65 9.53 9.31
C LEU B 199 -9.10 10.03 10.67
N HIS B 200 -8.15 10.56 11.44
CA HIS B 200 -8.42 11.09 12.76
C HIS B 200 -7.86 12.50 12.87
N VAL B 201 -8.61 13.37 13.56
CA VAL B 201 -8.16 14.74 13.75
C VAL B 201 -7.05 14.77 14.79
N THR B 202 -6.11 15.72 14.61
CA THR B 202 -4.88 15.93 15.39
C THR B 202 -3.89 14.78 15.27
N SER B 203 -4.24 13.73 14.52
CA SER B 203 -3.26 12.72 14.15
C SER B 203 -2.44 13.20 12.96
N ASP B 204 -3.08 13.92 12.03
CA ASP B 204 -2.46 14.62 10.90
C ASP B 204 -1.73 13.71 9.93
N GLU B 205 -1.92 12.39 10.07
CA GLU B 205 -1.19 11.42 9.28
C GLU B 205 -1.87 10.07 9.45
N PRO B 206 -2.07 9.31 8.36
CA PRO B 206 -2.85 8.07 8.44
C PRO B 206 -2.15 6.96 9.20
N GLY B 207 -2.87 6.37 10.14
CA GLY B 207 -2.49 5.12 10.77
C GLY B 207 -3.63 4.60 11.62
N HIS B 208 -4.02 3.36 11.42
CA HIS B 208 -5.17 2.80 12.13
C HIS B 208 -4.74 2.20 13.45
N PHE B 209 -5.62 2.30 14.44
CA PHE B 209 -5.41 1.68 15.75
C PHE B 209 -6.70 0.99 16.19
N ARG B 210 -6.54 -0.13 16.89
CA ARG B 210 -7.67 -0.90 17.41
C ARG B 210 -7.47 -1.07 18.91
N LEU B 211 -8.12 -0.23 19.71
CA LEU B 211 -8.06 -0.32 21.16
C LEU B 211 -9.14 -1.29 21.63
N PHE B 212 -8.76 -2.53 21.89
CA PHE B 212 -9.67 -3.52 22.46
C PHE B 212 -9.90 -3.15 23.92
N VAL B 213 -10.94 -2.34 24.11
CA VAL B 213 -11.27 -1.71 25.42
C VAL B 213 -12.41 -2.38 26.17
N ASP B 214 -12.36 -2.32 27.50
CA ASP B 214 -13.45 -2.82 28.37
C ASP B 214 -13.75 -1.64 29.29
N GLY B 215 -14.59 -0.72 28.83
CA GLY B 215 -14.78 0.53 29.59
C GLY B 215 -13.92 1.60 28.95
N GLU B 216 -13.15 2.30 29.74
CA GLU B 216 -12.21 3.28 29.18
C GLU B 216 -10.82 2.67 29.27
N ASN B 217 -10.67 1.53 29.94
CA ASN B 217 -9.36 0.86 30.10
C ASN B 217 -9.03 0.09 28.82
N ILE B 218 -7.78 0.13 28.36
CA ILE B 218 -7.37 -0.62 27.15
C ILE B 218 -6.91 -1.99 27.60
N ILE B 219 -7.62 -3.03 27.23
CA ILE B 219 -7.16 -4.38 27.50
C ILE B 219 -6.04 -4.77 26.54
N ASP B 220 -6.25 -4.59 25.25
CA ASP B 220 -5.26 -4.89 24.23
C ASP B 220 -5.33 -3.82 23.15
N ALA B 221 -4.25 -3.72 22.37
CA ALA B 221 -4.15 -2.71 21.32
C ALA B 221 -3.39 -3.28 20.14
N ASP B 222 -4.09 -3.47 19.03
CA ASP B 222 -3.47 -3.79 17.75
C ASP B 222 -3.63 -2.60 16.81
N TYR B 223 -2.82 -2.57 15.78
CA TYR B 223 -2.82 -1.45 14.85
C TYR B 223 -2.48 -1.92 13.44
N ARG B 224 -3.01 -1.20 12.46
CA ARG B 224 -2.70 -1.41 11.06
C ARG B 224 -1.97 -0.18 10.54
N LEU B 225 -0.83 -0.39 9.91
CA LEU B 225 0.00 0.72 9.45
C LEU B 225 0.29 0.58 7.96
N PHE B 226 1.24 1.38 7.47
CA PHE B 226 1.66 1.39 6.07
C PHE B 226 0.51 1.78 5.14
N TYR B 227 -0.24 2.80 5.56
CA TYR B 227 -1.19 3.48 4.69
C TYR B 227 -0.51 4.52 3.81
N VAL B 228 0.74 4.86 4.09
CA VAL B 228 1.45 5.93 3.40
C VAL B 228 2.61 5.22 2.71
N HIS B 229 2.41 3.95 2.36
CA HIS B 229 3.45 3.20 1.66
C HIS B 229 3.40 3.61 0.20
N ARG B 230 4.26 4.57 -0.17
CA ARG B 230 4.37 4.95 -1.57
C ARG B 230 5.06 3.86 -2.38
N GLY B 231 6.19 3.35 -1.88
CA GLY B 231 6.97 2.38 -2.61
C GLY B 231 8.24 2.98 -3.19
N MET B 232 8.88 3.86 -2.41
CA MET B 232 10.04 4.60 -2.90
C MET B 232 11.32 3.77 -2.89
N GLU B 233 11.31 2.57 -2.28
CA GLU B 233 12.48 1.71 -2.37
C GLU B 233 12.70 1.21 -3.79
N LYS B 234 11.62 0.85 -4.49
CA LYS B 234 11.74 0.43 -5.88
C LYS B 234 12.02 1.61 -6.79
N LEU B 235 11.40 2.76 -6.52
CA LEU B 235 11.56 3.91 -7.39
C LEU B 235 12.95 4.54 -7.28
N ALA B 236 13.64 4.33 -6.16
CA ALA B 236 14.99 4.86 -6.00
C ALA B 236 16.03 4.11 -6.81
N GLU B 237 15.70 2.92 -7.31
CA GLU B 237 16.64 2.12 -8.09
C GLU B 237 16.27 2.00 -9.56
N THR B 238 15.14 2.56 -9.99
CA THR B 238 14.68 2.46 -11.36
C THR B 238 14.68 3.78 -12.11
N ARG B 239 13.99 4.80 -11.59
CA ARG B 239 13.82 6.07 -12.28
C ARG B 239 14.79 7.14 -11.82
N MET B 240 15.55 6.88 -10.76
CA MET B 240 16.19 7.95 -10.02
C MET B 240 17.65 7.59 -9.73
N GLY B 241 18.50 8.61 -9.73
CA GLY B 241 19.94 8.43 -9.77
C GLY B 241 20.67 8.37 -8.43
N TYR B 242 21.66 9.25 -8.24
CA TYR B 242 22.39 9.38 -6.98
C TYR B 242 22.11 10.70 -6.28
N ASN B 243 22.37 11.82 -6.96
CA ASN B 243 22.11 13.13 -6.38
C ASN B 243 20.63 13.43 -6.24
N GLU B 244 19.77 12.72 -7.00
CA GLU B 244 18.33 12.92 -6.97
C GLU B 244 17.63 12.18 -5.83
N VAL B 245 18.27 11.16 -5.24
CA VAL B 245 17.66 10.48 -4.11
C VAL B 245 17.73 11.35 -2.86
N THR B 246 18.65 12.31 -2.80
CA THR B 246 18.65 13.29 -1.72
C THR B 246 17.36 14.11 -1.71
N PHE B 247 16.74 14.29 -2.87
CA PHE B 247 15.40 14.88 -2.91
C PHE B 247 14.33 13.89 -2.50
N LEU B 248 14.54 12.59 -2.77
CA LEU B 248 13.59 11.58 -2.32
C LEU B 248 13.60 11.46 -0.80
N SER B 249 14.80 11.55 -0.19
CA SER B 249 14.92 11.42 1.26
C SER B 249 14.33 12.62 1.99
N ASP B 250 14.42 13.81 1.39
CA ASP B 250 13.81 14.99 1.99
C ASP B 250 12.29 14.94 1.94
N ARG B 251 11.72 14.32 0.93
CA ARG B 251 10.25 14.28 0.74
C ARG B 251 9.67 13.00 1.32
N VAL B 252 10.34 12.36 2.28
CA VAL B 252 9.75 11.27 3.02
C VAL B 252 8.85 11.87 4.09
N CYS B 253 9.46 12.54 5.08
CA CYS B 253 8.65 13.36 6.02
C CYS B 253 9.29 14.74 6.12
N GLY B 254 8.52 15.76 6.51
CA GLY B 254 8.97 17.14 6.50
C GLY B 254 9.89 17.51 7.66
N ILE B 255 9.93 16.64 8.65
CA ILE B 255 10.68 16.96 9.88
C ILE B 255 11.94 16.10 10.04
N CYS B 256 12.07 14.95 9.36
CA CYS B 256 13.33 14.18 9.40
C CYS B 256 14.09 14.37 8.10
N GLY B 257 13.66 15.30 7.26
CA GLY B 257 14.26 15.44 5.94
C GLY B 257 15.76 15.47 5.93
N PHE B 258 16.37 16.29 6.78
CA PHE B 258 17.83 16.35 6.83
C PHE B 258 18.42 15.13 7.52
N ALA B 259 17.62 14.40 8.29
CA ALA B 259 18.10 13.15 8.89
C ALA B 259 18.24 12.06 7.84
N HIS B 260 17.21 11.89 6.99
CA HIS B 260 17.29 10.88 5.92
C HIS B 260 18.36 11.23 4.89
N SER B 261 18.47 12.52 4.53
CA SER B 261 19.44 12.91 3.51
C SER B 261 20.87 12.68 3.99
N THR B 262 21.17 13.05 5.24
CA THR B 262 22.51 12.80 5.78
C THR B 262 22.77 11.31 5.97
N ALA B 263 21.74 10.54 6.32
CA ALA B 263 21.90 9.09 6.43
C ALA B 263 22.15 8.44 5.07
N TYR B 264 21.46 8.91 4.03
CA TYR B 264 21.71 8.39 2.69
C TYR B 264 23.04 8.86 2.14
N THR B 265 23.39 10.14 2.33
CA THR B 265 24.64 10.66 1.79
C THR B 265 25.84 9.96 2.39
N THR B 266 25.84 9.75 3.71
CA THR B 266 26.95 9.06 4.35
C THR B 266 27.00 7.58 4.01
N SER B 267 25.91 7.00 3.52
CA SER B 267 25.96 5.63 3.04
C SER B 267 26.71 5.53 1.72
N VAL B 268 26.49 6.50 0.82
CA VAL B 268 27.24 6.53 -0.43
C VAL B 268 28.66 7.08 -0.32
N GLU B 269 28.94 7.89 0.66
CA GLU B 269 30.33 8.35 0.79
C GLU B 269 31.14 7.35 1.56
N ASN B 270 30.51 6.48 2.33
CA ASN B 270 31.24 5.41 2.99
C ASN B 270 31.44 4.26 2.01
N ALA B 271 30.55 4.12 1.01
CA ALA B 271 30.71 3.04 0.04
C ALA B 271 31.95 3.22 -0.82
N MET B 272 32.31 4.47 -1.12
CA MET B 272 33.58 4.82 -1.70
C MET B 272 34.44 5.46 -0.62
N GLY B 273 35.60 5.97 -1.01
CA GLY B 273 36.40 6.71 -0.06
C GLY B 273 35.78 8.04 0.29
N ILE B 274 35.80 8.98 -0.67
CA ILE B 274 35.28 10.34 -0.57
C ILE B 274 35.75 11.03 0.71
N GLN B 275 36.96 11.58 0.69
CA GLN B 275 37.47 12.34 1.82
C GLN B 275 36.84 13.73 1.76
N VAL B 276 35.69 13.88 2.43
CA VAL B 276 34.88 15.09 2.39
C VAL B 276 35.62 16.24 3.06
N PRO B 277 35.38 17.49 2.65
CA PRO B 277 36.13 18.60 3.26
C PRO B 277 35.71 18.85 4.70
N GLU B 278 36.55 19.61 5.41
CA GLU B 278 36.50 19.63 6.87
C GLU B 278 35.23 20.28 7.40
N ARG B 279 34.90 21.47 6.89
CA ARG B 279 33.71 22.14 7.39
C ARG B 279 32.43 21.54 6.85
N ALA B 280 32.49 20.80 5.74
CA ALA B 280 31.29 20.19 5.19
C ALA B 280 30.78 19.02 6.02
N GLN B 281 31.60 18.50 6.94
CA GLN B 281 31.12 17.51 7.90
C GLN B 281 30.30 18.16 9.00
N MET B 282 30.88 19.10 9.75
CA MET B 282 30.26 19.57 10.98
C MET B 282 29.17 20.62 10.75
N ILE B 283 29.07 21.19 9.54
CA ILE B 283 27.88 21.99 9.21
C ILE B 283 26.66 21.09 9.11
N ARG B 284 26.83 19.86 8.59
CA ARG B 284 25.77 18.87 8.66
C ARG B 284 25.43 18.52 10.11
N ALA B 285 26.43 18.53 10.99
CA ALA B 285 26.17 18.33 12.41
C ALA B 285 25.40 19.49 13.01
N ILE B 286 25.64 20.71 12.50
CA ILE B 286 24.89 21.88 12.97
C ILE B 286 23.43 21.78 12.54
N LEU B 287 23.19 21.47 11.26
CA LEU B 287 21.83 21.41 10.75
C LEU B 287 21.08 20.17 11.24
N LEU B 288 21.79 19.10 11.60
CA LEU B 288 21.12 17.94 12.18
C LEU B 288 20.55 18.26 13.56
N GLU B 289 21.27 19.06 14.35
CA GLU B 289 20.76 19.49 15.64
C GLU B 289 19.72 20.58 15.54
N VAL B 290 19.85 21.49 14.57
CA VAL B 290 18.86 22.55 14.35
C VAL B 290 17.50 21.93 14.04
N GLU B 291 17.49 20.82 13.30
CA GLU B 291 16.25 20.12 13.01
C GLU B 291 15.62 19.51 14.26
N ARG B 292 16.43 19.10 15.24
CA ARG B 292 15.84 18.50 16.44
C ARG B 292 15.36 19.55 17.43
N LEU B 293 15.81 20.80 17.29
CA LEU B 293 15.08 21.92 17.89
C LEU B 293 13.68 22.02 17.32
N HIS B 294 13.55 21.83 16.00
CA HIS B 294 12.26 21.95 15.33
C HIS B 294 11.32 20.80 15.72
N SER B 295 11.86 19.59 15.86
CA SER B 295 10.99 18.43 16.05
C SER B 295 10.66 18.19 17.51
N HIS B 296 11.60 18.45 18.43
CA HIS B 296 11.30 18.25 19.85
C HIS B 296 10.33 19.30 20.37
N LEU B 297 10.52 20.56 19.99
CA LEU B 297 9.63 21.61 20.43
C LEU B 297 8.24 21.50 19.80
N LEU B 298 8.10 20.76 18.70
CA LEU B 298 6.79 20.43 18.19
C LEU B 298 6.12 19.37 19.05
N ASN B 299 6.88 18.35 19.47
CA ASN B 299 6.33 17.30 20.32
C ASN B 299 5.99 17.83 21.70
N LEU B 300 6.82 18.74 22.23
CA LEU B 300 6.51 19.35 23.52
C LEU B 300 5.28 20.24 23.45
N GLY B 301 5.04 20.87 22.30
CA GLY B 301 3.78 21.56 22.11
C GLY B 301 2.60 20.60 22.06
N LEU B 302 2.79 19.44 21.41
CA LEU B 302 1.75 18.42 21.40
C LEU B 302 1.64 17.72 22.75
N ALA B 303 2.71 17.77 23.55
CA ALA B 303 2.64 17.22 24.91
C ALA B 303 1.72 18.03 25.80
N CYS B 304 1.68 19.35 25.61
CA CYS B 304 0.75 20.20 26.34
C CYS B 304 -0.65 20.19 25.76
N HIS B 305 -0.88 19.73 24.54
CA HIS B 305 -2.23 19.80 23.95
C HIS B 305 -3.05 18.60 24.39
N PHE B 306 -2.43 17.62 25.04
CA PHE B 306 -3.18 16.46 25.57
C PHE B 306 -3.04 16.49 27.08
N THR B 307 -1.93 17.02 27.59
CA THR B 307 -1.89 17.12 29.07
C THR B 307 -3.03 18.06 29.46
N GLY B 308 -3.18 19.19 28.75
CA GLY B 308 -4.30 20.10 28.99
C GLY B 308 -4.06 21.48 28.46
N PHE B 309 -3.09 22.16 29.02
CA PHE B 309 -3.00 23.58 28.65
C PHE B 309 -2.80 23.78 27.17
N ASP B 310 -3.49 24.79 26.66
CA ASP B 310 -3.31 25.10 25.21
C ASP B 310 -2.43 26.35 25.12
N SER B 311 -2.40 27.14 26.19
CA SER B 311 -1.50 28.30 26.20
C SER B 311 -0.09 27.84 26.53
N GLY B 312 0.13 26.51 26.53
CA GLY B 312 1.50 25.98 26.64
C GLY B 312 1.89 25.45 25.29
N PHE B 313 0.89 25.16 24.47
CA PHE B 313 1.11 24.69 23.09
C PHE B 313 1.43 25.91 22.21
N MET B 314 0.51 26.85 21.98
CA MET B 314 0.74 28.03 21.16
C MET B 314 2.07 28.70 21.50
N GLN B 315 2.50 28.61 22.77
CA GLN B 315 3.77 29.21 23.14
C GLN B 315 4.96 28.34 22.74
N PHE B 316 4.80 27.02 22.74
CA PHE B 316 5.81 26.16 22.15
C PHE B 316 5.83 26.30 20.63
N PHE B 317 4.68 26.65 20.05
CA PHE B 317 4.65 27.02 18.64
C PHE B 317 5.49 28.27 18.39
N ARG B 318 5.51 29.19 19.36
CA ARG B 318 6.27 30.43 19.22
C ARG B 318 7.77 30.17 19.28
N VAL B 319 8.22 29.36 20.23
CA VAL B 319 9.64 29.02 20.30
C VAL B 319 10.02 28.06 19.19
N ARG B 320 9.04 27.36 18.60
CA ARG B 320 9.32 26.59 17.39
C ARG B 320 9.53 27.52 16.20
N GLU B 321 8.87 28.67 16.19
CA GLU B 321 9.01 29.61 15.07
C GLU B 321 10.39 30.22 15.02
N THR B 322 10.97 30.55 16.18
CA THR B 322 12.34 31.07 16.18
C THR B 322 13.37 29.98 15.96
N SER B 323 13.00 28.72 16.17
CA SER B 323 13.81 27.62 15.65
C SER B 323 13.66 27.52 14.15
N MET B 324 12.47 27.83 13.63
CA MET B 324 12.28 27.94 12.18
C MET B 324 12.95 29.18 11.60
N LYS B 325 13.25 30.18 12.44
CA LYS B 325 13.91 31.37 11.92
C LYS B 325 15.38 31.13 11.60
N MET B 326 16.08 30.32 12.40
CA MET B 326 17.45 29.98 12.00
C MET B 326 17.44 29.01 10.83
N ALA B 327 16.43 28.14 10.75
CA ALA B 327 16.27 27.30 9.57
C ALA B 327 15.89 28.11 8.33
N GLU B 328 15.31 29.30 8.51
CA GLU B 328 15.08 30.21 7.40
C GLU B 328 16.37 30.86 6.93
N ILE B 329 17.34 31.06 7.83
CA ILE B 329 18.51 31.83 7.42
C ILE B 329 19.72 30.95 7.06
N LEU B 330 19.78 29.75 7.65
CA LEU B 330 20.90 28.80 7.41
C LEU B 330 20.65 28.12 6.07
N THR B 331 19.40 27.99 5.69
CA THR B 331 19.07 27.44 4.35
C THR B 331 18.25 28.46 3.57
N GLY B 332 17.15 29.00 4.11
CA GLY B 332 16.23 29.82 3.31
C GLY B 332 14.95 29.07 2.97
N ALA B 333 14.70 27.91 3.61
CA ALA B 333 13.51 27.05 3.31
C ALA B 333 12.71 26.70 4.55
N ARG B 334 11.48 26.21 4.37
CA ARG B 334 10.59 25.75 5.47
C ARG B 334 10.22 24.27 5.24
N LYS B 335 10.51 23.36 6.19
CA LYS B 335 10.25 21.89 6.06
C LYS B 335 11.22 21.15 5.13
N THR B 336 10.75 20.74 3.93
CA THR B 336 11.62 19.95 2.99
C THR B 336 12.65 20.91 2.36
N TYR B 337 13.95 20.57 2.41
CA TYR B 337 15.02 21.52 1.96
C TYR B 337 15.77 21.04 0.72
N GLY B 338 16.92 20.40 0.94
CA GLY B 338 17.75 19.98 -0.22
C GLY B 338 19.17 20.48 -0.15
N LEU B 339 19.78 20.44 1.02
CA LEU B 339 21.12 21.03 1.17
C LEU B 339 22.31 20.08 1.16
N ASN B 340 22.07 18.79 0.97
CA ASN B 340 23.26 17.91 0.91
C ASN B 340 23.38 17.21 -0.45
N LEU B 341 24.61 17.02 -0.92
CA LEU B 341 24.93 16.26 -2.12
C LEU B 341 25.87 15.17 -1.65
N ILE B 342 26.22 14.25 -2.56
CA ILE B 342 27.05 13.11 -2.18
C ILE B 342 28.45 13.56 -1.77
N GLY B 343 29.03 14.49 -2.51
CA GLY B 343 30.37 14.97 -2.17
C GLY B 343 30.37 15.90 -0.96
N GLY B 344 29.32 16.71 -0.81
CA GLY B 344 29.29 17.67 0.27
C GLY B 344 27.96 18.33 0.50
N ILE B 345 27.92 19.63 0.76
CA ILE B 345 26.62 20.34 1.03
C ILE B 345 26.28 21.24 -0.17
N ARG B 346 25.03 21.39 -0.55
CA ARG B 346 24.77 22.31 -1.66
C ARG B 346 25.09 23.75 -1.26
N ARG B 347 24.12 24.58 -0.84
CA ARG B 347 24.27 25.98 -0.31
C ARG B 347 25.16 26.15 0.95
N ASP B 348 26.03 27.16 1.03
CA ASP B 348 27.02 27.31 2.17
C ASP B 348 26.85 28.51 3.09
N LEU B 349 26.99 28.33 4.42
CA LEU B 349 26.69 29.39 5.44
C LEU B 349 27.78 30.46 5.39
N LEU B 350 27.41 31.70 5.74
CA LEU B 350 28.37 32.83 5.67
C LEU B 350 28.51 33.43 7.06
N LYS B 351 29.44 34.37 7.23
CA LYS B 351 29.77 34.89 8.59
C LYS B 351 28.74 35.48 9.54
N ASP B 352 27.90 36.39 9.05
CA ASP B 352 26.88 36.99 9.94
C ASP B 352 25.76 35.98 10.27
N ASP B 353 25.51 35.12 9.30
CA ASP B 353 24.45 34.13 9.51
C ASP B 353 25.09 33.40 10.67
N MET B 354 26.36 33.06 10.58
CA MET B 354 26.87 32.23 11.70
C MET B 354 26.96 33.06 13.01
N ILE B 355 27.44 34.30 12.98
CA ILE B 355 27.42 35.02 14.29
C ILE B 355 25.98 35.10 14.79
N GLN B 356 25.01 35.40 13.91
CA GLN B 356 23.61 35.59 14.34
C GLN B 356 23.02 34.30 14.96
N THR B 357 23.05 33.17 14.25
CA THR B 357 22.44 31.95 14.78
C THR B 357 22.91 31.68 16.21
N ARG B 358 24.02 32.29 16.62
CA ARG B 358 24.60 31.99 17.93
C ARG B 358 23.79 32.53 19.09
N GLN B 359 23.35 33.80 19.02
CA GLN B 359 22.53 34.30 20.13
C GLN B 359 21.03 34.02 20.00
N LEU B 360 20.57 33.67 18.81
CA LEU B 360 19.19 33.21 18.66
C LEU B 360 19.11 31.78 19.20
N ALA B 361 20.26 31.12 19.25
CA ALA B 361 20.36 29.86 19.98
C ALA B 361 20.26 30.18 21.45
N GLN B 362 20.89 31.29 21.88
CA GLN B 362 20.93 31.63 23.30
C GLN B 362 19.59 32.14 23.80
N GLN B 363 18.90 32.97 23.01
CA GLN B 363 17.62 33.51 23.45
C GLN B 363 16.56 32.41 23.48
N MET B 364 16.72 31.38 22.65
CA MET B 364 15.85 30.21 22.77
C MET B 364 16.10 29.49 24.08
N ARG B 365 17.37 29.38 24.49
CA ARG B 365 17.69 28.76 25.77
C ARG B 365 17.10 29.65 26.86
N ARG B 366 17.03 30.95 26.61
CA ARG B 366 16.26 31.84 27.49
C ARG B 366 14.76 31.52 27.54
N GLU B 367 14.17 31.48 26.33
CA GLU B 367 12.72 31.20 26.18
C GLU B 367 12.40 29.77 26.60
N VAL B 368 13.23 28.83 26.19
CA VAL B 368 12.94 27.40 26.51
C VAL B 368 12.97 27.32 28.02
N GLN B 369 13.88 28.00 28.68
CA GLN B 369 13.85 27.79 30.15
C GLN B 369 12.51 28.27 30.70
N GLU B 370 12.06 29.44 30.30
CA GLU B 370 10.81 29.88 30.92
C GLU B 370 9.69 28.93 30.53
N LEU B 371 9.58 28.53 29.28
CA LEU B 371 8.40 27.70 28.92
C LEU B 371 8.46 26.37 29.65
N VAL B 372 9.63 25.78 29.82
CA VAL B 372 9.72 24.50 30.61
C VAL B 372 9.28 24.76 32.05
N ASP B 373 9.09 25.99 32.52
CA ASP B 373 8.53 26.14 33.89
C ASP B 373 7.11 25.54 34.01
N VAL B 374 6.48 25.10 32.92
CA VAL B 374 5.18 24.33 32.99
C VAL B 374 5.13 23.00 33.80
N LEU B 375 6.15 22.17 33.62
CA LEU B 375 6.26 20.94 34.42
C LEU B 375 6.67 21.27 35.88
N LEU B 376 7.32 22.42 36.04
CA LEU B 376 7.64 22.89 37.42
C LEU B 376 6.26 23.14 38.01
N SER B 377 5.34 23.71 37.23
CA SER B 377 3.93 23.87 37.68
C SER B 377 3.38 22.51 38.10
N THR B 378 3.59 21.44 37.32
CA THR B 378 3.31 20.03 37.81
C THR B 378 1.91 19.61 38.35
N PRO B 379 0.73 19.86 37.73
CA PRO B 379 -0.62 19.51 38.09
C PRO B 379 -1.19 18.43 37.19
N ASN B 380 -1.16 18.64 35.87
CA ASN B 380 -1.59 17.56 34.94
C ASN B 380 -0.29 16.87 34.50
N MET B 381 0.84 17.47 34.86
CA MET B 381 2.16 16.91 34.49
C MET B 381 2.63 16.04 35.66
N GLU B 382 1.71 15.70 36.54
CA GLU B 382 2.09 14.75 37.59
C GLU B 382 1.06 13.66 37.66
N GLN B 383 -0.08 13.78 36.99
CA GLN B 383 -1.08 12.70 37.25
C GLN B 383 -1.47 12.10 35.91
N ARG B 384 -1.41 12.92 34.88
CA ARG B 384 -1.68 12.43 33.54
C ARG B 384 -0.45 11.82 32.86
N THR B 385 0.75 12.16 33.32
CA THR B 385 1.98 11.78 32.60
C THR B 385 2.89 10.86 33.41
N VAL B 386 2.43 10.32 34.52
CA VAL B 386 3.18 9.32 35.27
C VAL B 386 2.35 8.04 35.33
N GLY B 387 3.05 6.90 35.30
CA GLY B 387 2.39 5.61 35.25
C GLY B 387 1.59 5.33 34.01
N ILE B 388 1.75 6.15 32.97
CA ILE B 388 0.95 6.07 31.75
C ILE B 388 1.89 5.78 30.59
N GLY B 389 1.60 4.71 29.84
CA GLY B 389 2.42 4.31 28.72
C GLY B 389 3.82 3.88 29.13
N ARG B 390 3.91 3.06 30.16
CA ARG B 390 5.21 2.60 30.63
C ARG B 390 5.79 1.56 29.67
N LEU B 391 7.00 1.82 29.18
CA LEU B 391 7.71 0.90 28.31
C LEU B 391 8.74 0.16 29.14
N ASP B 392 8.60 -1.15 29.23
CA ASP B 392 9.52 -1.95 30.03
C ASP B 392 10.91 -1.94 29.42
N PRO B 393 11.95 -1.60 30.18
CA PRO B 393 13.31 -1.63 29.62
C PRO B 393 13.66 -3.07 29.26
N GLU B 394 13.07 -4.05 29.95
CA GLU B 394 13.20 -5.44 29.52
C GLU B 394 12.66 -5.64 28.09
N ILE B 395 11.46 -5.12 27.83
CA ILE B 395 10.90 -5.13 26.49
C ILE B 395 11.63 -4.26 25.46
N ALA B 396 12.09 -3.07 25.87
CA ALA B 396 12.80 -2.18 24.97
C ALA B 396 14.16 -2.76 24.56
N ARG B 397 14.79 -3.55 25.43
CA ARG B 397 16.03 -4.21 25.05
C ARG B 397 15.77 -5.31 24.02
N ASP B 398 14.65 -6.03 24.16
CA ASP B 398 14.35 -7.13 23.25
C ASP B 398 14.01 -6.62 21.85
N PHE B 399 13.15 -5.61 21.76
CA PHE B 399 12.67 -5.10 20.48
C PHE B 399 13.58 -4.06 19.87
N SER B 400 14.64 -3.66 20.58
CA SER B 400 15.68 -2.74 20.07
C SER B 400 15.11 -1.39 19.65
N ASN B 401 14.33 -0.79 20.55
CA ASN B 401 13.92 0.60 20.37
C ASN B 401 15.14 1.51 20.48
N VAL B 402 15.08 2.65 19.80
CA VAL B 402 16.28 3.49 19.68
C VAL B 402 16.05 4.95 20.02
N GLY B 403 14.82 5.47 20.03
CA GLY B 403 14.61 6.88 20.23
C GLY B 403 14.73 7.33 21.67
N PRO B 404 14.04 8.42 22.02
CA PRO B 404 13.93 8.81 23.44
C PRO B 404 13.20 7.78 24.28
N MET B 405 12.48 6.86 23.65
CA MET B 405 11.93 5.68 24.33
C MET B 405 13.01 4.91 25.08
N VAL B 406 14.10 4.55 24.39
CA VAL B 406 15.09 3.68 25.02
C VAL B 406 16.00 4.49 25.93
N ARG B 407 16.12 5.79 25.69
CA ARG B 407 16.90 6.63 26.60
C ARG B 407 16.13 6.94 27.88
N ALA B 408 14.81 7.08 27.79
CA ALA B 408 14.01 7.20 29.01
C ALA B 408 14.04 5.90 29.82
N SER B 409 13.98 4.76 29.14
CA SER B 409 13.91 3.47 29.82
C SER B 409 15.19 3.09 30.54
N GLY B 410 16.31 3.77 30.27
CA GLY B 410 17.54 3.57 31.00
C GLY B 410 18.76 3.29 30.15
N HIS B 411 18.61 2.95 28.87
CA HIS B 411 19.73 2.62 28.01
C HIS B 411 20.24 3.87 27.31
N ALA B 412 21.54 4.13 27.42
CA ALA B 412 22.16 5.30 26.79
C ALA B 412 22.52 4.96 25.35
N ARG B 413 21.47 4.78 24.54
CA ARG B 413 21.62 4.48 23.12
C ARG B 413 21.61 5.79 22.34
N ASP B 414 22.74 6.14 21.73
CA ASP B 414 22.83 7.35 20.92
C ASP B 414 23.88 7.14 19.85
N THR B 415 23.51 7.42 18.61
CA THR B 415 24.44 7.25 17.49
C THR B 415 25.57 8.26 17.54
N ARG B 416 25.29 9.49 17.98
CA ARG B 416 26.30 10.55 17.96
C ARG B 416 27.44 10.31 18.95
N ALA B 417 27.22 9.49 19.98
CA ALA B 417 28.29 9.16 20.89
C ALA B 417 29.00 7.86 20.51
N ASP B 418 28.23 6.84 20.10
CA ASP B 418 28.83 5.58 19.69
C ASP B 418 29.55 5.72 18.36
N HIS B 419 28.90 6.33 17.37
CA HIS B 419 29.40 6.39 16.00
C HIS B 419 29.32 7.83 15.49
N PRO B 420 30.31 8.67 15.80
CA PRO B 420 30.29 10.05 15.28
C PRO B 420 30.46 10.09 13.77
N PHE B 421 29.44 10.55 13.04
CA PHE B 421 29.39 10.39 11.59
C PHE B 421 29.70 11.66 10.82
N VAL B 422 29.27 12.84 11.29
CA VAL B 422 29.50 14.07 10.54
C VAL B 422 30.41 15.00 11.34
N GLY B 423 31.37 14.42 12.06
CA GLY B 423 32.25 15.25 12.85
C GLY B 423 31.69 15.67 14.18
N TYR B 424 30.85 14.82 14.79
CA TYR B 424 30.34 15.10 16.13
C TYR B 424 31.42 15.00 17.19
N GLY B 425 32.57 14.40 16.87
CA GLY B 425 33.68 14.36 17.80
C GLY B 425 34.31 15.71 18.07
N LEU B 426 34.12 16.67 17.18
CA LEU B 426 34.54 18.04 17.39
C LEU B 426 33.48 18.89 18.08
N LEU B 427 32.33 18.29 18.41
CA LEU B 427 31.22 18.96 19.06
C LEU B 427 30.99 18.40 20.46
N PRO B 428 30.49 19.21 21.40
CA PRO B 428 30.24 18.69 22.76
C PRO B 428 29.04 17.75 22.80
N MET B 429 29.31 16.46 22.93
CA MET B 429 28.27 15.43 22.98
C MET B 429 27.91 15.09 24.42
N GLU B 430 26.62 15.07 24.71
CA GLU B 430 26.09 14.61 25.99
C GLU B 430 24.90 13.71 25.72
N VAL B 431 24.91 12.53 26.34
CA VAL B 431 23.82 11.57 26.21
C VAL B 431 23.01 11.60 27.51
N HIS B 432 21.70 11.80 27.40
CA HIS B 432 20.82 11.90 28.55
C HIS B 432 19.92 10.68 28.61
N SER B 433 19.98 9.98 29.74
CA SER B 433 19.17 8.80 29.97
C SER B 433 18.49 8.91 31.33
N GLU B 434 17.17 8.76 31.35
CA GLU B 434 16.41 8.77 32.58
C GLU B 434 16.18 7.34 33.06
N GLN B 435 15.48 7.20 34.18
CA GLN B 435 15.21 5.90 34.78
C GLN B 435 13.75 5.49 34.71
N GLY B 436 12.82 6.42 34.94
CA GLY B 436 11.42 6.13 34.74
C GLY B 436 11.07 5.95 33.28
N CYS B 437 9.95 5.29 33.03
CA CYS B 437 9.56 4.94 31.67
C CYS B 437 8.21 5.55 31.29
N ASP B 438 7.87 6.69 31.89
CA ASP B 438 6.56 7.30 31.70
C ASP B 438 6.61 8.29 30.54
N VAL B 439 5.47 8.94 30.29
CA VAL B 439 5.41 10.00 29.29
C VAL B 439 6.26 11.19 29.73
N ILE B 440 6.19 11.54 31.02
CA ILE B 440 6.97 12.66 31.54
C ILE B 440 8.47 12.36 31.53
N SER B 441 8.86 11.09 31.54
CA SER B 441 10.27 10.76 31.46
C SER B 441 10.81 10.98 30.05
N ARG B 442 9.99 10.70 29.03
CA ARG B 442 10.41 10.92 27.65
C ARG B 442 10.42 12.40 27.31
N LEU B 443 9.59 13.20 27.97
CA LEU B 443 9.69 14.65 27.82
C LEU B 443 10.99 15.19 28.41
N LYS B 444 11.42 14.62 29.54
CA LYS B 444 12.69 15.04 30.14
C LYS B 444 13.89 14.63 29.32
N VAL B 445 13.77 13.58 28.51
CA VAL B 445 14.82 13.27 27.53
C VAL B 445 14.89 14.38 26.49
N ARG B 446 13.74 14.82 25.98
CA ARG B 446 13.71 15.83 24.93
C ARG B 446 14.03 17.22 25.45
N ILE B 447 13.72 17.49 26.73
CA ILE B 447 14.06 18.79 27.30
C ILE B 447 15.57 18.94 27.43
N ASN B 448 16.24 17.90 27.96
CA ASN B 448 17.69 17.95 28.07
C ASN B 448 18.39 17.88 26.71
N GLU B 449 17.73 17.33 25.69
CA GLU B 449 18.29 17.31 24.36
C GLU B 449 18.21 18.66 23.67
N VAL B 450 17.26 19.52 24.07
CA VAL B 450 17.17 20.86 23.50
C VAL B 450 18.35 21.71 23.97
N TYR B 451 18.66 21.67 25.27
CA TYR B 451 19.84 22.36 25.78
C TYR B 451 21.12 21.78 25.20
N THR B 452 21.17 20.47 25.00
CA THR B 452 22.35 19.83 24.44
C THR B 452 22.59 20.26 23.00
N ALA B 453 21.51 20.32 22.21
CA ALA B 453 21.64 20.77 20.82
C ALA B 453 21.97 22.25 20.75
N LEU B 454 21.45 23.04 21.71
CA LEU B 454 21.77 24.47 21.75
C LEU B 454 23.21 24.72 22.19
N ASN B 455 23.81 23.79 22.93
CA ASN B 455 25.24 23.92 23.24
C ASN B 455 26.10 23.68 22.01
N MET B 456 25.67 22.79 21.13
CA MET B 456 26.42 22.52 19.90
C MET B 456 26.34 23.69 18.93
N ILE B 457 25.16 24.32 18.82
CA ILE B 457 25.02 25.52 18.01
C ILE B 457 25.84 26.66 18.63
N ASP B 458 25.95 26.69 19.95
CA ASP B 458 26.79 27.68 20.61
C ASP B 458 28.28 27.43 20.35
N TYR B 459 28.68 26.16 20.23
CA TYR B 459 30.09 25.83 20.07
C TYR B 459 30.45 25.41 18.65
N GLY B 460 29.48 25.21 17.76
CA GLY B 460 29.80 24.81 16.41
C GLY B 460 30.15 25.98 15.50
N LEU B 461 29.32 27.02 15.51
CA LEU B 461 29.41 28.08 14.51
C LEU B 461 30.45 29.14 14.83
N ASP B 462 31.13 29.05 15.97
CA ASP B 462 32.16 30.02 16.31
C ASP B 462 33.58 29.53 16.00
N ASN B 463 33.75 28.27 15.63
CA ASN B 463 35.08 27.70 15.41
C ASN B 463 35.10 26.82 14.15
N LEU B 464 34.58 27.32 13.04
CA LEU B 464 34.57 26.52 11.81
C LEU B 464 35.99 26.29 11.31
N PRO B 465 36.32 25.09 10.84
CA PRO B 465 37.70 24.84 10.41
C PRO B 465 38.04 25.48 9.07
N GLY B 466 37.06 25.66 8.19
CA GLY B 466 37.32 26.25 6.89
C GLY B 466 37.66 25.23 5.84
N GLY B 467 38.02 25.74 4.66
CA GLY B 467 38.37 24.92 3.53
C GLY B 467 37.31 24.93 2.45
N PRO B 468 37.30 23.91 1.60
CA PRO B 468 36.31 23.82 0.53
C PRO B 468 34.98 23.29 1.07
N LEU B 469 34.04 23.09 0.15
CA LEU B 469 32.70 22.65 0.53
C LEU B 469 32.27 21.42 -0.29
N MET B 470 32.77 21.30 -1.51
CA MET B 470 32.33 20.26 -2.44
C MET B 470 33.50 19.42 -2.91
N VAL B 471 33.27 18.12 -3.05
CA VAL B 471 34.20 17.19 -3.70
C VAL B 471 33.40 16.46 -4.77
N GLU B 472 33.65 16.79 -6.03
CA GLU B 472 32.89 16.22 -7.13
C GLU B 472 33.86 15.64 -8.16
N GLY B 473 33.30 15.06 -9.22
CA GLY B 473 34.07 14.46 -10.27
C GLY B 473 34.49 13.02 -10.05
N PHE B 474 34.17 12.43 -8.90
CA PHE B 474 34.54 11.07 -8.61
C PHE B 474 33.63 10.09 -9.36
N THR B 475 34.15 8.88 -9.57
CA THR B 475 33.45 7.83 -10.29
C THR B 475 32.98 6.76 -9.32
N TYR B 476 31.71 6.38 -9.43
CA TYR B 476 31.11 5.41 -8.52
C TYR B 476 31.55 4.01 -8.91
N ILE B 477 32.29 3.35 -8.02
CA ILE B 477 32.68 1.95 -8.26
C ILE B 477 31.44 1.07 -8.10
N PRO B 478 31.12 0.22 -9.08
CA PRO B 478 29.92 -0.60 -8.99
C PRO B 478 30.01 -1.66 -7.90
N HIS B 479 28.84 -2.02 -7.37
CA HIS B 479 28.67 -3.10 -6.39
C HIS B 479 29.48 -2.85 -5.11
N ARG B 480 29.55 -1.59 -4.71
CA ARG B 480 30.12 -1.20 -3.43
C ARG B 480 29.01 -0.71 -2.52
N PHE B 481 28.95 -1.26 -1.31
CA PHE B 481 27.89 -0.93 -0.36
C PHE B 481 28.51 -0.50 0.96
N ALA B 482 27.70 0.18 1.76
CA ALA B 482 28.07 0.60 3.11
C ALA B 482 26.79 0.95 3.87
N LEU B 483 26.95 1.19 5.16
CA LEU B 483 25.86 1.63 6.02
C LEU B 483 26.00 3.11 6.31
N GLY B 484 24.91 3.85 6.16
CA GLY B 484 24.87 5.25 6.54
C GLY B 484 23.89 5.42 7.69
N PHE B 485 24.25 6.29 8.63
CA PHE B 485 23.46 6.46 9.84
C PHE B 485 23.44 7.93 10.23
N ALA B 486 22.31 8.34 10.80
CA ALA B 486 22.15 9.68 11.34
C ALA B 486 21.32 9.57 12.61
N GLU B 487 21.42 10.60 13.45
CA GLU B 487 20.66 10.66 14.69
C GLU B 487 19.46 11.56 14.45
N ALA B 488 18.36 10.94 14.00
CA ALA B 488 17.10 11.66 13.82
C ALA B 488 16.52 12.03 15.18
N PRO B 489 15.58 12.98 15.22
CA PRO B 489 14.95 13.31 16.51
C PRO B 489 14.19 12.16 17.18
N ARG B 490 13.81 11.13 16.44
CA ARG B 490 13.06 10.02 17.01
C ARG B 490 13.88 8.74 17.16
N GLY B 491 15.21 8.83 17.04
CA GLY B 491 16.06 7.66 17.04
C GLY B 491 17.02 7.72 15.87
N ASP B 492 17.54 6.59 15.46
CA ASP B 492 18.46 6.57 14.33
C ASP B 492 17.79 6.02 13.07
N ASP B 493 18.21 6.55 11.93
CA ASP B 493 17.83 6.00 10.64
C ASP B 493 19.06 5.40 9.99
N ILE B 494 19.01 4.10 9.73
CA ILE B 494 20.13 3.37 9.14
C ILE B 494 19.84 3.20 7.66
N HIS B 495 20.73 3.74 6.83
CA HIS B 495 20.59 3.70 5.39
C HIS B 495 21.68 2.80 4.82
N TRP B 496 21.27 1.76 4.10
CA TRP B 496 22.18 0.86 3.42
C TRP B 496 21.97 1.00 1.92
N SER B 497 23.01 1.41 1.22
CA SER B 497 22.92 1.65 -0.22
C SER B 497 24.10 0.99 -0.92
N MET B 498 23.80 0.23 -1.96
CA MET B 498 24.83 -0.38 -2.80
C MET B 498 24.86 0.35 -4.13
N THR B 499 26.05 0.79 -4.53
CA THR B 499 26.21 1.44 -5.82
C THR B 499 26.02 0.44 -6.95
N GLY B 500 25.28 0.84 -7.97
CA GLY B 500 25.06 -0.02 -9.11
C GLY B 500 26.01 0.26 -10.25
N ASP B 501 26.15 1.54 -10.59
CA ASP B 501 27.05 2.02 -11.63
C ASP B 501 27.30 3.50 -11.36
N ASN B 502 27.81 4.22 -12.37
CA ASN B 502 28.05 5.65 -12.22
C ASN B 502 26.77 6.48 -12.15
N GLN B 503 25.62 5.89 -12.46
CA GLN B 503 24.37 6.64 -12.53
C GLN B 503 23.32 6.16 -11.53
N LYS B 504 23.05 4.87 -11.49
CA LYS B 504 21.94 4.33 -10.72
C LYS B 504 22.43 3.55 -9.50
N LEU B 505 21.50 3.34 -8.57
CA LEU B 505 21.72 2.50 -7.41
C LEU B 505 21.25 1.08 -7.70
N TYR B 506 22.00 0.09 -7.21
CA TYR B 506 21.52 -1.28 -7.26
C TYR B 506 20.42 -1.50 -6.24
N ARG B 507 20.62 -1.01 -5.01
CA ARG B 507 19.65 -1.19 -3.93
C ARG B 507 19.88 -0.13 -2.88
N TRP B 508 18.80 0.50 -2.44
CA TRP B 508 18.84 1.44 -1.32
C TRP B 508 17.79 1.03 -0.31
N ARG B 509 18.22 0.82 0.93
CA ARG B 509 17.32 0.43 2.02
C ARG B 509 17.42 1.45 3.13
N CYS B 510 16.27 1.94 3.58
CA CYS B 510 16.18 2.87 4.68
C CYS B 510 15.23 2.33 5.74
N ARG B 511 15.64 2.42 7.00
CA ARG B 511 14.77 2.12 8.13
C ARG B 511 14.58 3.39 8.94
N ALA B 512 13.33 3.71 9.24
CA ALA B 512 13.05 4.94 9.95
C ALA B 512 13.45 4.83 11.42
N ALA B 513 13.45 5.98 12.09
CA ALA B 513 13.72 6.01 13.52
C ALA B 513 12.61 5.31 14.30
N THR B 514 11.36 5.51 13.89
CA THR B 514 10.22 4.92 14.58
C THR B 514 9.85 3.54 14.06
N TYR B 515 10.54 3.03 13.03
CA TYR B 515 10.30 1.68 12.56
C TYR B 515 10.62 0.64 13.64
N ALA B 516 11.74 0.82 14.35
CA ALA B 516 12.03 -0.04 15.48
C ALA B 516 11.12 0.27 16.66
N ASN B 517 10.62 1.50 16.74
CA ASN B 517 9.85 1.95 17.89
C ASN B 517 8.42 1.44 17.88
N TRP B 518 7.86 1.20 16.69
CA TRP B 518 6.45 0.82 16.57
C TRP B 518 6.05 -0.50 17.22
N PRO B 519 6.78 -1.62 17.13
CA PRO B 519 6.24 -2.89 17.66
C PRO B 519 6.09 -2.97 19.18
N THR B 520 6.36 -1.90 19.94
CA THR B 520 6.16 -1.91 21.38
C THR B 520 4.97 -1.05 21.81
N LEU B 521 4.15 -0.57 20.88
CA LEU B 521 2.98 0.20 21.24
C LEU B 521 1.87 -0.65 21.84
N ARG B 522 1.91 -1.96 21.59
CA ARG B 522 0.98 -2.88 22.25
C ARG B 522 1.23 -2.90 23.75
N TYR B 523 2.50 -2.86 24.15
CA TYR B 523 2.88 -2.92 25.55
C TYR B 523 2.85 -1.57 26.26
N MET B 524 2.69 -0.46 25.53
CA MET B 524 2.40 0.81 26.18
C MET B 524 0.91 0.99 26.42
N LEU B 525 0.10 0.80 25.39
CA LEU B 525 -1.34 1.05 25.49
C LEU B 525 -2.06 0.05 26.38
N ARG B 526 -1.40 -1.04 26.75
CA ARG B 526 -2.00 -2.02 27.65
C ARG B 526 -2.11 -1.45 29.05
N GLY B 527 -3.29 -1.62 29.66
CA GLY B 527 -3.51 -1.21 31.03
C GLY B 527 -3.84 0.26 31.23
N ASN B 528 -3.87 1.06 30.17
CA ASN B 528 -4.17 2.47 30.26
C ASN B 528 -5.60 2.72 29.78
N THR B 529 -5.98 3.99 29.68
CA THR B 529 -7.34 4.38 29.32
C THR B 529 -8.40 4.78 28.29
N VAL B 530 -7.91 5.24 27.14
CA VAL B 530 -8.80 5.63 26.05
C VAL B 530 -8.41 7.10 26.00
N SER B 531 -8.67 7.83 27.08
CA SER B 531 -8.50 9.29 27.08
C SER B 531 -7.04 9.69 26.90
N ASP B 532 -6.12 9.00 27.57
CA ASP B 532 -4.70 9.31 27.44
C ASP B 532 -4.00 8.45 26.39
N ALA B 533 -4.75 7.61 25.67
CA ALA B 533 -4.14 6.81 24.59
C ALA B 533 -3.55 7.66 23.46
N PRO B 534 -4.17 8.74 22.97
CA PRO B 534 -3.43 9.61 22.03
C PRO B 534 -2.20 10.25 22.63
N LEU B 535 -2.14 10.44 23.96
CA LEU B 535 -0.94 10.97 24.57
C LEU B 535 0.18 9.94 24.57
N ILE B 536 -0.16 8.66 24.78
CA ILE B 536 0.83 7.60 24.77
C ILE B 536 1.46 7.44 23.40
N ILE B 537 0.64 7.50 22.34
CA ILE B 537 1.14 7.39 20.97
C ILE B 537 2.06 8.56 20.65
N GLY B 538 1.62 9.78 20.97
CA GLY B 538 2.40 10.96 20.71
C GLY B 538 3.56 11.20 21.67
N SER B 539 3.65 10.40 22.74
CA SER B 539 4.77 10.54 23.67
C SER B 539 6.09 10.17 23.02
N LEU B 540 6.08 9.22 22.10
CA LEU B 540 7.26 8.86 21.34
C LEU B 540 7.36 9.60 20.01
N ASP B 541 6.38 10.46 19.69
CA ASP B 541 6.36 11.35 18.54
C ASP B 541 6.49 10.57 17.23
N PRO B 542 5.46 9.83 16.81
CA PRO B 542 5.59 9.00 15.61
C PRO B 542 5.75 9.82 14.35
N CYS B 543 6.49 9.27 13.36
CA CYS B 543 6.58 9.87 12.02
C CYS B 543 6.12 8.78 11.07
N TYR B 544 4.81 8.64 10.85
CA TYR B 544 4.23 7.60 10.01
C TYR B 544 4.83 7.63 8.61
N SER B 545 5.01 8.81 8.05
CA SER B 545 5.55 8.92 6.69
C SER B 545 7.00 8.43 6.63
N CYS B 546 7.81 8.56 7.66
CA CYS B 546 9.18 8.01 7.64
C CYS B 546 9.12 6.48 7.72
N THR B 547 8.20 5.90 8.50
CA THR B 547 8.22 4.44 8.63
C THR B 547 7.43 3.75 7.53
N ASP B 548 6.48 4.43 6.90
CA ASP B 548 5.65 3.76 5.92
C ASP B 548 6.34 3.70 4.56
N ARG B 549 7.29 4.60 4.31
CA ARG B 549 8.10 4.67 3.10
C ARG B 549 7.27 4.77 1.82
N MET C 1 50.55 16.98 -30.39
CA MET C 1 50.73 16.64 -28.98
C MET C 1 49.45 16.05 -28.39
N ASN C 2 48.81 15.15 -29.15
CA ASN C 2 47.56 14.54 -28.74
C ASN C 2 47.62 13.03 -28.94
N ARG C 3 46.87 12.31 -28.11
CA ARG C 3 46.77 10.86 -28.19
C ARG C 3 45.40 10.49 -28.71
N PHE C 4 45.36 9.62 -29.72
CA PHE C 4 44.09 9.16 -30.26
C PHE C 4 44.29 7.80 -30.90
N VAL C 5 43.17 7.10 -31.11
CA VAL C 5 43.15 5.78 -31.72
C VAL C 5 42.57 5.92 -33.12
N ILE C 6 43.32 5.49 -34.12
CA ILE C 6 42.87 5.54 -35.50
C ILE C 6 42.69 4.10 -36.00
N ALA C 7 41.89 3.95 -37.04
CA ALA C 7 41.56 2.64 -37.60
C ALA C 7 42.04 2.57 -39.04
N ASP C 8 42.72 1.49 -39.39
CA ASP C 8 43.08 1.21 -40.77
C ASP C 8 41.90 0.55 -41.45
N SER C 9 41.31 1.23 -42.43
CA SER C 9 40.09 0.73 -43.06
C SER C 9 40.37 -0.45 -43.97
N THR C 10 41.60 -0.56 -44.50
CA THR C 10 41.95 -1.69 -45.33
C THR C 10 42.10 -2.98 -44.52
N LEU C 11 42.40 -2.87 -43.23
CA LEU C 11 42.55 -4.03 -42.36
C LEU C 11 41.29 -4.40 -41.59
N CYS C 12 40.27 -3.53 -41.60
CA CYS C 12 39.07 -3.77 -40.83
C CYS C 12 38.12 -4.67 -41.61
N ILE C 13 37.64 -5.73 -40.96
CA ILE C 13 36.74 -6.69 -41.57
C ILE C 13 35.30 -6.53 -41.08
N GLY C 14 35.03 -5.50 -40.30
CA GLY C 14 33.69 -5.24 -39.82
C GLY C 14 33.13 -6.29 -38.88
N CYS C 15 33.95 -6.82 -37.98
CA CYS C 15 33.53 -7.89 -37.09
C CYS C 15 32.79 -7.39 -35.85
N HIS C 16 32.79 -6.08 -35.60
CA HIS C 16 32.17 -5.46 -34.43
C HIS C 16 32.73 -5.99 -33.11
N THR C 17 33.99 -6.45 -33.13
CA THR C 17 34.65 -6.86 -31.90
C THR C 17 35.12 -5.65 -31.10
N CYS C 18 35.54 -4.58 -31.79
CA CYS C 18 35.94 -3.36 -31.11
C CYS C 18 34.76 -2.71 -30.40
N GLU C 19 33.57 -2.77 -31.01
CA GLU C 19 32.37 -2.24 -30.37
C GLU C 19 32.05 -3.01 -29.09
N ALA C 20 32.15 -4.34 -29.14
CA ALA C 20 31.87 -5.14 -27.96
C ALA C 20 32.97 -5.05 -26.93
N ALA C 21 34.21 -4.81 -27.35
CA ALA C 21 35.31 -4.66 -26.40
C ALA C 21 35.20 -3.34 -25.64
N CYS C 22 34.91 -2.25 -26.35
CA CYS C 22 34.75 -0.96 -25.68
C CYS C 22 33.49 -0.92 -24.83
N SER C 23 32.44 -1.62 -25.24
CA SER C 23 31.20 -1.65 -24.46
C SER C 23 31.36 -2.45 -23.17
N GLU C 24 32.23 -3.45 -23.17
CA GLU C 24 32.39 -4.31 -22.01
C GLU C 24 33.52 -3.87 -21.08
N THR C 25 34.54 -3.17 -21.60
CA THR C 25 35.56 -2.64 -20.71
C THR C 25 35.07 -1.43 -19.92
N HIS C 26 33.91 -0.88 -20.27
CA HIS C 26 33.26 0.17 -19.48
C HIS C 26 32.09 -0.33 -18.67
N ARG C 27 31.45 -1.44 -19.08
CA ARG C 27 30.34 -1.98 -18.30
C ARG C 27 30.83 -2.66 -17.02
N GLN C 28 32.00 -3.29 -17.07
CA GLN C 28 32.62 -3.80 -15.85
C GLN C 28 33.04 -2.66 -14.93
N HIS C 29 33.39 -1.51 -15.51
CA HIS C 29 33.61 -0.29 -14.74
C HIS C 29 32.24 0.35 -14.48
N GLY C 30 32.24 1.57 -13.96
CA GLY C 30 30.97 2.22 -13.70
C GLY C 30 30.36 2.94 -14.87
N LEU C 31 31.11 3.12 -15.96
CA LEU C 31 30.73 4.04 -17.02
C LEU C 31 29.65 3.44 -17.92
N GLN C 32 29.34 4.15 -19.00
CA GLN C 32 28.26 3.75 -19.91
C GLN C 32 28.68 2.55 -20.73
N SER C 33 27.71 1.66 -20.99
CA SER C 33 27.96 0.44 -21.75
C SER C 33 27.73 0.60 -23.25
N MET C 34 27.51 1.83 -23.72
CA MET C 34 27.44 2.04 -25.16
C MET C 34 28.84 2.16 -25.74
N PRO C 35 29.12 1.49 -26.86
CA PRO C 35 30.44 1.60 -27.49
C PRO C 35 30.75 3.02 -27.93
N ARG C 36 32.00 3.42 -27.74
CA ARG C 36 32.45 4.77 -28.06
C ARG C 36 33.04 4.87 -29.46
N LEU C 37 33.08 3.76 -30.19
CA LEU C 37 33.49 3.74 -31.58
C LEU C 37 32.46 2.94 -32.37
N ARG C 38 32.11 3.42 -33.55
CA ARG C 38 31.05 2.83 -34.35
C ARG C 38 31.58 2.53 -35.74
N VAL C 39 31.39 1.29 -36.20
CA VAL C 39 31.90 0.86 -37.50
C VAL C 39 31.02 1.49 -38.58
N MET C 40 31.59 2.40 -39.35
CA MET C 40 30.87 3.06 -40.43
C MET C 40 31.16 2.37 -41.75
N LEU C 41 30.11 2.17 -42.55
CA LEU C 41 30.19 1.40 -43.77
C LEU C 41 29.79 2.25 -44.97
N ASN C 42 30.55 2.11 -46.05
CA ASN C 42 30.13 2.59 -47.37
C ASN C 42 30.57 1.53 -48.37
N GLU C 43 30.62 1.90 -49.66
CA GLU C 43 30.78 0.91 -50.71
C GLU C 43 32.19 0.33 -50.74
N LYS C 44 33.21 1.17 -50.53
CA LYS C 44 34.59 0.77 -50.72
C LYS C 44 35.40 0.71 -49.44
N GLU C 45 34.86 1.14 -48.30
CA GLU C 45 35.65 1.33 -47.09
C GLU C 45 34.84 0.87 -45.89
N SER C 46 35.56 0.57 -44.80
CA SER C 46 34.92 0.19 -43.55
C SER C 46 35.92 0.41 -42.42
N ALA C 47 35.58 1.29 -41.48
CA ALA C 47 36.46 1.57 -40.36
C ALA C 47 35.64 2.17 -39.23
N PRO C 48 35.92 1.82 -37.98
CA PRO C 48 35.25 2.50 -36.86
C PRO C 48 35.71 3.95 -36.76
N GLN C 49 34.79 4.82 -36.37
CA GLN C 49 35.08 6.24 -36.19
C GLN C 49 34.85 6.60 -34.73
N LEU C 50 35.85 7.26 -34.14
CA LEU C 50 35.82 7.59 -32.71
C LEU C 50 36.40 9.00 -32.55
N CYS C 51 36.63 9.40 -31.31
CA CYS C 51 37.07 10.76 -31.01
C CYS C 51 38.48 11.00 -31.49
N HIS C 52 38.67 12.07 -32.26
CA HIS C 52 39.99 12.40 -32.78
C HIS C 52 40.91 13.00 -31.73
N HIS C 53 40.36 13.41 -30.58
CA HIS C 53 41.09 14.09 -29.50
C HIS C 53 41.84 15.31 -30.04
N CYS C 54 41.05 16.27 -30.51
CA CYS C 54 41.56 17.41 -31.26
C CYS C 54 42.44 18.30 -30.37
N GLU C 55 43.40 18.99 -31.00
CA GLU C 55 44.27 19.90 -30.26
C GLU C 55 43.48 21.08 -29.70
N ASP C 56 42.63 21.68 -30.52
CA ASP C 56 41.61 22.60 -30.05
C ASP C 56 40.26 21.93 -30.17
N ALA C 57 39.50 21.93 -29.08
CA ALA C 57 38.30 21.10 -29.02
C ALA C 57 37.05 21.96 -29.09
N PRO C 58 36.30 21.92 -30.20
CA PRO C 58 35.00 22.59 -30.24
C PRO C 58 33.99 22.04 -29.24
N CYS C 59 34.14 20.77 -28.84
CA CYS C 59 33.26 20.21 -27.81
C CYS C 59 33.50 20.87 -26.46
N ALA C 60 34.77 21.13 -26.12
CA ALA C 60 35.09 21.74 -24.84
C ALA C 60 34.74 23.23 -24.79
N VAL C 61 34.65 23.88 -25.95
CA VAL C 61 34.32 25.31 -25.98
C VAL C 61 32.86 25.52 -25.60
N VAL C 62 31.96 24.68 -26.13
CA VAL C 62 30.52 24.87 -25.94
C VAL C 62 29.99 24.23 -24.66
N CYS C 63 30.86 23.65 -23.83
CA CYS C 63 30.39 22.96 -22.64
C CYS C 63 30.02 23.97 -21.55
N PRO C 64 28.79 23.94 -21.03
CA PRO C 64 28.39 24.93 -20.01
C PRO C 64 28.94 24.65 -18.63
N VAL C 65 29.38 23.43 -18.35
CA VAL C 65 29.81 23.03 -17.01
C VAL C 65 31.28 22.65 -16.96
N ASN C 66 32.01 22.85 -18.06
CA ASN C 66 33.42 22.49 -18.19
C ASN C 66 33.66 21.01 -17.92
N ALA C 67 32.73 20.17 -18.38
CA ALA C 67 32.86 18.73 -18.23
C ALA C 67 33.88 18.12 -19.19
N ILE C 68 34.30 18.87 -20.21
CA ILE C 68 35.26 18.40 -21.21
C ILE C 68 36.56 19.18 -21.01
N THR C 69 37.64 18.46 -20.73
CA THR C 69 38.92 19.09 -20.48
C THR C 69 40.04 18.21 -21.04
N ARG C 70 41.19 18.82 -21.24
CA ARG C 70 42.35 18.13 -21.82
C ARG C 70 43.30 17.72 -20.70
N VAL C 71 43.50 16.42 -20.54
CA VAL C 71 44.44 15.87 -19.57
C VAL C 71 45.18 14.70 -20.20
N ASP C 72 46.48 14.60 -19.90
CA ASP C 72 47.37 13.56 -20.43
C ASP C 72 47.43 13.57 -21.96
N GLY C 73 47.27 14.75 -22.56
CA GLY C 73 47.26 14.86 -23.99
C GLY C 73 45.99 14.40 -24.66
N ALA C 74 44.96 14.07 -23.90
CA ALA C 74 43.71 13.56 -24.42
C ALA C 74 42.54 14.42 -23.96
N VAL C 75 41.62 14.69 -24.88
CA VAL C 75 40.41 15.44 -24.56
C VAL C 75 39.44 14.50 -23.86
N GLN C 76 39.32 14.64 -22.54
CA GLN C 76 38.58 13.71 -21.71
C GLN C 76 37.30 14.36 -21.18
N LEU C 77 36.21 13.61 -21.21
CA LEU C 77 34.90 14.08 -20.78
C LEU C 77 34.54 13.43 -19.46
N ASN C 78 34.15 14.24 -18.48
CA ASN C 78 33.75 13.74 -17.17
C ASN C 78 32.25 13.47 -17.21
N GLU C 79 31.87 12.19 -17.11
CA GLU C 79 30.47 11.79 -17.21
C GLU C 79 29.67 12.10 -15.95
N SER C 80 30.32 12.48 -14.86
CA SER C 80 29.64 12.87 -13.64
C SER C 80 29.29 14.35 -13.60
N LEU C 81 29.77 15.15 -14.55
CA LEU C 81 29.49 16.56 -14.60
C LEU C 81 28.56 16.97 -15.74
N CYS C 82 28.36 16.10 -16.72
CA CYS C 82 27.54 16.45 -17.89
C CYS C 82 26.08 16.60 -17.48
N VAL C 83 25.47 17.70 -17.93
CA VAL C 83 24.08 18.00 -17.59
C VAL C 83 23.13 17.72 -18.75
N SER C 84 23.59 16.93 -19.74
CA SER C 84 22.79 16.51 -20.90
C SER C 84 22.28 17.69 -21.73
N CYS C 85 23.08 18.75 -21.85
CA CYS C 85 22.68 19.88 -22.67
C CYS C 85 22.83 19.60 -24.15
N LYS C 86 23.59 18.55 -24.51
CA LYS C 86 23.73 18.05 -25.88
C LYS C 86 24.35 19.06 -26.84
N LEU C 87 25.07 20.05 -26.32
CA LEU C 87 25.75 21.02 -27.19
C LEU C 87 27.06 20.47 -27.74
N CYS C 88 27.67 19.49 -27.08
CA CYS C 88 28.92 18.93 -27.59
C CYS C 88 28.69 18.05 -28.82
N GLY C 89 27.52 17.43 -28.92
CA GLY C 89 27.19 16.64 -30.09
C GLY C 89 26.87 17.45 -31.32
N ILE C 90 26.68 18.76 -31.17
CA ILE C 90 26.50 19.66 -32.30
C ILE C 90 27.82 20.24 -32.75
N ALA C 91 28.64 20.70 -31.79
CA ALA C 91 29.91 21.35 -32.11
C ALA C 91 30.97 20.36 -32.58
N CYS C 92 30.79 19.07 -32.37
CA CYS C 92 31.77 18.09 -32.82
C CYS C 92 31.70 17.94 -34.33
N PRO C 93 32.76 18.23 -35.07
CA PRO C 93 32.70 18.13 -36.53
C PRO C 93 32.77 16.71 -37.07
N PHE C 94 33.10 15.73 -36.23
CA PHE C 94 33.28 14.36 -36.69
C PHE C 94 32.22 13.41 -36.14
N GLY C 95 31.22 13.92 -35.42
CA GLY C 95 30.16 13.08 -34.88
C GLY C 95 30.62 12.07 -33.87
N ALA C 96 31.62 12.41 -33.06
CA ALA C 96 32.24 11.46 -32.15
C ALA C 96 31.49 11.30 -30.83
N ILE C 97 30.47 12.12 -30.58
CA ILE C 97 29.77 12.12 -29.30
C ILE C 97 28.31 11.72 -29.54
N GLU C 98 27.85 10.72 -28.81
CA GLU C 98 26.45 10.34 -28.77
C GLU C 98 26.01 10.30 -27.32
N PHE C 99 24.69 10.22 -27.12
CA PHE C 99 24.09 10.44 -25.82
C PHE C 99 23.24 9.23 -25.43
N SER C 100 23.61 8.58 -24.33
CA SER C 100 22.82 7.50 -23.79
C SER C 100 23.00 7.49 -22.28
N GLY C 101 22.02 6.92 -21.59
CA GLY C 101 22.08 6.84 -20.15
C GLY C 101 22.09 5.42 -19.64
N SER C 102 21.95 5.25 -18.34
CA SER C 102 22.01 3.94 -17.72
C SER C 102 20.62 3.36 -17.54
N ARG C 103 20.43 2.13 -17.98
CA ARG C 103 19.22 1.39 -17.66
C ARG C 103 19.19 1.06 -16.17
N PRO C 104 18.01 0.79 -15.61
CA PRO C 104 17.96 0.25 -14.25
C PRO C 104 18.71 -1.08 -14.16
N LEU C 105 19.48 -1.23 -13.10
CA LEU C 105 20.40 -2.35 -12.98
C LEU C 105 19.63 -3.64 -12.73
N ASP C 106 20.04 -4.70 -13.45
CA ASP C 106 19.56 -6.08 -13.27
C ASP C 106 18.07 -6.22 -13.54
N ILE C 107 17.48 -5.31 -14.30
CA ILE C 107 16.06 -5.32 -14.62
C ILE C 107 15.93 -5.46 -16.14
N PRO C 108 15.13 -6.40 -16.63
CA PRO C 108 14.98 -6.56 -18.09
C PRO C 108 14.21 -5.40 -18.70
N ALA C 109 14.28 -5.33 -20.04
CA ALA C 109 13.60 -4.26 -20.77
C ALA C 109 12.09 -4.38 -20.64
N ASN C 110 11.55 -5.58 -20.74
CA ASN C 110 10.11 -5.82 -20.58
C ASN C 110 9.93 -6.72 -19.37
N ALA C 111 9.57 -6.12 -18.24
CA ALA C 111 9.31 -6.83 -17.00
C ALA C 111 7.84 -6.75 -16.61
N ASN C 112 6.94 -6.75 -17.60
CA ASN C 112 5.52 -6.56 -17.36
C ASN C 112 4.91 -7.88 -16.89
N THR C 113 4.45 -7.91 -15.65
CA THR C 113 3.76 -9.10 -15.14
C THR C 113 2.38 -9.22 -15.80
N PRO C 114 1.90 -10.44 -16.06
CA PRO C 114 0.59 -10.58 -16.72
C PRO C 114 -0.42 -10.39 -15.60
N LYS C 115 -0.02 -10.22 -14.32
CA LYS C 115 -0.98 -10.08 -13.16
C LYS C 115 -1.57 -8.66 -13.14
N ALA C 116 -0.86 -7.70 -13.66
CA ALA C 116 -1.28 -6.32 -13.91
C ALA C 116 -1.36 -5.80 -15.34
N PRO C 117 -2.11 -4.73 -15.57
CA PRO C 117 -2.12 -4.13 -16.90
C PRO C 117 -0.76 -3.59 -17.26
N PRO C 118 -0.38 -3.64 -18.55
CA PRO C 118 0.98 -3.27 -18.95
C PRO C 118 1.26 -1.78 -18.79
N ALA C 119 2.53 -1.49 -18.52
CA ALA C 119 2.99 -0.11 -18.39
C ALA C 119 2.96 0.59 -19.74
N PRO C 120 2.88 1.92 -19.75
CA PRO C 120 2.98 2.66 -21.02
C PRO C 120 4.31 2.43 -21.70
N PRO C 121 4.32 2.35 -23.03
CA PRO C 121 5.56 2.01 -23.74
C PRO C 121 6.50 3.20 -23.87
N ALA C 122 7.74 2.88 -24.21
CA ALA C 122 8.75 3.90 -24.41
C ALA C 122 8.46 4.70 -25.68
N PRO C 123 8.84 5.98 -25.72
CA PRO C 123 8.68 6.76 -26.96
C PRO C 123 9.60 6.24 -28.06
N ALA C 124 9.18 6.48 -29.30
CA ALA C 124 9.92 6.00 -30.46
C ALA C 124 11.25 6.73 -30.60
N ARG C 125 12.24 6.03 -31.12
CA ARG C 125 13.58 6.59 -31.27
C ARG C 125 13.65 7.46 -32.51
N VAL C 126 14.15 8.69 -32.34
CA VAL C 126 14.31 9.63 -33.45
C VAL C 126 15.78 10.00 -33.55
N SER C 127 16.33 10.56 -32.48
CA SER C 127 17.73 10.97 -32.45
C SER C 127 18.17 11.01 -31.00
N THR C 128 19.46 10.74 -30.78
CA THR C 128 20.02 10.80 -29.42
C THR C 128 20.13 12.23 -28.91
N LEU C 129 20.04 13.22 -29.80
CA LEU C 129 20.08 14.63 -29.40
C LEU C 129 18.69 15.19 -29.10
N LEU C 130 17.64 14.36 -29.21
CA LEU C 130 16.28 14.82 -28.99
C LEU C 130 15.53 13.94 -28.00
N ASP C 131 15.91 12.66 -27.95
CA ASP C 131 15.13 11.67 -27.21
C ASP C 131 15.27 11.85 -25.71
N TRP C 132 14.19 11.57 -25.00
CA TRP C 132 14.18 11.65 -23.54
C TRP C 132 13.20 10.61 -23.00
N VAL C 133 13.71 9.70 -22.18
CA VAL C 133 12.90 8.75 -21.44
C VAL C 133 12.92 9.22 -19.99
N PRO C 134 11.79 9.19 -19.26
CA PRO C 134 11.79 9.67 -17.87
C PRO C 134 12.76 8.96 -16.94
N GLY C 135 12.95 7.65 -17.12
CA GLY C 135 13.85 6.92 -16.25
C GLY C 135 15.31 6.93 -16.66
N ILE C 136 15.64 7.53 -17.80
CA ILE C 136 16.99 7.48 -18.36
C ILE C 136 17.53 8.91 -18.45
N ARG C 137 18.73 9.11 -17.95
CA ARG C 137 19.43 10.39 -18.02
C ARG C 137 20.59 10.25 -18.99
N ALA C 138 20.40 10.74 -20.21
CA ALA C 138 21.41 10.62 -21.26
C ALA C 138 22.65 11.44 -20.92
N ILE C 139 23.81 10.90 -21.27
CA ILE C 139 25.10 11.50 -20.95
C ILE C 139 25.97 11.43 -22.20
N ALA C 140 26.73 12.50 -22.46
CA ALA C 140 27.66 12.54 -23.59
C ALA C 140 28.67 11.41 -23.52
N VAL C 141 28.57 10.45 -24.45
CA VAL C 141 29.40 9.26 -24.46
C VAL C 141 30.49 9.47 -25.50
N LYS C 142 31.74 9.49 -25.05
CA LYS C 142 32.87 9.82 -25.89
C LYS C 142 34.04 8.89 -25.55
N CYS C 143 34.93 8.71 -26.53
CA CYS C 143 36.13 7.92 -26.35
C CYS C 143 37.02 8.57 -25.30
N ASP C 144 37.22 7.89 -24.18
CA ASP C 144 38.08 8.37 -23.10
C ASP C 144 39.45 7.71 -23.12
N LEU C 145 39.77 6.97 -24.19
CA LEU C 145 41.04 6.27 -24.40
C LEU C 145 41.32 5.21 -23.36
N CYS C 146 40.28 4.77 -22.63
CA CYS C 146 40.37 3.76 -21.57
C CYS C 146 41.43 4.14 -20.53
N SER C 147 41.40 5.40 -20.10
CA SER C 147 42.40 5.91 -19.18
C SER C 147 42.31 5.26 -17.81
N PHE C 148 41.10 4.83 -17.40
CA PHE C 148 40.95 4.10 -16.15
C PHE C 148 41.58 2.72 -16.23
N ASP C 149 41.56 2.08 -17.40
CA ASP C 149 42.11 0.76 -17.57
C ASP C 149 43.64 0.82 -17.57
N GLU C 150 44.26 -0.21 -16.98
CA GLU C 150 45.70 -0.21 -16.78
C GLU C 150 46.49 -0.80 -17.94
N GLN C 151 45.83 -1.50 -18.86
CA GLN C 151 46.50 -2.10 -20.01
C GLN C 151 46.03 -1.50 -21.33
N GLY C 152 45.80 -0.19 -21.33
CA GLY C 152 45.51 0.54 -22.53
C GLY C 152 44.10 0.33 -23.06
N PRO C 153 43.84 0.81 -24.27
CA PRO C 153 42.51 0.63 -24.87
C PRO C 153 42.18 -0.84 -25.13
N ALA C 154 40.91 -1.18 -24.92
CA ALA C 154 40.44 -2.52 -25.22
C ALA C 154 40.07 -2.71 -26.68
N CYS C 155 39.92 -1.62 -27.44
CA CYS C 155 39.66 -1.73 -28.86
C CYS C 155 40.91 -2.15 -29.62
N VAL C 156 42.06 -1.61 -29.21
CA VAL C 156 43.33 -1.96 -29.85
C VAL C 156 43.72 -3.40 -29.51
N ARG C 157 43.49 -3.81 -28.26
CA ARG C 157 43.91 -5.14 -27.82
C ARG C 157 43.09 -6.24 -28.46
N MET C 158 41.77 -6.09 -28.49
CA MET C 158 40.87 -7.16 -28.90
C MET C 158 40.50 -7.08 -30.38
N CYS C 159 41.25 -6.33 -31.17
CA CYS C 159 41.04 -6.30 -32.62
C CYS C 159 41.58 -7.58 -33.23
N PRO C 160 40.76 -8.38 -33.92
CA PRO C 160 41.27 -9.62 -34.53
C PRO C 160 42.29 -9.39 -35.63
N THR C 161 42.14 -8.32 -36.42
CA THR C 161 43.02 -8.06 -37.54
C THR C 161 44.06 -6.97 -37.26
N LYS C 162 44.14 -6.50 -36.00
CA LYS C 162 45.08 -5.46 -35.58
C LYS C 162 44.93 -4.17 -36.39
N ALA C 163 43.68 -3.82 -36.73
CA ALA C 163 43.44 -2.61 -37.50
C ALA C 163 43.64 -1.37 -36.66
N LEU C 164 43.11 -1.35 -35.43
CA LEU C 164 43.22 -0.19 -34.57
C LEU C 164 44.59 -0.12 -33.92
N HIS C 165 45.18 1.07 -33.90
CA HIS C 165 46.43 1.31 -33.21
C HIS C 165 46.42 2.72 -32.63
N LEU C 166 47.03 2.85 -31.46
CA LEU C 166 47.04 4.13 -30.74
C LEU C 166 48.11 5.04 -31.33
N VAL C 167 47.68 6.17 -31.88
CA VAL C 167 48.60 7.20 -32.34
C VAL C 167 49.00 8.05 -31.14
N ASP C 168 50.27 8.24 -30.88
CA ASP C 168 50.62 8.97 -29.65
C ASP C 168 51.69 10.01 -29.93
N ASN C 169 51.38 11.26 -29.71
CA ASN C 169 52.44 12.29 -29.79
C ASN C 169 52.76 12.73 -28.37
N THR C 170 53.98 12.46 -27.88
CA THR C 170 54.43 12.95 -26.55
C THR C 170 53.25 13.28 -25.64
N LEU D 4 -16.89 -1.46 -5.46
CA LEU D 4 -18.04 -1.19 -4.62
C LEU D 4 -18.13 0.29 -4.26
N LEU D 5 -17.11 0.80 -3.58
CA LEU D 5 -17.09 2.21 -3.19
C LEU D 5 -16.89 3.11 -4.40
N GLY D 6 -15.91 2.78 -5.24
CA GLY D 6 -15.60 3.60 -6.39
C GLY D 6 -15.78 2.88 -7.71
N PRO D 7 -16.04 3.64 -8.78
CA PRO D 7 -16.18 3.03 -10.10
C PRO D 7 -14.84 2.54 -10.63
N ARG D 8 -14.91 1.55 -11.52
CA ARG D 8 -13.73 0.88 -12.05
C ARG D 8 -13.88 0.70 -13.56
N ASP D 9 -12.79 0.31 -14.21
CA ASP D 9 -12.83 -0.04 -15.63
C ASP D 9 -13.19 -1.52 -15.76
N ALA D 10 -13.05 -2.05 -16.99
CA ALA D 10 -13.19 -3.49 -17.17
C ALA D 10 -12.03 -4.25 -16.57
N ASN D 11 -10.85 -3.64 -16.52
CA ASN D 11 -9.70 -4.27 -15.87
C ASN D 11 -9.80 -4.27 -14.35
N GLY D 12 -10.59 -3.36 -13.79
CA GLY D 12 -10.68 -3.18 -12.36
C GLY D 12 -9.92 -2.00 -11.81
N ILE D 13 -9.24 -1.23 -12.66
CA ILE D 13 -8.52 -0.04 -12.21
C ILE D 13 -9.52 1.03 -11.81
N PRO D 14 -9.33 1.72 -10.68
CA PRO D 14 -10.28 2.77 -10.29
C PRO D 14 -10.24 3.97 -11.21
N VAL D 15 -11.39 4.62 -11.35
CA VAL D 15 -11.54 5.86 -12.11
C VAL D 15 -12.14 6.90 -11.17
N PRO D 16 -11.91 8.20 -11.45
CA PRO D 16 -12.54 9.24 -10.63
C PRO D 16 -14.06 9.20 -10.73
N MET D 17 -14.70 9.52 -9.61
CA MET D 17 -16.16 9.53 -9.55
C MET D 17 -16.73 10.67 -10.38
N THR D 18 -17.95 10.46 -10.87
CA THR D 18 -18.68 11.47 -11.63
C THR D 18 -19.94 11.82 -10.86
N VAL D 19 -20.01 13.06 -10.36
CA VAL D 19 -21.22 13.51 -9.68
C VAL D 19 -22.32 13.76 -10.71
N ASP D 20 -23.55 13.70 -10.24
CA ASP D 20 -24.69 13.96 -11.09
C ASP D 20 -24.62 15.47 -11.31
N GLU D 21 -25.19 15.91 -12.44
CA GLU D 21 -25.26 17.35 -12.70
C GLU D 21 -26.34 18.11 -11.88
N SER D 22 -27.31 17.34 -11.41
CA SER D 22 -28.30 17.89 -10.47
C SER D 22 -27.49 18.18 -9.22
N ILE D 23 -26.61 17.25 -8.82
CA ILE D 23 -25.79 17.46 -7.64
C ILE D 23 -24.73 18.54 -7.89
N ALA D 24 -24.17 18.57 -9.10
CA ALA D 24 -23.11 19.51 -9.42
C ALA D 24 -23.62 20.86 -9.92
N SER D 25 -24.93 21.02 -10.08
CA SER D 25 -25.47 22.26 -10.62
C SER D 25 -25.44 23.41 -9.63
N MET D 26 -25.47 23.13 -8.33
CA MET D 26 -25.57 24.17 -7.30
C MET D 26 -24.25 24.42 -6.57
N LYS D 27 -23.12 24.14 -7.23
CA LYS D 27 -21.83 24.38 -6.61
C LYS D 27 -21.56 25.87 -6.42
N ALA D 28 -21.96 26.71 -7.37
CA ALA D 28 -21.77 28.15 -7.23
C ALA D 28 -22.62 28.71 -6.09
N SER D 29 -23.85 28.23 -5.96
CA SER D 29 -24.71 28.64 -4.85
C SER D 29 -24.15 28.16 -3.52
N LEU D 30 -23.58 26.95 -3.48
CA LEU D 30 -22.92 26.48 -2.27
C LEU D 30 -21.72 27.34 -1.93
N LEU D 31 -20.96 27.76 -2.95
CA LEU D 31 -19.80 28.62 -2.72
C LEU D 31 -20.20 29.97 -2.15
N LYS D 32 -21.23 30.60 -2.71
CA LYS D 32 -21.69 31.87 -2.17
C LYS D 32 -22.41 31.71 -0.83
N LYS D 33 -22.87 30.50 -0.52
CA LYS D 33 -23.41 30.23 0.81
C LYS D 33 -22.30 30.11 1.85
N ILE D 34 -21.21 29.43 1.51
CA ILE D 34 -20.13 29.17 2.46
C ILE D 34 -19.02 30.19 2.30
N LYS D 35 -19.31 31.29 1.60
CA LYS D 35 -18.33 32.37 1.44
C LYS D 35 -17.95 32.98 2.79
N ARG D 36 -18.92 33.18 3.68
CA ARG D 36 -18.65 33.78 4.97
C ARG D 36 -18.37 32.76 6.07
N SER D 37 -18.58 31.47 5.81
CA SER D 37 -18.32 30.44 6.81
C SER D 37 -18.08 29.13 6.09
N ALA D 38 -16.84 28.64 6.13
CA ALA D 38 -16.46 27.40 5.45
C ALA D 38 -16.05 26.36 6.46
N TYR D 39 -16.60 25.16 6.33
CA TYR D 39 -16.27 24.03 7.20
C TYR D 39 -15.42 23.06 6.40
N VAL D 40 -14.15 22.95 6.76
CA VAL D 40 -13.15 22.24 5.97
C VAL D 40 -12.65 21.04 6.77
N TYR D 41 -12.67 19.86 6.14
CA TYR D 41 -12.16 18.63 6.74
C TYR D 41 -10.91 18.21 5.98
N ARG D 42 -9.79 18.10 6.70
CA ARG D 42 -8.55 17.60 6.11
C ARG D 42 -8.66 16.11 5.88
N VAL D 43 -8.42 15.67 4.65
CA VAL D 43 -8.34 14.25 4.34
C VAL D 43 -6.92 13.92 3.92
N ASP D 44 -6.10 13.55 4.89
CA ASP D 44 -4.68 13.27 4.62
C ASP D 44 -4.57 11.89 4.02
N CYS D 45 -3.86 11.78 2.91
CA CYS D 45 -3.75 10.48 2.23
C CYS D 45 -2.29 10.11 2.30
N GLY D 46 -1.78 9.49 1.25
CA GLY D 46 -0.40 8.99 1.32
C GLY D 46 0.66 10.03 1.12
N GLY D 47 0.81 10.92 2.10
CA GLY D 47 1.77 12.02 1.91
C GLY D 47 2.62 12.30 3.11
N CYS D 48 3.69 13.07 2.95
CA CYS D 48 4.65 13.47 4.01
C CYS D 48 4.05 14.56 4.89
N ASN D 49 4.49 14.62 6.14
CA ASN D 49 3.84 15.56 7.09
C ASN D 49 3.89 17.01 6.63
N GLY D 50 4.87 17.33 5.79
CA GLY D 50 4.98 18.70 5.31
C GLY D 50 3.63 19.23 4.86
N CYS D 51 2.90 18.41 4.10
CA CYS D 51 1.63 18.87 3.48
C CYS D 51 0.49 18.77 4.48
N GLU D 52 0.80 18.38 5.70
CA GLU D 52 -0.17 18.23 6.78
C GLU D 52 0.05 19.26 7.88
N ILE D 53 1.29 19.48 8.29
CA ILE D 53 1.57 20.44 9.35
C ILE D 53 1.33 21.87 8.88
N GLU D 54 1.66 22.15 7.61
CA GLU D 54 1.41 23.48 7.05
C GLU D 54 -0.09 23.77 6.93
N ILE D 55 -0.90 22.74 6.64
CA ILE D 55 -2.34 22.90 6.63
C ILE D 55 -2.86 23.15 8.04
N PHE D 56 -2.27 22.48 9.04
CA PHE D 56 -2.61 22.74 10.43
C PHE D 56 -2.05 24.07 10.92
N ALA D 57 -1.06 24.62 10.22
CA ALA D 57 -0.52 25.93 10.54
C ALA D 57 -1.32 27.06 9.93
N THR D 58 -2.38 26.75 9.18
CA THR D 58 -3.28 27.77 8.66
C THR D 58 -4.15 28.40 9.75
N LEU D 59 -4.24 27.78 10.92
CA LEU D 59 -4.93 28.35 12.08
C LEU D 59 -3.94 28.70 13.19
N SER D 60 -2.66 28.83 12.85
CA SER D 60 -1.61 29.10 13.83
C SER D 60 -1.53 30.59 14.11
N PRO D 61 -0.60 31.01 14.98
CA PRO D 61 -0.44 32.45 15.24
C PRO D 61 0.04 33.26 14.03
N LEU D 62 0.88 32.67 13.18
CA LEU D 62 1.41 33.42 12.04
C LEU D 62 0.35 33.66 10.99
N PHE D 63 -0.40 32.62 10.62
CA PHE D 63 -1.48 32.73 9.64
C PHE D 63 -2.75 32.15 10.25
N ASP D 64 -3.84 32.90 10.15
CA ASP D 64 -5.11 32.53 10.75
C ASP D 64 -6.15 32.25 9.67
N ALA D 65 -7.03 31.29 9.95
CA ALA D 65 -8.10 30.92 9.04
C ALA D 65 -9.50 31.23 9.58
N GLU D 66 -9.67 31.32 10.90
CA GLU D 66 -10.97 31.63 11.46
C GLU D 66 -11.37 33.08 11.24
N ARG D 67 -10.41 33.96 10.98
CA ARG D 67 -10.74 35.35 10.66
C ARG D 67 -11.43 35.46 9.31
N PHE D 68 -11.19 34.51 8.41
CA PHE D 68 -11.87 34.45 7.13
C PHE D 68 -13.08 33.51 7.15
N GLY D 69 -13.34 32.86 8.29
CA GLY D 69 -14.49 32.00 8.43
C GLY D 69 -14.21 30.52 8.35
N ILE D 70 -12.99 30.13 7.97
CA ILE D 70 -12.65 28.71 7.82
C ILE D 70 -12.46 28.08 9.20
N LYS D 71 -13.22 27.03 9.47
CA LYS D 71 -13.10 26.27 10.70
C LYS D 71 -12.92 24.79 10.37
N VAL D 72 -11.94 24.15 10.98
CA VAL D 72 -11.67 22.74 10.74
C VAL D 72 -12.65 21.89 11.53
N VAL D 73 -13.29 20.94 10.87
CA VAL D 73 -14.32 20.11 11.47
C VAL D 73 -13.78 18.72 11.79
N PRO D 74 -14.34 18.02 12.79
CA PRO D 74 -13.84 16.67 13.12
C PRO D 74 -14.45 15.54 12.32
N SER D 75 -15.48 15.80 11.51
CA SER D 75 -16.18 14.73 10.80
C SER D 75 -16.45 15.18 9.37
N PRO D 76 -16.46 14.25 8.42
CA PRO D 76 -16.89 14.60 7.05
C PRO D 76 -18.33 15.07 6.97
N ARG D 77 -19.19 14.63 7.90
CA ARG D 77 -20.59 15.05 7.90
C ARG D 77 -20.74 16.54 8.11
N HIS D 78 -19.81 17.17 8.85
CA HIS D 78 -19.84 18.60 9.05
C HIS D 78 -19.18 19.37 7.90
N ALA D 79 -18.56 18.68 6.96
CA ALA D 79 -17.68 19.33 6.00
C ALA D 79 -18.44 19.86 4.78
N ASP D 80 -18.10 21.09 4.41
CA ASP D 80 -18.47 21.64 3.11
C ASP D 80 -17.32 21.65 2.13
N ILE D 81 -16.09 21.67 2.62
CA ILE D 81 -14.88 21.60 1.80
C ILE D 81 -14.08 20.40 2.26
N LEU D 82 -13.72 19.53 1.32
CA LEU D 82 -12.90 18.36 1.63
C LEU D 82 -11.50 18.62 1.11
N LEU D 83 -10.56 18.87 2.02
CA LEU D 83 -9.18 19.17 1.67
C LEU D 83 -8.39 17.86 1.57
N PHE D 84 -7.96 17.51 0.36
CA PHE D 84 -7.16 16.33 0.11
C PHE D 84 -5.70 16.71 0.04
N THR D 85 -4.85 15.88 0.65
CA THR D 85 -3.46 16.25 0.92
C THR D 85 -2.44 15.43 0.13
N GLY D 86 -2.46 14.11 0.26
CA GLY D 86 -1.40 13.27 -0.26
C GLY D 86 -1.76 12.51 -1.53
N ALA D 87 -0.73 11.89 -2.10
CA ALA D 87 -0.93 11.01 -3.26
C ALA D 87 -1.67 9.76 -2.83
N VAL D 88 -2.65 9.34 -3.65
CA VAL D 88 -3.60 8.32 -3.24
C VAL D 88 -2.94 6.95 -3.21
N THR D 89 -2.53 6.53 -2.02
CA THR D 89 -1.98 5.20 -1.82
C THR D 89 -3.10 4.16 -1.98
N ARG D 90 -2.75 2.97 -2.45
CA ARG D 90 -3.72 1.89 -2.64
C ARG D 90 -4.44 1.53 -1.35
N ALA D 91 -3.76 1.61 -0.21
CA ALA D 91 -4.40 1.39 1.07
C ALA D 91 -5.22 2.60 1.53
N MET D 92 -5.07 3.75 0.87
CA MET D 92 -5.71 4.99 1.29
C MET D 92 -6.81 5.44 0.34
N ARG D 93 -7.02 4.72 -0.77
CA ARG D 93 -8.10 5.10 -1.67
C ARG D 93 -9.47 4.86 -1.06
N SER D 94 -9.64 3.70 -0.41
CA SER D 94 -10.93 3.37 0.20
C SER D 94 -11.31 4.30 1.36
N PRO D 95 -10.43 4.62 2.33
CA PRO D 95 -10.83 5.63 3.34
C PRO D 95 -11.09 7.02 2.77
N ALA D 96 -10.34 7.44 1.76
CA ALA D 96 -10.59 8.74 1.13
C ALA D 96 -11.94 8.75 0.42
N LEU D 97 -12.29 7.65 -0.24
CA LEU D 97 -13.61 7.54 -0.85
C LEU D 97 -14.70 7.54 0.21
N ARG D 98 -14.47 6.86 1.34
CA ARG D 98 -15.46 6.83 2.41
C ARG D 98 -15.68 8.23 3.00
N ALA D 99 -14.59 9.00 3.15
CA ALA D 99 -14.71 10.39 3.57
C ALA D 99 -15.41 11.23 2.52
N TRP D 100 -15.28 10.86 1.24
CA TRP D 100 -16.00 11.57 0.18
C TRP D 100 -17.50 11.32 0.27
N GLN D 101 -17.94 10.06 0.36
CA GLN D 101 -19.38 9.82 0.43
C GLN D 101 -19.99 10.19 1.77
N SER D 102 -19.19 10.28 2.84
CA SER D 102 -19.76 10.63 4.13
C SER D 102 -20.20 12.09 4.19
N ALA D 103 -19.56 12.96 3.41
CA ALA D 103 -19.90 14.37 3.43
C ALA D 103 -21.22 14.61 2.69
N PRO D 104 -21.97 15.64 3.11
CA PRO D 104 -23.24 15.93 2.42
C PRO D 104 -23.01 16.60 1.07
N ASP D 105 -23.77 16.15 0.08
CA ASP D 105 -23.72 16.73 -1.26
C ASP D 105 -24.44 18.07 -1.28
N PRO D 106 -23.95 19.05 -2.05
CA PRO D 106 -22.72 19.03 -2.84
C PRO D 106 -21.47 19.33 -2.01
N LYS D 107 -20.30 19.04 -2.56
CA LYS D 107 -19.04 19.22 -1.86
C LYS D 107 -18.11 20.11 -2.68
N ILE D 108 -17.08 20.62 -2.01
CA ILE D 108 -15.96 21.29 -2.65
C ILE D 108 -14.70 20.52 -2.27
N CYS D 109 -13.90 20.18 -3.28
CA CYS D 109 -12.66 19.45 -3.06
C CYS D 109 -11.48 20.33 -3.45
N ILE D 110 -10.49 20.41 -2.57
CA ILE D 110 -9.29 21.19 -2.80
C ILE D 110 -8.09 20.26 -2.69
N SER D 111 -7.34 20.13 -3.78
CA SER D 111 -6.10 19.36 -3.76
C SER D 111 -4.97 20.22 -3.23
N TYR D 112 -4.27 19.73 -2.21
CA TYR D 112 -3.25 20.51 -1.51
C TYR D 112 -1.89 19.87 -1.78
N GLY D 113 -1.02 20.60 -2.43
CA GLY D 113 0.35 20.14 -2.64
C GLY D 113 0.62 19.34 -3.88
N ALA D 114 1.89 19.24 -4.28
CA ALA D 114 2.29 18.54 -5.51
C ALA D 114 1.89 17.10 -5.42
N CYS D 115 2.00 16.53 -4.26
CA CYS D 115 1.71 15.10 -4.07
C CYS D 115 0.23 14.89 -4.15
N GLY D 116 -0.56 15.88 -3.82
CA GLY D 116 -1.98 15.71 -3.96
C GLY D 116 -2.50 16.08 -5.33
N ASN D 117 -1.81 17.00 -6.02
CA ASN D 117 -2.27 17.43 -7.34
C ASN D 117 -2.09 16.34 -8.38
N SER D 118 -0.91 15.73 -8.45
CA SER D 118 -0.61 14.78 -9.50
C SER D 118 0.22 13.59 -9.04
N GLY D 119 0.48 13.45 -7.74
CA GLY D 119 1.37 12.43 -7.23
C GLY D 119 2.75 12.96 -6.88
N GLY D 120 3.14 14.11 -7.42
CA GLY D 120 4.42 14.69 -7.08
C GLY D 120 5.58 13.88 -7.61
N ILE D 121 6.51 13.53 -6.73
CA ILE D 121 7.66 12.71 -7.11
C ILE D 121 7.31 11.24 -7.18
N PHE D 122 6.14 10.83 -6.71
CA PHE D 122 5.68 9.45 -6.77
C PHE D 122 4.56 9.26 -7.79
N HIS D 123 4.61 9.97 -8.92
CA HIS D 123 3.46 10.00 -9.82
C HIS D 123 3.29 8.66 -10.55
N ASP D 124 4.39 8.02 -10.93
CA ASP D 124 4.34 6.74 -11.64
C ASP D 124 4.92 5.67 -10.71
N LEU D 125 4.07 5.09 -9.87
CA LEU D 125 4.55 4.15 -8.87
C LEU D 125 3.42 3.19 -8.53
N TYR D 126 3.76 1.95 -8.25
CA TYR D 126 2.76 0.89 -8.09
C TYR D 126 1.88 1.07 -6.87
N CYS D 127 2.31 1.76 -5.85
CA CYS D 127 1.49 1.79 -4.62
C CYS D 127 0.67 3.06 -4.53
N VAL D 128 0.85 3.99 -5.46
CA VAL D 128 0.02 5.20 -5.52
C VAL D 128 -0.90 5.10 -6.71
N TRP D 129 -2.04 5.79 -6.75
CA TRP D 129 -2.90 6.02 -7.90
C TRP D 129 -2.66 7.37 -8.55
N GLY D 130 -1.63 8.09 -8.12
CA GLY D 130 -1.36 9.41 -8.66
C GLY D 130 -1.84 10.52 -7.76
N GLY D 131 -2.43 11.56 -8.35
CA GLY D 131 -2.99 12.65 -7.58
C GLY D 131 -4.38 12.33 -7.08
N THR D 132 -4.94 13.29 -6.34
CA THR D 132 -6.26 13.09 -5.76
C THR D 132 -7.38 13.22 -6.79
N ASP D 133 -7.10 13.79 -7.96
CA ASP D 133 -8.09 13.88 -9.02
C ASP D 133 -8.32 12.54 -9.72
N LYS D 134 -7.50 11.53 -9.45
CA LYS D 134 -7.69 10.21 -10.03
C LYS D 134 -8.74 9.38 -9.30
N ILE D 135 -9.24 9.83 -8.15
CA ILE D 135 -10.28 9.14 -7.41
C ILE D 135 -11.54 9.98 -7.26
N VAL D 136 -11.39 11.28 -7.03
CA VAL D 136 -12.53 12.16 -6.80
C VAL D 136 -12.37 13.42 -7.66
N PRO D 137 -13.47 14.10 -8.04
CA PRO D 137 -13.33 15.38 -8.72
C PRO D 137 -12.71 16.42 -7.80
N VAL D 138 -11.93 17.33 -8.40
CA VAL D 138 -11.22 18.37 -7.67
C VAL D 138 -11.61 19.72 -8.24
N ASP D 139 -11.98 20.65 -7.37
CA ASP D 139 -12.41 21.99 -7.80
C ASP D 139 -11.25 22.99 -7.82
N VAL D 140 -10.41 22.98 -6.79
CA VAL D 140 -9.33 23.94 -6.65
C VAL D 140 -8.03 23.18 -6.43
N TYR D 141 -6.99 23.52 -7.20
CA TYR D 141 -5.68 22.91 -7.07
C TYR D 141 -4.72 23.91 -6.41
N ILE D 142 -4.04 23.47 -5.36
CA ILE D 142 -3.04 24.30 -4.69
C ILE D 142 -1.68 23.61 -4.79
N PRO D 143 -0.75 24.15 -5.56
CA PRO D 143 0.56 23.52 -5.70
C PRO D 143 1.54 23.97 -4.62
N GLY D 144 2.65 23.26 -4.55
CA GLY D 144 3.73 23.60 -3.64
C GLY D 144 4.22 22.32 -3.04
N CYS D 145 5.44 22.31 -2.54
CA CYS D 145 5.90 21.13 -1.78
C CYS D 145 6.78 21.62 -0.64
N PRO D 146 6.32 21.98 0.59
CA PRO D 146 4.90 22.17 0.93
C PRO D 146 4.40 23.56 0.52
N PRO D 147 3.10 23.72 0.34
CA PRO D 147 2.56 25.06 0.06
C PRO D 147 2.74 25.97 1.27
N THR D 148 3.19 27.20 1.01
CA THR D 148 3.37 28.20 2.06
C THR D 148 1.99 28.60 2.57
N PRO D 149 1.87 29.02 3.84
CA PRO D 149 0.54 29.41 4.35
C PRO D 149 -0.11 30.56 3.61
N ALA D 150 0.69 31.45 3.01
CA ALA D 150 0.13 32.47 2.14
C ALA D 150 -0.57 31.85 0.93
N ALA D 151 0.02 30.80 0.36
CA ALA D 151 -0.61 30.08 -0.74
C ALA D 151 -1.87 29.36 -0.29
N THR D 152 -1.88 28.82 0.94
CA THR D 152 -3.09 28.16 1.45
C THR D 152 -4.22 29.16 1.64
N LEU D 153 -3.91 30.34 2.21
CA LEU D 153 -4.92 31.38 2.37
C LEU D 153 -5.42 31.89 1.02
N TYR D 154 -4.51 32.04 0.04
CA TYR D 154 -4.93 32.46 -1.29
C TYR D 154 -5.81 31.40 -1.95
N GLY D 155 -5.46 30.13 -1.78
CA GLY D 155 -6.28 29.07 -2.37
C GLY D 155 -7.67 29.00 -1.77
N PHE D 156 -7.77 29.12 -0.44
CA PHE D 156 -9.07 29.10 0.19
C PHE D 156 -9.89 30.35 -0.13
N ALA D 157 -9.23 31.51 -0.21
CA ALA D 157 -9.94 32.74 -0.56
C ALA D 157 -10.43 32.72 -2.00
N MET D 158 -9.63 32.15 -2.91
CA MET D 158 -10.06 32.02 -4.30
C MET D 158 -11.13 30.96 -4.45
N ALA D 159 -11.11 29.91 -3.63
CA ALA D 159 -12.18 28.93 -3.63
C ALA D 159 -13.48 29.53 -3.13
N LEU D 160 -13.41 30.41 -2.13
CA LEU D 160 -14.59 31.05 -1.57
C LEU D 160 -15.03 32.29 -2.33
N GLY D 161 -14.30 32.66 -3.39
CA GLY D 161 -14.67 33.80 -4.21
C GLY D 161 -14.19 35.14 -3.71
N LEU D 162 -13.43 35.17 -2.62
CA LEU D 162 -12.90 36.44 -2.11
C LEU D 162 -11.80 36.98 -3.02
N LEU D 163 -11.09 36.11 -3.73
CA LEU D 163 -10.04 36.50 -4.65
C LEU D 163 -10.32 35.78 -5.96
N GLU D 164 -9.52 36.07 -6.98
CA GLU D 164 -9.65 35.48 -8.30
C GLU D 164 -8.32 34.82 -8.67
N GLN D 165 -8.39 33.94 -9.67
CA GLN D 165 -7.20 33.25 -10.13
C GLN D 165 -6.18 34.18 -10.79
N LYS D 166 -4.90 33.97 -10.46
CA LYS D 166 -3.83 34.85 -10.93
C LYS D 166 -3.08 34.26 -12.13
N ILE D 167 -2.58 33.03 -12.02
CA ILE D 167 -1.80 32.44 -13.09
C ILE D 167 -2.71 31.73 -14.08
N HIS D 168 -2.28 31.70 -15.34
CA HIS D 168 -2.97 31.02 -16.42
C HIS D 168 -1.96 30.21 -17.21
N ALA D 169 -2.48 29.46 -18.19
CA ALA D 169 -1.60 28.68 -19.04
C ALA D 169 -0.86 29.57 -20.03
N ARG D 170 0.34 29.14 -20.40
CA ARG D 170 1.10 29.78 -21.47
C ARG D 170 1.32 28.74 -22.57
N GLY D 171 0.91 29.09 -23.79
CA GLY D 171 1.06 28.20 -24.92
C GLY D 171 2.23 28.58 -25.79
N PRO D 172 2.46 27.80 -26.85
CA PRO D 172 3.51 28.17 -27.81
C PRO D 172 3.15 29.44 -28.58
N GLY D 173 4.20 30.19 -28.92
CA GLY D 173 4.01 31.45 -29.60
C GLY D 173 5.20 31.92 -30.43
N GLU D 174 5.28 33.24 -30.66
CA GLU D 174 6.35 33.79 -31.47
C GLU D 174 7.67 33.81 -30.72
N LEU D 175 7.63 33.97 -29.40
CA LEU D 175 8.85 34.11 -28.61
C LEU D 175 9.66 32.81 -28.55
N ASP D 176 9.07 31.68 -28.94
CA ASP D 176 9.82 30.42 -28.95
C ASP D 176 10.94 30.46 -29.99
N GLU D 177 10.66 31.00 -31.18
CA GLU D 177 11.58 30.94 -32.29
C GLU D 177 12.53 32.14 -32.37
N GLN D 178 12.37 33.12 -31.49
CA GLN D 178 13.33 34.21 -31.42
C GLN D 178 14.65 33.67 -30.87
N PRO D 179 15.79 34.02 -31.45
CA PRO D 179 17.05 33.39 -31.05
C PRO D 179 17.48 33.76 -29.64
N ALA D 180 18.21 32.84 -29.01
CA ALA D 180 18.77 33.07 -27.69
C ALA D 180 20.05 33.88 -27.78
N GLU D 181 20.33 34.63 -26.72
CA GLU D 181 21.48 35.52 -26.67
C GLU D 181 22.53 34.98 -25.71
N ILE D 182 23.79 35.31 -25.98
CA ILE D 182 24.89 34.93 -25.12
C ILE D 182 24.84 35.80 -23.86
N LEU D 183 24.77 35.15 -22.70
CA LEU D 183 24.75 35.87 -21.43
C LEU D 183 26.18 36.13 -20.96
N HIS D 184 26.41 37.35 -20.47
CA HIS D 184 27.72 37.83 -20.02
C HIS D 184 28.77 37.68 -21.13
N GLY D 185 28.39 38.09 -22.35
CA GLY D 185 29.26 37.94 -23.50
C GLY D 185 30.29 39.04 -23.64
N ASP D 186 31.13 39.22 -22.62
CA ASP D 186 32.23 40.18 -22.66
C ASP D 186 33.57 39.48 -22.66
N MET D 187 33.82 38.62 -21.68
CA MET D 187 35.00 37.77 -21.66
C MET D 187 34.70 36.45 -22.37
N VAL D 188 35.73 35.62 -22.53
CA VAL D 188 35.55 34.34 -23.20
C VAL D 188 34.75 33.39 -22.32
N GLN D 189 33.91 32.58 -22.96
CA GLN D 189 33.05 31.66 -22.23
C GLN D 189 33.75 30.61 -21.36
N PRO D 190 34.85 29.97 -21.82
CA PRO D 190 35.66 29.10 -20.96
C PRO D 190 35.89 29.70 -19.57
N LEU D 191 36.55 30.85 -19.43
CA LEU D 191 36.82 31.35 -18.06
C LEU D 191 35.50 31.53 -17.28
N ARG D 192 34.49 32.13 -17.88
CA ARG D 192 33.25 32.35 -17.13
C ARG D 192 32.73 31.03 -16.60
N VAL D 193 32.78 29.97 -17.42
CA VAL D 193 32.33 28.66 -16.99
C VAL D 193 33.22 28.11 -15.88
N LYS D 194 34.54 28.27 -16.02
CA LYS D 194 35.46 27.79 -15.00
C LYS D 194 35.29 28.51 -13.68
N VAL D 195 35.15 29.85 -13.71
CA VAL D 195 34.95 30.56 -12.45
C VAL D 195 33.56 30.29 -11.87
N ASP D 196 32.57 30.01 -12.72
CA ASP D 196 31.25 29.62 -12.21
C ASP D 196 31.31 28.28 -11.49
N ARG D 197 32.03 27.31 -12.07
CA ARG D 197 32.21 26.03 -11.41
C ARG D 197 33.01 26.17 -10.12
N GLU D 198 34.03 27.02 -10.13
CA GLU D 198 34.85 27.24 -8.94
C GLU D 198 34.05 27.88 -7.81
N ALA D 199 33.17 28.83 -8.15
CA ALA D 199 32.32 29.44 -7.14
C ALA D 199 31.22 28.48 -6.68
N ARG D 200 30.75 27.61 -7.58
CA ARG D 200 29.74 26.63 -7.18
C ARG D 200 30.32 25.55 -6.27
N ARG D 201 31.61 25.26 -6.41
CA ARG D 201 32.23 24.29 -5.51
C ARG D 201 32.37 24.86 -4.10
N LEU D 202 32.70 26.15 -3.99
CA LEU D 202 33.03 26.76 -2.71
C LEU D 202 31.86 27.43 -2.01
N ALA D 203 30.89 27.95 -2.75
CA ALA D 203 29.79 28.71 -2.15
C ALA D 203 28.45 28.01 -2.30
N GLY D 204 28.04 27.68 -3.50
CA GLY D 204 26.76 27.02 -3.69
C GLY D 204 26.24 27.20 -5.10
N TYR D 205 25.10 26.60 -5.37
CA TYR D 205 24.53 26.91 -6.69
C TYR D 205 24.24 28.39 -6.60
N ARG D 206 23.32 28.75 -5.69
CA ARG D 206 22.88 30.17 -5.57
C ARG D 206 24.00 31.12 -5.19
N TYR D 207 24.68 30.81 -4.10
CA TYR D 207 25.71 31.76 -3.65
C TYR D 207 26.78 31.83 -4.74
N GLY D 208 27.10 30.72 -5.38
CA GLY D 208 28.19 30.73 -6.36
C GLY D 208 27.87 31.55 -7.58
N ARG D 209 26.68 31.44 -8.12
CA ARG D 209 26.36 32.32 -9.27
C ARG D 209 26.47 33.73 -8.73
N GLN D 210 25.95 33.98 -7.54
CA GLN D 210 25.98 35.38 -7.07
C GLN D 210 27.42 35.90 -6.96
N ILE D 211 28.33 35.14 -6.36
CA ILE D 211 29.71 35.63 -6.14
C ILE D 211 30.40 35.78 -7.48
N ALA D 212 30.20 34.81 -8.37
CA ALA D 212 30.93 34.88 -9.66
C ALA D 212 30.42 36.08 -10.44
N ASP D 213 29.12 36.37 -10.39
CA ASP D 213 28.54 37.52 -11.17
C ASP D 213 29.06 38.82 -10.56
N ASP D 214 29.21 38.85 -9.23
CA ASP D 214 29.79 40.05 -8.61
C ASP D 214 31.20 40.18 -9.15
N TYR D 215 31.94 39.07 -9.22
CA TYR D 215 33.34 39.13 -9.67
C TYR D 215 33.37 39.62 -11.12
N LEU D 216 32.39 39.18 -11.92
CA LEU D 216 32.32 39.50 -13.37
C LEU D 216 32.08 41.00 -13.54
N THR D 217 31.17 41.56 -12.75
CA THR D 217 31.00 43.02 -12.86
C THR D 217 32.29 43.66 -12.38
N GLN D 218 33.05 42.97 -11.51
CA GLN D 218 34.25 43.64 -11.04
C GLN D 218 35.47 43.35 -11.90
N LEU D 219 35.28 42.53 -12.94
CA LEU D 219 36.41 42.31 -13.88
C LEU D 219 36.50 43.56 -14.76
N GLY D 220 35.46 44.38 -14.76
CA GLY D 220 35.51 45.63 -15.52
C GLY D 220 36.62 46.52 -15.01
N GLN D 221 36.74 46.69 -13.69
CA GLN D 221 37.89 47.44 -13.17
C GLN D 221 38.63 46.52 -12.21
N GLY D 222 39.78 45.97 -12.61
CA GLY D 222 40.42 45.01 -11.70
C GLY D 222 40.54 45.60 -10.32
N GLU D 223 41.47 46.53 -10.14
CA GLU D 223 41.74 47.03 -8.77
C GLU D 223 40.46 47.59 -8.12
N GLU D 224 39.66 48.37 -8.84
CA GLU D 224 38.53 49.05 -8.14
C GLU D 224 37.51 48.08 -7.54
N GLN D 225 37.13 47.07 -8.32
CA GLN D 225 36.04 46.27 -7.71
C GLN D 225 36.64 45.07 -7.00
N VAL D 226 37.95 44.90 -7.16
CA VAL D 226 38.62 43.86 -6.35
C VAL D 226 38.46 44.48 -4.96
N ALA D 227 38.69 45.79 -4.92
CA ALA D 227 38.56 46.53 -3.66
C ALA D 227 37.12 46.43 -3.17
N ARG D 228 36.12 46.58 -4.05
CA ARG D 228 34.74 46.49 -3.47
C ARG D 228 34.53 45.11 -2.84
N TRP D 229 34.91 44.03 -3.53
CA TRP D 229 34.65 42.67 -3.00
C TRP D 229 35.39 42.51 -1.68
N LEU D 230 36.62 43.05 -1.59
CA LEU D 230 37.47 42.96 -0.36
C LEU D 230 36.89 43.75 0.82
N GLU D 231 36.36 44.96 0.59
CA GLU D 231 35.96 45.81 1.74
C GLU D 231 34.46 45.71 2.08
N ALA D 232 33.58 46.01 1.13
CA ALA D 232 32.13 46.02 1.45
C ALA D 232 31.70 44.88 2.37
N GLU D 233 31.84 43.65 1.93
CA GLU D 233 31.33 42.52 2.74
C GLU D 233 32.04 42.39 4.09
N ASN D 234 33.37 42.48 4.13
CA ASN D 234 34.11 42.20 5.40
C ASN D 234 33.67 40.81 5.89
N ASP D 235 33.34 39.90 4.97
CA ASP D 235 33.00 38.52 5.39
C ASP D 235 34.26 37.69 5.17
N PRO D 236 34.93 37.11 6.17
CA PRO D 236 36.05 36.21 5.84
C PRO D 236 35.67 35.20 4.73
N ARG D 237 34.50 34.57 4.81
CA ARG D 237 34.15 33.51 3.82
C ARG D 237 34.06 34.07 2.41
N LEU D 238 33.39 35.21 2.22
CA LEU D 238 33.21 35.78 0.87
C LEU D 238 34.59 36.16 0.34
N ASN D 239 35.45 36.65 1.21
CA ASN D 239 36.82 37.02 0.78
C ASN D 239 37.56 35.78 0.31
N GLU D 240 37.49 34.68 1.05
CA GLU D 240 38.14 33.42 0.57
C GLU D 240 37.56 32.99 -0.78
N ILE D 241 36.22 33.08 -0.95
CA ILE D 241 35.60 32.69 -2.24
C ILE D 241 36.22 33.55 -3.36
N VAL D 242 36.28 34.86 -3.16
CA VAL D 242 36.83 35.78 -4.21
C VAL D 242 38.30 35.47 -4.45
N SER D 243 39.11 35.23 -3.43
CA SER D 243 40.55 34.99 -3.70
C SER D 243 40.65 33.71 -4.54
N HIS D 244 39.89 32.68 -4.19
CA HIS D 244 40.08 31.43 -4.96
C HIS D 244 39.63 31.65 -6.42
N LEU D 245 38.53 32.38 -6.62
CA LEU D 245 38.02 32.61 -8.00
C LEU D 245 39.08 33.38 -8.78
N ASN D 246 39.71 34.35 -8.11
CA ASN D 246 40.72 35.21 -8.76
C ASN D 246 41.91 34.34 -9.16
N HIS D 247 42.37 33.44 -8.28
CA HIS D 247 43.47 32.55 -8.71
C HIS D 247 43.02 31.69 -9.89
N VAL D 248 41.78 31.18 -9.91
CA VAL D 248 41.39 30.39 -11.12
C VAL D 248 41.54 31.26 -12.35
N VAL D 249 40.95 32.46 -12.34
CA VAL D 249 40.99 33.27 -13.60
C VAL D 249 42.43 33.61 -13.95
N GLU D 250 43.26 33.97 -12.98
CA GLU D 250 44.63 34.42 -13.26
C GLU D 250 45.43 33.27 -13.88
N GLU D 251 45.34 32.09 -13.30
CA GLU D 251 46.17 30.98 -13.81
C GLU D 251 45.69 30.66 -15.21
N ALA D 252 44.37 30.66 -15.45
CA ALA D 252 43.83 30.23 -16.77
C ALA D 252 44.95 29.86 -17.73
N ARG E 30 12.30 30.78 -3.94
CA ARG E 30 11.89 29.40 -4.14
C ARG E 30 10.43 29.33 -4.58
N GLY E 31 10.05 30.19 -5.52
CA GLY E 31 8.71 30.25 -6.04
C GLY E 31 8.55 29.47 -7.34
N LYS E 32 7.56 29.88 -8.12
CA LYS E 32 7.19 29.13 -9.32
C LYS E 32 8.29 29.19 -10.37
N PRO E 33 8.68 28.07 -10.98
CA PRO E 33 9.64 28.12 -12.09
C PRO E 33 8.96 28.71 -13.33
N GLU E 34 9.50 29.83 -13.80
CA GLU E 34 9.07 30.40 -15.08
C GLU E 34 10.18 30.22 -16.11
N GLN E 35 9.80 29.99 -17.36
CA GLN E 35 10.81 29.83 -18.42
C GLN E 35 10.76 30.98 -19.38
N ASN E 36 11.90 31.53 -19.76
CA ASN E 36 12.02 32.56 -20.78
C ASN E 36 12.09 31.86 -22.12
N PRO E 37 11.02 31.88 -22.93
CA PRO E 37 11.05 31.12 -24.19
C PRO E 37 12.00 31.70 -25.22
N GLN E 38 12.40 32.96 -25.07
CA GLN E 38 13.37 33.55 -25.98
C GLN E 38 14.77 33.00 -25.76
N GLN E 39 15.05 32.40 -24.60
CA GLN E 39 16.40 31.90 -24.25
C GLN E 39 16.41 30.38 -24.08
N CYS E 40 15.28 29.68 -24.23
CA CYS E 40 15.34 28.22 -24.11
C CYS E 40 15.78 27.70 -25.46
N ILE E 41 16.83 26.87 -25.49
CA ILE E 41 17.40 26.30 -26.72
C ILE E 41 16.91 24.89 -26.86
N GLY E 42 16.00 24.38 -26.09
CA GLY E 42 15.42 23.06 -26.32
C GLY E 42 16.27 21.89 -25.91
N CYS E 43 17.35 22.09 -25.17
CA CYS E 43 18.23 21.05 -24.64
C CYS E 43 17.62 20.49 -23.38
N ALA E 44 17.07 19.31 -23.42
CA ALA E 44 16.42 18.64 -22.28
C ALA E 44 17.40 18.47 -21.13
N ALA E 45 18.05 19.54 -20.76
CA ALA E 45 18.99 19.48 -19.65
C ALA E 45 18.15 19.58 -18.41
N CYS E 46 17.18 20.46 -18.43
CA CYS E 46 16.36 20.74 -17.26
C CYS E 46 15.41 19.59 -17.10
N VAL E 47 14.97 19.08 -18.20
CA VAL E 47 14.05 17.94 -18.20
C VAL E 47 14.73 16.70 -17.60
N ASN E 48 16.02 16.53 -17.88
CA ASN E 48 16.74 15.37 -17.36
C ASN E 48 17.05 15.49 -15.87
N ALA E 49 17.14 16.71 -15.35
CA ALA E 49 17.46 16.93 -13.95
C ALA E 49 16.22 17.07 -13.07
N CYS E 50 15.03 17.03 -13.64
CA CYS E 50 13.81 17.19 -12.85
C CYS E 50 13.51 15.91 -12.09
N PRO E 51 13.42 15.94 -10.75
CA PRO E 51 13.19 14.70 -10.00
C PRO E 51 11.74 14.21 -10.09
N SER E 52 10.80 15.14 -10.25
CA SER E 52 9.38 14.81 -10.23
C SER E 52 8.76 14.77 -11.62
N ASN E 53 9.58 14.93 -12.67
CA ASN E 53 9.12 14.93 -14.07
C ASN E 53 8.05 15.98 -14.34
N ALA E 54 8.17 17.12 -13.67
CA ALA E 54 7.33 18.26 -14.00
C ALA E 54 7.66 18.78 -15.40
N LEU E 55 8.94 18.82 -15.72
CA LEU E 55 9.40 19.19 -17.06
C LEU E 55 9.37 17.94 -17.94
N THR E 56 8.67 18.03 -19.07
CA THR E 56 8.62 16.95 -20.04
C THR E 56 8.83 17.50 -21.44
N VAL E 57 9.49 16.71 -22.28
CA VAL E 57 9.63 17.01 -23.70
C VAL E 57 9.20 15.79 -24.49
N GLU E 58 8.49 16.02 -25.59
CA GLU E 58 8.17 14.98 -26.54
C GLU E 58 8.50 15.48 -27.94
N THR E 59 8.96 14.57 -28.79
CA THR E 59 9.32 14.93 -30.16
C THR E 59 8.12 14.66 -31.07
N ASP E 60 7.61 15.76 -31.62
CA ASP E 60 6.43 15.66 -32.51
C ASP E 60 6.95 15.70 -33.93
N LEU E 61 6.93 14.55 -34.60
CA LEU E 61 7.37 14.53 -35.99
C LEU E 61 6.35 15.30 -36.86
N ALA E 62 5.06 15.21 -36.53
CA ALA E 62 4.10 16.05 -37.25
C ALA E 62 4.26 17.46 -36.71
N THR E 63 4.66 18.44 -37.51
CA THR E 63 5.00 19.83 -37.12
C THR E 63 6.51 19.95 -37.01
N GLY E 64 7.21 18.84 -36.90
CA GLY E 64 8.66 18.91 -36.88
C GLY E 64 9.06 19.76 -35.72
N GLU E 65 8.34 19.59 -34.62
CA GLU E 65 8.59 20.46 -33.47
C GLU E 65 8.77 19.63 -32.21
N LEU E 66 9.55 20.14 -31.29
CA LEU E 66 9.78 19.54 -29.98
C LEU E 66 8.89 20.25 -28.96
N ALA E 67 8.01 19.49 -28.30
CA ALA E 67 7.01 20.07 -27.41
C ALA E 67 7.57 20.15 -26.00
N TRP E 68 8.17 21.27 -25.60
CA TRP E 68 8.63 21.54 -24.21
C TRP E 68 7.43 21.91 -23.37
N GLU E 69 7.28 21.30 -22.23
CA GLU E 69 6.14 21.47 -21.34
C GLU E 69 6.61 21.51 -19.90
N PHE E 70 5.97 22.36 -19.10
CA PHE E 70 6.19 22.42 -17.66
C PHE E 70 4.84 22.31 -16.96
N ASN E 71 4.76 21.42 -15.98
CA ASN E 71 3.54 21.22 -15.21
C ASN E 71 3.79 21.63 -13.76
N LEU E 72 2.98 22.55 -13.26
CA LEU E 72 3.11 22.99 -11.87
C LEU E 72 2.50 22.00 -10.89
N GLY E 73 1.65 21.09 -11.35
CA GLY E 73 1.08 20.09 -10.48
C GLY E 73 2.04 18.99 -10.08
N HIS E 74 3.20 18.90 -10.74
CA HIS E 74 4.23 17.94 -10.37
C HIS E 74 5.41 18.57 -9.65
N CYS E 75 5.58 19.89 -9.76
CA CYS E 75 6.81 20.54 -9.32
C CYS E 75 6.93 20.53 -7.80
N ILE E 76 8.08 20.06 -7.31
CA ILE E 76 8.38 20.04 -5.89
C ILE E 76 9.24 21.22 -5.48
N PHE E 77 9.53 22.14 -6.41
CA PHE E 77 10.21 23.41 -6.14
C PHE E 77 11.63 23.19 -5.62
N CYS E 78 12.30 22.17 -6.16
CA CYS E 78 13.67 21.86 -5.74
C CYS E 78 14.68 22.85 -6.31
N GLY E 79 14.50 23.25 -7.57
CA GLY E 79 15.40 24.20 -8.18
C GLY E 79 16.53 23.61 -9.00
N ARG E 80 16.43 22.33 -9.40
CA ARG E 80 17.46 21.74 -10.24
C ARG E 80 17.43 22.31 -11.65
N CYS E 81 16.24 22.71 -12.11
CA CYS E 81 16.08 23.22 -13.48
C CYS E 81 16.87 24.51 -13.69
N GLU E 82 16.80 25.44 -12.73
CA GLU E 82 17.61 26.65 -12.84
C GLU E 82 19.09 26.37 -12.57
N GLU E 83 19.40 25.26 -11.90
CA GLU E 83 20.79 24.88 -11.68
C GLU E 83 21.45 24.41 -12.97
N VAL E 84 20.76 23.57 -13.73
CA VAL E 84 21.38 22.92 -14.89
C VAL E 84 21.11 23.63 -16.21
N CYS E 85 20.53 24.82 -16.23
CA CYS E 85 20.14 25.47 -17.52
C CYS E 85 21.36 26.06 -18.16
N PRO E 86 21.65 25.73 -19.42
CA PRO E 86 22.75 26.33 -20.07
C PRO E 86 22.60 27.83 -20.30
N THR E 87 21.41 28.30 -20.63
CA THR E 87 21.19 29.69 -21.05
C THR E 87 20.40 30.47 -20.01
N ALA E 88 20.23 29.92 -18.81
CA ALA E 88 19.51 30.54 -17.68
C ALA E 88 18.12 30.99 -18.10
N ALA E 89 17.39 30.14 -18.79
CA ALA E 89 16.03 30.47 -19.19
C ALA E 89 15.03 30.11 -18.09
N ILE E 90 15.24 29.04 -17.38
CA ILE E 90 14.25 28.64 -16.36
C ILE E 90 14.76 29.24 -15.08
N LYS E 91 13.96 30.03 -14.37
CA LYS E 91 14.31 30.57 -13.07
C LYS E 91 13.13 30.40 -12.12
N LEU E 92 13.43 30.31 -10.83
CA LEU E 92 12.39 30.29 -9.80
C LEU E 92 12.23 31.71 -9.27
N SER E 93 11.03 32.26 -9.41
CA SER E 93 10.79 33.66 -9.10
C SER E 93 10.33 33.85 -7.66
N GLN E 94 9.93 35.08 -7.34
CA GLN E 94 9.32 35.40 -6.06
C GLN E 94 7.80 35.48 -6.26
N GLU E 95 7.21 34.32 -6.51
CA GLU E 95 5.78 34.22 -6.77
C GLU E 95 5.24 32.99 -6.09
N TYR E 96 4.34 33.18 -5.13
CA TYR E 96 3.87 32.10 -4.26
C TYR E 96 2.36 31.93 -4.28
N GLU E 97 1.62 32.71 -5.07
CA GLU E 97 0.16 32.65 -5.12
C GLU E 97 -0.21 31.93 -6.40
N LEU E 98 -0.41 30.61 -6.31
CA LEU E 98 -0.39 29.74 -7.48
C LEU E 98 -1.64 28.87 -7.61
N ALA E 99 -2.70 29.16 -6.85
CA ALA E 99 -3.91 28.36 -6.91
C ALA E 99 -4.67 28.59 -8.21
N VAL E 100 -5.27 27.53 -8.74
CA VAL E 100 -6.00 27.56 -10.00
C VAL E 100 -7.36 26.90 -9.81
N TRP E 101 -8.26 27.18 -10.75
CA TRP E 101 -9.56 26.53 -10.82
C TRP E 101 -9.62 25.29 -11.71
N LYS E 102 -8.89 25.29 -12.81
CA LYS E 102 -8.80 24.17 -13.72
C LYS E 102 -7.34 23.77 -13.85
N LYS E 103 -7.10 22.48 -14.08
CA LYS E 103 -5.75 21.96 -14.11
C LYS E 103 -4.89 22.40 -15.28
N GLU E 104 -5.49 22.85 -16.37
CA GLU E 104 -4.71 23.24 -17.56
C GLU E 104 -3.98 24.56 -17.39
N ASP E 105 -4.34 25.36 -16.38
CA ASP E 105 -3.63 26.61 -16.12
C ASP E 105 -2.25 26.39 -15.51
N PHE E 106 -1.94 25.17 -15.06
CA PHE E 106 -0.61 24.86 -14.55
C PHE E 106 0.45 24.86 -15.65
N LEU E 107 0.03 24.60 -16.88
CA LEU E 107 0.97 24.26 -17.95
C LEU E 107 1.65 25.50 -18.53
N GLN E 108 2.98 25.42 -18.66
CA GLN E 108 3.76 26.32 -19.50
C GLN E 108 4.29 25.49 -20.67
N GLN E 109 4.01 25.92 -21.89
CA GLN E 109 4.32 25.13 -23.07
C GLN E 109 5.10 25.96 -24.09
N SER E 110 6.00 25.27 -24.78
CA SER E 110 6.77 25.88 -25.86
C SER E 110 6.97 24.84 -26.95
N ARG E 111 7.16 25.32 -28.18
CA ARG E 111 7.42 24.45 -29.33
C ARG E 111 8.57 25.03 -30.13
N PHE E 112 9.56 24.18 -30.41
CA PHE E 112 10.78 24.60 -31.09
C PHE E 112 10.93 23.79 -32.38
N ALA E 113 11.23 24.48 -33.48
CA ALA E 113 11.33 23.83 -34.77
C ALA E 113 12.58 22.97 -34.83
N LEU E 114 12.40 21.68 -35.11
CA LEU E 114 13.53 20.76 -35.25
C LEU E 114 14.28 21.06 -36.54
N CYS E 115 15.59 20.80 -36.51
CA CYS E 115 16.45 21.00 -37.66
C CYS E 115 16.60 19.68 -38.41
N ASN E 116 16.21 19.69 -39.69
CA ASN E 116 16.39 18.52 -40.53
C ASN E 116 17.85 18.39 -40.96
N CYS E 117 18.29 17.15 -41.15
CA CYS E 117 19.65 16.91 -41.60
C CYS E 117 19.83 17.35 -43.05
N ARG E 118 21.07 17.58 -43.44
CA ARG E 118 21.40 18.00 -44.79
C ARG E 118 21.93 16.87 -45.66
N VAL E 119 22.05 15.66 -45.12
CA VAL E 119 22.43 14.49 -45.89
C VAL E 119 21.19 13.63 -46.08
N CYS E 120 20.61 13.17 -44.98
CA CYS E 120 19.29 12.56 -45.00
C CYS E 120 18.41 13.79 -44.74
N ASN E 121 17.15 13.54 -44.41
CA ASN E 121 16.32 14.71 -44.01
C ASN E 121 15.61 14.32 -42.73
N ARG E 122 16.23 13.45 -41.93
N ARG E 122 16.23 13.44 -41.94
CA ARG E 122 15.64 13.06 -40.62
CA ARG E 122 15.64 13.06 -40.62
C ARG E 122 15.83 14.23 -39.65
C ARG E 122 15.83 14.23 -39.65
N PRO E 123 14.81 14.57 -38.83
CA PRO E 123 14.97 15.63 -37.85
C PRO E 123 15.90 15.13 -36.74
N PHE E 124 17.00 15.82 -36.40
CA PHE E 124 17.96 15.32 -35.42
C PHE E 124 18.23 16.26 -34.26
N ALA E 125 17.97 17.55 -34.39
CA ALA E 125 18.26 18.49 -33.32
C ALA E 125 17.35 19.70 -33.43
N VAL E 126 17.27 20.46 -32.35
CA VAL E 126 16.53 21.71 -32.33
C VAL E 126 17.33 22.77 -33.09
N GLN E 127 16.65 23.48 -33.99
CA GLN E 127 17.32 24.49 -34.81
C GLN E 127 17.87 25.63 -33.96
N LYS E 128 17.11 26.04 -32.94
CA LYS E 128 17.56 27.10 -32.04
C LYS E 128 18.80 26.69 -31.26
N GLU E 129 18.87 25.41 -30.87
CA GLU E 129 20.04 24.90 -30.18
C GLU E 129 21.28 24.94 -31.08
N ILE E 130 21.12 24.57 -32.35
CA ILE E 130 22.23 24.62 -33.29
C ILE E 130 22.68 26.06 -33.52
N ASP E 131 21.73 26.98 -33.67
CA ASP E 131 22.07 28.39 -33.84
C ASP E 131 22.78 28.95 -32.61
N TYR E 132 22.35 28.53 -31.42
CA TYR E 132 23.03 28.94 -30.19
C TYR E 132 24.44 28.39 -30.11
N ALA E 133 24.64 27.14 -30.54
CA ALA E 133 25.98 26.57 -30.56
C ALA E 133 26.89 27.31 -31.54
N ILE E 134 26.34 27.68 -32.70
CA ILE E 134 27.10 28.47 -33.67
C ILE E 134 27.46 29.84 -33.10
N ALA E 135 26.51 30.47 -32.38
CA ALA E 135 26.80 31.75 -31.74
C ALA E 135 27.86 31.63 -30.66
N LEU E 136 27.82 30.54 -29.89
CA LEU E 136 28.85 30.27 -28.88
C LEU E 136 30.22 30.12 -29.51
N LEU E 137 30.29 29.41 -30.64
CA LEU E 137 31.58 29.25 -31.32
C LEU E 137 32.06 30.54 -31.97
N LYS E 138 31.17 31.44 -32.33
CA LYS E 138 31.71 32.67 -32.96
C LYS E 138 32.36 33.55 -31.89
N HIS E 139 31.83 33.56 -30.66
CA HIS E 139 32.34 34.46 -29.60
C HIS E 139 33.78 34.24 -29.16
N ASN E 140 34.22 33.03 -28.85
CA ASN E 140 35.56 32.79 -28.28
C ASN E 140 36.61 32.85 -29.38
N GLY E 141 36.17 33.26 -30.55
CA GLY E 141 37.09 33.24 -31.70
C GLY E 141 36.95 32.06 -32.63
N ASP E 142 35.96 32.11 -33.51
CA ASP E 142 35.84 31.10 -34.60
C ASP E 142 35.43 32.04 -35.72
N SER E 143 36.40 32.58 -36.41
CA SER E 143 36.14 33.62 -37.43
C SER E 143 35.16 33.08 -38.46
N ARG E 144 35.37 31.85 -38.94
CA ARG E 144 34.44 31.36 -39.97
C ARG E 144 33.46 30.31 -39.44
N ALA E 145 32.89 30.56 -38.27
CA ALA E 145 31.88 29.60 -37.75
C ALA E 145 30.61 29.41 -38.58
N GLU E 146 29.92 30.50 -38.94
CA GLU E 146 28.62 30.37 -39.65
C GLU E 146 28.82 30.05 -41.12
N ASN E 147 30.06 29.97 -41.60
CA ASN E 147 30.26 29.52 -43.00
C ASN E 147 30.36 28.01 -42.98
N HIS E 148 30.40 27.46 -41.77
CA HIS E 148 30.47 26.01 -41.59
C HIS E 148 29.11 25.58 -41.06
N ARG E 149 28.04 26.25 -41.47
CA ARG E 149 26.77 25.86 -40.87
C ARG E 149 26.31 24.48 -41.34
N GLU E 150 26.72 24.07 -42.54
CA GLU E 150 26.33 22.76 -43.06
C GLU E 150 26.90 21.61 -42.24
N SER E 151 28.06 21.83 -41.61
CA SER E 151 28.61 20.82 -40.72
C SER E 151 27.80 20.70 -39.43
N PHE E 152 27.27 21.83 -38.95
CA PHE E 152 26.52 21.82 -37.69
C PHE E 152 25.12 21.24 -37.88
N GLU E 153 24.49 21.49 -39.03
CA GLU E 153 23.15 21.00 -39.32
C GLU E 153 23.16 19.61 -39.94
N THR E 154 24.21 18.84 -39.71
CA THR E 154 24.33 17.47 -40.18
C THR E 154 24.25 16.54 -38.99
N CYS E 155 23.51 15.44 -39.14
CA CYS E 155 23.35 14.47 -38.06
C CYS E 155 24.70 13.82 -37.74
N PRO E 156 24.91 13.41 -36.48
CA PRO E 156 26.20 12.79 -36.12
C PRO E 156 26.40 11.48 -36.86
N GLU E 157 25.38 10.78 -37.32
CA GLU E 157 25.69 9.57 -38.11
C GLU E 157 26.28 10.06 -39.42
N CYS E 158 25.60 10.95 -40.12
CA CYS E 158 26.19 11.41 -41.37
C CYS E 158 27.48 12.20 -41.26
N LYS E 159 27.79 12.74 -40.08
CA LYS E 159 29.09 13.37 -39.87
C LYS E 159 30.19 12.33 -39.73
N ARG E 160 29.86 11.14 -39.22
CA ARG E 160 30.83 10.07 -39.11
C ARG E 160 31.11 9.42 -40.46
N GLN E 161 30.13 9.41 -41.37
CA GLN E 161 30.37 8.93 -42.71
C GLN E 161 31.23 9.88 -43.53
N LYS E 162 31.24 11.17 -43.17
CA LYS E 162 32.05 12.15 -43.89
C LYS E 162 33.53 11.92 -43.68
N CYS E 163 33.95 11.62 -42.44
CA CYS E 163 35.35 11.37 -42.16
C CYS E 163 35.79 9.96 -42.53
N LEU E 164 34.85 9.06 -42.86
CA LEU E 164 35.23 7.74 -43.35
C LEU E 164 35.88 7.82 -44.72
N VAL E 165 35.35 8.67 -45.59
CA VAL E 165 35.90 8.83 -46.93
C VAL E 165 37.18 9.66 -46.88
N SER F 2 -52.22 36.05 28.67
CA SER F 2 -51.44 35.05 29.38
C SER F 2 -50.56 34.25 28.40
N VAL F 3 -50.61 34.65 27.13
CA VAL F 3 -49.93 33.91 26.06
C VAL F 3 -48.78 34.72 25.48
N LEU F 4 -48.95 36.03 25.36
CA LEU F 4 -47.98 36.87 24.64
C LEU F 4 -46.64 36.93 25.37
N TYR F 5 -46.66 37.14 26.69
CA TYR F 5 -45.42 37.23 27.45
C TYR F 5 -44.58 35.95 27.42
N PRO F 6 -45.12 34.74 27.67
CA PRO F 6 -44.27 33.54 27.53
C PRO F 6 -43.78 33.29 26.11
N LEU F 7 -44.59 33.59 25.10
CA LEU F 7 -44.19 33.34 23.73
C LEU F 7 -43.08 34.28 23.29
N ILE F 8 -43.20 35.57 23.62
CA ILE F 8 -42.14 36.52 23.32
C ILE F 8 -40.89 36.20 24.13
N GLN F 9 -41.07 35.73 25.38
CA GLN F 9 -39.95 35.25 26.19
C GLN F 9 -39.17 34.14 25.48
N ALA F 10 -39.89 33.11 25.02
CA ALA F 10 -39.25 31.99 24.34
C ALA F 10 -38.60 32.41 23.03
N LEU F 11 -39.27 33.29 22.27
CA LEU F 11 -38.73 33.72 20.97
C LEU F 11 -37.46 34.55 21.13
N VAL F 12 -37.45 35.50 22.08
CA VAL F 12 -36.27 36.31 22.30
C VAL F 12 -35.12 35.48 22.85
N LEU F 13 -35.41 34.58 23.81
CA LEU F 13 -34.34 33.76 24.38
C LEU F 13 -33.81 32.75 23.36
N PHE F 14 -34.64 32.34 22.40
CA PHE F 14 -34.15 31.54 21.29
C PHE F 14 -33.25 32.38 20.38
N ALA F 15 -33.70 33.59 20.03
CA ALA F 15 -33.00 34.38 19.02
C ALA F 15 -31.77 35.10 19.56
N VAL F 16 -31.52 35.05 20.88
CA VAL F 16 -30.31 35.66 21.42
C VAL F 16 -29.28 34.61 21.81
N ALA F 17 -29.60 33.32 21.67
CA ALA F 17 -28.72 32.25 22.12
C ALA F 17 -27.35 32.21 21.42
N PRO F 18 -27.22 32.33 20.09
CA PRO F 18 -25.87 32.27 19.52
C PRO F 18 -25.03 33.52 19.76
N LEU F 19 -25.57 34.58 20.34
CA LEU F 19 -24.71 35.65 20.88
C LEU F 19 -23.85 35.11 22.00
N LEU F 20 -24.43 34.30 22.90
CA LEU F 20 -23.70 33.79 24.04
C LEU F 20 -22.66 32.76 23.62
N SER F 21 -22.95 31.94 22.61
CA SER F 21 -21.94 31.03 22.07
C SER F 21 -20.84 31.80 21.35
N GLY F 22 -21.22 32.82 20.58
CA GLY F 22 -20.24 33.61 19.88
C GLY F 22 -19.33 34.40 20.81
N ILE F 23 -19.90 34.98 21.87
CA ILE F 23 -19.07 35.72 22.82
C ILE F 23 -18.20 34.77 23.62
N THR F 24 -18.68 33.53 23.86
CA THR F 24 -17.84 32.55 24.56
C THR F 24 -16.67 32.10 23.69
N ARG F 25 -16.91 31.87 22.39
CA ARG F 25 -15.81 31.42 21.54
C ARG F 25 -14.83 32.56 21.26
N VAL F 26 -15.31 33.81 21.16
CA VAL F 26 -14.34 34.89 20.96
C VAL F 26 -13.59 35.17 22.27
N ALA F 27 -14.21 34.92 23.43
CA ALA F 27 -13.49 35.04 24.69
C ALA F 27 -12.41 33.98 24.80
N ARG F 28 -12.73 32.74 24.40
CA ARG F 28 -11.72 31.68 24.38
C ARG F 28 -10.60 31.98 23.37
N ALA F 29 -10.94 32.64 22.27
CA ALA F 29 -9.91 33.01 21.30
C ALA F 29 -9.00 34.11 21.85
N ARG F 30 -9.58 35.13 22.49
CA ARG F 30 -8.78 36.21 23.06
C ARG F 30 -7.96 35.74 24.26
N LEU F 31 -8.44 34.74 24.98
CA LEU F 31 -7.67 34.22 26.11
C LEU F 31 -6.44 33.45 25.65
N HIS F 32 -6.51 32.82 24.48
CA HIS F 32 -5.37 32.11 23.91
C HIS F 32 -4.52 32.99 23.00
N ASN F 33 -4.68 34.31 23.11
CA ASN F 33 -3.86 35.32 22.43
C ASN F 33 -3.91 35.17 20.91
N ARG F 34 -5.12 35.05 20.38
CA ARG F 34 -5.37 35.13 18.95
C ARG F 34 -6.57 36.04 18.73
N ARG F 35 -6.66 36.60 17.52
CA ARG F 35 -7.70 37.57 17.23
C ARG F 35 -9.08 36.92 17.24
N GLY F 36 -9.23 35.78 16.58
CA GLY F 36 -10.45 35.01 16.65
C GLY F 36 -11.53 35.52 15.73
N PRO F 37 -12.65 34.79 15.68
CA PRO F 37 -13.75 35.18 14.79
C PRO F 37 -14.60 36.29 15.39
N GLY F 38 -15.61 36.70 14.63
CA GLY F 38 -16.56 37.67 15.12
C GLY F 38 -17.58 37.05 16.06
N VAL F 39 -18.35 37.93 16.71
CA VAL F 39 -19.39 37.47 17.62
C VAL F 39 -20.60 36.93 16.87
N LEU F 40 -20.76 37.29 15.60
CA LEU F 40 -21.87 36.80 14.78
C LEU F 40 -21.51 35.58 13.96
N GLN F 41 -20.33 34.98 14.20
CA GLN F 41 -19.89 33.82 13.44
C GLN F 41 -20.78 32.61 13.69
N GLU F 42 -21.31 32.48 14.91
CA GLU F 42 -22.19 31.35 15.22
C GLU F 42 -23.47 31.41 14.40
N TYR F 43 -24.03 32.61 14.19
CA TYR F 43 -25.19 32.76 13.32
C TYR F 43 -24.88 32.35 11.89
N ARG F 44 -23.71 32.75 11.38
CA ARG F 44 -23.32 32.39 10.03
C ARG F 44 -23.18 30.88 9.87
N ASP F 45 -22.56 30.23 10.86
CA ASP F 45 -22.41 28.78 10.84
C ASP F 45 -23.77 28.09 10.90
N ILE F 46 -24.67 28.57 11.76
CA ILE F 46 -25.97 27.94 11.94
C ILE F 46 -26.83 28.10 10.68
N ILE F 47 -26.86 29.30 10.10
CA ILE F 47 -27.65 29.53 8.89
C ILE F 47 -27.08 28.75 7.71
N LYS F 48 -25.75 28.72 7.59
CA LYS F 48 -25.11 27.96 6.52
C LYS F 48 -25.41 26.46 6.65
N LEU F 49 -25.38 25.93 7.88
CA LEU F 49 -25.71 24.53 8.07
C LEU F 49 -27.20 24.27 7.82
N LEU F 50 -28.06 25.25 8.12
CA LEU F 50 -29.46 25.14 7.75
C LEU F 50 -29.63 25.10 6.24
N GLY F 51 -28.72 25.73 5.50
CA GLY F 51 -28.72 25.60 4.06
C GLY F 51 -28.39 24.19 3.58
N ARG F 52 -27.45 23.52 4.24
CA ARG F 52 -27.00 22.21 3.82
C ARG F 52 -28.07 21.15 4.12
N GLN F 53 -27.90 19.98 3.53
CA GLN F 53 -28.88 18.89 3.62
C GLN F 53 -28.37 17.80 4.54
N SER F 54 -29.28 17.25 5.34
CA SER F 54 -28.92 16.32 6.41
C SER F 54 -28.72 14.91 5.87
N VAL F 55 -27.61 14.29 6.26
CA VAL F 55 -27.32 12.91 5.89
C VAL F 55 -27.12 12.10 7.17
N GLY F 56 -27.26 10.79 7.04
CA GLY F 56 -27.10 9.90 8.16
C GLY F 56 -26.90 8.46 7.72
N PRO F 57 -26.66 7.57 8.68
CA PRO F 57 -26.51 6.14 8.34
C PRO F 57 -27.82 5.53 7.88
N ASP F 58 -27.69 4.39 7.21
CA ASP F 58 -28.87 3.66 6.73
C ASP F 58 -29.69 3.12 7.89
N ALA F 59 -29.02 2.74 8.99
CA ALA F 59 -29.73 2.16 10.13
C ALA F 59 -30.48 3.22 10.92
N SER F 60 -30.11 4.49 10.76
CA SER F 60 -30.77 5.57 11.49
C SER F 60 -32.19 5.77 10.99
N GLY F 61 -33.11 5.99 11.93
CA GLY F 61 -34.50 6.14 11.60
C GLY F 61 -35.06 7.52 11.88
N TRP F 62 -36.28 7.58 12.44
CA TRP F 62 -36.91 8.85 12.72
C TRP F 62 -36.31 9.56 13.92
N VAL F 63 -35.71 8.82 14.85
CA VAL F 63 -35.12 9.41 16.05
C VAL F 63 -33.95 10.32 15.71
N PHE F 64 -33.09 9.88 14.79
CA PHE F 64 -31.91 10.66 14.42
C PHE F 64 -32.28 11.99 13.78
N ARG F 65 -33.28 12.00 12.90
CA ARG F 65 -33.69 13.25 12.27
C ARG F 65 -34.54 14.11 13.20
N LEU F 66 -35.31 13.49 14.09
CA LEU F 66 -36.32 14.19 14.87
C LEU F 66 -35.83 14.65 16.24
N THR F 67 -34.66 14.17 16.70
CA THR F 67 -34.10 14.61 17.98
C THR F 67 -33.78 16.11 18.07
N PRO F 68 -33.08 16.76 17.12
CA PRO F 68 -32.70 18.17 17.34
C PRO F 68 -33.87 19.12 17.51
N TYR F 69 -34.97 18.88 16.79
CA TYR F 69 -36.19 19.67 16.99
C TYR F 69 -36.77 19.44 18.38
N VAL F 70 -36.71 18.20 18.87
CA VAL F 70 -37.19 17.89 20.21
C VAL F 70 -36.37 18.62 21.26
N MET F 71 -35.04 18.60 21.11
CA MET F 71 -34.18 19.26 22.09
C MET F 71 -34.36 20.77 22.07
N VAL F 72 -34.53 21.35 20.88
CA VAL F 72 -34.79 22.79 20.79
C VAL F 72 -36.14 23.14 21.41
N GLY F 73 -37.17 22.33 21.15
CA GLY F 73 -38.46 22.58 21.75
C GLY F 73 -38.47 22.41 23.25
N VAL F 74 -37.70 21.45 23.77
CA VAL F 74 -37.61 21.25 25.20
C VAL F 74 -36.87 22.42 25.86
N MET F 75 -35.79 22.90 25.23
CA MET F 75 -35.13 24.11 25.72
C MET F 75 -36.03 25.34 25.64
N LEU F 76 -36.91 25.40 24.64
CA LEU F 76 -37.87 26.51 24.57
C LEU F 76 -38.89 26.41 25.70
N THR F 77 -39.37 25.20 25.99
CA THR F 77 -40.29 25.00 27.11
C THR F 77 -39.63 25.31 28.44
N ILE F 78 -38.32 25.08 28.55
CA ILE F 78 -37.54 25.58 29.67
C ILE F 78 -37.55 27.10 29.70
N ALA F 79 -37.03 27.73 28.63
CA ALA F 79 -36.78 29.17 28.60
C ALA F 79 -38.05 30.00 28.72
N THR F 80 -39.21 29.44 28.41
CA THR F 80 -40.46 30.19 28.55
C THR F 80 -40.90 30.33 30.01
N ALA F 81 -40.26 29.63 30.94
CA ALA F 81 -40.61 29.71 32.35
C ALA F 81 -39.50 30.29 33.23
N LEU F 82 -38.37 30.64 32.65
CA LEU F 82 -37.30 31.30 33.40
C LEU F 82 -37.50 32.81 33.38
N PRO F 83 -37.47 33.47 34.54
CA PRO F 83 -37.62 34.94 34.56
C PRO F 83 -36.30 35.63 34.21
N VAL F 84 -36.33 36.45 33.17
CA VAL F 84 -35.15 37.22 32.77
C VAL F 84 -35.32 38.71 32.99
N VAL F 85 -36.55 39.22 33.07
CA VAL F 85 -36.78 40.66 33.22
C VAL F 85 -37.65 41.00 34.41
N THR F 86 -38.49 40.08 34.89
CA THR F 86 -39.26 40.26 36.11
C THR F 86 -38.82 39.23 37.13
N VAL F 87 -39.33 39.35 38.36
CA VAL F 87 -39.07 38.33 39.37
C VAL F 87 -40.18 37.28 39.28
N GLY F 88 -41.16 37.54 38.41
CA GLY F 88 -42.22 36.59 38.16
C GLY F 88 -42.04 35.87 36.86
N SER F 89 -42.14 34.54 36.88
CA SER F 89 -42.00 33.75 35.66
C SER F 89 -43.19 34.00 34.74
N PRO F 90 -42.99 34.02 33.42
CA PRO F 90 -44.13 34.19 32.50
C PRO F 90 -45.16 33.08 32.62
N LEU F 91 -44.74 31.85 32.93
CA LEU F 91 -45.64 30.73 33.14
C LEU F 91 -45.39 30.14 34.51
N PRO F 92 -46.11 30.59 35.56
CA PRO F 92 -45.90 30.02 36.89
C PRO F 92 -46.42 28.59 37.02
N GLN F 93 -47.33 28.16 36.15
CA GLN F 93 -47.79 26.77 36.18
C GLN F 93 -46.66 25.81 35.82
N LEU F 94 -45.88 26.13 34.80
CA LEU F 94 -44.75 25.32 34.38
C LEU F 94 -43.48 25.67 35.13
N GLY F 95 -43.43 26.81 35.80
CA GLY F 95 -42.22 27.29 36.43
C GLY F 95 -41.92 26.68 37.79
N ASP F 96 -42.09 25.37 37.92
CA ASP F 96 -41.72 24.67 39.15
C ASP F 96 -40.25 24.31 39.29
N LEU F 97 -39.88 23.51 40.26
CA LEU F 97 -38.48 23.02 40.34
C LEU F 97 -38.38 21.62 39.72
N ILE F 98 -39.17 20.65 40.16
CA ILE F 98 -39.21 19.35 39.48
C ILE F 98 -39.53 19.31 38.00
N THR F 99 -40.39 20.21 37.52
CA THR F 99 -40.76 20.26 36.11
C THR F 99 -39.56 20.62 35.24
N LEU F 100 -38.80 21.64 35.63
CA LEU F 100 -37.62 22.04 34.88
C LEU F 100 -36.57 20.94 34.88
N LEU F 101 -36.37 20.30 36.04
CA LEU F 101 -35.37 19.23 36.13
C LEU F 101 -35.74 18.05 35.23
N TYR F 102 -37.00 17.64 35.24
CA TYR F 102 -37.32 16.48 34.42
C TYR F 102 -37.52 16.82 32.95
N LEU F 103 -37.75 18.08 32.59
CA LEU F 103 -37.66 18.46 31.18
C LEU F 103 -36.20 18.43 30.71
N PHE F 104 -35.26 18.84 31.57
CA PHE F 104 -33.86 18.62 31.26
C PHE F 104 -33.54 17.14 31.15
N ALA F 105 -34.21 16.30 31.95
CA ALA F 105 -34.07 14.85 31.80
C ALA F 105 -34.60 14.35 30.46
N ILE F 106 -35.68 14.96 29.96
CA ILE F 106 -36.17 14.66 28.62
C ILE F 106 -35.10 14.96 27.57
N ALA F 107 -34.47 16.13 27.70
CA ALA F 107 -33.40 16.51 26.77
C ALA F 107 -32.24 15.53 26.81
N ARG F 108 -31.83 15.13 28.01
CA ARG F 108 -30.75 14.14 28.15
C ARG F 108 -31.13 12.80 27.55
N PHE F 109 -32.37 12.35 27.78
CA PHE F 109 -32.83 11.07 27.24
C PHE F 109 -32.84 11.07 25.72
N PHE F 110 -33.33 12.16 25.11
CA PHE F 110 -33.39 12.20 23.66
C PHE F 110 -32.00 12.33 23.05
N PHE F 111 -31.11 13.09 23.68
CA PHE F 111 -29.73 13.16 23.19
C PHE F 111 -29.05 11.80 23.28
N ALA F 112 -29.29 11.06 24.36
CA ALA F 112 -28.65 9.76 24.52
C ALA F 112 -29.19 8.74 23.53
N ILE F 113 -30.51 8.72 23.30
CA ILE F 113 -31.05 7.76 22.33
C ILE F 113 -30.66 8.16 20.91
N SER F 114 -30.44 9.45 20.64
CA SER F 114 -29.96 9.83 19.32
C SER F 114 -28.51 9.43 19.13
N GLY F 115 -27.69 9.56 20.18
CA GLY F 115 -26.32 9.08 20.11
C GLY F 115 -26.22 7.58 19.94
N LEU F 116 -27.15 6.84 20.54
CA LEU F 116 -27.19 5.39 20.39
C LEU F 116 -27.87 4.94 19.11
N ASP F 117 -28.62 5.82 18.43
CA ASP F 117 -29.29 5.44 17.19
C ASP F 117 -28.27 5.16 16.10
N THR F 118 -27.24 6.00 16.00
CA THR F 118 -26.19 5.80 15.01
C THR F 118 -25.29 4.64 15.44
N GLY F 119 -24.65 4.03 14.44
CA GLY F 119 -23.71 2.95 14.70
C GLY F 119 -22.34 3.41 15.13
N SER F 120 -22.09 4.71 15.20
CA SER F 120 -20.77 5.22 15.52
C SER F 120 -20.46 4.98 16.99
N PRO F 121 -19.27 4.47 17.33
CA PRO F 121 -18.90 4.34 18.75
C PRO F 121 -18.71 5.68 19.43
N PHE F 122 -18.27 6.71 18.69
CA PHE F 122 -17.99 8.01 19.29
C PHE F 122 -19.27 8.69 19.78
N THR F 123 -20.34 8.61 18.99
CA THR F 123 -21.60 9.22 19.38
C THR F 123 -22.22 8.51 20.58
N ALA F 124 -22.14 7.18 20.61
CA ALA F 124 -22.65 6.43 21.76
C ALA F 124 -21.84 6.69 23.02
N ILE F 125 -20.52 6.80 22.88
CA ILE F 125 -19.66 7.14 24.00
C ILE F 125 -20.00 8.52 24.53
N GLY F 126 -20.17 9.50 23.63
CA GLY F 126 -20.54 10.83 24.06
C GLY F 126 -21.92 10.90 24.70
N ALA F 127 -22.84 10.07 24.22
CA ALA F 127 -24.16 9.96 24.85
C ALA F 127 -24.04 9.43 26.28
N SER F 128 -23.21 8.40 26.47
CA SER F 128 -23.00 7.88 27.82
C SER F 128 -22.34 8.90 28.74
N ARG F 129 -21.36 9.65 28.23
CA ARG F 129 -20.71 10.66 29.07
C ARG F 129 -21.66 11.81 29.42
N GLU F 130 -22.51 12.20 28.47
CA GLU F 130 -23.50 13.24 28.77
C GLU F 130 -24.53 12.75 29.79
N ALA F 131 -24.94 11.48 29.69
CA ALA F 131 -25.88 10.94 30.67
C ALA F 131 -25.24 10.83 32.05
N MET F 132 -23.97 10.42 32.12
CA MET F 132 -23.20 10.48 33.36
C MET F 132 -23.18 11.88 33.95
N LEU F 133 -22.96 12.88 33.08
CA LEU F 133 -22.90 14.25 33.54
C LEU F 133 -24.25 14.68 34.13
N GLY F 134 -25.35 14.28 33.48
CA GLY F 134 -26.66 14.60 34.01
C GLY F 134 -26.96 13.91 35.33
N VAL F 135 -26.56 12.65 35.48
CA VAL F 135 -26.73 11.92 36.74
C VAL F 135 -25.98 12.61 37.86
N LEU F 136 -24.76 13.07 37.59
CA LEU F 136 -24.00 13.71 38.65
C LEU F 136 -24.42 15.15 38.92
N VAL F 137 -25.07 15.84 37.98
CA VAL F 137 -25.39 17.25 38.22
C VAL F 137 -26.82 17.46 38.71
N GLU F 138 -27.77 16.58 38.35
CA GLU F 138 -29.17 16.79 38.70
C GLU F 138 -29.45 16.89 40.20
N PRO F 139 -28.96 16.00 41.08
CA PRO F 139 -29.27 16.16 42.51
C PRO F 139 -28.52 17.30 43.17
N MET F 140 -27.35 17.68 42.64
CA MET F 140 -26.65 18.86 43.13
C MET F 140 -27.52 20.11 43.00
N LEU F 141 -28.03 20.35 41.79
CA LEU F 141 -28.88 21.51 41.55
C LEU F 141 -30.22 21.37 42.24
N LEU F 142 -30.75 20.13 42.35
CA LEU F 142 -31.98 19.92 43.09
C LEU F 142 -31.82 20.28 44.55
N LEU F 143 -30.69 19.90 45.17
CA LEU F 143 -30.50 20.24 46.58
C LEU F 143 -30.21 21.72 46.76
N GLY F 144 -29.52 22.35 45.80
CA GLY F 144 -29.32 23.79 45.86
C GLY F 144 -30.61 24.56 45.84
N LEU F 145 -31.44 24.34 44.83
CA LEU F 145 -32.72 25.03 44.82
C LEU F 145 -33.71 24.48 45.84
N TRP F 146 -33.47 23.30 46.40
CA TRP F 146 -34.32 22.78 47.46
C TRP F 146 -34.05 23.49 48.78
N VAL F 147 -32.78 23.70 49.09
CA VAL F 147 -32.41 24.54 50.24
C VAL F 147 -32.94 25.95 50.06
N ALA F 148 -32.78 26.50 48.85
CA ALA F 148 -33.34 27.82 48.56
C ALA F 148 -34.86 27.84 48.63
N ALA F 149 -35.51 26.72 48.29
CA ALA F 149 -36.97 26.65 48.32
C ALA F 149 -37.50 26.56 49.75
N GLN F 150 -36.86 25.76 50.60
CA GLN F 150 -37.28 25.71 51.99
C GLN F 150 -36.87 26.95 52.78
N VAL F 151 -35.87 27.69 52.30
CA VAL F 151 -35.70 29.07 52.76
C VAL F 151 -36.88 29.92 52.30
N ALA F 152 -37.29 29.74 51.04
CA ALA F 152 -38.43 30.49 50.51
C ALA F 152 -39.75 30.01 51.10
N GLY F 153 -40.06 28.73 51.09
CA GLY F 153 -41.39 28.34 51.56
C GLY F 153 -42.17 27.56 50.52
N SER F 154 -41.85 27.76 49.24
CA SER F 154 -42.62 27.11 48.14
C SER F 154 -41.72 26.48 47.08
N THR F 155 -42.15 25.37 46.51
CA THR F 155 -41.37 24.69 45.45
C THR F 155 -41.70 25.40 44.15
N ASN F 156 -41.14 26.58 43.91
CA ASN F 156 -41.57 27.31 42.69
C ASN F 156 -40.70 28.46 42.38
N ILE F 157 -40.22 28.49 41.17
CA ILE F 157 -39.60 29.70 40.65
C ILE F 157 -40.65 30.80 40.71
N SER F 158 -40.17 32.05 40.87
CA SER F 158 -40.87 33.31 41.19
C SER F 158 -41.22 33.37 42.67
N ASN F 159 -40.96 32.32 43.44
CA ASN F 159 -40.98 32.38 44.90
C ASN F 159 -39.57 32.38 45.48
N ILE F 160 -38.69 31.52 44.96
CA ILE F 160 -37.28 31.58 45.32
C ILE F 160 -36.66 32.89 44.83
N THR F 161 -37.09 33.37 43.66
CA THR F 161 -36.50 34.57 43.08
C THR F 161 -36.82 35.81 43.91
N ASP F 162 -38.08 35.97 44.33
CA ASP F 162 -38.39 37.13 45.16
C ASP F 162 -38.16 36.87 46.64
N THR F 163 -37.81 35.64 47.03
CA THR F 163 -37.25 35.43 48.36
C THR F 163 -35.80 35.91 48.42
N VAL F 164 -35.01 35.60 47.40
CA VAL F 164 -33.62 36.10 47.37
C VAL F 164 -33.54 37.53 46.87
N TYR F 165 -34.63 38.07 46.30
CA TYR F 165 -34.69 39.49 45.98
C TYR F 165 -34.73 40.33 47.26
N HIS F 166 -35.61 39.95 48.19
CA HIS F 166 -35.66 40.58 49.51
C HIS F 166 -34.84 39.72 50.46
N TRP F 167 -33.55 40.01 50.54
CA TRP F 167 -32.61 39.23 51.35
C TRP F 167 -33.01 39.29 52.81
N PRO F 168 -33.31 38.16 53.46
CA PRO F 168 -33.88 38.21 54.82
C PRO F 168 -32.87 38.59 55.89
N LEU F 169 -31.58 38.38 55.66
CA LEU F 169 -30.46 38.63 56.57
C LEU F 169 -30.52 37.81 57.86
N SER F 170 -31.42 36.83 57.95
CA SER F 170 -31.53 35.95 59.11
C SER F 170 -31.17 34.50 58.79
N GLN F 171 -31.36 34.09 57.54
CA GLN F 171 -30.92 32.79 57.05
C GLN F 171 -29.93 32.95 55.90
N SER F 172 -28.94 33.84 56.08
CA SER F 172 -28.06 34.22 54.98
C SER F 172 -27.10 33.10 54.60
N ILE F 173 -26.62 32.34 55.60
CA ILE F 173 -25.70 31.24 55.31
C ILE F 173 -26.34 30.13 54.48
N PRO F 174 -27.57 29.66 54.76
CA PRO F 174 -28.21 28.72 53.83
C PRO F 174 -28.43 29.26 52.44
N LEU F 175 -28.66 30.56 52.28
CA LEU F 175 -28.79 31.16 50.96
C LEU F 175 -27.48 31.24 50.22
N VAL F 176 -26.40 31.63 50.90
CA VAL F 176 -25.09 31.79 50.25
C VAL F 176 -24.51 30.43 49.86
N LEU F 177 -24.61 29.43 50.76
CA LEU F 177 -24.09 28.12 50.42
C LEU F 177 -24.87 27.47 49.29
N ALA F 178 -26.19 27.65 49.27
CA ALA F 178 -26.99 27.15 48.16
C ALA F 178 -26.68 27.89 46.87
N LEU F 179 -26.41 29.21 46.95
CA LEU F 179 -26.03 29.98 45.78
C LEU F 179 -24.72 29.47 45.19
N CYS F 180 -23.74 29.17 46.04
CA CYS F 180 -22.46 28.67 45.54
C CYS F 180 -22.60 27.24 45.01
N ALA F 181 -23.48 26.43 45.61
CA ALA F 181 -23.75 25.10 45.08
C ALA F 181 -24.39 25.16 43.71
N CYS F 182 -25.33 26.10 43.53
CA CYS F 182 -25.95 26.29 42.22
C CYS F 182 -24.95 26.81 41.20
N ALA F 183 -24.03 27.67 41.63
CA ALA F 183 -22.95 28.12 40.75
C ALA F 183 -22.07 26.96 40.32
N PHE F 184 -21.76 26.05 41.25
CA PHE F 184 -20.97 24.87 40.90
C PHE F 184 -21.72 23.95 39.94
N ALA F 185 -23.04 23.79 40.15
CA ALA F 185 -23.84 22.97 39.25
C ALA F 185 -23.90 23.58 37.85
N THR F 186 -24.03 24.90 37.76
CA THR F 186 -23.98 25.59 36.48
C THR F 186 -22.61 25.42 35.82
N PHE F 187 -21.55 25.50 36.62
CA PHE F 187 -20.19 25.30 36.10
C PHE F 187 -20.00 23.89 35.54
N ILE F 188 -20.56 22.89 36.22
CA ILE F 188 -20.49 21.51 35.72
C ILE F 188 -21.29 21.35 34.43
N GLU F 189 -22.52 21.90 34.40
CA GLU F 189 -23.37 21.74 33.21
C GLU F 189 -22.80 22.45 31.99
N MET F 190 -22.22 23.64 32.17
CA MET F 190 -21.61 24.38 31.07
C MET F 190 -20.11 24.12 31.08
N GLY F 191 -19.74 22.93 30.61
CA GLY F 191 -18.35 22.50 30.60
C GLY F 191 -18.22 21.00 30.68
N LYS F 192 -17.02 20.50 31.00
CA LYS F 192 -16.78 19.07 31.11
C LYS F 192 -16.96 18.68 32.57
N LEU F 193 -16.15 19.22 33.48
CA LEU F 193 -16.15 18.88 34.92
C LEU F 193 -16.06 17.38 35.20
N GLN F 205 -12.08 17.03 19.81
CA GLN F 205 -11.86 15.73 19.18
C GLN F 205 -13.07 15.28 18.37
N GLU F 206 -13.36 13.99 18.41
CA GLU F 206 -14.40 13.42 17.55
C GLU F 206 -15.79 13.96 17.90
N GLY F 207 -16.08 14.13 19.19
CA GLY F 207 -17.32 14.72 19.62
C GLY F 207 -18.50 13.76 19.54
N PRO F 208 -19.59 14.10 20.24
CA PRO F 208 -20.82 13.32 20.14
C PRO F 208 -21.74 13.72 19.00
N LEU F 209 -21.36 14.72 18.20
CA LEU F 209 -22.15 15.16 17.06
C LEU F 209 -21.49 14.82 15.74
N SER F 210 -20.63 13.79 15.70
CA SER F 210 -19.87 13.47 14.50
C SER F 210 -20.73 12.83 13.41
N GLU F 211 -21.95 12.39 13.72
CA GLU F 211 -22.82 11.81 12.73
C GLU F 211 -23.88 12.79 12.24
N TYR F 212 -24.10 13.89 12.95
CA TYR F 212 -25.04 14.91 12.52
C TYR F 212 -24.48 15.68 11.34
N SER F 213 -25.39 16.10 10.45
CA SER F 213 -24.98 16.82 9.25
C SER F 213 -26.11 17.75 8.82
N GLY F 214 -25.73 18.87 8.22
CA GLY F 214 -26.70 19.73 7.56
C GLY F 214 -27.65 20.41 8.52
N SER F 215 -28.94 20.31 8.19
CA SER F 215 -29.97 20.99 8.99
C SER F 215 -30.06 20.40 10.38
N GLY F 216 -29.87 19.07 10.50
CA GLY F 216 -29.85 18.46 11.82
C GLY F 216 -28.71 18.97 12.69
N PHE F 217 -27.53 19.15 12.10
CA PHE F 217 -26.40 19.71 12.85
C PHE F 217 -26.66 21.17 13.21
N GLY F 218 -27.31 21.92 12.31
CA GLY F 218 -27.65 23.30 12.64
C GLY F 218 -28.63 23.41 13.80
N VAL F 219 -29.63 22.54 13.83
CA VAL F 219 -30.60 22.58 14.92
C VAL F 219 -29.99 22.02 16.22
N MET F 220 -29.04 21.09 16.13
CA MET F 220 -28.26 20.72 17.31
C MET F 220 -27.44 21.88 17.84
N LYS F 221 -26.82 22.68 16.96
CA LYS F 221 -26.09 23.85 17.43
C LYS F 221 -27.03 24.88 18.06
N TRP F 222 -28.22 25.06 17.48
CA TRP F 222 -29.28 25.84 18.10
C TRP F 222 -29.57 25.34 19.52
N GLY F 223 -29.77 24.03 19.67
CA GLY F 223 -30.12 23.47 20.96
C GLY F 223 -29.01 23.57 21.98
N ILE F 224 -27.76 23.38 21.54
CA ILE F 224 -26.62 23.49 22.45
C ILE F 224 -26.45 24.92 22.94
N SER F 225 -26.56 25.89 22.02
CA SER F 225 -26.49 27.30 22.41
C SER F 225 -27.63 27.67 23.36
N LEU F 226 -28.84 27.17 23.08
CA LEU F 226 -29.97 27.47 23.96
C LEU F 226 -29.83 26.79 25.32
N LYS F 227 -29.26 25.59 25.37
CA LYS F 227 -29.02 24.92 26.66
C LYS F 227 -28.00 25.68 27.49
N GLN F 228 -26.91 26.13 26.85
CA GLN F 228 -25.93 26.95 27.55
C GLN F 228 -26.49 28.31 27.96
N LEU F 229 -27.49 28.82 27.22
CA LEU F 229 -28.17 30.03 27.69
C LEU F 229 -29.03 29.72 28.91
N VAL F 230 -29.84 28.66 28.86
CA VAL F 230 -30.85 28.48 29.90
C VAL F 230 -30.25 28.00 31.21
N VAL F 231 -29.10 27.31 31.18
CA VAL F 231 -28.47 26.90 32.44
C VAL F 231 -27.95 28.13 33.18
N LEU F 232 -27.20 28.99 32.47
CA LEU F 232 -26.72 30.23 33.07
C LEU F 232 -27.87 31.16 33.43
N GLN F 233 -28.96 31.10 32.68
CA GLN F 233 -30.11 31.94 32.99
C GLN F 233 -30.83 31.46 34.24
N MET F 234 -30.96 30.14 34.40
CA MET F 234 -31.53 29.58 35.62
C MET F 234 -30.67 29.91 36.83
N PHE F 235 -29.36 30.06 36.63
CA PHE F 235 -28.54 30.59 37.71
C PHE F 235 -28.82 32.07 37.96
N VAL F 236 -28.57 32.92 36.95
CA VAL F 236 -28.46 34.37 37.16
C VAL F 236 -29.80 35.10 37.18
N GLY F 237 -30.92 34.42 36.95
CA GLY F 237 -32.19 35.09 37.04
C GLY F 237 -32.95 34.65 38.27
N VAL F 238 -32.71 33.43 38.70
CA VAL F 238 -33.30 32.94 39.94
C VAL F 238 -32.51 33.44 41.15
N PHE F 239 -31.19 33.43 41.06
CA PHE F 239 -30.37 33.76 42.22
C PHE F 239 -29.75 35.15 42.16
N ILE F 240 -29.83 35.84 41.03
CA ILE F 240 -29.41 37.25 40.95
C ILE F 240 -30.57 38.07 40.38
N PRO F 241 -31.61 38.35 41.16
CA PRO F 241 -32.78 39.05 40.62
C PRO F 241 -32.80 40.57 40.83
N TRP F 242 -31.79 41.14 41.47
CA TRP F 242 -31.77 42.58 41.75
C TRP F 242 -31.53 43.32 40.44
N GLY F 243 -32.62 43.85 39.90
CA GLY F 243 -32.61 44.46 38.58
C GLY F 243 -33.83 44.05 37.77
N GLN F 244 -34.74 43.32 38.39
CA GLN F 244 -35.95 42.85 37.73
C GLN F 244 -37.20 43.53 38.30
N MET F 245 -38.38 43.09 37.86
CA MET F 245 -39.64 43.70 38.24
C MET F 245 -40.44 42.75 39.11
N GLU F 246 -41.18 43.30 40.08
CA GLU F 246 -42.21 42.53 40.75
C GLU F 246 -43.43 42.36 39.85
N THR F 247 -43.83 43.43 39.15
CA THR F 247 -44.92 43.41 38.20
C THR F 247 -44.45 44.02 36.90
N PHE F 248 -44.96 43.51 35.79
CA PHE F 248 -44.49 43.92 34.47
C PHE F 248 -45.03 45.31 34.13
N THR F 249 -44.12 46.25 33.90
CA THR F 249 -44.46 47.60 33.44
C THR F 249 -43.89 47.80 32.04
N ALA F 250 -44.28 48.91 31.41
CA ALA F 250 -43.85 49.22 30.06
C ALA F 250 -42.78 50.31 30.00
N GLY F 251 -42.35 50.84 31.14
CA GLY F 251 -41.37 51.92 31.14
C GLY F 251 -40.00 51.51 31.64
N GLY F 252 -39.94 50.52 32.52
CA GLY F 252 -38.68 50.07 33.07
C GLY F 252 -38.16 48.81 32.41
N LEU F 253 -38.68 48.53 31.20
CA LEU F 253 -38.33 47.32 30.48
C LEU F 253 -36.90 47.36 29.93
N LEU F 254 -36.45 48.52 29.46
CA LEU F 254 -35.12 48.63 28.87
C LEU F 254 -34.03 48.36 29.90
N LEU F 255 -34.22 48.84 31.14
CA LEU F 255 -33.28 48.56 32.22
C LEU F 255 -33.19 47.07 32.50
N ALA F 256 -34.34 46.38 32.46
CA ALA F 256 -34.36 44.93 32.71
C ALA F 256 -33.65 44.17 31.60
N LEU F 257 -33.89 44.53 30.33
CA LEU F 257 -33.14 43.88 29.25
C LEU F 257 -31.64 44.15 29.34
N VAL F 258 -31.27 45.39 29.68
CA VAL F 258 -29.85 45.75 29.78
C VAL F 258 -29.18 44.93 30.87
N ILE F 259 -29.80 44.86 32.05
CA ILE F 259 -29.17 44.13 33.15
C ILE F 259 -29.18 42.63 32.89
N ALA F 260 -30.18 42.12 32.16
CA ALA F 260 -30.21 40.69 31.84
C ALA F 260 -29.11 40.32 30.86
N ILE F 261 -28.94 41.10 29.78
CA ILE F 261 -27.89 40.77 28.82
C ILE F 261 -26.51 41.01 29.43
N VAL F 262 -26.36 42.01 30.30
CA VAL F 262 -25.09 42.22 30.98
C VAL F 262 -24.77 41.06 31.91
N LYS F 263 -25.78 40.56 32.64
CA LYS F 263 -25.58 39.42 33.53
C LYS F 263 -25.17 38.17 32.75
N LEU F 264 -25.84 37.90 31.62
CA LEU F 264 -25.48 36.74 30.81
C LEU F 264 -24.07 36.87 30.24
N VAL F 265 -23.72 38.06 29.76
CA VAL F 265 -22.40 38.27 29.15
C VAL F 265 -21.29 38.11 30.19
N VAL F 266 -21.45 38.75 31.35
CA VAL F 266 -20.39 38.62 32.36
C VAL F 266 -20.36 37.20 32.91
N GLY F 267 -21.50 36.49 32.92
CA GLY F 267 -21.49 35.11 33.35
C GLY F 267 -20.68 34.22 32.43
N VAL F 268 -20.91 34.33 31.12
CA VAL F 268 -20.14 33.47 30.20
C VAL F 268 -18.67 33.88 30.18
N LEU F 269 -18.36 35.17 30.35
CA LEU F 269 -16.97 35.60 30.40
C LEU F 269 -16.25 35.02 31.61
N VAL F 270 -16.84 35.13 32.81
CA VAL F 270 -16.15 34.63 33.99
C VAL F 270 -16.10 33.11 34.01
N ILE F 271 -17.11 32.43 33.45
CA ILE F 271 -17.05 30.97 33.38
C ILE F 271 -15.99 30.52 32.39
N ALA F 272 -15.82 31.23 31.27
CA ALA F 272 -14.72 30.91 30.36
C ALA F 272 -13.36 31.14 31.02
N LEU F 273 -13.25 32.24 31.79
CA LEU F 273 -11.99 32.53 32.49
C LEU F 273 -11.64 31.45 33.50
N PHE F 274 -12.60 31.06 34.33
CA PHE F 274 -12.32 30.05 35.35
C PHE F 274 -12.32 28.64 34.79
N GLU F 275 -12.83 28.43 33.57
CA GLU F 275 -12.65 27.15 32.90
C GLU F 275 -11.23 27.02 32.37
N ASN F 276 -10.70 28.08 31.79
CA ASN F 276 -9.32 28.04 31.32
C ASN F 276 -8.32 28.20 32.45
N SER F 277 -8.79 28.61 33.64
CA SER F 277 -7.89 28.75 34.78
C SER F 277 -7.67 27.41 35.49
N MET F 278 -8.36 26.36 35.06
CA MET F 278 -8.22 25.04 35.67
C MET F 278 -6.85 24.42 35.37
N PRO F 287 -11.97 14.91 40.69
CA PRO F 287 -13.34 15.15 41.17
C PRO F 287 -13.39 16.15 42.32
N ARG F 288 -12.68 17.27 42.17
CA ARG F 288 -12.64 18.27 43.22
C ARG F 288 -13.92 19.09 43.25
N ILE F 289 -14.26 19.74 42.13
CA ILE F 289 -15.45 20.57 42.10
C ILE F 289 -16.72 19.72 42.05
N THR F 290 -16.60 18.44 41.66
CA THR F 290 -17.73 17.53 41.76
C THR F 290 -18.07 17.22 43.20
N TRP F 291 -17.04 17.00 44.04
CA TRP F 291 -17.27 16.76 45.45
C TRP F 291 -17.58 18.06 46.20
N ALA F 292 -16.89 19.15 45.85
CA ALA F 292 -17.14 20.43 46.49
C ALA F 292 -18.50 21.01 46.10
N GLY F 293 -19.00 20.69 44.91
CA GLY F 293 -20.37 21.06 44.59
C GLY F 293 -21.38 20.31 45.43
N PHE F 294 -21.14 19.02 45.67
CA PHE F 294 -21.95 18.28 46.63
C PHE F 294 -21.68 18.77 48.05
N GLY F 295 -20.43 19.12 48.35
CA GLY F 295 -20.08 19.52 49.70
C GLY F 295 -20.72 20.84 50.12
N PHE F 296 -20.74 21.81 49.20
CA PHE F 296 -21.38 23.09 49.51
C PHE F 296 -22.89 22.95 49.51
N ALA F 297 -23.42 21.94 48.80
CA ALA F 297 -24.85 21.67 48.84
C ALA F 297 -25.35 21.08 50.16
N PHE F 298 -24.51 20.21 50.75
CA PHE F 298 -24.85 19.58 52.05
C PHE F 298 -24.52 20.57 53.17
N LEU F 299 -23.57 21.47 52.93
CA LEU F 299 -23.22 22.48 53.93
C LEU F 299 -24.38 23.47 54.00
N ALA F 300 -25.08 23.65 52.88
CA ALA F 300 -26.32 24.43 52.91
C ALA F 300 -27.41 23.70 53.68
N PHE F 301 -27.51 22.38 53.47
CA PHE F 301 -28.58 21.60 54.09
C PHE F 301 -28.40 21.47 55.59
N VAL F 302 -27.16 21.28 56.04
CA VAL F 302 -26.88 21.19 57.48
C VAL F 302 -27.12 22.55 58.14
N SER F 303 -26.94 23.64 57.39
CA SER F 303 -27.00 24.99 57.96
C SER F 303 -28.39 25.34 58.47
N LEU F 304 -29.45 24.93 57.76
CA LEU F 304 -30.79 25.12 58.29
C LEU F 304 -31.04 24.20 59.48
N LEU F 305 -30.51 22.98 59.42
CA LEU F 305 -30.78 21.99 60.46
C LEU F 305 -30.11 22.36 61.78
N ALA F 306 -28.88 22.86 61.71
CA ALA F 306 -28.18 23.28 62.93
C ALA F 306 -28.75 24.58 63.46
N ALA F 307 -29.02 25.54 62.59
CA ALA F 307 -29.54 26.83 63.02
C ALA F 307 -31.07 26.82 63.04
N MET G 1 41.35 -18.54 -9.56
CA MET G 1 41.75 -17.72 -10.70
C MET G 1 42.58 -18.53 -11.69
N LYS G 2 42.36 -19.84 -11.71
CA LYS G 2 43.07 -20.69 -12.64
C LYS G 2 42.52 -20.55 -14.05
N LYS G 3 43.35 -20.86 -15.03
CA LYS G 3 42.99 -20.73 -16.44
C LYS G 3 42.75 -22.11 -17.04
N VAL G 4 41.64 -22.26 -17.74
CA VAL G 4 41.27 -23.51 -18.39
C VAL G 4 41.27 -23.27 -19.90
N VAL G 5 42.08 -24.05 -20.62
CA VAL G 5 42.21 -23.90 -22.05
C VAL G 5 41.07 -24.64 -22.74
N THR G 6 40.29 -23.94 -23.54
CA THR G 6 39.14 -24.49 -24.23
C THR G 6 39.20 -24.11 -25.71
N VAL G 7 38.34 -24.73 -26.52
CA VAL G 7 38.23 -24.46 -27.94
C VAL G 7 36.87 -23.82 -28.20
N CYS G 8 36.86 -22.70 -28.92
CA CYS G 8 35.66 -21.89 -29.11
C CYS G 8 34.53 -22.70 -29.76
N PRO G 9 33.33 -22.68 -29.20
CA PRO G 9 32.26 -23.57 -29.68
C PRO G 9 31.43 -23.03 -30.84
N TYR G 10 31.84 -21.94 -31.49
CA TYR G 10 30.97 -21.40 -32.52
C TYR G 10 31.32 -21.86 -33.92
N CYS G 11 32.45 -21.44 -34.46
CA CYS G 11 32.72 -21.70 -35.86
C CYS G 11 33.94 -22.61 -35.99
N ALA G 12 34.15 -23.10 -37.21
CA ALA G 12 35.16 -24.11 -37.48
C ALA G 12 36.56 -23.54 -37.57
N SER G 13 36.76 -22.25 -37.26
CA SER G 13 38.11 -21.68 -37.23
C SER G 13 38.95 -22.27 -36.10
N GLY G 14 38.32 -22.84 -35.07
CA GLY G 14 39.01 -23.58 -34.03
C GLY G 14 39.96 -22.77 -33.17
N CYS G 15 39.51 -21.62 -32.69
CA CYS G 15 40.33 -20.79 -31.82
C CYS G 15 40.36 -21.35 -30.41
N LYS G 16 41.45 -21.06 -29.70
CA LYS G 16 41.65 -21.54 -28.35
C LYS G 16 41.34 -20.42 -27.36
N ILE G 17 40.52 -20.75 -26.36
CA ILE G 17 40.07 -19.77 -25.36
C ILE G 17 40.66 -20.16 -24.01
N ASN G 18 41.32 -19.20 -23.37
CA ASN G 18 41.81 -19.37 -22.00
C ASN G 18 40.74 -18.85 -21.05
N LEU G 19 39.79 -19.73 -20.72
CA LEU G 19 38.70 -19.37 -19.82
C LEU G 19 39.23 -19.20 -18.40
N VAL G 20 39.28 -17.97 -17.93
CA VAL G 20 39.70 -17.69 -16.55
C VAL G 20 38.51 -17.95 -15.65
N VAL G 21 38.70 -18.84 -14.67
CA VAL G 21 37.62 -19.28 -13.79
C VAL G 21 38.03 -19.05 -12.34
N ASP G 22 37.22 -18.41 -11.51
CA ASP G 22 37.50 -18.20 -10.08
C ASP G 22 36.28 -18.69 -9.34
N ASN G 23 36.47 -19.43 -8.25
CA ASN G 23 35.39 -20.16 -7.55
C ASN G 23 34.90 -21.17 -8.58
N GLY G 24 33.60 -21.22 -8.82
CA GLY G 24 33.08 -22.12 -9.88
C GLY G 24 32.39 -21.27 -10.90
N LYS G 25 32.93 -20.08 -11.18
CA LYS G 25 32.28 -19.11 -12.09
C LYS G 25 33.32 -18.56 -13.04
N ILE G 26 32.93 -18.21 -14.26
CA ILE G 26 33.86 -17.72 -15.27
C ILE G 26 33.83 -16.21 -15.22
N VAL G 27 35.01 -15.58 -15.15
CA VAL G 27 35.09 -14.13 -15.01
C VAL G 27 35.36 -13.47 -16.36
N ARG G 28 36.14 -14.13 -17.22
CA ARG G 28 36.51 -13.53 -18.50
C ARG G 28 36.99 -14.63 -19.43
N ALA G 29 37.13 -14.28 -20.71
CA ALA G 29 37.73 -15.14 -21.72
C ALA G 29 38.98 -14.47 -22.26
N GLU G 30 40.07 -15.22 -22.32
CA GLU G 30 41.36 -14.71 -22.75
C GLU G 30 41.78 -15.39 -24.04
N ALA G 31 42.53 -14.66 -24.86
CA ALA G 31 43.03 -15.20 -26.12
C ALA G 31 44.23 -16.09 -25.85
N ALA G 32 44.13 -17.36 -26.23
CA ALA G 32 45.21 -18.31 -26.04
C ALA G 32 46.10 -18.36 -27.28
N GLN G 33 47.31 -18.88 -27.08
CA GLN G 33 48.30 -18.98 -28.16
C GLN G 33 48.13 -20.29 -28.93
N GLY G 34 46.97 -20.41 -29.58
CA GLY G 34 46.68 -21.59 -30.35
C GLY G 34 47.29 -21.55 -31.75
N LYS G 35 47.13 -22.67 -32.45
CA LYS G 35 47.68 -22.79 -33.80
C LYS G 35 46.93 -21.91 -34.79
N THR G 36 45.60 -21.87 -34.69
CA THR G 36 44.80 -21.16 -35.67
C THR G 36 44.71 -19.67 -35.35
N ASN G 37 44.36 -19.32 -34.11
CA ASN G 37 44.10 -17.93 -33.77
C ASN G 37 45.37 -17.17 -33.44
N GLN G 38 46.30 -17.80 -32.71
CA GLN G 38 47.56 -17.19 -32.26
C GLN G 38 47.33 -15.90 -31.47
N GLY G 39 46.35 -15.92 -30.58
CA GLY G 39 46.11 -14.82 -29.68
C GLY G 39 45.13 -13.77 -30.16
N THR G 40 44.36 -14.04 -31.21
CA THR G 40 43.34 -13.12 -31.71
C THR G 40 41.99 -13.83 -31.73
N LEU G 41 40.99 -13.22 -31.13
CA LEU G 41 39.63 -13.75 -31.14
C LEU G 41 38.65 -12.68 -31.62
N CYS G 42 37.51 -13.13 -32.11
CA CYS G 42 36.44 -12.22 -32.51
C CYS G 42 35.57 -11.92 -31.29
N LEU G 43 34.43 -11.27 -31.52
CA LEU G 43 33.56 -10.90 -30.41
C LEU G 43 32.83 -12.10 -29.83
N LYS G 44 32.53 -13.12 -30.64
CA LYS G 44 31.82 -14.28 -30.16
C LYS G 44 32.70 -15.15 -29.27
N GLY G 45 34.00 -15.20 -29.53
CA GLY G 45 34.89 -15.92 -28.64
C GLY G 45 35.15 -15.16 -27.35
N TYR G 46 35.22 -13.83 -27.43
CA TYR G 46 35.54 -13.02 -26.26
C TYR G 46 34.35 -12.94 -25.31
N TYR G 47 33.15 -12.72 -25.82
CA TYR G 47 31.98 -12.43 -24.99
C TYR G 47 30.80 -13.30 -25.39
N GLY G 48 31.04 -14.59 -25.58
CA GLY G 48 29.97 -15.49 -25.97
C GLY G 48 29.82 -16.69 -25.05
N TRP G 49 30.45 -16.63 -23.88
CA TRP G 49 30.49 -17.76 -22.96
C TRP G 49 29.47 -17.67 -21.84
N ASP G 50 28.83 -16.51 -21.65
CA ASP G 50 27.93 -16.29 -20.52
C ASP G 50 26.52 -16.78 -20.79
N PHE G 51 26.33 -17.69 -21.75
CA PHE G 51 25.05 -18.34 -21.95
C PHE G 51 24.82 -19.48 -20.98
N ILE G 52 25.88 -19.98 -20.33
CA ILE G 52 25.77 -21.08 -19.38
C ILE G 52 25.27 -20.64 -18.02
N ASN G 53 25.20 -19.34 -17.76
CA ASN G 53 24.76 -18.83 -16.47
C ASN G 53 23.25 -18.70 -16.37
N ASP G 54 22.51 -19.17 -17.39
CA ASP G 54 21.05 -19.10 -17.45
C ASP G 54 20.57 -17.65 -17.32
N THR G 55 21.08 -16.81 -18.21
CA THR G 55 20.75 -15.39 -18.19
C THR G 55 19.30 -15.11 -18.56
N GLN G 56 18.66 -16.03 -19.30
CA GLN G 56 17.24 -15.95 -19.70
C GLN G 56 16.94 -14.68 -20.49
N ILE G 57 17.92 -14.21 -21.28
CA ILE G 57 17.70 -13.03 -22.11
C ILE G 57 16.74 -13.36 -23.25
N LEU G 58 16.94 -14.51 -23.90
CA LEU G 58 16.02 -14.99 -24.92
C LEU G 58 15.29 -16.25 -24.47
N THR G 59 16.03 -17.30 -24.10
CA THR G 59 15.43 -18.57 -23.74
C THR G 59 15.99 -19.09 -22.43
N PRO G 60 15.18 -19.77 -21.63
CA PRO G 60 15.69 -20.37 -20.40
C PRO G 60 16.49 -21.63 -20.67
N ARG G 61 17.60 -21.76 -19.96
CA ARG G 61 18.42 -22.96 -20.03
C ARG G 61 17.68 -24.13 -19.39
N LEU G 62 17.92 -25.33 -19.93
CA LEU G 62 17.23 -26.52 -19.44
C LEU G 62 17.75 -26.96 -18.09
N LYS G 63 16.84 -27.46 -17.25
CA LYS G 63 17.14 -27.93 -15.91
C LYS G 63 16.83 -29.41 -15.70
N THR G 64 15.62 -29.84 -16.05
CA THR G 64 15.09 -31.15 -15.71
C THR G 64 14.58 -31.85 -16.95
N PRO G 65 14.53 -33.18 -16.95
CA PRO G 65 13.78 -33.89 -18.00
C PRO G 65 12.31 -33.56 -17.91
N MET G 66 11.67 -33.42 -19.08
CA MET G 66 10.26 -33.14 -19.15
C MET G 66 9.61 -34.05 -20.18
N ILE G 67 8.49 -34.66 -19.80
CA ILE G 67 7.72 -35.56 -20.66
C ILE G 67 6.41 -34.90 -20.99
N ARG G 68 6.09 -34.82 -22.27
CA ARG G 68 4.76 -34.39 -22.71
C ARG G 68 3.90 -35.63 -22.90
N ARG G 69 2.82 -35.67 -22.14
CA ARG G 69 1.95 -36.85 -22.10
C ARG G 69 1.08 -37.00 -23.34
N GLN G 70 0.50 -35.93 -23.86
CA GLN G 70 -0.26 -36.08 -25.10
C GLN G 70 -0.14 -34.81 -25.89
N ARG G 71 0.09 -34.93 -27.19
CA ARG G 71 0.35 -33.68 -27.93
C ARG G 71 -0.85 -32.80 -27.59
N GLY G 72 -0.68 -31.54 -27.19
CA GLY G 72 -1.84 -30.74 -26.74
C GLY G 72 -1.78 -30.73 -25.24
N GLY G 73 -0.84 -31.46 -24.72
CA GLY G 73 -0.64 -31.49 -23.27
C GLY G 73 0.53 -30.60 -23.03
N LYS G 74 1.17 -30.72 -21.89
CA LYS G 74 2.23 -29.74 -21.68
C LYS G 74 3.50 -30.46 -21.29
N LEU G 75 4.62 -29.76 -21.32
CA LEU G 75 5.87 -30.35 -20.85
C LEU G 75 5.81 -30.24 -19.34
N GLU G 76 5.69 -31.38 -18.66
CA GLU G 76 5.61 -31.41 -17.19
C GLU G 76 6.90 -32.03 -16.70
N PRO G 77 7.62 -31.47 -15.73
CA PRO G 77 8.92 -31.98 -15.35
C PRO G 77 8.87 -33.40 -14.79
N VAL G 78 9.86 -34.25 -15.08
CA VAL G 78 9.91 -35.69 -14.67
C VAL G 78 11.35 -36.01 -14.21
N SER G 79 11.55 -37.02 -13.35
CA SER G 79 12.86 -37.50 -12.94
C SER G 79 13.59 -38.15 -14.13
N TRP G 80 14.88 -38.32 -13.96
CA TRP G 80 15.59 -38.91 -15.09
C TRP G 80 15.12 -40.34 -15.18
N ASP G 81 14.62 -40.91 -14.12
CA ASP G 81 14.31 -42.34 -14.25
C ASP G 81 13.36 -42.64 -15.35
N GLU G 82 12.15 -42.12 -15.27
CA GLU G 82 11.16 -42.44 -16.35
C GLU G 82 11.44 -41.62 -17.61
N ALA G 83 12.15 -40.50 -17.51
CA ALA G 83 12.36 -39.79 -18.77
C ALA G 83 13.06 -40.85 -19.59
N LEU G 84 14.12 -41.43 -19.04
CA LEU G 84 14.93 -42.41 -19.81
C LEU G 84 14.21 -43.74 -19.94
N ASN G 85 13.43 -44.21 -18.99
CA ASN G 85 12.69 -45.46 -19.23
C ASN G 85 11.68 -45.19 -20.33
N TYR G 86 11.02 -44.04 -20.37
CA TYR G 86 10.09 -43.80 -21.48
C TYR G 86 10.92 -43.84 -22.76
N VAL G 87 12.05 -43.14 -22.83
CA VAL G 87 12.79 -43.10 -24.13
C VAL G 87 13.40 -44.48 -24.46
N ALA G 88 13.31 -45.48 -23.58
CA ALA G 88 13.71 -46.84 -23.97
C ALA G 88 12.50 -47.69 -24.34
N GLU G 89 11.41 -47.59 -23.56
CA GLU G 89 10.23 -48.38 -23.84
C GLU G 89 9.58 -47.97 -25.16
N ARG G 90 9.49 -46.65 -25.41
CA ARG G 90 8.88 -46.18 -26.66
C ARG G 90 9.74 -46.56 -27.87
N LEU G 91 11.07 -46.43 -27.75
CA LEU G 91 11.94 -46.79 -28.87
C LEU G 91 11.92 -48.27 -29.16
N SER G 92 11.96 -49.11 -28.12
CA SER G 92 11.89 -50.56 -28.31
C SER G 92 10.53 -50.97 -28.87
N ALA G 93 9.46 -50.31 -28.41
CA ALA G 93 8.13 -50.61 -28.92
C ALA G 93 8.00 -50.23 -30.39
N ILE G 94 8.58 -49.09 -30.80
CA ILE G 94 8.53 -48.70 -32.20
C ILE G 94 9.33 -49.66 -33.07
N LYS G 95 10.55 -50.02 -32.63
CA LYS G 95 11.37 -50.95 -33.38
C LYS G 95 10.82 -52.37 -33.44
N GLU G 96 9.79 -52.64 -32.65
CA GLU G 96 9.07 -53.96 -32.66
C GLU G 96 7.87 -53.88 -33.60
N LYS G 97 6.96 -52.96 -33.35
CA LYS G 97 5.73 -52.79 -34.16
C LYS G 97 6.08 -52.36 -35.58
N TYR G 98 6.88 -51.30 -35.82
CA TYR G 98 7.18 -50.82 -37.20
C TYR G 98 8.51 -51.37 -37.76
N GLY G 99 9.65 -50.66 -37.64
CA GLY G 99 10.91 -51.18 -38.23
C GLY G 99 12.08 -50.57 -37.45
N PRO G 100 13.34 -51.03 -37.58
CA PRO G 100 14.46 -50.35 -36.94
C PRO G 100 14.60 -48.98 -37.57
N ASP G 101 14.34 -48.89 -38.87
CA ASP G 101 14.42 -47.65 -39.69
C ASP G 101 13.31 -46.66 -39.43
N ALA G 102 12.21 -47.07 -38.79
CA ALA G 102 11.18 -46.11 -38.42
C ALA G 102 11.87 -45.07 -37.51
N ILE G 103 12.84 -45.42 -36.69
CA ILE G 103 13.64 -44.47 -35.87
C ILE G 103 14.53 -43.64 -36.76
N GLN G 104 14.86 -42.42 -36.33
CA GLN G 104 15.82 -41.51 -37.00
C GLN G 104 16.52 -40.78 -35.90
N THR G 105 17.83 -40.63 -35.95
CA THR G 105 18.70 -40.04 -34.91
C THR G 105 19.77 -39.09 -35.42
N THR G 106 19.73 -37.83 -35.06
CA THR G 106 20.69 -36.79 -35.49
C THR G 106 21.91 -36.85 -34.61
N GLY G 107 22.97 -36.19 -34.99
CA GLY G 107 24.17 -36.10 -34.15
C GLY G 107 24.40 -34.62 -34.03
N SER G 108 25.07 -34.18 -32.99
CA SER G 108 25.15 -32.73 -32.90
C SER G 108 26.43 -32.29 -33.53
N SER G 109 26.58 -31.00 -33.54
CA SER G 109 27.80 -30.51 -34.18
C SER G 109 28.38 -29.28 -33.49
N ARG G 110 27.96 -28.97 -32.27
CA ARG G 110 28.26 -27.68 -31.68
C ARG G 110 29.16 -27.76 -30.45
N GLY G 111 28.75 -28.48 -29.41
CA GLY G 111 29.54 -28.46 -28.19
C GLY G 111 29.72 -29.83 -27.58
N THR G 112 29.06 -30.83 -28.18
CA THR G 112 29.08 -32.18 -27.64
C THR G 112 30.46 -32.82 -27.77
N GLY G 113 31.17 -32.52 -28.86
CA GLY G 113 32.45 -33.14 -29.11
C GLY G 113 32.34 -34.37 -29.98
N ASN G 114 33.52 -34.92 -30.30
CA ASN G 114 33.59 -36.04 -31.23
C ASN G 114 33.13 -37.35 -30.59
N GLU G 115 33.49 -37.56 -29.32
CA GLU G 115 33.16 -38.80 -28.63
C GLU G 115 31.66 -38.99 -28.48
N THR G 116 30.94 -37.89 -28.27
CA THR G 116 29.49 -37.96 -28.22
C THR G 116 28.90 -38.39 -29.56
N ASN G 117 29.45 -37.87 -30.66
CA ASN G 117 29.01 -38.30 -31.99
C ASN G 117 29.29 -39.77 -32.21
N TYR G 118 30.46 -40.25 -31.77
CA TYR G 118 30.78 -41.66 -31.91
C TYR G 118 29.86 -42.55 -31.10
N VAL G 119 29.58 -42.19 -29.85
CA VAL G 119 28.67 -43.03 -29.07
C VAL G 119 27.24 -42.91 -29.59
N MET G 120 26.86 -41.80 -30.23
CA MET G 120 25.51 -41.68 -30.75
C MET G 120 25.31 -42.56 -31.97
N GLN G 121 26.27 -42.53 -32.90
CA GLN G 121 26.16 -43.43 -34.05
C GLN G 121 26.35 -44.89 -33.64
N LYS G 122 27.15 -45.16 -32.60
CA LYS G 122 27.28 -46.52 -32.11
C LYS G 122 25.97 -47.01 -31.51
N PHE G 123 25.29 -46.15 -30.75
CA PHE G 123 23.96 -46.42 -30.23
C PHE G 123 22.99 -46.75 -31.36
N ALA G 124 22.94 -45.87 -32.38
CA ALA G 124 21.99 -46.05 -33.47
C ALA G 124 22.25 -47.36 -34.23
N ARG G 125 23.50 -47.55 -34.70
CA ARG G 125 23.80 -48.67 -35.55
C ARG G 125 23.82 -50.00 -34.79
N ALA G 126 24.09 -49.99 -33.49
CA ALA G 126 24.13 -51.24 -32.74
C ALA G 126 22.78 -51.54 -32.06
N VAL G 127 22.34 -50.65 -31.16
CA VAL G 127 21.09 -50.88 -30.45
C VAL G 127 19.91 -50.73 -31.41
N ILE G 128 19.89 -49.65 -32.20
CA ILE G 128 18.77 -49.42 -33.10
C ILE G 128 18.90 -50.30 -34.33
N GLY G 129 20.09 -50.33 -34.94
CA GLY G 129 20.29 -51.10 -36.14
C GLY G 129 19.93 -50.32 -37.38
N THR G 130 20.26 -49.04 -37.43
CA THR G 130 20.02 -48.20 -38.59
C THR G 130 21.23 -47.41 -39.01
N ASN G 131 21.21 -46.97 -40.28
CA ASN G 131 22.15 -45.97 -40.77
C ASN G 131 21.46 -44.61 -40.82
N ASN G 132 20.32 -44.48 -40.15
CA ASN G 132 19.58 -43.21 -40.10
C ASN G 132 20.26 -42.28 -39.08
N VAL G 133 21.45 -41.82 -39.46
CA VAL G 133 22.20 -40.83 -38.70
C VAL G 133 22.61 -39.72 -39.65
N ASP G 134 22.30 -38.47 -39.30
CA ASP G 134 22.70 -37.35 -40.12
C ASP G 134 22.88 -36.11 -39.25
N CYS G 135 24.07 -35.52 -39.34
CA CYS G 135 24.38 -34.29 -38.62
C CYS G 135 23.82 -33.28 -39.62
N CYS G 136 24.08 -31.99 -39.37
CA CYS G 136 23.62 -30.95 -40.29
C CYS G 136 24.71 -30.50 -41.39
N ALA G 137 25.52 -31.52 -41.68
CA ALA G 137 26.52 -31.41 -42.74
C ALA G 137 25.62 -31.64 -43.94
N ARG G 138 24.41 -32.16 -43.74
CA ARG G 138 23.49 -32.38 -44.84
C ARG G 138 23.05 -31.06 -45.46
N VAL G 139 22.74 -30.07 -44.64
CA VAL G 139 22.34 -28.76 -45.12
C VAL G 139 23.56 -27.87 -45.29
N SEC G 140 24.74 -28.42 -44.99
CA SEC G 140 25.97 -27.66 -45.08
C SEC G 140 26.80 -28.08 -46.30
N HIS G 141 27.98 -28.62 -46.06
CA HIS G 141 28.92 -28.96 -47.13
C HIS G 141 28.75 -30.40 -47.61
N GLY G 142 27.52 -30.89 -47.57
CA GLY G 142 27.19 -32.20 -48.09
C GLY G 142 27.42 -32.35 -49.59
N PRO G 143 26.94 -31.39 -50.38
CA PRO G 143 27.36 -31.34 -51.79
C PRO G 143 28.87 -31.25 -51.97
N SER G 144 29.55 -30.51 -51.09
CA SER G 144 31.00 -30.39 -51.20
C SER G 144 31.70 -31.72 -50.96
N VAL G 145 31.31 -32.42 -49.89
CA VAL G 145 31.96 -33.69 -49.58
C VAL G 145 31.60 -34.75 -50.63
N ALA G 146 30.37 -34.72 -51.15
CA ALA G 146 29.99 -35.67 -52.19
C ALA G 146 30.75 -35.42 -53.48
N GLY G 147 30.84 -34.16 -53.91
CA GLY G 147 31.58 -33.84 -55.11
C GLY G 147 33.06 -34.11 -54.99
N LEU G 148 33.64 -33.82 -53.82
CA LEU G 148 35.06 -34.09 -53.62
C LEU G 148 35.33 -35.59 -53.55
N HIS G 149 34.44 -36.37 -52.95
CA HIS G 149 34.62 -37.82 -52.93
C HIS G 149 34.50 -38.41 -54.33
N GLN G 150 33.58 -37.87 -55.15
CA GLN G 150 33.43 -38.38 -56.51
C GLN G 150 34.55 -37.90 -57.43
N SER G 151 35.15 -36.74 -57.15
CA SER G 151 36.11 -36.12 -58.06
C SER G 151 37.56 -36.35 -57.65
N VAL G 152 37.95 -35.90 -56.46
CA VAL G 152 39.34 -35.96 -56.03
C VAL G 152 39.60 -37.11 -55.06
N GLY G 153 38.60 -37.55 -54.30
CA GLY G 153 38.76 -38.70 -53.43
C GLY G 153 38.53 -38.47 -51.96
N ASN G 154 39.04 -37.36 -51.42
CA ASN G 154 38.86 -37.00 -50.02
C ASN G 154 37.98 -35.76 -49.92
N GLY G 155 36.91 -35.86 -49.14
CA GLY G 155 35.89 -34.85 -49.04
C GLY G 155 36.10 -33.78 -47.98
N ALA G 156 37.30 -33.67 -47.44
CA ALA G 156 37.59 -32.68 -46.40
C ALA G 156 38.42 -31.54 -46.99
N MET G 157 38.77 -30.58 -46.13
CA MET G 157 39.64 -29.48 -46.52
C MET G 157 41.04 -30.00 -46.75
N SER G 158 41.56 -29.83 -47.98
CA SER G 158 42.79 -30.48 -48.38
C SER G 158 44.06 -29.77 -47.89
N ASN G 159 43.93 -28.60 -47.25
CA ASN G 159 45.08 -27.86 -46.78
C ASN G 159 44.74 -27.17 -45.47
N ALA G 160 45.78 -26.73 -44.76
CA ALA G 160 45.61 -26.12 -43.46
C ALA G 160 45.06 -24.70 -43.58
N ILE G 161 44.40 -24.25 -42.51
CA ILE G 161 43.96 -22.86 -42.43
C ILE G 161 45.17 -21.92 -42.40
N ASN G 162 46.21 -22.30 -41.66
CA ASN G 162 47.43 -21.51 -41.59
C ASN G 162 48.22 -21.50 -42.90
N GLU G 163 47.90 -22.40 -43.83
CA GLU G 163 48.62 -22.47 -45.09
C GLU G 163 48.14 -21.44 -46.11
N ILE G 164 47.04 -20.73 -45.84
CA ILE G 164 46.60 -19.65 -46.72
C ILE G 164 47.53 -18.45 -46.61
N ASP G 165 48.28 -18.33 -45.51
CA ASP G 165 49.14 -17.17 -45.27
C ASP G 165 50.28 -17.05 -46.26
N ASN G 166 50.70 -18.15 -46.90
CA ASN G 166 51.85 -18.14 -47.79
C ASN G 166 51.49 -18.52 -49.22
N THR G 167 50.20 -18.46 -49.58
CA THR G 167 49.81 -18.70 -50.96
C THR G 167 50.18 -17.49 -51.83
N ASP G 168 50.14 -17.69 -53.14
CA ASP G 168 50.37 -16.61 -54.08
C ASP G 168 49.08 -16.01 -54.64
N LEU G 169 47.96 -16.72 -54.50
CA LEU G 169 46.66 -16.18 -54.89
C LEU G 169 45.58 -16.90 -54.09
N VAL G 170 44.59 -16.15 -53.62
CA VAL G 170 43.46 -16.69 -52.89
C VAL G 170 42.21 -16.47 -53.74
N PHE G 171 41.53 -17.54 -54.10
CA PHE G 171 40.33 -17.49 -54.92
C PHE G 171 39.13 -17.82 -54.04
N VAL G 172 38.45 -16.78 -53.57
CA VAL G 172 37.27 -16.93 -52.74
C VAL G 172 36.04 -16.96 -53.65
N PHE G 173 35.23 -18.00 -53.52
CA PHE G 173 34.10 -18.24 -54.42
C PHE G 173 32.88 -18.60 -53.59
N GLY G 174 31.96 -17.66 -53.45
CA GLY G 174 30.76 -17.91 -52.66
C GLY G 174 31.01 -18.10 -51.19
N TYR G 175 32.01 -17.41 -50.64
CA TYR G 175 32.41 -17.54 -49.24
C TYR G 175 32.60 -16.14 -48.66
N ASN G 176 32.17 -15.98 -47.41
CA ASN G 176 32.27 -14.69 -46.71
C ASN G 176 33.14 -14.90 -45.48
N PRO G 177 34.46 -14.77 -45.60
CA PRO G 177 35.34 -14.93 -44.43
C PRO G 177 35.12 -13.89 -43.36
N ALA G 178 34.76 -12.66 -43.71
CA ALA G 178 34.70 -11.57 -42.75
C ALA G 178 33.52 -11.68 -41.80
N ASP G 179 32.50 -12.49 -42.14
CA ASP G 179 31.34 -12.64 -41.28
C ASP G 179 31.12 -14.06 -40.79
N SER G 180 31.77 -15.06 -41.39
CA SER G 180 31.59 -16.44 -40.98
C SER G 180 32.76 -16.96 -40.13
N HIS G 181 33.99 -16.78 -40.59
CA HIS G 181 35.18 -17.20 -39.86
C HIS G 181 36.15 -16.02 -39.84
N PRO G 182 36.00 -15.11 -38.87
CA PRO G 182 36.82 -13.87 -38.87
C PRO G 182 38.31 -14.08 -38.79
N ILE G 183 38.76 -15.15 -38.12
CA ILE G 183 40.19 -15.43 -38.06
C ILE G 183 40.71 -15.93 -39.41
N VAL G 184 39.86 -16.63 -40.16
CA VAL G 184 40.22 -16.98 -41.54
C VAL G 184 40.31 -15.72 -42.39
N ALA G 185 39.45 -14.74 -42.13
CA ALA G 185 39.55 -13.45 -42.81
C ALA G 185 40.84 -12.72 -42.44
N ASN G 186 41.28 -12.85 -41.18
CA ASN G 186 42.58 -12.30 -40.79
C ASN G 186 43.72 -13.03 -41.47
N HIS G 187 43.58 -14.34 -41.68
CA HIS G 187 44.58 -15.09 -42.44
C HIS G 187 44.65 -14.61 -43.89
N VAL G 188 43.49 -14.31 -44.49
CA VAL G 188 43.46 -13.75 -45.84
C VAL G 188 44.09 -12.35 -45.86
N ILE G 189 43.87 -11.58 -44.78
CA ILE G 189 44.53 -10.28 -44.64
C ILE G 189 46.05 -10.34 -44.67
N ASN G 190 46.63 -11.27 -43.92
CA ASN G 190 48.08 -11.46 -43.92
C ASN G 190 48.60 -12.08 -45.23
N ALA G 191 47.73 -12.84 -45.91
CA ALA G 191 48.08 -13.40 -47.21
C ALA G 191 48.21 -12.23 -48.17
N LYS G 192 47.29 -11.27 -48.10
CA LYS G 192 47.42 -10.06 -48.90
C LYS G 192 48.59 -9.30 -48.29
N ARG G 193 48.96 -9.58 -47.04
CA ARG G 193 50.08 -8.77 -46.52
C ARG G 193 51.37 -9.40 -46.99
N ASN G 194 51.33 -10.69 -47.33
CA ASN G 194 52.47 -11.30 -47.99
C ASN G 194 52.66 -11.18 -49.50
N GLY G 195 51.77 -10.47 -50.20
CA GLY G 195 51.90 -10.26 -51.62
C GLY G 195 50.96 -11.06 -52.50
N ALA G 196 50.00 -11.77 -51.92
CA ALA G 196 49.08 -12.60 -52.70
C ALA G 196 47.90 -11.79 -53.18
N LYS G 197 47.63 -11.83 -54.48
CA LYS G 197 46.42 -11.25 -55.02
C LYS G 197 45.21 -12.08 -54.62
N ILE G 198 44.06 -11.43 -54.50
CA ILE G 198 42.84 -12.10 -54.06
C ILE G 198 41.77 -11.85 -55.12
N ILE G 199 41.11 -12.91 -55.56
CA ILE G 199 39.99 -12.83 -56.47
C ILE G 199 38.76 -13.33 -55.73
N VAL G 200 37.75 -12.48 -55.60
CA VAL G 200 36.52 -12.80 -54.88
C VAL G 200 35.38 -12.82 -55.89
N CYS G 201 34.62 -13.91 -55.88
CA CYS G 201 33.46 -14.07 -56.75
C CYS G 201 32.21 -14.07 -55.86
N ASP G 202 31.59 -12.91 -55.75
CA ASP G 202 30.47 -12.72 -54.83
C ASP G 202 29.59 -11.61 -55.38
N PRO G 203 28.26 -11.83 -55.49
CA PRO G 203 27.38 -10.75 -55.95
C PRO G 203 27.39 -9.52 -55.05
N ARG G 204 27.57 -9.69 -53.74
CA ARG G 204 27.65 -8.54 -52.86
C ARG G 204 29.04 -7.92 -52.90
N LYS G 205 29.17 -6.78 -52.23
CA LYS G 205 30.46 -6.15 -51.98
C LYS G 205 30.87 -6.41 -50.53
N ILE G 206 31.31 -7.65 -50.28
CA ILE G 206 31.68 -8.09 -48.94
C ILE G 206 33.01 -7.47 -48.54
N GLU G 207 33.36 -7.59 -47.25
CA GLU G 207 34.59 -6.98 -46.76
C GLU G 207 35.83 -7.66 -47.34
N THR G 208 35.73 -8.92 -47.71
CA THR G 208 36.84 -9.59 -48.40
C THR G 208 36.95 -9.13 -49.85
N ALA G 209 35.84 -8.70 -50.46
CA ALA G 209 35.90 -8.12 -51.79
C ALA G 209 36.59 -6.77 -51.80
N ARG G 210 36.67 -6.08 -50.65
CA ARG G 210 37.44 -4.86 -50.57
C ARG G 210 38.95 -5.05 -50.73
N ILE G 211 39.50 -6.10 -50.10
CA ILE G 211 40.92 -6.45 -50.31
C ILE G 211 40.88 -7.49 -51.44
N ALA G 212 40.94 -6.97 -52.67
CA ALA G 212 40.85 -7.81 -53.84
C ALA G 212 41.44 -6.97 -54.97
N ASP G 213 42.29 -7.58 -55.78
CA ASP G 213 42.77 -6.89 -56.97
C ASP G 213 41.67 -6.76 -58.02
N MET G 214 40.70 -7.68 -58.00
CA MET G 214 39.52 -7.60 -58.85
C MET G 214 38.43 -8.48 -58.25
N HIS G 215 37.18 -8.05 -58.43
CA HIS G 215 36.03 -8.70 -57.82
C HIS G 215 34.98 -8.95 -58.88
N ILE G 216 34.31 -10.10 -58.79
CA ILE G 216 33.28 -10.50 -59.75
C ILE G 216 31.92 -10.37 -59.09
N ALA G 217 31.05 -9.56 -59.65
CA ALA G 217 29.67 -9.40 -59.19
C ALA G 217 28.77 -10.11 -60.20
N LEU G 218 28.45 -11.37 -59.91
CA LEU G 218 27.68 -12.20 -60.82
C LEU G 218 26.22 -12.29 -60.38
N LYS G 219 25.40 -12.78 -61.29
CA LYS G 219 24.01 -13.07 -60.99
C LYS G 219 23.91 -14.26 -60.04
N ASN G 220 22.91 -14.24 -59.17
CA ASN G 220 22.66 -15.34 -58.24
C ASN G 220 22.37 -16.63 -59.00
N GLY G 221 23.02 -17.71 -58.57
CA GLY G 221 22.77 -19.01 -59.17
C GLY G 221 23.39 -19.23 -60.53
N SER G 222 24.44 -18.49 -60.88
CA SER G 222 25.08 -18.66 -62.18
C SER G 222 26.56 -18.97 -62.03
N ASN G 223 26.90 -19.88 -61.11
CA ASN G 223 28.29 -20.21 -60.86
C ASN G 223 28.89 -21.10 -61.95
N ILE G 224 28.08 -22.03 -62.49
CA ILE G 224 28.58 -23.01 -63.44
C ILE G 224 29.00 -22.34 -64.75
N ALA G 225 28.22 -21.37 -65.21
CA ALA G 225 28.55 -20.66 -66.45
C ALA G 225 29.87 -19.91 -66.33
N LEU G 226 30.08 -19.24 -65.20
CA LEU G 226 31.32 -18.50 -64.98
C LEU G 226 32.52 -19.44 -64.84
N LEU G 227 32.34 -20.55 -64.12
CA LEU G 227 33.43 -21.52 -63.96
C LEU G 227 33.79 -22.16 -65.30
N ASN G 228 32.79 -22.49 -66.10
CA ASN G 228 33.04 -23.04 -67.44
C ASN G 228 33.71 -22.02 -68.34
N ALA G 229 33.32 -20.74 -68.23
CA ALA G 229 33.94 -19.70 -69.04
C ALA G 229 35.42 -19.53 -68.70
N MET G 230 35.74 -19.46 -67.41
CA MET G 230 37.14 -19.26 -67.05
C MET G 230 37.97 -20.53 -67.28
N GLY G 231 37.35 -21.71 -67.16
CA GLY G 231 38.04 -22.93 -67.56
C GLY G 231 38.31 -22.97 -69.05
N HIS G 232 37.37 -22.46 -69.85
CA HIS G 232 37.59 -22.36 -71.29
C HIS G 232 38.70 -21.38 -71.62
N VAL G 233 38.79 -20.27 -70.88
CA VAL G 233 39.88 -19.32 -71.07
C VAL G 233 41.22 -19.96 -70.71
N ILE G 234 41.25 -20.75 -69.64
CA ILE G 234 42.47 -21.45 -69.25
C ILE G 234 42.88 -22.47 -70.32
N ILE G 235 41.91 -23.23 -70.84
CA ILE G 235 42.22 -24.28 -71.81
C ILE G 235 42.62 -23.70 -73.15
N GLU G 236 41.85 -22.74 -73.68
CA GLU G 236 42.05 -22.28 -75.05
C GLU G 236 43.28 -21.40 -75.21
N GLU G 237 43.64 -20.79 -74.11
CA GLU G 237 44.82 -19.93 -74.13
C GLU G 237 45.92 -20.86 -73.71
N ASN G 238 45.55 -22.14 -73.60
CA ASN G 238 46.56 -23.19 -73.32
C ASN G 238 47.37 -22.84 -72.08
N LEU G 239 46.71 -22.71 -70.93
CA LEU G 239 47.48 -22.22 -69.75
C LEU G 239 47.34 -23.19 -68.60
N TYR G 240 48.11 -24.25 -68.61
CA TYR G 240 47.88 -25.21 -67.51
C TYR G 240 49.17 -26.04 -67.37
N ASP G 241 49.33 -26.80 -66.28
CA ASP G 241 50.47 -27.74 -66.16
C ASP G 241 49.90 -29.01 -66.72
N LYS G 242 50.25 -29.34 -67.97
CA LYS G 242 49.78 -30.57 -68.67
C LYS G 242 50.54 -31.75 -68.10
N ALA G 243 51.72 -31.46 -67.60
CA ALA G 243 52.49 -32.50 -66.93
C ALA G 243 51.53 -33.07 -65.90
N PHE G 244 50.99 -32.21 -65.05
CA PHE G 244 50.07 -32.61 -63.99
C PHE G 244 48.82 -33.21 -64.61
N VAL G 245 48.27 -32.55 -65.63
CA VAL G 245 47.04 -33.06 -66.27
C VAL G 245 47.26 -34.31 -67.10
N ALA G 246 48.51 -34.60 -67.45
CA ALA G 246 48.83 -35.85 -68.13
C ALA G 246 49.15 -37.02 -67.20
N SER G 247 49.78 -36.76 -66.06
CA SER G 247 50.20 -37.84 -65.17
C SER G 247 49.20 -38.15 -64.07
N ARG G 248 48.64 -37.13 -63.42
CA ARG G 248 47.88 -37.35 -62.19
C ARG G 248 46.37 -37.44 -62.38
N THR G 249 45.82 -36.86 -63.44
CA THR G 249 44.37 -36.79 -63.59
C THR G 249 43.91 -37.62 -64.79
N GLU G 250 42.58 -37.75 -64.90
CA GLU G 250 41.97 -38.57 -65.95
C GLU G 250 40.63 -37.98 -66.32
N GLY G 251 40.39 -37.79 -67.61
CA GLY G 251 39.10 -37.31 -68.08
C GLY G 251 39.15 -35.92 -68.66
N PHE G 252 40.30 -35.53 -69.20
CA PHE G 252 40.47 -34.16 -69.68
C PHE G 252 39.75 -33.90 -71.00
N GLU G 253 39.61 -34.92 -71.86
CA GLU G 253 39.01 -34.71 -73.17
C GLU G 253 37.51 -34.47 -73.07
N GLU G 254 36.83 -35.14 -72.14
CA GLU G 254 35.41 -34.88 -71.92
C GLU G 254 35.19 -33.46 -71.40
N TYR G 255 36.05 -33.00 -70.49
CA TYR G 255 35.97 -31.63 -70.01
C TYR G 255 36.23 -30.64 -71.13
N ARG G 256 37.20 -30.94 -71.99
CA ARG G 256 37.52 -30.05 -73.10
C ARG G 256 36.36 -29.94 -74.09
N LYS G 257 35.71 -31.06 -74.40
CA LYS G 257 34.60 -31.02 -75.34
C LYS G 257 33.30 -30.51 -74.72
N ILE G 258 33.20 -30.51 -73.39
CA ILE G 258 31.98 -30.00 -72.75
C ILE G 258 32.11 -28.56 -72.27
N VAL G 259 33.32 -28.01 -72.23
CA VAL G 259 33.55 -26.64 -71.78
C VAL G 259 33.72 -25.71 -72.98
N GLU G 260 34.15 -26.28 -74.11
CA GLU G 260 34.38 -25.49 -75.33
C GLU G 260 33.12 -24.80 -75.82
N GLY G 261 31.95 -25.36 -75.53
CA GLY G 261 30.69 -24.71 -75.84
C GLY G 261 30.28 -23.61 -74.88
N TYR G 262 31.15 -23.26 -73.93
CA TYR G 262 30.89 -22.19 -72.97
C TYR G 262 32.05 -21.20 -73.07
N THR G 263 31.97 -20.30 -74.03
CA THR G 263 32.93 -19.21 -74.12
C THR G 263 32.43 -18.02 -73.29
N PRO G 264 33.30 -17.10 -72.88
CA PRO G 264 32.83 -15.92 -72.15
C PRO G 264 31.75 -15.00 -72.71
N GLU G 265 31.64 -14.89 -74.03
CA GLU G 265 30.67 -13.97 -74.62
C GLU G 265 29.24 -14.48 -74.45
N SER G 266 29.05 -15.80 -74.47
CA SER G 266 27.71 -16.35 -74.28
C SER G 266 27.24 -16.22 -72.84
N VAL G 267 28.17 -16.27 -71.88
CA VAL G 267 27.83 -16.12 -70.47
C VAL G 267 27.98 -14.69 -69.99
N GLU G 268 28.39 -13.77 -70.88
CA GLU G 268 28.55 -12.37 -70.50
C GLU G 268 27.22 -11.74 -70.09
N ASP G 269 26.16 -12.52 -70.33
CA ASP G 269 24.85 -12.05 -69.85
C ASP G 269 24.20 -12.99 -68.84
N ILE G 270 24.38 -14.31 -68.91
CA ILE G 270 23.83 -15.20 -67.83
C ILE G 270 24.55 -14.90 -66.51
N THR G 271 25.84 -14.60 -66.53
CA THR G 271 26.60 -14.22 -65.32
C THR G 271 26.67 -12.72 -65.15
N GLY G 272 26.07 -11.94 -66.01
CA GLY G 272 26.01 -10.51 -65.77
C GLY G 272 27.35 -9.84 -65.63
N VAL G 273 28.45 -10.56 -65.88
CA VAL G 273 29.79 -10.02 -65.74
C VAL G 273 30.47 -10.06 -67.12
N SER G 274 31.27 -9.04 -67.41
CA SER G 274 31.87 -8.90 -68.72
C SER G 274 33.00 -9.90 -68.93
N ALA G 275 33.35 -10.11 -70.21
CA ALA G 275 34.29 -11.15 -70.58
C ALA G 275 35.73 -10.78 -70.25
N SER G 276 36.06 -9.48 -70.26
CA SER G 276 37.43 -9.05 -70.04
C SER G 276 37.92 -9.39 -68.63
N GLU G 277 37.09 -9.14 -67.62
CA GLU G 277 37.50 -9.48 -66.26
C GLU G 277 37.45 -10.98 -66.02
N ILE G 278 36.62 -11.72 -66.77
CA ILE G 278 36.67 -13.18 -66.71
C ILE G 278 38.00 -13.70 -67.23
N ARG G 279 38.46 -13.14 -68.36
CA ARG G 279 39.76 -13.52 -68.90
C ARG G 279 40.89 -13.12 -67.96
N GLN G 280 40.77 -11.94 -67.33
CA GLN G 280 41.77 -11.52 -66.35
C GLN G 280 41.82 -12.45 -65.15
N ALA G 281 40.65 -12.88 -64.66
CA ALA G 281 40.59 -13.79 -63.53
C ALA G 281 41.20 -15.14 -63.86
N ALA G 282 40.86 -15.68 -65.04
CA ALA G 282 41.41 -16.98 -65.44
C ALA G 282 42.92 -16.91 -65.64
N ARG G 283 43.41 -15.83 -66.27
CA ARG G 283 44.85 -15.67 -66.46
C ARG G 283 45.58 -15.51 -65.13
N MET G 284 45.01 -14.72 -64.21
CA MET G 284 45.63 -14.50 -62.91
C MET G 284 45.67 -15.77 -62.08
N TYR G 285 44.59 -16.57 -62.11
CA TYR G 285 44.61 -17.82 -61.38
C TYR G 285 45.52 -18.86 -62.05
N ALA G 286 45.65 -18.81 -63.37
CA ALA G 286 46.50 -19.76 -64.06
C ALA G 286 47.97 -19.49 -63.82
N GLN G 287 48.38 -18.21 -63.85
CA GLN G 287 49.80 -17.90 -63.74
C GLN G 287 50.31 -17.82 -62.31
N ALA G 288 49.44 -17.97 -61.32
CA ALA G 288 49.89 -17.99 -59.93
C ALA G 288 50.61 -19.29 -59.64
N LYS G 289 51.75 -19.20 -58.94
CA LYS G 289 52.59 -20.38 -58.70
C LYS G 289 51.93 -21.34 -57.72
N SER G 290 51.45 -20.83 -56.59
CA SER G 290 50.78 -21.65 -55.59
C SER G 290 49.53 -20.90 -55.14
N ALA G 291 48.36 -21.42 -55.47
CA ALA G 291 47.11 -20.70 -55.22
C ALA G 291 46.04 -21.67 -54.72
N ALA G 292 45.15 -21.14 -53.89
CA ALA G 292 44.13 -21.93 -53.21
C ALA G 292 42.73 -21.43 -53.57
N ILE G 293 41.76 -22.34 -53.47
CA ILE G 293 40.35 -22.04 -53.67
C ILE G 293 39.62 -22.23 -52.36
N LEU G 294 38.93 -21.19 -51.90
CA LEU G 294 38.11 -21.23 -50.69
C LEU G 294 36.67 -21.01 -51.11
N TRP G 295 35.80 -21.98 -50.86
CA TRP G 295 34.39 -21.84 -51.20
C TRP G 295 33.50 -22.17 -50.01
N GLY G 296 32.33 -21.53 -49.96
CA GLY G 296 31.41 -21.68 -48.86
C GLY G 296 30.01 -22.09 -49.28
N MET G 297 29.00 -21.33 -48.82
CA MET G 297 27.61 -21.68 -49.05
C MET G 297 27.03 -21.07 -50.31
N GLY G 298 27.80 -20.25 -51.02
CA GLY G 298 27.38 -19.82 -52.34
C GLY G 298 27.59 -20.85 -53.42
N VAL G 299 28.15 -21.99 -53.04
CA VAL G 299 28.42 -23.10 -53.95
C VAL G 299 27.50 -24.27 -53.69
N THR G 300 27.51 -24.79 -52.45
CA THR G 300 26.83 -26.06 -52.16
C THR G 300 25.33 -25.89 -52.04
N GLN G 301 24.86 -24.77 -51.48
CA GLN G 301 23.44 -24.60 -51.17
C GLN G 301 22.69 -24.11 -52.40
N PHE G 302 22.59 -25.01 -53.39
CA PHE G 302 21.84 -24.76 -54.61
C PHE G 302 21.30 -26.09 -55.10
N TYR G 303 20.54 -26.05 -56.20
CA TYR G 303 20.23 -27.29 -56.90
C TYR G 303 21.46 -27.84 -57.60
N GLN G 304 22.25 -26.97 -58.21
CA GLN G 304 23.51 -27.35 -58.84
C GLN G 304 24.68 -27.02 -57.90
N GLY G 305 24.74 -27.75 -56.81
CA GLY G 305 25.82 -27.58 -55.84
C GLY G 305 26.94 -28.56 -56.06
N VAL G 306 26.58 -29.84 -56.21
CA VAL G 306 27.57 -30.90 -56.43
C VAL G 306 28.32 -30.66 -57.73
N GLU G 307 27.60 -30.30 -58.79
CA GLU G 307 28.24 -30.04 -60.09
C GLU G 307 29.14 -28.82 -60.02
N THR G 308 28.79 -27.82 -59.21
CA THR G 308 29.63 -26.64 -59.08
C THR G 308 30.92 -26.98 -58.32
N VAL G 309 30.81 -27.85 -57.31
CA VAL G 309 32.00 -28.34 -56.61
C VAL G 309 32.89 -29.14 -57.56
N ARG G 310 32.28 -29.98 -58.40
CA ARG G 310 33.04 -30.72 -59.42
C ARG G 310 33.75 -29.78 -60.37
N SER G 311 33.06 -28.71 -60.80
CA SER G 311 33.67 -27.74 -61.72
C SER G 311 34.85 -27.03 -61.07
N LEU G 312 34.69 -26.61 -59.81
CA LEU G 312 35.78 -25.93 -59.11
C LEU G 312 36.99 -26.83 -58.92
N THR G 313 36.76 -28.08 -58.51
CA THR G 313 37.86 -29.00 -58.28
C THR G 313 38.52 -29.41 -59.60
N SER G 314 37.74 -29.55 -60.67
CA SER G 314 38.30 -29.82 -61.98
C SER G 314 39.16 -28.66 -62.45
N LEU G 315 38.70 -27.43 -62.23
CA LEU G 315 39.49 -26.25 -62.61
C LEU G 315 40.77 -26.15 -61.80
N ALA G 316 40.72 -26.61 -60.53
CA ALA G 316 41.94 -26.74 -59.74
C ALA G 316 42.89 -27.77 -60.35
N MET G 317 42.36 -28.85 -60.92
CA MET G 317 43.21 -29.79 -61.65
C MET G 317 43.84 -29.14 -62.89
N LEU G 318 43.07 -28.34 -63.65
CA LEU G 318 43.67 -27.62 -64.77
C LEU G 318 44.81 -26.73 -64.34
N THR G 319 44.61 -25.91 -63.31
CA THR G 319 45.70 -25.03 -62.90
C THR G 319 46.85 -25.76 -62.22
N GLY G 320 46.68 -27.04 -61.89
CA GLY G 320 47.73 -27.81 -61.26
C GLY G 320 47.95 -27.49 -59.80
N ASN G 321 47.04 -26.73 -59.19
CA ASN G 321 47.20 -26.30 -57.80
C ASN G 321 46.41 -27.24 -56.90
N LEU G 322 46.91 -28.47 -56.80
CA LEU G 322 46.24 -29.50 -56.00
C LEU G 322 47.29 -30.53 -55.59
N GLY G 323 47.63 -30.55 -54.31
CA GLY G 323 48.58 -31.50 -53.77
C GLY G 323 49.88 -30.90 -53.29
N LYS G 324 50.17 -29.65 -53.64
CA LYS G 324 51.37 -28.95 -53.19
C LYS G 324 51.03 -28.01 -52.04
N PRO G 325 52.00 -27.66 -51.20
CA PRO G 325 51.71 -26.74 -50.10
C PRO G 325 51.34 -25.34 -50.58
N HIS G 326 50.55 -24.66 -49.75
CA HIS G 326 50.00 -23.32 -50.02
C HIS G 326 49.18 -23.30 -51.31
N ALA G 327 48.31 -24.29 -51.46
CA ALA G 327 47.48 -24.43 -52.65
C ALA G 327 46.28 -25.31 -52.29
N GLY G 328 45.62 -25.84 -53.32
CA GLY G 328 44.62 -26.87 -53.12
C GLY G 328 43.20 -26.32 -53.02
N VAL G 329 42.26 -27.26 -52.92
CA VAL G 329 40.86 -26.92 -52.73
C VAL G 329 40.57 -26.89 -51.23
N ASN G 330 39.91 -25.82 -50.77
CA ASN G 330 39.66 -25.60 -49.35
C ASN G 330 38.20 -25.28 -49.12
N PRO G 331 37.34 -26.31 -49.04
CA PRO G 331 35.96 -26.04 -48.58
C PRO G 331 35.96 -25.73 -47.10
N VAL G 332 35.77 -24.47 -46.75
CA VAL G 332 35.82 -24.07 -45.35
C VAL G 332 34.55 -24.54 -44.66
N ARG G 333 34.70 -25.27 -43.57
CA ARG G 333 33.57 -25.92 -42.91
C ARG G 333 32.75 -24.90 -42.14
N GLY G 334 31.66 -25.38 -41.56
CA GLY G 334 30.68 -24.52 -40.93
C GLY G 334 30.82 -24.47 -39.43
N GLN G 335 30.02 -25.27 -38.74
CA GLN G 335 30.07 -25.34 -37.28
C GLN G 335 31.41 -25.87 -36.80
N ASN G 336 31.68 -25.63 -35.51
CA ASN G 336 32.99 -25.95 -34.93
C ASN G 336 33.25 -27.44 -34.89
N ASN G 337 32.24 -28.29 -35.10
CA ASN G 337 32.46 -29.73 -35.11
C ASN G 337 31.72 -30.42 -36.25
N VAL G 338 31.42 -29.71 -37.34
CA VAL G 338 30.79 -30.36 -38.49
C VAL G 338 31.81 -31.23 -39.22
N GLN G 339 33.06 -30.79 -39.28
CA GLN G 339 34.14 -31.66 -39.77
C GLN G 339 34.37 -32.81 -38.80
N GLY G 340 34.23 -32.54 -37.50
CA GLY G 340 34.31 -33.62 -36.52
C GLY G 340 33.16 -34.60 -36.64
N ALA G 341 31.94 -34.11 -36.85
CA ALA G 341 30.80 -34.99 -37.02
C ALA G 341 30.89 -35.79 -38.31
N CYS G 342 31.49 -35.20 -39.35
CA CYS G 342 31.76 -35.96 -40.57
C CYS G 342 32.77 -37.09 -40.39
N ASP G 343 33.86 -36.82 -39.68
CA ASP G 343 34.87 -37.84 -39.39
C ASP G 343 34.36 -38.94 -38.47
N MET G 344 33.50 -38.58 -37.52
CA MET G 344 33.11 -39.55 -36.51
C MET G 344 32.07 -40.50 -37.07
N GLY G 345 31.54 -40.25 -38.25
CA GLY G 345 30.58 -41.12 -38.86
C GLY G 345 29.13 -40.74 -38.66
N ALA G 346 28.84 -39.48 -38.34
CA ALA G 346 27.47 -39.01 -38.21
C ALA G 346 26.90 -38.62 -39.57
N LEU G 347 27.03 -39.50 -40.54
CA LEU G 347 26.49 -39.38 -41.89
C LEU G 347 25.87 -40.72 -42.25
N PRO G 348 24.81 -40.72 -43.06
CA PRO G 348 24.08 -41.97 -43.30
C PRO G 348 24.73 -42.92 -44.29
N ASP G 349 26.00 -42.71 -44.65
CA ASP G 349 26.65 -43.59 -45.61
C ASP G 349 28.09 -43.95 -45.22
N THR G 350 28.53 -43.61 -44.02
CA THR G 350 29.92 -43.87 -43.66
C THR G 350 30.04 -44.22 -42.18
N TYR G 351 31.12 -44.91 -41.86
CA TYR G 351 31.56 -45.27 -40.53
C TYR G 351 32.59 -44.25 -40.06
N PRO G 352 32.99 -44.27 -38.77
CA PRO G 352 34.01 -43.31 -38.32
C PRO G 352 35.33 -43.49 -39.04
N GLY G 353 35.99 -42.35 -39.33
CA GLY G 353 37.25 -42.38 -40.04
C GLY G 353 37.14 -42.42 -41.54
N TYR G 354 36.04 -41.90 -42.10
CA TYR G 354 35.81 -41.83 -43.55
C TYR G 354 35.85 -43.22 -44.20
N GLN G 355 35.18 -44.17 -43.58
CA GLN G 355 35.05 -45.53 -44.09
C GLN G 355 33.58 -45.75 -44.42
N TYR G 356 33.30 -46.13 -45.67
CA TYR G 356 31.92 -46.20 -46.11
C TYR G 356 31.28 -47.52 -45.70
N VAL G 357 29.94 -47.53 -45.65
CA VAL G 357 29.19 -48.69 -45.20
C VAL G 357 28.85 -49.65 -46.31
N LYS G 358 29.11 -49.29 -47.58
CA LYS G 358 28.84 -50.19 -48.68
C LYS G 358 29.83 -51.36 -48.73
N ASP G 359 31.01 -51.20 -48.18
CA ASP G 359 31.99 -52.27 -48.15
C ASP G 359 31.65 -53.27 -47.06
N PRO G 360 31.44 -54.55 -47.38
CA PRO G 360 31.15 -55.54 -46.33
C PRO G 360 32.32 -55.81 -45.40
N ALA G 361 33.56 -55.48 -45.80
CA ALA G 361 34.70 -55.66 -44.91
C ALA G 361 34.62 -54.73 -43.71
N ASN G 362 34.25 -53.46 -43.95
CA ASN G 362 34.09 -52.51 -42.86
C ASN G 362 32.90 -52.96 -42.01
N ARG G 363 31.87 -53.52 -42.65
CA ARG G 363 30.62 -54.01 -41.95
C ARG G 363 30.87 -55.30 -41.18
N GLU G 364 31.91 -56.09 -41.49
CA GLU G 364 32.41 -57.17 -40.65
C GLU G 364 33.33 -56.71 -39.52
N LYS G 365 34.20 -55.75 -39.79
CA LYS G 365 35.12 -55.25 -38.77
C LYS G 365 34.36 -54.58 -37.63
N PHE G 366 33.40 -53.71 -37.96
CA PHE G 366 32.66 -53.00 -36.93
C PHE G 366 31.62 -53.89 -36.24
N ALA G 367 31.18 -54.97 -36.88
CA ALA G 367 30.34 -55.94 -36.19
C ALA G 367 31.15 -56.82 -35.25
N LYS G 368 32.41 -57.10 -35.61
CA LYS G 368 33.28 -57.83 -34.70
C LYS G 368 33.65 -56.99 -33.49
N ALA G 369 33.96 -55.72 -33.70
CA ALA G 369 34.46 -54.90 -32.60
C ALA G 369 33.36 -54.45 -31.64
N TRP G 370 32.14 -54.23 -32.14
CA TRP G 370 31.06 -53.74 -31.28
C TRP G 370 30.34 -54.87 -30.56
N GLY G 371 29.77 -55.81 -31.31
CA GLY G 371 29.07 -56.92 -30.69
C GLY G 371 27.79 -57.48 -31.28
N VAL G 372 27.19 -56.78 -32.21
CA VAL G 372 26.02 -57.46 -32.88
C VAL G 372 26.62 -58.28 -33.99
N GLU G 373 25.82 -59.06 -34.67
CA GLU G 373 26.36 -59.80 -35.82
C GLU G 373 26.86 -59.04 -37.04
N SER G 374 26.08 -58.06 -37.49
CA SER G 374 26.44 -57.23 -38.67
C SER G 374 25.56 -56.02 -38.52
N LEU G 375 26.13 -54.88 -38.84
CA LEU G 375 25.41 -53.65 -38.59
C LEU G 375 24.48 -53.50 -39.79
N PRO G 376 23.34 -52.78 -39.73
CA PRO G 376 22.53 -52.65 -40.92
C PRO G 376 23.36 -51.97 -42.02
N ALA G 377 23.05 -52.20 -43.30
CA ALA G 377 23.92 -51.68 -44.37
C ALA G 377 23.20 -50.59 -45.18
N HIS G 378 21.87 -50.55 -45.15
CA HIS G 378 21.19 -49.60 -46.04
C HIS G 378 21.59 -48.16 -45.78
N THR G 379 21.90 -47.43 -46.83
CA THR G 379 22.21 -45.99 -46.66
C THR G 379 20.91 -45.48 -46.06
N GLY G 380 20.96 -44.53 -45.13
CA GLY G 380 19.72 -44.17 -44.43
C GLY G 380 19.09 -42.88 -44.84
N TYR G 381 17.97 -42.57 -44.22
CA TYR G 381 17.22 -41.38 -44.58
C TYR G 381 17.87 -40.15 -43.97
N ARG G 382 17.69 -39.00 -44.61
CA ARG G 382 18.42 -37.80 -44.26
C ARG G 382 17.50 -36.80 -43.54
N ILE G 383 18.14 -35.88 -42.82
CA ILE G 383 17.39 -34.92 -42.01
C ILE G 383 16.66 -33.88 -42.86
N SER G 384 17.15 -33.60 -44.06
CA SER G 384 16.47 -32.61 -44.91
C SER G 384 15.16 -33.16 -45.47
N GLU G 385 15.11 -34.45 -45.75
CA GLU G 385 13.89 -35.09 -46.23
C GLU G 385 13.05 -35.66 -45.10
N LEU G 386 13.42 -35.38 -43.84
CA LEU G 386 12.64 -35.86 -42.70
C LEU G 386 11.17 -35.42 -42.70
N PRO G 387 10.81 -34.16 -43.03
CA PRO G 387 9.39 -33.89 -43.24
C PRO G 387 8.76 -34.69 -44.38
N HIS G 388 9.52 -34.95 -45.44
CA HIS G 388 8.98 -35.72 -46.56
C HIS G 388 8.71 -37.16 -46.16
N ARG G 389 9.62 -37.78 -45.41
CA ARG G 389 9.40 -39.16 -44.99
C ARG G 389 8.37 -39.25 -43.86
N ALA G 390 8.26 -38.19 -43.04
CA ALA G 390 7.28 -38.22 -41.95
C ALA G 390 5.87 -38.03 -42.46
N ALA G 391 5.67 -37.09 -43.39
CA ALA G 391 4.33 -36.85 -43.93
C ALA G 391 3.87 -38.00 -44.81
N HIS G 392 4.78 -38.57 -45.60
CA HIS G 392 4.44 -39.72 -46.45
C HIS G 392 4.16 -40.98 -45.64
N GLY G 393 4.66 -41.05 -44.40
CA GLY G 393 4.44 -42.22 -43.57
C GLY G 393 5.54 -43.25 -43.71
N GLU G 394 6.79 -42.83 -43.58
CA GLU G 394 7.93 -43.73 -43.63
C GLU G 394 8.77 -43.73 -42.37
N VAL G 395 8.89 -42.60 -41.68
CA VAL G 395 9.63 -42.49 -40.43
C VAL G 395 8.66 -42.11 -39.33
N ARG G 396 8.83 -42.73 -38.16
CA ARG G 396 7.88 -42.60 -37.06
C ARG G 396 8.41 -41.83 -35.86
N ALA G 397 9.71 -41.92 -35.56
CA ALA G 397 10.30 -41.23 -34.43
C ALA G 397 11.57 -40.51 -34.86
N ALA G 398 11.87 -39.40 -34.18
CA ALA G 398 13.03 -38.59 -34.49
C ALA G 398 13.78 -38.28 -33.21
N TYR G 399 15.02 -38.75 -33.10
CA TYR G 399 15.88 -38.43 -31.97
C TYR G 399 16.73 -37.22 -32.38
N ILE G 400 16.13 -36.04 -32.27
CA ILE G 400 16.85 -34.80 -32.56
C ILE G 400 17.79 -34.50 -31.40
N MET G 401 19.07 -34.31 -31.72
CA MET G 401 20.08 -34.18 -30.69
C MET G 401 20.96 -32.99 -31.04
N GLY G 402 20.76 -31.89 -30.32
CA GLY G 402 21.59 -30.71 -30.48
C GLY G 402 21.45 -29.98 -31.80
N GLU G 403 20.24 -29.92 -32.35
CA GLU G 403 19.94 -29.04 -33.47
C GLU G 403 18.62 -28.33 -33.23
N ASP G 404 18.31 -27.39 -34.12
CA ASP G 404 17.07 -26.61 -34.05
C ASP G 404 16.40 -26.64 -35.43
N PRO G 405 15.75 -27.76 -35.78
CA PRO G 405 15.07 -27.82 -37.09
C PRO G 405 13.79 -27.01 -37.18
N LEU G 406 13.27 -26.48 -36.08
CA LEU G 406 12.12 -25.59 -36.15
C LEU G 406 12.53 -24.14 -36.40
N GLN G 407 13.81 -23.87 -36.53
CA GLN G 407 14.31 -22.55 -36.88
C GLN G 407 15.28 -22.58 -38.05
N THR G 408 16.10 -23.63 -38.16
CA THR G 408 17.18 -23.68 -39.13
C THR G 408 16.94 -24.74 -40.21
N ASP G 409 15.68 -24.93 -40.61
CA ASP G 409 15.34 -25.84 -41.70
C ASP G 409 14.36 -25.16 -42.64
N ALA G 410 14.43 -25.55 -43.91
CA ALA G 410 13.57 -24.95 -44.92
C ALA G 410 12.13 -25.42 -44.77
N GLU G 411 11.20 -24.53 -45.14
CA GLU G 411 9.75 -24.78 -45.12
C GLU G 411 9.27 -25.16 -43.71
N LEU G 412 9.35 -24.18 -42.82
CA LEU G 412 9.08 -24.40 -41.40
C LEU G 412 7.65 -24.86 -41.14
N SER G 413 6.71 -24.51 -42.03
CA SER G 413 5.36 -25.06 -41.91
C SER G 413 5.36 -26.57 -42.12
N ALA G 414 6.15 -27.06 -43.08
CA ALA G 414 6.27 -28.49 -43.29
C ALA G 414 6.96 -29.18 -42.12
N VAL G 415 7.94 -28.50 -41.50
CA VAL G 415 8.60 -29.05 -40.33
C VAL G 415 7.62 -29.16 -39.15
N ARG G 416 6.78 -28.13 -38.97
CA ARG G 416 5.77 -28.18 -37.91
C ARG G 416 4.76 -29.29 -38.15
N LYS G 417 4.31 -29.44 -39.41
CA LYS G 417 3.37 -30.52 -39.73
C LYS G 417 4.02 -31.89 -39.54
N ALA G 418 5.31 -32.01 -39.86
CA ALA G 418 6.02 -33.27 -39.65
C ALA G 418 6.14 -33.60 -38.17
N PHE G 419 6.44 -32.60 -37.34
CA PHE G 419 6.54 -32.86 -35.90
C PHE G 419 5.21 -33.18 -35.23
N GLU G 420 4.10 -32.68 -35.78
CA GLU G 420 2.78 -33.14 -35.34
C GLU G 420 2.34 -34.58 -35.62
N ASP G 421 2.74 -35.12 -36.77
CA ASP G 421 2.42 -36.51 -37.08
C ASP G 421 3.47 -37.54 -36.57
N LEU G 422 4.66 -37.02 -36.28
CA LEU G 422 5.72 -37.82 -35.69
C LEU G 422 5.19 -38.01 -34.26
N GLU G 423 5.03 -39.27 -33.84
CA GLU G 423 4.36 -39.51 -32.56
C GLU G 423 5.33 -39.27 -31.42
N LEU G 424 6.64 -39.36 -31.68
CA LEU G 424 7.66 -38.95 -30.74
C LEU G 424 8.87 -38.20 -31.25
N VAL G 425 9.15 -37.06 -30.64
CA VAL G 425 10.32 -36.25 -30.97
C VAL G 425 11.12 -36.04 -29.69
N ILE G 426 12.25 -36.72 -29.59
CA ILE G 426 13.13 -36.61 -28.44
C ILE G 426 14.19 -35.57 -28.76
N VAL G 427 14.16 -34.45 -28.04
CA VAL G 427 15.10 -33.35 -28.25
C VAL G 427 16.04 -33.31 -27.06
N GLN G 428 17.33 -33.50 -27.33
CA GLN G 428 18.37 -33.54 -26.32
C GLN G 428 19.18 -32.26 -26.49
N ASP G 429 18.81 -31.22 -25.74
CA ASP G 429 19.31 -29.87 -25.93
C ASP G 429 19.81 -29.28 -24.62
N ILE G 430 20.41 -28.11 -24.72
CA ILE G 430 20.84 -27.33 -23.56
C ILE G 430 20.02 -26.07 -23.39
N PHE G 431 18.97 -25.89 -24.19
CA PHE G 431 18.16 -24.68 -24.14
C PHE G 431 16.73 -25.03 -24.54
N MET G 432 15.80 -24.19 -24.12
CA MET G 432 14.40 -24.30 -24.54
C MET G 432 14.24 -23.51 -25.83
N THR G 433 14.59 -24.15 -26.94
CA THR G 433 14.53 -23.52 -28.25
C THR G 433 13.12 -23.70 -28.83
N LYS G 434 12.95 -23.36 -30.11
CA LYS G 434 11.67 -23.58 -30.78
C LYS G 434 11.37 -25.07 -30.91
N THR G 435 12.37 -25.87 -31.28
CA THR G 435 12.16 -27.32 -31.39
C THR G 435 11.97 -27.93 -30.01
N ALA G 436 12.67 -27.42 -29.00
CA ALA G 436 12.56 -27.96 -27.66
C ALA G 436 11.17 -27.72 -27.05
N SER G 437 10.48 -26.67 -27.49
CA SER G 437 9.10 -26.46 -27.04
C SER G 437 8.16 -27.48 -27.69
N ALA G 438 8.35 -27.74 -28.98
CA ALA G 438 7.55 -28.74 -29.70
C ALA G 438 8.28 -30.08 -29.73
N ALA G 439 8.50 -30.62 -28.53
CA ALA G 439 9.13 -31.92 -28.35
C ALA G 439 8.31 -32.73 -27.37
N ASP G 440 8.08 -34.00 -27.71
CA ASP G 440 7.28 -34.85 -26.84
C ASP G 440 8.08 -35.32 -25.63
N VAL G 441 9.38 -35.55 -25.80
CA VAL G 441 10.30 -35.86 -24.71
C VAL G 441 11.51 -34.96 -24.87
N ILE G 442 11.96 -34.34 -23.79
CA ILE G 442 13.12 -33.48 -23.82
C ILE G 442 14.05 -33.82 -22.65
N LEU G 443 15.34 -33.96 -22.95
CA LEU G 443 16.35 -34.34 -21.98
C LEU G 443 17.40 -33.24 -21.90
N PRO G 444 17.64 -32.64 -20.74
CA PRO G 444 18.66 -31.60 -20.64
C PRO G 444 20.05 -32.18 -20.79
N SER G 445 20.97 -31.34 -21.26
CA SER G 445 22.31 -31.77 -21.63
C SER G 445 23.35 -30.82 -21.07
N THR G 446 24.56 -31.33 -20.89
CA THR G 446 25.67 -30.52 -20.42
C THR G 446 26.17 -29.63 -21.54
N SER G 447 26.33 -28.34 -21.25
CA SER G 447 26.77 -27.36 -22.23
C SER G 447 28.24 -27.59 -22.60
N TRP G 448 28.69 -26.77 -23.55
CA TRP G 448 30.07 -26.79 -24.01
C TRP G 448 31.07 -26.55 -22.89
N GLY G 449 30.83 -25.55 -22.05
CA GLY G 449 31.81 -25.17 -21.07
C GLY G 449 31.91 -26.05 -19.86
N GLU G 450 31.06 -27.08 -19.74
CA GLU G 450 31.00 -27.89 -18.53
C GLU G 450 31.29 -29.37 -18.78
N HIS G 451 31.88 -29.73 -19.91
CA HIS G 451 32.27 -31.12 -20.12
C HIS G 451 33.57 -31.17 -20.93
N GLU G 452 33.90 -32.38 -21.39
CA GLU G 452 35.18 -32.70 -22.00
C GLU G 452 34.95 -33.37 -23.34
N GLY G 453 35.89 -33.18 -24.26
CA GLY G 453 35.77 -33.84 -25.56
C GLY G 453 36.84 -33.36 -26.52
N VAL G 454 36.62 -33.66 -27.80
CA VAL G 454 37.55 -33.31 -28.87
C VAL G 454 36.77 -32.56 -29.94
N PHE G 455 37.31 -31.42 -30.38
CA PHE G 455 36.76 -30.67 -31.51
C PHE G 455 37.70 -30.78 -32.70
N THR G 456 37.13 -30.61 -33.89
CA THR G 456 37.88 -30.65 -35.13
C THR G 456 37.64 -29.36 -35.91
N ALA G 457 38.72 -28.68 -36.27
CA ALA G 457 38.65 -27.39 -36.94
C ALA G 457 38.21 -27.56 -38.39
N ALA G 458 38.16 -26.44 -39.12
CA ALA G 458 37.78 -26.47 -40.54
C ALA G 458 38.80 -27.24 -41.36
N ASP G 459 40.09 -27.06 -41.06
CA ASP G 459 41.16 -27.77 -41.77
C ASP G 459 41.50 -29.09 -41.08
N ARG G 460 40.45 -29.90 -40.85
CA ARG G 460 40.50 -31.27 -40.33
C ARG G 460 41.45 -31.45 -39.13
N GLY G 461 41.59 -30.42 -38.30
CA GLY G 461 42.54 -30.43 -37.22
C GLY G 461 41.89 -30.69 -35.87
N PHE G 462 42.32 -31.77 -35.23
CA PHE G 462 41.81 -32.13 -33.91
C PHE G 462 42.30 -31.13 -32.86
N GLN G 463 41.46 -30.89 -31.86
CA GLN G 463 41.79 -30.01 -30.75
C GLN G 463 41.04 -30.46 -29.50
N ARG G 464 41.56 -30.07 -28.34
CA ARG G 464 40.99 -30.45 -27.05
C ARG G 464 40.42 -29.23 -26.34
N PHE G 465 39.24 -29.41 -25.75
CA PHE G 465 38.66 -28.43 -24.84
C PHE G 465 38.43 -29.09 -23.48
N PHE G 466 38.78 -28.38 -22.42
CA PHE G 466 38.77 -28.92 -21.07
C PHE G 466 37.59 -28.37 -20.27
N LYS G 467 37.22 -29.11 -19.23
CA LYS G 467 36.12 -28.71 -18.38
C LYS G 467 36.51 -27.52 -17.52
N ALA G 468 35.61 -26.52 -17.44
CA ALA G 468 35.85 -25.32 -16.67
C ALA G 468 35.03 -25.28 -15.37
N VAL G 469 33.71 -25.41 -15.47
CA VAL G 469 32.83 -25.32 -14.33
C VAL G 469 31.94 -26.55 -14.26
N GLU G 470 31.44 -26.83 -13.06
CA GLU G 470 30.50 -27.91 -12.83
C GLU G 470 29.08 -27.47 -13.21
N PRO G 471 28.27 -28.36 -13.77
CA PRO G 471 26.86 -28.05 -13.94
C PRO G 471 26.17 -27.90 -12.59
N LYS G 472 25.16 -27.03 -12.55
CA LYS G 472 24.49 -26.68 -11.29
C LYS G 472 23.09 -27.24 -11.20
N TRP G 473 22.76 -28.26 -12.00
CA TRP G 473 21.41 -28.82 -11.99
C TRP G 473 21.43 -30.34 -12.09
N ASP G 474 22.49 -30.97 -11.60
CA ASP G 474 22.80 -32.41 -11.62
C ASP G 474 22.51 -33.08 -12.97
N LEU G 475 22.69 -32.33 -14.05
CA LEU G 475 22.46 -32.81 -15.40
C LEU G 475 23.76 -33.27 -16.05
N LYS G 476 23.67 -34.37 -16.80
CA LYS G 476 24.82 -35.14 -17.23
C LYS G 476 25.17 -34.87 -18.69
N THR G 477 26.36 -35.30 -19.08
CA THR G 477 26.83 -35.11 -20.44
C THR G 477 26.05 -36.02 -21.40
N ASP G 478 26.19 -35.72 -22.70
CA ASP G 478 25.35 -36.35 -23.70
C ASP G 478 25.70 -37.82 -23.89
N TRP G 479 26.99 -38.15 -23.83
CA TRP G 479 27.38 -39.55 -23.97
C TRP G 479 26.90 -40.39 -22.78
N GLN G 480 26.82 -39.77 -21.59
CA GLN G 480 26.24 -40.46 -20.44
C GLN G 480 24.77 -40.78 -20.65
N ILE G 481 24.00 -39.82 -21.21
CA ILE G 481 22.59 -40.04 -21.47
C ILE G 481 22.40 -41.10 -22.53
N ILE G 482 23.21 -41.06 -23.60
CA ILE G 482 23.12 -42.06 -24.66
C ILE G 482 23.47 -43.44 -24.12
N SER G 483 24.52 -43.54 -23.29
CA SER G 483 24.92 -44.81 -22.71
C SER G 483 23.86 -45.38 -21.79
N GLU G 484 23.24 -44.53 -20.96
CA GLU G 484 22.19 -45.01 -20.06
C GLU G 484 20.95 -45.45 -20.83
N ILE G 485 20.58 -44.70 -21.88
CA ILE G 485 19.43 -45.08 -22.72
C ILE G 485 19.69 -46.42 -23.41
N ALA G 486 20.91 -46.61 -23.93
CA ALA G 486 21.26 -47.89 -24.55
C ALA G 486 21.30 -49.01 -23.52
N THR G 487 21.67 -48.70 -22.27
CA THR G 487 21.70 -49.72 -21.23
C THR G 487 20.29 -50.17 -20.85
N ARG G 488 19.34 -49.23 -20.78
CA ARG G 488 18.00 -49.56 -20.30
C ARG G 488 17.18 -50.40 -21.27
N MET G 489 17.58 -50.52 -22.53
CA MET G 489 16.84 -51.38 -23.45
C MET G 489 17.70 -52.28 -24.32
N GLY G 490 19.01 -52.02 -24.45
CA GLY G 490 19.84 -52.80 -25.34
C GLY G 490 21.15 -53.25 -24.76
N TYR G 491 22.19 -52.83 -25.46
CA TYR G 491 23.59 -53.12 -25.14
C TYR G 491 24.06 -52.66 -23.78
N PRO G 492 24.84 -53.42 -22.97
CA PRO G 492 25.46 -52.78 -21.80
C PRO G 492 26.52 -51.78 -22.21
N MET G 493 26.21 -50.50 -22.06
CA MET G 493 27.04 -49.42 -22.60
C MET G 493 27.35 -48.46 -21.46
N HIS G 494 28.59 -48.47 -21.00
CA HIS G 494 29.01 -47.62 -19.90
C HIS G 494 30.40 -47.08 -20.19
N TYR G 495 30.59 -45.78 -19.95
CA TYR G 495 31.87 -45.12 -20.15
C TYR G 495 32.19 -44.28 -18.93
N ASN G 496 33.47 -44.16 -18.63
CA ASN G 496 33.91 -43.37 -17.48
C ASN G 496 34.24 -41.94 -17.85
N ASN G 497 34.91 -41.73 -18.98
CA ASN G 497 35.21 -40.39 -19.47
C ASN G 497 35.34 -40.47 -20.99
N THR G 498 35.78 -39.36 -21.59
CA THR G 498 35.92 -39.32 -23.04
C THR G 498 37.25 -39.91 -23.53
N GLN G 499 38.21 -40.12 -22.64
CA GLN G 499 39.47 -40.74 -23.05
C GLN G 499 39.26 -42.20 -23.44
N GLU G 500 38.39 -42.91 -22.73
CA GLU G 500 38.08 -44.29 -23.11
C GLU G 500 37.38 -44.36 -24.46
N ILE G 501 36.48 -43.41 -24.73
CA ILE G 501 35.81 -43.35 -26.02
C ILE G 501 36.81 -43.03 -27.13
N TRP G 502 37.76 -42.14 -26.85
CA TRP G 502 38.76 -41.81 -27.86
C TRP G 502 39.70 -42.98 -28.12
N ASP G 503 40.04 -43.74 -27.08
CA ASP G 503 40.85 -44.95 -27.27
C ASP G 503 40.11 -45.99 -28.09
N GLU G 504 38.81 -46.16 -27.83
CA GLU G 504 37.99 -47.06 -28.65
C GLU G 504 37.93 -46.58 -30.10
N LEU G 505 37.86 -45.25 -30.29
CA LEU G 505 37.90 -44.67 -31.62
C LEU G 505 39.20 -45.02 -32.35
N ARG G 506 40.33 -44.84 -31.67
CA ARG G 506 41.62 -45.16 -32.29
C ARG G 506 41.75 -46.65 -32.56
N HIS G 507 41.11 -47.49 -31.74
CA HIS G 507 41.05 -48.91 -32.05
C HIS G 507 40.24 -49.15 -33.33
N LEU G 508 39.14 -48.43 -33.52
CA LEU G 508 38.30 -48.60 -34.70
C LEU G 508 38.70 -47.75 -35.90
N CYS G 509 39.78 -46.98 -35.82
CA CYS G 509 40.15 -46.20 -37.00
C CYS G 509 41.66 -46.21 -37.23
N PRO G 510 42.11 -46.63 -38.41
CA PRO G 510 43.54 -46.57 -38.71
C PRO G 510 44.05 -45.20 -39.08
N ASP G 511 43.16 -44.21 -39.26
CA ASP G 511 43.57 -42.86 -39.63
C ASP G 511 43.60 -41.90 -38.45
N PHE G 512 42.99 -42.26 -37.32
CA PHE G 512 43.05 -41.46 -36.11
C PHE G 512 43.91 -42.10 -35.03
N TYR G 513 44.74 -43.08 -35.42
CA TYR G 513 45.51 -43.84 -34.43
C TYR G 513 46.60 -42.98 -33.80
N GLY G 514 47.20 -42.07 -34.56
CA GLY G 514 48.23 -41.21 -34.03
C GLY G 514 47.75 -39.98 -33.30
N ALA G 515 46.44 -39.80 -33.17
CA ALA G 515 45.87 -38.65 -32.47
C ALA G 515 45.39 -39.11 -31.10
N THR G 516 46.28 -38.99 -30.11
CA THR G 516 46.00 -39.39 -28.74
C THR G 516 45.93 -38.12 -27.89
N TYR G 517 45.33 -38.25 -26.70
CA TYR G 517 45.07 -37.09 -25.85
C TYR G 517 46.36 -36.37 -25.44
N GLU G 518 47.40 -37.13 -25.09
CA GLU G 518 48.62 -36.49 -24.59
C GLU G 518 49.39 -35.79 -25.71
N LYS G 519 49.26 -36.26 -26.95
CA LYS G 519 49.90 -35.57 -28.06
C LYS G 519 49.23 -34.23 -28.35
N MET G 520 47.90 -34.18 -28.25
CA MET G 520 47.17 -32.94 -28.45
C MET G 520 47.25 -32.08 -27.20
N GLY G 521 46.73 -32.58 -26.08
CA GLY G 521 46.91 -31.92 -24.79
C GLY G 521 46.25 -30.56 -24.66
N GLU G 522 47.06 -29.55 -24.36
CA GLU G 522 46.55 -28.21 -24.07
C GLU G 522 46.43 -27.34 -25.32
N LEU G 523 47.50 -27.23 -26.10
CA LEU G 523 47.57 -26.33 -27.25
C LEU G 523 48.02 -27.08 -28.49
N GLY G 524 47.49 -28.27 -28.72
CA GLY G 524 47.89 -29.10 -29.84
C GLY G 524 46.92 -29.03 -31.00
N PHE G 525 47.45 -29.24 -32.20
CA PHE G 525 46.68 -29.20 -33.45
C PHE G 525 47.14 -30.38 -34.30
N ILE G 526 46.32 -31.43 -34.34
CA ILE G 526 46.69 -32.68 -35.01
C ILE G 526 45.73 -32.93 -36.18
N GLN G 527 46.26 -32.67 -37.40
CA GLN G 527 45.45 -32.79 -38.64
C GLN G 527 45.47 -34.22 -39.15
N TRP G 528 44.38 -34.95 -38.98
CA TRP G 528 44.29 -36.33 -39.46
C TRP G 528 44.61 -36.18 -40.93
N PRO G 529 45.19 -37.14 -41.69
CA PRO G 529 45.36 -38.49 -41.19
C PRO G 529 46.70 -38.57 -40.45
N CYS G 530 46.68 -39.10 -39.23
CA CYS G 530 47.90 -39.23 -38.42
C CYS G 530 47.98 -40.72 -38.12
N ARG G 531 49.07 -41.41 -38.47
CA ARG G 531 49.02 -42.90 -38.26
C ARG G 531 49.85 -43.43 -37.10
N ASP G 532 50.80 -42.65 -36.57
CA ASP G 532 51.77 -43.13 -35.53
C ASP G 532 51.74 -42.34 -34.24
N THR G 533 51.39 -43.03 -33.13
CA THR G 533 51.23 -42.44 -31.78
C THR G 533 52.58 -41.95 -31.36
N SER G 534 53.54 -42.13 -32.23
CA SER G 534 54.89 -41.64 -31.90
C SER G 534 54.83 -40.16 -32.07
N ASP G 535 55.82 -39.45 -31.55
CA ASP G 535 55.90 -38.00 -31.77
C ASP G 535 56.38 -37.88 -33.21
N ALA G 536 56.48 -39.03 -33.87
CA ALA G 536 56.88 -39.05 -35.28
C ALA G 536 55.81 -38.35 -36.12
N ASP G 537 54.54 -38.58 -35.80
CA ASP G 537 53.47 -38.05 -36.67
C ASP G 537 52.78 -36.93 -35.95
N GLN G 538 53.04 -35.70 -36.38
CA GLN G 538 52.42 -34.53 -35.73
C GLN G 538 51.12 -34.23 -36.46
N GLY G 539 50.82 -35.03 -37.48
CA GLY G 539 49.60 -34.83 -38.28
C GLY G 539 49.94 -34.82 -39.74
N THR G 540 49.03 -34.39 -40.59
CA THR G 540 49.29 -34.29 -42.04
C THR G 540 48.81 -32.93 -42.53
N SER G 541 49.69 -32.03 -42.92
CA SER G 541 49.25 -30.67 -43.25
C SER G 541 48.42 -30.66 -44.49
N TYR G 542 48.96 -31.23 -45.54
CA TYR G 542 48.27 -31.16 -46.84
C TYR G 542 47.95 -32.56 -47.29
N LEU G 543 46.99 -32.62 -48.15
CA LEU G 543 46.68 -33.94 -48.70
C LEU G 543 47.23 -34.08 -50.12
N PHE G 544 47.14 -35.31 -50.63
CA PHE G 544 47.50 -35.66 -52.01
C PHE G 544 48.96 -35.34 -52.35
N LYS G 545 49.87 -35.78 -51.47
CA LYS G 545 51.29 -35.68 -51.79
C LYS G 545 51.67 -36.62 -52.92
N GLU G 546 51.27 -37.87 -52.84
CA GLU G 546 51.68 -38.82 -53.87
C GLU G 546 50.49 -39.55 -54.49
N LYS G 547 49.44 -39.81 -53.72
CA LYS G 547 48.26 -40.49 -54.23
C LYS G 547 47.03 -39.66 -53.88
N PHE G 548 46.04 -39.67 -54.79
CA PHE G 548 44.85 -38.86 -54.63
C PHE G 548 43.78 -39.53 -53.78
N ASP G 549 44.02 -40.75 -53.29
CA ASP G 549 43.07 -41.53 -52.49
C ASP G 549 41.76 -41.75 -53.23
N THR G 550 41.86 -42.02 -54.51
CA THR G 550 40.87 -42.42 -55.51
C THR G 550 41.00 -43.92 -55.77
N PRO G 551 39.91 -44.62 -56.08
CA PRO G 551 40.04 -46.04 -56.48
C PRO G 551 40.97 -46.28 -57.66
N ASN G 552 41.05 -45.34 -58.61
CA ASN G 552 42.07 -45.38 -59.64
C ASN G 552 43.36 -44.69 -59.20
N GLY G 553 43.30 -43.82 -58.20
CA GLY G 553 44.43 -42.97 -57.88
C GLY G 553 44.56 -41.74 -58.75
N LEU G 554 43.59 -41.48 -59.62
CA LEU G 554 43.64 -40.38 -60.55
C LEU G 554 42.38 -39.53 -60.40
N ALA G 555 42.55 -38.21 -60.48
CA ALA G 555 41.42 -37.31 -60.35
C ALA G 555 40.58 -37.33 -61.62
N GLN G 556 39.30 -36.93 -61.48
CA GLN G 556 38.34 -36.98 -62.56
C GLN G 556 37.78 -35.59 -62.83
N PHE G 557 37.65 -35.25 -64.11
CA PHE G 557 37.05 -33.99 -64.53
C PHE G 557 35.56 -34.18 -64.77
N PHE G 558 34.75 -33.22 -64.33
CA PHE G 558 33.33 -33.24 -64.62
C PHE G 558 32.75 -31.84 -64.48
N THR G 559 31.91 -31.48 -65.45
CA THR G 559 31.00 -30.34 -65.32
C THR G 559 29.85 -30.56 -66.28
N CYS G 560 28.77 -29.82 -66.05
CA CYS G 560 27.56 -29.93 -66.86
C CYS G 560 27.09 -28.55 -67.30
N ASP G 561 26.07 -28.54 -68.16
CA ASP G 561 25.48 -27.29 -68.61
C ASP G 561 24.71 -26.65 -67.46
N TRP G 562 24.67 -25.32 -67.46
CA TRP G 562 23.95 -24.60 -66.42
C TRP G 562 22.45 -24.72 -66.63
N VAL G 563 21.73 -24.98 -65.55
CA VAL G 563 20.28 -24.93 -65.54
C VAL G 563 19.84 -23.89 -64.51
N ALA G 564 18.66 -23.32 -64.74
CA ALA G 564 18.15 -22.28 -63.86
C ALA G 564 17.68 -22.88 -62.54
N PRO G 565 17.65 -22.08 -61.48
CA PRO G 565 17.00 -22.53 -60.23
C PRO G 565 15.51 -22.74 -60.44
N ILE G 566 14.93 -23.57 -59.57
CA ILE G 566 13.57 -24.07 -59.79
C ILE G 566 12.55 -22.94 -59.75
N ASP G 567 12.60 -22.12 -58.70
CA ASP G 567 11.67 -21.01 -58.60
C ASP G 567 12.08 -19.90 -59.57
N LYS G 568 11.08 -19.29 -60.19
CA LYS G 568 11.30 -18.23 -61.16
C LYS G 568 10.76 -16.91 -60.64
N LEU G 569 11.34 -15.82 -61.11
CA LEU G 569 10.87 -14.49 -60.76
C LEU G 569 9.63 -14.17 -61.59
N THR G 570 8.51 -13.98 -60.92
CA THR G 570 7.20 -13.85 -61.55
C THR G 570 6.66 -12.44 -61.32
N ASP G 571 5.37 -12.26 -61.67
CA ASP G 571 4.75 -10.95 -61.61
C ASP G 571 4.68 -10.43 -60.17
N GLU G 572 4.23 -11.27 -59.24
CA GLU G 572 4.09 -10.84 -57.85
C GLU G 572 5.27 -11.22 -56.98
N TYR G 573 6.29 -11.89 -57.53
CA TYR G 573 7.53 -12.19 -56.82
C TYR G 573 8.71 -11.80 -57.70
N PRO G 574 9.04 -10.52 -57.77
CA PRO G 574 10.17 -10.08 -58.60
C PRO G 574 11.51 -10.00 -57.88
N MET G 575 11.64 -10.57 -56.69
CA MET G 575 12.79 -10.34 -55.83
C MET G 575 13.43 -11.67 -55.47
N VAL G 576 14.76 -11.71 -55.54
CA VAL G 576 15.53 -12.90 -55.17
C VAL G 576 15.88 -12.82 -53.70
N LEU G 577 15.59 -13.88 -52.95
CA LEU G 577 15.96 -13.97 -51.53
C LEU G 577 17.15 -14.90 -51.35
N SER G 578 18.17 -14.42 -50.65
CA SER G 578 19.36 -15.18 -50.32
C SER G 578 19.60 -15.09 -48.82
N THR G 579 19.55 -16.23 -48.14
CA THR G 579 19.69 -16.28 -46.69
C THR G 579 21.17 -16.40 -46.33
N VAL G 580 21.74 -15.33 -45.77
CA VAL G 580 23.17 -15.19 -45.59
C VAL G 580 23.44 -14.77 -44.14
N ARG G 581 24.52 -15.30 -43.56
CA ARG G 581 24.95 -15.09 -42.18
C ARG G 581 25.40 -13.65 -41.95
N GLU G 582 25.80 -13.37 -40.71
CA GLU G 582 26.47 -12.13 -40.36
C GLU G 582 27.30 -12.37 -39.11
N VAL G 583 28.27 -11.49 -38.87
CA VAL G 583 29.08 -11.59 -37.68
C VAL G 583 28.33 -10.99 -36.49
N GLY G 584 28.57 -11.54 -35.31
CA GLY G 584 27.95 -11.02 -34.11
C GLY G 584 27.03 -12.00 -33.41
N HIS G 585 26.28 -12.78 -34.19
CA HIS G 585 25.37 -13.77 -33.65
C HIS G 585 25.55 -15.08 -34.40
N TYR G 586 25.23 -16.18 -33.73
CA TYR G 586 25.38 -17.51 -34.29
C TYR G 586 24.01 -18.13 -34.55
N SER G 587 24.04 -19.23 -35.32
CA SER G 587 22.84 -19.87 -35.86
C SER G 587 21.88 -20.30 -34.75
N CYS G 588 20.59 -20.05 -35.01
CA CYS G 588 19.37 -20.26 -34.23
C CYS G 588 19.32 -19.39 -32.97
N ARG G 589 20.41 -18.67 -32.69
CA ARG G 589 20.48 -17.65 -31.64
C ARG G 589 20.07 -18.16 -30.26
N SER G 590 20.27 -19.46 -30.01
CA SER G 590 20.06 -19.97 -28.65
C SER G 590 21.20 -19.51 -27.75
N MET G 591 22.41 -19.91 -28.11
CA MET G 591 23.63 -19.34 -27.57
C MET G 591 24.15 -18.28 -28.55
N THR G 592 24.60 -17.16 -27.99
CA THR G 592 24.69 -15.77 -28.48
C THR G 592 23.35 -15.05 -28.40
N GLY G 593 22.25 -15.71 -28.06
CA GLY G 593 21.01 -15.01 -27.81
C GLY G 593 20.84 -14.77 -26.33
N ASN G 594 21.66 -15.45 -25.53
CA ASN G 594 21.66 -15.31 -24.09
C ASN G 594 22.90 -14.57 -23.58
N CYS G 595 23.69 -14.01 -24.48
CA CYS G 595 24.87 -13.23 -24.12
C CYS G 595 24.52 -11.74 -24.18
N ALA G 596 24.71 -11.04 -23.06
CA ALA G 596 24.29 -9.65 -22.96
C ALA G 596 25.09 -8.75 -23.90
N ALA G 597 26.41 -8.95 -23.97
CA ALA G 597 27.25 -8.12 -24.83
C ALA G 597 26.95 -8.36 -26.31
N LEU G 598 26.51 -9.56 -26.67
CA LEU G 598 26.19 -9.85 -28.06
C LEU G 598 24.76 -9.45 -28.41
N ALA G 599 23.84 -9.60 -27.46
CA ALA G 599 22.47 -9.15 -27.68
C ALA G 599 22.30 -7.64 -27.55
N ALA G 600 23.32 -6.94 -27.05
CA ALA G 600 23.27 -5.48 -26.99
C ALA G 600 23.60 -4.81 -28.31
N LEU G 601 24.04 -5.57 -29.32
CA LEU G 601 24.42 -5.02 -30.61
C LEU G 601 23.32 -5.14 -31.66
N ALA G 602 22.59 -6.25 -31.67
CA ALA G 602 21.48 -6.44 -32.60
C ALA G 602 20.53 -7.47 -32.01
N ASP G 603 19.26 -7.10 -31.83
CA ASP G 603 18.33 -7.97 -31.12
C ASP G 603 17.23 -8.52 -32.02
N GLU G 604 16.37 -7.66 -32.59
CA GLU G 604 15.20 -8.08 -33.34
C GLU G 604 14.76 -6.92 -34.23
N PRO G 605 14.11 -7.19 -35.38
CA PRO G 605 13.88 -8.50 -36.01
C PRO G 605 14.96 -8.83 -37.01
N GLY G 606 16.03 -8.04 -36.99
CA GLY G 606 17.11 -8.20 -37.93
C GLY G 606 16.99 -7.27 -39.13
N TYR G 607 18.04 -7.27 -39.94
CA TYR G 607 18.13 -6.39 -41.09
C TYR G 607 18.18 -7.22 -42.37
N ALA G 608 17.24 -6.97 -43.27
CA ALA G 608 17.28 -7.52 -44.61
C ALA G 608 17.91 -6.46 -45.53
N GLN G 609 19.05 -6.79 -46.11
CA GLN G 609 19.83 -5.80 -46.83
C GLN G 609 19.17 -5.46 -48.17
N ILE G 610 18.98 -4.17 -48.41
CA ILE G 610 18.27 -3.67 -49.57
C ILE G 610 19.25 -2.80 -50.35
N ASN G 611 19.24 -2.91 -51.67
CA ASN G 611 20.10 -2.05 -52.51
C ASN G 611 19.49 -0.67 -52.49
N THR G 612 20.32 0.37 -52.55
CA THR G 612 19.75 1.72 -52.40
C THR G 612 18.74 1.98 -53.50
N GLU G 613 19.08 1.72 -54.74
CA GLU G 613 18.19 2.03 -55.87
C GLU G 613 16.96 1.18 -55.71
N ASP G 614 17.12 -0.07 -55.34
CA ASP G 614 15.90 -0.90 -55.24
C ASP G 614 14.98 -0.28 -54.22
N ALA G 615 15.43 0.03 -53.02
CA ALA G 615 14.46 0.67 -52.11
C ALA G 615 14.00 2.06 -52.56
N LYS G 616 14.84 2.88 -53.17
CA LYS G 616 14.51 4.28 -53.53
C LYS G 616 13.31 4.18 -54.42
N ARG G 617 13.33 3.17 -55.25
CA ARG G 617 12.19 3.11 -56.17
C ARG G 617 10.97 2.27 -55.68
N LEU G 618 11.14 1.30 -54.78
CA LEU G 618 10.01 0.46 -54.33
C LEU G 618 9.40 1.13 -53.10
N GLY G 619 10.01 2.18 -52.57
CA GLY G 619 9.41 2.86 -51.41
C GLY G 619 9.73 2.22 -50.07
N ILE G 620 10.98 2.23 -49.60
CA ILE G 620 11.49 1.55 -48.37
C ILE G 620 12.62 2.43 -47.91
N GLU G 621 12.59 2.88 -46.67
CA GLU G 621 13.63 3.83 -46.17
C GLU G 621 14.69 3.08 -45.38
N ASP G 622 15.73 3.76 -44.94
CA ASP G 622 16.90 3.08 -44.33
C ASP G 622 16.69 2.33 -43.01
N GLU G 623 15.57 2.42 -42.32
CA GLU G 623 15.42 1.56 -41.11
C GLU G 623 13.93 1.26 -40.95
N ALA G 624 13.27 0.96 -42.04
CA ALA G 624 11.81 0.84 -41.97
C ALA G 624 11.38 -0.60 -41.84
N LEU G 625 10.33 -0.88 -41.09
CA LEU G 625 9.90 -2.27 -41.12
C LEU G 625 9.32 -2.60 -42.49
N VAL G 626 9.60 -3.81 -42.97
CA VAL G 626 9.23 -4.22 -44.31
C VAL G 626 8.54 -5.58 -44.24
N TRP G 627 7.34 -5.68 -44.82
CA TRP G 627 6.66 -6.95 -44.98
C TRP G 627 7.28 -7.67 -46.18
N VAL G 628 7.93 -8.80 -45.93
CA VAL G 628 8.51 -9.62 -47.00
C VAL G 628 7.61 -10.82 -47.20
N HIS G 629 7.01 -10.92 -48.38
CA HIS G 629 6.06 -11.97 -48.70
C HIS G 629 6.70 -12.97 -49.65
N SER G 630 6.34 -14.24 -49.48
CA SER G 630 6.80 -15.31 -50.37
C SER G 630 5.60 -16.21 -50.67
N ARG G 631 5.88 -17.35 -51.30
CA ARG G 631 4.82 -18.30 -51.62
C ARG G 631 4.34 -19.08 -50.41
N LYS G 632 5.15 -19.15 -49.34
CA LYS G 632 4.82 -19.95 -48.17
C LYS G 632 4.65 -19.15 -46.89
N GLY G 633 4.90 -17.84 -46.88
CA GLY G 633 4.67 -17.07 -45.68
C GLY G 633 4.94 -15.60 -45.89
N LYS G 634 4.55 -14.81 -44.88
CA LYS G 634 4.85 -13.39 -44.82
C LYS G 634 5.44 -13.08 -43.45
N ILE G 635 6.52 -12.29 -43.43
CA ILE G 635 7.25 -11.96 -42.22
C ILE G 635 7.72 -10.51 -42.27
N ILE G 636 8.20 -10.03 -41.12
CA ILE G 636 8.69 -8.66 -40.97
C ILE G 636 10.16 -8.69 -40.56
N THR G 637 10.97 -7.89 -41.26
CA THR G 637 12.28 -7.45 -40.80
C THR G 637 12.48 -5.99 -41.16
N ARG G 638 13.51 -5.43 -40.64
CA ARG G 638 13.77 -4.05 -40.96
C ARG G 638 14.45 -4.04 -42.31
N ALA G 639 15.00 -2.91 -42.71
CA ALA G 639 15.73 -2.76 -43.95
C ALA G 639 17.02 -2.00 -43.68
N GLN G 640 18.12 -2.51 -44.22
CA GLN G 640 19.43 -1.86 -44.15
C GLN G 640 19.79 -1.46 -45.58
N VAL G 641 19.45 -0.23 -45.94
CA VAL G 641 19.59 0.24 -47.32
C VAL G 641 21.03 0.68 -47.54
N SER G 642 21.74 -0.04 -48.40
CA SER G 642 23.08 0.33 -48.81
C SER G 642 23.34 -0.28 -50.18
N ASP G 643 24.36 0.25 -50.87
CA ASP G 643 24.68 -0.19 -52.22
C ASP G 643 25.59 -1.41 -52.22
N ARG G 644 25.97 -1.92 -51.05
CA ARG G 644 26.77 -3.15 -51.00
C ARG G 644 26.06 -4.38 -51.58
N PRO G 645 24.79 -4.68 -51.31
CA PRO G 645 24.13 -5.75 -52.06
C PRO G 645 23.90 -5.37 -53.51
N ASN G 646 23.90 -6.36 -54.38
CA ASN G 646 23.63 -6.13 -55.79
C ASN G 646 22.14 -5.88 -56.00
N LYS G 647 21.83 -5.21 -57.11
CA LYS G 647 20.45 -4.86 -57.41
C LYS G 647 19.65 -6.10 -57.83
N GLY G 648 18.39 -6.14 -57.41
CA GLY G 648 17.49 -7.22 -57.77
C GLY G 648 17.37 -8.33 -56.76
N ALA G 649 18.19 -8.34 -55.72
CA ALA G 649 18.13 -9.37 -54.69
C ALA G 649 18.26 -8.73 -53.32
N ILE G 650 17.68 -9.39 -52.32
CA ILE G 650 17.86 -8.98 -50.94
C ILE G 650 18.63 -10.07 -50.21
N TYR G 651 19.50 -9.65 -49.30
CA TYR G 651 20.35 -10.54 -48.53
C TYR G 651 19.92 -10.45 -47.08
N MET G 652 19.55 -11.59 -46.50
CA MET G 652 18.74 -11.60 -45.30
C MET G 652 19.23 -12.74 -44.39
N THR G 653 18.83 -12.69 -43.13
CA THR G 653 19.54 -13.31 -42.03
C THR G 653 18.60 -14.23 -41.24
N TYR G 654 18.99 -15.49 -41.10
CA TYR G 654 18.11 -16.51 -40.52
C TYR G 654 18.29 -16.73 -39.02
N GLN G 655 19.28 -16.08 -38.39
CA GLN G 655 19.46 -16.25 -36.94
C GLN G 655 18.34 -15.62 -36.12
N TRP G 656 17.56 -14.70 -36.67
CA TRP G 656 16.51 -14.06 -35.91
C TRP G 656 15.29 -14.97 -35.81
N TRP G 657 14.60 -14.90 -34.67
CA TRP G 657 13.46 -15.75 -34.39
C TRP G 657 12.14 -15.10 -34.80
N ILE G 658 11.97 -13.81 -34.51
CA ILE G 658 10.85 -13.04 -35.02
C ILE G 658 11.26 -12.47 -36.36
N GLY G 659 10.55 -12.87 -37.42
CA GLY G 659 10.98 -12.56 -38.76
C GLY G 659 12.05 -13.49 -39.29
N ALA G 660 12.01 -14.77 -38.90
CA ALA G 660 12.91 -15.76 -39.46
C ALA G 660 12.59 -15.98 -40.93
N CYS G 661 13.63 -16.09 -41.76
CA CYS G 661 13.44 -16.21 -43.20
C CYS G 661 13.23 -17.64 -43.66
N ASN G 662 13.23 -18.62 -42.77
CA ASN G 662 13.03 -20.00 -43.18
C ASN G 662 11.57 -20.34 -43.46
N GLU G 663 10.62 -19.51 -43.04
CA GLU G 663 9.26 -19.67 -43.52
C GLU G 663 9.14 -19.33 -45.00
N LEU G 664 9.89 -18.33 -45.47
CA LEU G 664 9.83 -17.94 -46.87
C LEU G 664 10.52 -18.95 -47.78
N VAL G 665 11.49 -19.70 -47.26
CA VAL G 665 12.30 -20.55 -48.12
C VAL G 665 11.50 -21.78 -48.52
N THR G 666 11.27 -21.93 -49.82
CA THR G 666 10.61 -23.14 -50.35
C THR G 666 11.69 -24.21 -50.39
N GLU G 667 11.37 -25.42 -49.95
CA GLU G 667 12.46 -26.42 -49.87
C GLU G 667 12.38 -27.14 -51.19
N ASN G 668 13.46 -27.10 -51.90
CA ASN G 668 13.50 -27.88 -53.13
C ASN G 668 14.79 -28.59 -52.83
N LEU G 669 14.79 -29.89 -52.74
CA LEU G 669 16.06 -30.49 -52.29
C LEU G 669 16.91 -30.77 -53.51
N SER G 670 18.19 -30.98 -53.32
CA SER G 670 19.12 -31.17 -54.44
C SER G 670 18.76 -32.48 -55.11
N PRO G 671 19.24 -32.79 -56.32
CA PRO G 671 18.90 -34.08 -56.88
C PRO G 671 19.42 -35.31 -56.12
N ILE G 672 20.66 -35.32 -55.64
CA ILE G 672 21.20 -36.56 -55.01
C ILE G 672 21.59 -36.35 -53.55
N THR G 673 22.18 -35.23 -53.20
CA THR G 673 22.54 -34.94 -51.82
C THR G 673 21.36 -34.50 -50.96
N LYS G 674 20.27 -34.06 -51.58
CA LYS G 674 19.06 -33.58 -50.91
C LYS G 674 19.38 -32.42 -49.96
N THR G 675 19.90 -31.33 -50.55
CA THR G 675 20.13 -30.15 -49.75
C THR G 675 19.12 -29.05 -50.11
N PRO G 676 18.53 -28.38 -49.11
CA PRO G 676 17.60 -27.29 -49.42
C PRO G 676 18.31 -26.11 -50.06
N GLU G 677 17.58 -25.43 -50.94
CA GLU G 677 18.13 -24.30 -51.70
C GLU G 677 17.82 -23.03 -50.91
N TYR G 678 18.75 -22.64 -50.04
CA TYR G 678 18.58 -21.44 -49.24
C TYR G 678 18.98 -20.17 -49.95
N LYS G 679 19.89 -20.25 -50.92
CA LYS G 679 20.48 -19.07 -51.53
C LYS G 679 19.66 -18.50 -52.67
N TYR G 680 18.51 -19.09 -52.99
CA TYR G 680 17.69 -18.59 -54.09
C TYR G 680 16.24 -19.01 -53.86
N CYS G 681 15.39 -18.04 -53.57
CA CYS G 681 13.94 -18.22 -53.63
C CYS G 681 13.31 -16.86 -53.90
N ALA G 682 12.12 -16.88 -54.49
CA ALA G 682 11.47 -15.68 -54.99
C ALA G 682 10.55 -15.09 -53.93
N VAL G 683 10.73 -13.80 -53.63
CA VAL G 683 9.95 -13.09 -52.62
C VAL G 683 9.47 -11.77 -53.20
N ARG G 684 8.80 -10.99 -52.36
CA ARG G 684 8.47 -9.60 -52.68
C ARG G 684 8.49 -8.80 -51.40
N VAL G 685 9.28 -7.73 -51.38
CA VAL G 685 9.30 -6.84 -50.23
C VAL G 685 8.29 -5.72 -50.43
N GLU G 686 7.54 -5.41 -49.38
CA GLU G 686 6.53 -4.36 -49.44
C GLU G 686 6.59 -3.53 -48.16
N PRO G 687 6.45 -2.20 -48.27
CA PRO G 687 6.49 -1.35 -47.07
C PRO G 687 5.25 -1.46 -46.22
N ILE G 688 5.26 -0.80 -45.07
CA ILE G 688 4.14 -0.81 -44.13
C ILE G 688 3.70 0.63 -43.92
N ALA G 689 2.38 0.85 -43.92
CA ALA G 689 1.84 2.20 -43.82
C ALA G 689 2.08 2.78 -42.43
N ASP G 690 1.56 2.11 -41.40
CA ASP G 690 1.73 2.57 -40.01
C ASP G 690 2.91 1.81 -39.44
N GLN G 691 4.05 2.51 -39.31
CA GLN G 691 5.24 1.87 -38.77
C GLN G 691 5.12 1.60 -37.27
N ARG G 692 4.34 2.42 -36.57
CA ARG G 692 4.19 2.24 -35.12
C ARG G 692 3.41 0.99 -34.78
N ALA G 693 2.40 0.64 -35.58
CA ALA G 693 1.66 -0.59 -35.35
C ALA G 693 2.54 -1.80 -35.65
N ALA G 694 3.38 -1.72 -36.68
CA ALA G 694 4.31 -2.80 -36.97
C ALA G 694 5.42 -2.89 -35.94
N GLU G 695 5.88 -1.74 -35.42
CA GLU G 695 6.86 -1.74 -34.34
C GLU G 695 6.29 -2.36 -33.08
N GLN G 696 5.02 -2.08 -32.78
CA GLN G 696 4.36 -2.77 -31.68
C GLN G 696 4.15 -4.25 -32.00
N TYR G 697 3.96 -4.57 -33.28
CA TYR G 697 3.83 -5.98 -33.67
C TYR G 697 5.17 -6.70 -33.56
N VAL G 698 6.28 -5.96 -33.64
CA VAL G 698 7.58 -6.55 -33.31
C VAL G 698 7.63 -6.95 -31.84
N ILE G 699 7.20 -6.05 -30.96
CA ILE G 699 7.44 -6.20 -29.52
C ILE G 699 6.56 -7.29 -28.93
N ASP G 700 5.25 -7.25 -29.22
CA ASP G 700 4.32 -8.17 -28.58
C ASP G 700 4.52 -9.60 -29.07
N GLU G 701 4.88 -9.77 -30.34
CA GLU G 701 5.20 -11.10 -30.85
C GLU G 701 6.53 -11.59 -30.29
N TYR G 702 7.47 -10.68 -30.05
CA TYR G 702 8.72 -11.05 -29.38
C TYR G 702 8.49 -11.43 -27.93
N ASN G 703 7.49 -10.83 -27.27
CA ASN G 703 7.17 -11.18 -25.90
C ASN G 703 6.25 -12.40 -25.81
N LYS G 704 5.40 -12.61 -26.82
CA LYS G 704 4.58 -13.83 -26.83
C LYS G 704 5.42 -15.05 -27.18
N LEU G 705 6.50 -14.87 -27.95
CA LEU G 705 7.43 -15.97 -28.18
C LEU G 705 8.15 -16.37 -26.90
N LYS G 706 8.64 -15.38 -26.14
CA LYS G 706 9.32 -15.66 -24.88
C LYS G 706 8.35 -16.15 -23.80
N THR G 707 7.06 -15.86 -23.95
CA THR G 707 6.08 -16.35 -22.98
C THR G 707 5.91 -17.86 -23.08
N ARG G 708 5.94 -18.41 -24.29
CA ARG G 708 5.80 -19.86 -24.45
C ARG G 708 7.00 -20.60 -23.88
N LEU G 709 8.21 -20.15 -24.23
CA LEU G 709 9.42 -20.86 -23.82
C LEU G 709 9.68 -20.73 -22.34
N ARG G 710 9.25 -19.63 -21.72
CA ARG G 710 9.35 -19.50 -20.27
C ARG G 710 8.19 -20.17 -19.55
N GLU G 711 7.16 -20.60 -20.27
CA GLU G 711 6.08 -21.38 -19.65
C GLU G 711 6.38 -22.86 -19.68
N ALA G 712 6.89 -23.36 -20.82
CA ALA G 712 7.15 -24.79 -20.95
C ALA G 712 8.36 -25.23 -20.13
N ALA G 713 9.45 -24.47 -20.17
CA ALA G 713 10.66 -24.86 -19.48
C ALA G 713 10.55 -24.70 -17.97
N LEU G 714 10.02 -23.57 -17.51
CA LEU G 714 9.90 -23.32 -16.08
C LEU G 714 8.68 -24.03 -15.49
#